data_4NHZ
#
_entry.id   4NHZ
#
_cell.length_a   96.998
_cell.length_b   99.359
_cell.length_c   108.734
_cell.angle_alpha   89.98
_cell.angle_beta   89.97
_cell.angle_gamma   89.99
#
_symmetry.space_group_name_H-M   'P 1'
#
loop_
_entity.id
_entity.type
_entity.pdbx_description
1 polymer 'Putative glutathione S-transferase enzyme with thioredoxin-like domain'
2 non-polymer GLUTATHIONE
3 water water
#
_entity_poly.entity_id   1
_entity_poly.type   'polypeptide(L)'
_entity_poly.pdbx_seq_one_letter_code
;MHHHHHHSSGVDLGTENLYFQSMSDLSSFPITKRWPAQHSDRIQLYSLPTPNGVKVSIMLEETGLPYEPHAIDFGKDHQK
TPEFLSLNPNGKIPAIIDPNGPGDKPLGLFESGAILQYLAEKTGQFLPADPARRWQTLQWLHFQMGGIGPMFGQLGFFHK
FAGREYEDKRPLQRYVAESKRLLGVLEARLDGRQWIMDADYTIADIATLGWVRNLIGFYGARELVAFDELTHVPAWLERG
LARPAVQRGLEIPKRP
;
_entity_poly.pdbx_strand_id   A,B,C,D,E,F,G,H,I,J,K,L,M,N,O,P
#
# COMPACT_ATOMS: atom_id res chain seq x y z
N ASP A 25 26.94 -33.07 -9.82
CA ASP A 25 26.56 -32.02 -8.81
C ASP A 25 25.12 -31.54 -9.01
N LEU A 26 24.21 -32.49 -9.18
CA LEU A 26 22.78 -32.24 -9.33
C LEU A 26 22.09 -32.20 -8.00
N SER A 27 22.86 -32.38 -6.94
CA SER A 27 22.35 -32.49 -5.59
C SER A 27 21.61 -31.22 -5.21
N SER A 28 22.04 -30.10 -5.76
CA SER A 28 21.38 -28.83 -5.52
C SER A 28 19.94 -28.81 -6.04
N PHE A 29 19.64 -29.67 -7.02
CA PHE A 29 18.30 -29.69 -7.62
C PHE A 29 17.40 -30.65 -6.84
N PRO A 30 16.40 -30.13 -6.08
CA PRO A 30 15.60 -31.01 -5.19
C PRO A 30 14.79 -32.13 -5.88
N ILE A 31 14.48 -31.99 -7.17
CA ILE A 31 13.80 -33.05 -7.89
C ILE A 31 14.57 -34.40 -7.83
N THR A 32 15.89 -34.33 -7.81
CA THR A 32 16.71 -35.53 -7.74
C THR A 32 16.61 -36.22 -6.39
N LYS A 33 15.88 -35.66 -5.46
CA LYS A 33 15.65 -36.34 -4.21
C LYS A 33 14.59 -37.36 -4.38
N ARG A 34 13.66 -37.06 -5.27
CA ARG A 34 12.58 -37.99 -5.57
C ARG A 34 12.85 -38.85 -6.81
N TRP A 35 13.56 -38.31 -7.81
CA TRP A 35 14.02 -39.09 -8.95
C TRP A 35 15.53 -39.00 -9.13
N PRO A 36 16.27 -39.79 -8.33
CA PRO A 36 17.73 -39.75 -8.34
C PRO A 36 18.31 -40.09 -9.70
N ALA A 37 19.36 -39.39 -10.06
CA ALA A 37 20.12 -39.68 -11.25
C ALA A 37 21.07 -40.85 -11.00
N GLN A 38 20.93 -41.93 -11.78
CA GLN A 38 21.99 -42.96 -11.87
C GLN A 38 23.17 -42.49 -12.73
N HIS A 39 22.97 -41.45 -13.54
CA HIS A 39 24.02 -40.94 -14.42
C HIS A 39 24.02 -39.41 -14.38
N SER A 40 24.73 -38.84 -13.42
CA SER A 40 24.70 -37.38 -13.23
C SER A 40 25.46 -36.58 -14.31
N ASP A 41 26.14 -37.30 -15.21
CA ASP A 41 26.79 -36.71 -16.36
C ASP A 41 25.91 -36.75 -17.61
N ARG A 42 24.63 -37.09 -17.45
CA ARG A 42 23.69 -37.17 -18.58
C ARG A 42 22.50 -36.29 -18.33
N ILE A 43 21.88 -35.81 -19.41
CA ILE A 43 20.64 -35.11 -19.31
C ILE A 43 19.60 -35.99 -18.59
N GLN A 44 18.94 -35.41 -17.60
CA GLN A 44 17.82 -36.05 -16.91
C GLN A 44 16.52 -35.57 -17.53
N LEU A 45 15.69 -36.51 -17.98
CA LEU A 45 14.39 -36.20 -18.53
C LEU A 45 13.29 -36.63 -17.55
N TYR A 46 12.41 -35.70 -17.22
CA TYR A 46 11.27 -35.99 -16.35
C TYR A 46 10.01 -35.78 -17.16
N SER A 47 9.33 -36.88 -17.48
CA SER A 47 8.31 -36.83 -18.52
C SER A 47 7.38 -38.03 -18.47
N LEU A 48 6.54 -38.12 -19.49
CA LEU A 48 5.63 -39.24 -19.72
C LEU A 48 5.41 -39.22 -21.22
N PRO A 49 5.06 -40.37 -21.81
CA PRO A 49 4.92 -40.41 -23.26
C PRO A 49 3.59 -39.81 -23.74
N THR A 50 3.36 -38.56 -23.35
CA THR A 50 2.18 -37.80 -23.80
C THR A 50 2.57 -36.96 -25.01
N PRO A 51 1.56 -36.35 -25.68
CA PRO A 51 1.93 -35.57 -26.85
C PRO A 51 2.91 -34.45 -26.56
N ASN A 52 2.93 -33.92 -25.32
CA ASN A 52 3.92 -32.89 -24.99
C ASN A 52 5.26 -33.49 -24.56
N GLY A 53 5.21 -34.64 -23.89
CA GLY A 53 6.43 -35.34 -23.40
C GLY A 53 7.22 -35.90 -24.56
N VAL A 54 6.55 -36.43 -25.59
CA VAL A 54 7.25 -37.04 -26.70
C VAL A 54 8.03 -36.06 -27.56
N LYS A 55 7.70 -34.78 -27.50
CA LYS A 55 8.48 -33.80 -28.25
C LYS A 55 9.94 -33.85 -27.84
N VAL A 56 10.17 -33.91 -26.54
CA VAL A 56 11.52 -33.89 -26.00
C VAL A 56 12.21 -35.27 -26.09
N SER A 57 11.51 -36.33 -25.78
CA SER A 57 12.12 -37.66 -25.97
C SER A 57 12.48 -37.89 -27.43
N ILE A 58 11.62 -37.50 -28.36
CA ILE A 58 11.96 -37.64 -29.77
C ILE A 58 13.20 -36.81 -30.15
N MET A 59 13.23 -35.56 -29.72
CA MET A 59 14.38 -34.70 -29.96
C MET A 59 15.65 -35.33 -29.43
N LEU A 60 15.60 -35.85 -28.21
CA LEU A 60 16.78 -36.44 -27.62
C LEU A 60 17.21 -37.67 -28.43
N GLU A 61 16.25 -38.49 -28.86
CA GLU A 61 16.55 -39.65 -29.70
C GLU A 61 17.10 -39.23 -31.06
N GLU A 62 16.54 -38.19 -31.66
CA GLU A 62 17.00 -37.73 -32.99
C GLU A 62 18.43 -37.18 -32.92
N THR A 63 18.76 -36.54 -31.79
CA THR A 63 20.08 -35.98 -31.60
C THR A 63 21.11 -37.03 -31.20
N GLY A 64 20.67 -38.10 -30.57
CA GLY A 64 21.61 -39.12 -30.09
C GLY A 64 22.27 -38.70 -28.78
N LEU A 65 21.82 -37.60 -28.16
CA LEU A 65 22.38 -37.18 -26.85
C LEU A 65 22.12 -38.22 -25.74
N PRO A 66 23.14 -38.51 -24.92
CA PRO A 66 22.84 -39.40 -23.81
C PRO A 66 21.86 -38.73 -22.83
N TYR A 67 20.92 -39.52 -22.33
CA TYR A 67 19.99 -39.03 -21.31
C TYR A 67 19.39 -40.16 -20.50
N GLU A 68 18.83 -39.82 -19.36
CA GLU A 68 18.27 -40.76 -18.42
C GLU A 68 16.83 -40.33 -18.15
N PRO A 69 15.85 -41.07 -18.71
CA PRO A 69 14.46 -40.65 -18.54
C PRO A 69 13.85 -41.08 -17.22
N HIS A 70 12.95 -40.28 -16.68
CA HIS A 70 12.22 -40.63 -15.49
C HIS A 70 10.74 -40.44 -15.71
N ALA A 71 9.96 -41.49 -15.51
CA ALA A 71 8.51 -41.42 -15.54
C ALA A 71 7.97 -40.68 -14.27
N ILE A 72 7.06 -39.71 -14.49
CA ILE A 72 6.49 -38.90 -13.43
C ILE A 72 5.06 -39.40 -13.27
N ASP A 73 4.77 -40.05 -12.15
CA ASP A 73 3.48 -40.73 -11.99
C ASP A 73 2.36 -39.77 -11.59
N PHE A 74 1.52 -39.43 -12.56
CA PHE A 74 0.41 -38.51 -12.34
C PHE A 74 -0.70 -39.16 -11.52
N GLY A 75 -0.80 -40.49 -11.63
CA GLY A 75 -1.74 -41.24 -10.84
C GLY A 75 -1.55 -41.02 -9.36
N LYS A 76 -0.32 -40.73 -8.95
CA LYS A 76 0.02 -40.47 -7.55
C LYS A 76 0.29 -39.00 -7.23
N ASP A 77 -0.11 -38.11 -8.14
CA ASP A 77 0.05 -36.65 -7.96
C ASP A 77 1.52 -36.22 -7.79
N HIS A 78 2.45 -36.99 -8.36
CA HIS A 78 3.89 -36.74 -8.14
C HIS A 78 4.34 -35.43 -8.76
N GLN A 79 3.65 -35.03 -9.82
CA GLN A 79 3.88 -33.73 -10.43
C GLN A 79 3.49 -32.54 -9.55
N LYS A 80 2.81 -32.79 -8.43
CA LYS A 80 2.49 -31.70 -7.52
C LYS A 80 3.30 -31.76 -6.23
N THR A 81 4.32 -32.64 -6.16
CA THR A 81 5.24 -32.68 -5.02
C THR A 81 6.16 -31.45 -4.96
N PRO A 82 6.66 -31.09 -3.77
CA PRO A 82 7.64 -29.98 -3.73
C PRO A 82 8.86 -30.26 -4.62
N GLU A 83 9.24 -31.52 -4.70
CA GLU A 83 10.40 -31.93 -5.44
C GLU A 83 10.20 -31.66 -6.96
N PHE A 84 9.07 -32.08 -7.50
CA PHE A 84 8.83 -31.79 -8.93
C PHE A 84 8.65 -30.30 -9.21
N LEU A 85 7.96 -29.61 -8.30
CA LEU A 85 7.61 -28.21 -8.49
C LEU A 85 8.85 -27.32 -8.44
N SER A 86 9.90 -27.76 -7.73
CA SER A 86 11.18 -27.05 -7.67
C SER A 86 11.85 -26.91 -9.02
N LEU A 87 11.55 -27.83 -9.94
CA LEU A 87 12.05 -27.77 -11.31
C LEU A 87 11.01 -27.13 -12.24
N ASN A 88 9.75 -27.53 -12.13
CA ASN A 88 8.70 -26.84 -12.87
C ASN A 88 7.60 -26.39 -11.94
N PRO A 89 7.54 -25.08 -11.62
CA PRO A 89 6.48 -24.64 -10.71
C PRO A 89 5.09 -24.64 -11.36
N ASN A 90 5.02 -24.84 -12.66
CA ASN A 90 3.73 -25.06 -13.30
C ASN A 90 3.20 -26.52 -13.14
N GLY A 91 4.06 -27.45 -12.69
CA GLY A 91 3.64 -28.82 -12.37
C GLY A 91 3.18 -29.64 -13.58
N LYS A 92 3.89 -29.50 -14.70
CA LYS A 92 3.63 -30.26 -15.90
C LYS A 92 4.92 -30.86 -16.44
N ILE A 93 4.77 -31.81 -17.34
CA ILE A 93 5.90 -32.43 -18.04
C ILE A 93 5.82 -31.98 -19.49
N PRO A 94 6.94 -32.03 -20.24
CA PRO A 94 8.27 -32.48 -19.81
C PRO A 94 9.08 -31.39 -19.16
N ALA A 95 10.10 -31.83 -18.43
CA ALA A 95 11.13 -30.98 -17.87
C ALA A 95 12.47 -31.72 -17.94
N ILE A 96 13.57 -30.98 -18.01
CA ILE A 96 14.90 -31.55 -18.05
C ILE A 96 15.85 -30.82 -17.14
N ILE A 97 16.89 -31.52 -16.74
CA ILE A 97 18.10 -30.89 -16.24
C ILE A 97 19.27 -31.37 -17.09
N ASP A 98 20.02 -30.41 -17.65
CA ASP A 98 21.24 -30.68 -18.36
C ASP A 98 22.39 -30.38 -17.44
N PRO A 99 23.17 -31.42 -17.06
CA PRO A 99 24.28 -31.17 -16.14
C PRO A 99 25.41 -30.37 -16.80
N ASN A 100 25.48 -30.41 -18.13
CA ASN A 100 26.52 -29.73 -18.88
C ASN A 100 25.86 -28.67 -19.70
N GLY A 101 25.23 -27.74 -19.00
CA GLY A 101 24.57 -26.61 -19.62
C GLY A 101 25.56 -25.52 -19.97
N PRO A 102 25.04 -24.33 -20.32
CA PRO A 102 25.89 -23.16 -20.59
C PRO A 102 26.85 -22.88 -19.43
N GLY A 103 28.10 -22.57 -19.76
CA GLY A 103 29.12 -22.29 -18.75
C GLY A 103 29.54 -23.49 -17.93
N ASP A 104 29.48 -24.68 -18.55
CA ASP A 104 29.67 -25.97 -17.87
C ASP A 104 29.13 -25.94 -16.44
N LYS A 105 27.83 -25.66 -16.37
CA LYS A 105 27.06 -25.69 -15.13
C LYS A 105 25.69 -26.27 -15.46
N PRO A 106 25.03 -26.90 -14.47
CA PRO A 106 23.72 -27.49 -14.75
C PRO A 106 22.61 -26.46 -15.01
N LEU A 107 21.73 -26.78 -15.94
CA LEU A 107 20.60 -25.93 -16.24
C LEU A 107 19.33 -26.78 -16.19
N GLY A 108 18.36 -26.32 -15.39
CA GLY A 108 17.01 -26.87 -15.40
C GLY A 108 16.16 -26.06 -16.37
N LEU A 109 15.32 -26.75 -17.14
CA LEU A 109 14.36 -26.09 -18.03
C LEU A 109 13.02 -26.80 -18.04
N PHE A 110 11.93 -26.03 -18.11
CA PHE A 110 10.61 -26.62 -18.39
C PHE A 110 10.06 -25.94 -19.64
N GLU A 111 8.92 -26.44 -20.10
CA GLU A 111 8.29 -26.04 -21.36
C GLU A 111 8.95 -26.77 -22.53
N SER A 112 8.17 -27.63 -23.20
CA SER A 112 8.63 -28.38 -24.36
C SER A 112 9.24 -27.48 -25.43
N GLY A 113 8.63 -26.32 -25.68
CA GLY A 113 9.17 -25.37 -26.65
C GLY A 113 10.55 -24.82 -26.35
N ALA A 114 10.73 -24.38 -25.11
CA ALA A 114 12.01 -23.88 -24.69
C ALA A 114 13.06 -25.01 -24.74
N ILE A 115 12.67 -26.23 -24.37
CA ILE A 115 13.61 -27.35 -24.39
C ILE A 115 14.03 -27.68 -25.83
N LEU A 116 13.09 -27.68 -26.76
CA LEU A 116 13.42 -27.96 -28.12
C LEU A 116 14.41 -26.93 -28.64
N GLN A 117 14.19 -25.65 -28.33
CA GLN A 117 15.10 -24.63 -28.83
C GLN A 117 16.45 -24.79 -28.21
N TYR A 118 16.48 -25.08 -26.93
CA TYR A 118 17.75 -25.28 -26.23
C TYR A 118 18.55 -26.47 -26.81
N LEU A 119 17.87 -27.59 -27.02
CA LEU A 119 18.51 -28.79 -27.56
C LEU A 119 18.97 -28.59 -29.00
N ALA A 120 18.24 -27.77 -29.77
CA ALA A 120 18.66 -27.49 -31.15
C ALA A 120 19.98 -26.70 -31.13
N GLU A 121 20.09 -25.76 -30.21
CA GLU A 121 21.31 -24.99 -30.02
C GLU A 121 22.43 -25.89 -29.51
N LYS A 122 22.10 -26.76 -28.57
CA LYS A 122 23.13 -27.60 -27.96
C LYS A 122 23.81 -28.50 -29.02
N THR A 123 23.03 -28.95 -30.00
CA THR A 123 23.46 -29.93 -30.99
C THR A 123 23.73 -29.39 -32.39
N GLY A 124 23.38 -28.13 -32.64
CA GLY A 124 23.52 -27.52 -33.98
C GLY A 124 22.66 -28.16 -35.06
N GLN A 125 21.54 -28.74 -34.64
CA GLN A 125 20.71 -29.55 -35.53
C GLN A 125 19.23 -29.30 -35.38
N PHE A 126 18.48 -29.63 -36.43
CA PHE A 126 17.01 -29.59 -36.39
C PHE A 126 16.49 -28.16 -36.35
N LEU A 127 17.37 -27.23 -36.74
CA LEU A 127 17.01 -25.89 -37.24
C LEU A 127 17.74 -25.66 -38.57
N PRO A 128 17.12 -24.92 -39.49
CA PRO A 128 17.81 -24.68 -40.74
C PRO A 128 19.07 -23.85 -40.56
N ALA A 129 19.99 -23.98 -41.51
CA ALA A 129 21.22 -23.18 -41.56
C ALA A 129 20.89 -21.69 -41.70
N ASP A 130 20.09 -21.38 -42.71
CA ASP A 130 19.75 -20.02 -43.06
C ASP A 130 19.01 -19.26 -41.92
N PRO A 131 19.50 -18.06 -41.54
CA PRO A 131 18.85 -17.36 -40.42
C PRO A 131 17.36 -17.00 -40.67
N ALA A 132 17.03 -16.52 -41.88
CA ALA A 132 15.61 -16.28 -42.20
C ALA A 132 14.78 -17.54 -41.96
N ARG A 133 15.23 -18.68 -42.50
CA ARG A 133 14.46 -19.93 -42.37
C ARG A 133 14.42 -20.40 -40.89
N ARG A 134 15.41 -20.00 -40.11
CA ARG A 134 15.42 -20.32 -38.68
C ARG A 134 14.27 -19.63 -37.99
N TRP A 135 14.09 -18.34 -38.26
CA TRP A 135 12.97 -17.60 -37.66
C TRP A 135 11.64 -18.12 -38.17
N GLN A 136 11.57 -18.44 -39.46
CA GLN A 136 10.35 -19.07 -40.00
C GLN A 136 10.02 -20.38 -39.30
N THR A 137 11.05 -21.20 -39.00
CA THR A 137 10.82 -22.44 -38.26
C THR A 137 10.20 -22.14 -36.90
N LEU A 138 10.68 -21.10 -36.24
CA LEU A 138 10.13 -20.76 -34.94
C LEU A 138 8.67 -20.30 -35.03
N GLN A 139 8.23 -19.79 -36.19
CA GLN A 139 6.82 -19.49 -36.33
C GLN A 139 5.98 -20.74 -36.18
N TRP A 140 6.39 -21.79 -36.88
CA TRP A 140 5.62 -23.04 -36.92
C TRP A 140 5.71 -23.74 -35.59
N LEU A 141 6.82 -23.55 -34.87
CA LEU A 141 6.92 -24.04 -33.51
C LEU A 141 5.86 -23.40 -32.64
N HIS A 142 5.78 -22.08 -32.68
CA HIS A 142 4.80 -21.31 -31.89
C HIS A 142 3.37 -21.54 -32.33
N PHE A 143 3.15 -21.80 -33.60
CA PHE A 143 1.79 -22.18 -34.06
C PHE A 143 1.36 -23.49 -33.38
N GLN A 144 2.28 -24.44 -33.29
CA GLN A 144 2.05 -25.68 -32.55
C GLN A 144 1.79 -25.45 -31.06
N MET A 145 2.64 -24.64 -30.43
CA MET A 145 2.60 -24.46 -28.97
C MET A 145 1.35 -23.70 -28.53
N GLY A 146 0.97 -22.71 -29.32
CA GLY A 146 -0.17 -21.87 -29.00
C GLY A 146 -1.48 -22.33 -29.60
N GLY A 147 -1.43 -23.16 -30.64
CA GLY A 147 -2.63 -23.59 -31.39
C GLY A 147 -2.91 -25.08 -31.34
N ILE A 148 -2.05 -25.85 -31.97
CA ILE A 148 -2.24 -27.30 -32.02
C ILE A 148 -2.38 -27.97 -30.64
N GLY A 149 -1.40 -27.77 -29.79
CA GLY A 149 -1.43 -28.42 -28.48
C GLY A 149 -2.63 -28.07 -27.62
N PRO A 150 -2.84 -26.77 -27.40
CA PRO A 150 -3.94 -26.41 -26.53
C PRO A 150 -5.28 -26.84 -27.11
N MET A 151 -5.48 -26.66 -28.42
CA MET A 151 -6.79 -26.98 -29.01
C MET A 151 -7.07 -28.46 -29.12
N PHE A 152 -6.09 -29.21 -29.61
CA PHE A 152 -6.22 -30.66 -29.65
C PHE A 152 -6.45 -31.20 -28.24
N GLY A 153 -5.77 -30.64 -27.24
CA GLY A 153 -5.97 -31.06 -25.87
C GLY A 153 -7.36 -30.77 -25.35
N GLN A 154 -7.97 -29.66 -25.76
CA GLN A 154 -9.33 -29.38 -25.31
C GLN A 154 -10.28 -30.39 -25.95
N LEU A 155 -10.01 -30.74 -27.20
CA LEU A 155 -10.82 -31.77 -27.88
C LEU A 155 -10.67 -33.07 -27.09
N GLY A 156 -9.44 -33.39 -26.68
CA GLY A 156 -9.19 -34.54 -25.81
C GLY A 156 -10.07 -34.54 -24.56
N PHE A 157 -10.13 -33.39 -23.88
CA PHE A 157 -10.90 -33.30 -22.65
C PHE A 157 -12.38 -33.61 -22.90
N PHE A 158 -12.93 -33.09 -23.99
CA PHE A 158 -14.35 -33.27 -24.22
C PHE A 158 -14.74 -34.54 -25.00
N HIS A 159 -13.77 -35.28 -25.51
CA HIS A 159 -14.04 -36.51 -26.27
C HIS A 159 -13.51 -37.79 -25.62
N LYS A 160 -12.35 -37.68 -24.98
CA LYS A 160 -11.64 -38.82 -24.41
C LYS A 160 -11.68 -38.83 -22.87
N PHE A 161 -11.48 -37.68 -22.23
CA PHE A 161 -11.40 -37.61 -20.76
C PHE A 161 -12.70 -37.17 -20.11
N ALA A 162 -12.64 -36.56 -18.92
CA ALA A 162 -13.85 -36.38 -18.08
C ALA A 162 -14.97 -35.60 -18.77
N GLY A 163 -14.60 -34.67 -19.62
CA GLY A 163 -15.57 -33.83 -20.27
C GLY A 163 -16.44 -34.61 -21.23
N ARG A 164 -16.03 -35.82 -21.59
CA ARG A 164 -16.87 -36.67 -22.45
C ARG A 164 -18.22 -37.01 -21.80
N GLU A 165 -18.33 -36.90 -20.49
CA GLU A 165 -19.57 -37.22 -19.79
C GLU A 165 -20.61 -36.11 -19.87
N TYR A 166 -20.23 -34.90 -20.31
CA TYR A 166 -21.17 -33.78 -20.38
C TYR A 166 -22.11 -34.04 -21.55
N GLU A 167 -23.40 -34.01 -21.28
CA GLU A 167 -24.41 -34.33 -22.30
C GLU A 167 -24.41 -33.31 -23.44
N ASP A 168 -24.26 -32.03 -23.13
CA ASP A 168 -24.29 -31.02 -24.17
C ASP A 168 -22.93 -30.95 -24.85
N LYS A 169 -22.97 -31.08 -26.18
CA LYS A 169 -21.77 -31.28 -26.95
C LYS A 169 -21.29 -30.03 -27.68
N ARG A 170 -21.82 -28.86 -27.34
CA ARG A 170 -21.32 -27.62 -27.99
C ARG A 170 -19.83 -27.34 -27.71
N PRO A 171 -19.36 -27.61 -26.50
CA PRO A 171 -17.91 -27.49 -26.22
C PRO A 171 -17.09 -28.41 -27.12
N LEU A 172 -17.47 -29.67 -27.19
CA LEU A 172 -16.79 -30.60 -28.07
C LEU A 172 -16.84 -30.07 -29.50
N GLN A 173 -17.99 -29.60 -29.97
CA GLN A 173 -18.14 -29.14 -31.35
C GLN A 173 -17.23 -27.97 -31.66
N ARG A 174 -17.07 -27.08 -30.69
CA ARG A 174 -16.12 -25.99 -30.81
C ARG A 174 -14.69 -26.47 -31.07
N TYR A 175 -14.19 -27.39 -30.24
CA TYR A 175 -12.80 -27.85 -30.35
C TYR A 175 -12.61 -28.81 -31.53
N VAL A 176 -13.67 -29.50 -31.95
CA VAL A 176 -13.60 -30.25 -33.20
C VAL A 176 -13.40 -29.27 -34.36
N ALA A 177 -14.21 -28.23 -34.43
CA ALA A 177 -14.08 -27.21 -35.48
C ALA A 177 -12.71 -26.53 -35.49
N GLU A 178 -12.21 -26.16 -34.32
CA GLU A 178 -10.92 -25.49 -34.28
C GLU A 178 -9.80 -26.46 -34.67
N SER A 179 -9.87 -27.69 -34.19
CA SER A 179 -8.84 -28.66 -34.54
C SER A 179 -8.88 -28.91 -36.05
N LYS A 180 -10.06 -28.96 -36.66
CA LYS A 180 -10.11 -29.16 -38.12
C LYS A 180 -9.50 -28.00 -38.85
N ARG A 181 -9.78 -26.80 -38.36
CA ARG A 181 -9.22 -25.60 -38.94
C ARG A 181 -7.69 -25.63 -38.85
N LEU A 182 -7.14 -25.96 -37.68
CA LEU A 182 -5.70 -26.15 -37.55
C LEU A 182 -5.10 -27.19 -38.51
N LEU A 183 -5.79 -28.30 -38.66
CA LEU A 183 -5.35 -29.31 -39.60
C LEU A 183 -5.39 -28.77 -41.03
N GLY A 184 -6.33 -27.88 -41.31
CA GLY A 184 -6.44 -27.26 -42.64
C GLY A 184 -5.27 -26.36 -42.95
N VAL A 185 -4.75 -25.70 -41.92
CA VAL A 185 -3.57 -24.87 -42.09
C VAL A 185 -2.35 -25.75 -42.38
N LEU A 186 -2.18 -26.83 -41.62
CA LEU A 186 -1.13 -27.80 -41.90
C LEU A 186 -1.25 -28.44 -43.28
N GLU A 187 -2.48 -28.73 -43.68
CA GLU A 187 -2.72 -29.41 -44.95
C GLU A 187 -2.22 -28.54 -46.12
N ALA A 188 -2.59 -27.26 -46.11
CA ALA A 188 -2.09 -26.28 -47.10
C ALA A 188 -0.55 -26.08 -47.03
N ARG A 189 -0.02 -26.00 -45.82
CA ARG A 189 1.43 -25.88 -45.66
C ARG A 189 2.22 -27.08 -46.21
N LEU A 190 1.73 -28.30 -45.97
CA LEU A 190 2.41 -29.52 -46.36
C LEU A 190 2.17 -29.91 -47.81
N ASP A 191 1.29 -29.18 -48.48
CA ASP A 191 1.00 -29.43 -49.91
C ASP A 191 2.27 -29.15 -50.74
N GLY A 192 2.96 -30.20 -51.17
CA GLY A 192 4.20 -30.06 -51.94
C GLY A 192 5.46 -29.91 -51.10
N ARG A 193 5.36 -30.16 -49.79
CA ARG A 193 6.54 -30.18 -48.93
C ARG A 193 6.72 -31.55 -48.29
N GLN A 194 7.98 -31.92 -48.12
CA GLN A 194 8.31 -33.12 -47.39
C GLN A 194 8.12 -32.89 -45.86
N TRP A 195 8.68 -31.81 -45.34
CA TRP A 195 8.50 -31.41 -43.94
C TRP A 195 7.90 -30.02 -43.88
N ILE A 196 7.64 -29.55 -42.67
CA ILE A 196 7.06 -28.24 -42.51
C ILE A 196 7.99 -27.19 -43.13
N MET A 197 9.31 -27.40 -42.99
CA MET A 197 10.29 -26.50 -43.59
C MET A 197 10.89 -27.12 -44.83
N ASP A 198 10.05 -27.68 -45.68
CA ASP A 198 10.47 -28.13 -47.01
C ASP A 198 11.38 -29.37 -46.89
N ALA A 199 12.61 -29.32 -47.38
CA ALA A 199 13.54 -30.46 -47.24
C ALA A 199 14.17 -30.58 -45.84
N ASP A 200 13.99 -29.58 -44.97
CA ASP A 200 14.60 -29.63 -43.61
C ASP A 200 13.63 -30.15 -42.56
N TYR A 201 14.03 -31.25 -41.93
CA TYR A 201 13.31 -31.78 -40.79
C TYR A 201 13.80 -31.01 -39.58
N THR A 202 12.85 -30.51 -38.80
CA THR A 202 13.15 -29.58 -37.75
C THR A 202 12.35 -29.84 -36.51
N ILE A 203 12.65 -29.05 -35.47
CA ILE A 203 11.86 -29.04 -34.26
C ILE A 203 10.38 -28.68 -34.49
N ALA A 204 10.05 -28.07 -35.61
CA ALA A 204 8.63 -27.88 -35.94
C ALA A 204 7.91 -29.22 -36.14
N ASP A 205 8.51 -30.11 -36.95
CA ASP A 205 7.94 -31.43 -37.14
C ASP A 205 7.95 -32.18 -35.83
N ILE A 206 9.07 -32.10 -35.13
CA ILE A 206 9.24 -32.86 -33.85
C ILE A 206 8.17 -32.45 -32.86
N ALA A 207 7.82 -31.18 -32.84
CA ALA A 207 6.79 -30.65 -31.93
C ALA A 207 5.36 -31.08 -32.25
N THR A 208 5.09 -31.30 -33.54
CA THR A 208 3.73 -31.47 -34.04
C THR A 208 3.30 -32.95 -34.28
N LEU A 209 4.22 -33.80 -34.69
CA LEU A 209 3.89 -35.18 -35.02
C LEU A 209 3.15 -35.93 -33.92
N GLY A 210 3.67 -35.91 -32.70
CA GLY A 210 3.01 -36.59 -31.61
C GLY A 210 1.58 -36.17 -31.36
N TRP A 211 1.32 -34.86 -31.42
CA TRP A 211 -0.03 -34.33 -31.25
C TRP A 211 -0.95 -34.88 -32.35
N VAL A 212 -0.47 -34.91 -33.59
CA VAL A 212 -1.35 -35.42 -34.68
C VAL A 212 -1.61 -36.96 -34.55
N ARG A 213 -0.57 -37.75 -34.30
CA ARG A 213 -0.71 -39.18 -33.99
C ARG A 213 -1.71 -39.43 -32.88
N ASN A 214 -1.51 -38.72 -31.78
CA ASN A 214 -2.34 -38.88 -30.60
C ASN A 214 -3.81 -38.56 -30.86
N LEU A 215 -4.04 -37.50 -31.64
CA LEU A 215 -5.37 -37.12 -32.00
C LEU A 215 -6.10 -38.25 -32.69
N ILE A 216 -5.42 -38.94 -33.58
CA ILE A 216 -6.09 -39.95 -34.42
C ILE A 216 -5.99 -41.37 -33.85
N GLY A 217 -5.18 -41.53 -32.81
CA GLY A 217 -4.98 -42.78 -32.15
C GLY A 217 -5.63 -42.74 -30.79
N PHE A 218 -4.83 -42.45 -29.78
CA PHE A 218 -5.30 -42.51 -28.39
C PHE A 218 -6.60 -41.70 -28.17
N TYR A 219 -6.70 -40.49 -28.70
CA TYR A 219 -7.92 -39.69 -28.48
C TYR A 219 -9.14 -40.26 -29.21
N GLY A 220 -8.94 -41.07 -30.24
CA GLY A 220 -10.06 -41.70 -30.93
C GLY A 220 -10.84 -40.71 -31.77
N ALA A 221 -10.16 -39.70 -32.29
CA ALA A 221 -10.84 -38.63 -33.02
C ALA A 221 -10.60 -38.63 -34.55
N ARG A 222 -10.04 -39.70 -35.09
CA ARG A 222 -9.73 -39.78 -36.51
C ARG A 222 -10.95 -39.44 -37.39
N GLU A 223 -12.10 -40.03 -37.09
CA GLU A 223 -13.33 -39.77 -37.85
C GLU A 223 -13.96 -38.45 -37.43
N LEU A 224 -13.87 -38.12 -36.15
CA LEU A 224 -14.40 -36.85 -35.66
C LEU A 224 -13.84 -35.63 -36.42
N VAL A 225 -12.54 -35.66 -36.75
CA VAL A 225 -11.92 -34.56 -37.48
C VAL A 225 -11.80 -34.80 -39.00
N ALA A 226 -12.34 -35.91 -39.51
CA ALA A 226 -12.34 -36.16 -40.96
C ALA A 226 -10.92 -36.27 -41.53
N PHE A 227 -10.02 -36.81 -40.71
CA PHE A 227 -8.62 -36.99 -41.04
C PHE A 227 -8.33 -37.70 -42.36
N ASP A 228 -9.02 -38.81 -42.63
CA ASP A 228 -8.80 -39.58 -43.86
C ASP A 228 -9.28 -38.88 -45.15
N GLU A 229 -9.94 -37.71 -45.01
CA GLU A 229 -10.20 -36.83 -46.17
C GLU A 229 -8.99 -35.99 -46.55
N LEU A 230 -8.00 -35.88 -45.65
CA LEU A 230 -6.80 -35.11 -45.93
C LEU A 230 -5.79 -35.95 -46.72
N THR A 231 -4.92 -35.25 -47.44
CA THR A 231 -3.85 -35.90 -48.19
C THR A 231 -2.45 -35.63 -47.64
N HIS A 232 -2.16 -34.37 -47.40
CA HIS A 232 -0.79 -33.95 -47.16
C HIS A 232 -0.39 -34.20 -45.71
N VAL A 233 -1.30 -33.95 -44.78
CA VAL A 233 -0.97 -34.21 -43.38
C VAL A 233 -0.79 -35.73 -43.10
N PRO A 234 -1.70 -36.57 -43.62
CA PRO A 234 -1.44 -38.03 -43.51
C PRO A 234 -0.10 -38.51 -44.09
N ALA A 235 0.28 -38.03 -45.28
CA ALA A 235 1.59 -38.39 -45.89
C ALA A 235 2.79 -37.95 -45.00
N TRP A 236 2.70 -36.73 -44.50
CA TRP A 236 3.73 -36.15 -43.63
C TRP A 236 3.84 -36.98 -42.34
N LEU A 237 2.71 -37.31 -41.72
CA LEU A 237 2.72 -38.19 -40.52
C LEU A 237 3.39 -39.51 -40.78
N GLU A 238 3.08 -40.16 -41.91
CA GLU A 238 3.71 -41.44 -42.21
C GLU A 238 5.24 -41.31 -42.35
N ARG A 239 5.70 -40.21 -42.95
CA ARG A 239 7.14 -39.98 -43.13
C ARG A 239 7.81 -39.77 -41.77
N GLY A 240 7.14 -39.02 -40.90
CA GLY A 240 7.61 -38.82 -39.53
C GLY A 240 7.68 -40.13 -38.74
N LEU A 241 6.60 -40.91 -38.81
CA LEU A 241 6.53 -42.19 -38.08
C LEU A 241 7.47 -43.27 -38.62
N ALA A 242 7.97 -43.11 -39.86
CA ALA A 242 8.96 -44.03 -40.43
C ALA A 242 10.38 -43.81 -39.88
N ARG A 243 10.58 -42.73 -39.13
CA ARG A 243 11.89 -42.39 -38.60
C ARG A 243 12.09 -43.20 -37.32
N PRO A 244 13.19 -43.97 -37.23
CA PRO A 244 13.50 -44.74 -36.03
C PRO A 244 13.52 -43.96 -34.70
N ALA A 245 14.00 -42.73 -34.70
CA ALA A 245 14.09 -41.93 -33.47
C ALA A 245 12.70 -41.50 -32.99
N VAL A 246 11.77 -41.30 -33.93
CA VAL A 246 10.40 -41.00 -33.57
C VAL A 246 9.76 -42.24 -32.93
N GLN A 247 9.95 -43.40 -33.55
CA GLN A 247 9.41 -44.61 -32.97
C GLN A 247 9.94 -44.86 -31.57
N ARG A 248 11.23 -44.62 -31.36
CA ARG A 248 11.82 -44.77 -30.01
C ARG A 248 11.22 -43.76 -29.03
N GLY A 249 11.21 -42.49 -29.40
CA GLY A 249 10.81 -41.42 -28.48
C GLY A 249 9.35 -41.43 -28.10
N LEU A 250 8.48 -41.86 -29.02
CA LEU A 250 7.05 -41.98 -28.73
C LEU A 250 6.75 -42.86 -27.51
N GLU A 251 7.67 -43.71 -27.07
CA GLU A 251 7.38 -44.64 -25.98
C GLU A 251 8.33 -44.47 -24.78
N ILE A 252 8.96 -43.30 -24.67
CA ILE A 252 9.91 -43.05 -23.56
C ILE A 252 9.46 -41.83 -22.79
N PRO A 253 9.49 -41.90 -21.45
CA PRO A 253 9.78 -43.10 -20.68
C PRO A 253 8.60 -44.07 -20.71
N LYS A 254 8.84 -45.29 -20.28
CA LYS A 254 7.78 -46.27 -20.15
C LYS A 254 6.82 -45.81 -19.06
N ARG A 255 5.53 -46.02 -19.30
CA ARG A 255 4.48 -45.51 -18.39
C ARG A 255 4.56 -46.23 -17.07
N PRO A 256 4.45 -45.50 -15.94
CA PRO A 256 4.57 -46.11 -14.62
C PRO A 256 3.27 -46.79 -14.18
N LEU B 13 24.33 -4.31 -67.12
CA LEU B 13 24.01 -4.65 -65.70
C LEU B 13 23.01 -3.73 -65.00
N GLY B 14 22.38 -2.79 -65.72
CA GLY B 14 21.27 -2.00 -65.16
C GLY B 14 20.14 -2.90 -64.67
N THR B 15 19.76 -3.87 -65.50
CA THR B 15 18.72 -4.85 -65.16
C THR B 15 19.08 -5.64 -63.89
N GLU B 16 20.32 -6.09 -63.80
CA GLU B 16 20.74 -6.88 -62.63
C GLU B 16 20.69 -6.09 -61.30
N ASN B 17 21.00 -4.80 -61.35
CA ASN B 17 20.92 -3.96 -60.13
C ASN B 17 19.49 -3.64 -59.71
N LEU B 18 18.61 -3.43 -60.68
CA LEU B 18 17.16 -3.38 -60.42
C LEU B 18 16.65 -4.67 -59.76
N TYR B 19 17.13 -5.81 -60.26
CA TYR B 19 16.80 -7.10 -59.69
C TYR B 19 17.19 -7.15 -58.22
N PHE B 20 18.43 -6.77 -57.88
CA PHE B 20 18.85 -6.82 -56.45
C PHE B 20 18.06 -5.85 -55.57
N GLN B 21 17.72 -4.68 -56.10
CA GLN B 21 16.86 -3.73 -55.38
C GLN B 21 15.45 -4.30 -55.16
N SER B 22 14.90 -4.97 -56.17
CA SER B 22 13.54 -5.55 -56.07
C SER B 22 13.41 -6.51 -54.88
N MET B 23 14.44 -7.32 -54.63
CA MET B 23 14.46 -8.25 -53.50
C MET B 23 14.61 -7.57 -52.12
N SER B 24 14.76 -6.24 -52.08
CA SER B 24 14.87 -5.48 -50.84
C SER B 24 13.66 -4.59 -50.51
N ASP B 25 12.76 -4.38 -51.47
CA ASP B 25 11.48 -3.69 -51.22
C ASP B 25 10.40 -4.77 -51.00
N LEU B 26 9.14 -4.35 -50.83
CA LEU B 26 8.08 -5.20 -50.30
C LEU B 26 6.99 -5.58 -51.29
N SER B 27 7.18 -5.24 -52.56
CA SER B 27 6.16 -5.54 -53.57
C SER B 27 6.03 -7.05 -53.86
N SER B 28 6.99 -7.86 -53.42
CA SER B 28 6.87 -9.31 -53.52
C SER B 28 5.96 -9.90 -52.43
N PHE B 29 5.61 -9.11 -51.41
CA PHE B 29 4.67 -9.56 -50.38
C PHE B 29 3.24 -9.13 -50.76
N PRO B 30 2.33 -10.08 -51.04
CA PRO B 30 0.98 -9.72 -51.52
C PRO B 30 0.08 -9.01 -50.51
N ILE B 31 0.40 -9.08 -49.22
CA ILE B 31 -0.38 -8.35 -48.25
C ILE B 31 -0.38 -6.83 -48.49
N THR B 32 0.71 -6.31 -49.05
CA THR B 32 0.85 -4.88 -49.31
C THR B 32 -0.08 -4.38 -50.40
N LYS B 33 -0.62 -5.26 -51.23
CA LYS B 33 -1.62 -4.85 -52.20
C LYS B 33 -2.89 -4.39 -51.49
N ARG B 34 -3.21 -4.97 -50.32
CA ARG B 34 -4.40 -4.56 -49.56
C ARG B 34 -4.12 -3.52 -48.46
N TRP B 35 -2.98 -3.65 -47.80
CA TRP B 35 -2.48 -2.62 -46.87
C TRP B 35 -1.14 -2.05 -47.37
N PRO B 36 -1.18 -1.05 -48.25
CA PRO B 36 0.07 -0.52 -48.79
C PRO B 36 0.97 0.12 -47.74
N ALA B 37 2.28 0.01 -47.98
CA ALA B 37 3.28 0.57 -47.10
C ALA B 37 3.60 2.00 -47.55
N GLN B 38 3.47 2.93 -46.63
CA GLN B 38 3.84 4.33 -46.86
C GLN B 38 5.34 4.50 -46.64
N HIS B 39 5.90 3.68 -45.76
CA HIS B 39 7.29 3.72 -45.37
C HIS B 39 7.86 2.31 -45.55
N SER B 40 8.29 2.01 -46.76
CA SER B 40 8.86 0.71 -47.12
C SER B 40 10.19 0.38 -46.42
N ASP B 41 10.76 1.36 -45.73
CA ASP B 41 11.99 1.17 -44.96
C ASP B 41 11.71 0.90 -43.48
N ARG B 42 10.44 0.74 -43.13
CA ARG B 42 10.04 0.48 -41.74
C ARG B 42 9.34 -0.86 -41.60
N ILE B 43 9.51 -1.49 -40.45
CA ILE B 43 8.71 -2.65 -40.06
C ILE B 43 7.22 -2.38 -40.28
N GLN B 44 6.57 -3.28 -41.04
CA GLN B 44 5.13 -3.22 -41.23
C GLN B 44 4.48 -4.11 -40.18
N LEU B 45 3.59 -3.55 -39.35
CA LEU B 45 2.84 -4.31 -38.36
C LEU B 45 1.39 -4.45 -38.81
N TYR B 46 0.90 -5.68 -38.94
CA TYR B 46 -0.49 -5.91 -39.29
C TYR B 46 -1.17 -6.49 -38.07
N SER B 47 -2.09 -5.75 -37.47
CA SER B 47 -2.52 -6.08 -36.09
C SER B 47 -3.85 -5.44 -35.68
N LEU B 48 -4.24 -5.72 -34.45
CA LEU B 48 -5.29 -5.01 -33.75
C LEU B 48 -4.82 -4.97 -32.28
N PRO B 49 -5.33 -4.05 -31.47
CA PRO B 49 -4.86 -3.95 -30.07
C PRO B 49 -5.56 -4.99 -29.16
N THR B 50 -5.40 -6.27 -29.48
CA THR B 50 -5.96 -7.36 -28.71
C THR B 50 -4.83 -7.86 -27.80
N PRO B 51 -5.13 -8.82 -26.93
CA PRO B 51 -4.04 -9.27 -26.03
C PRO B 51 -2.85 -9.83 -26.77
N ASN B 52 -3.07 -10.42 -27.93
CA ASN B 52 -1.98 -10.94 -28.74
C ASN B 52 -1.30 -9.88 -29.60
N GLY B 53 -2.10 -9.00 -30.20
CA GLY B 53 -1.55 -7.89 -30.99
C GLY B 53 -0.66 -6.94 -30.17
N VAL B 54 -1.07 -6.65 -28.96
CA VAL B 54 -0.35 -5.66 -28.17
C VAL B 54 1.04 -6.13 -27.73
N LYS B 55 1.27 -7.43 -27.61
CA LYS B 55 2.64 -7.91 -27.33
C LYS B 55 3.65 -7.28 -28.28
N VAL B 56 3.26 -7.24 -29.56
CA VAL B 56 4.15 -6.83 -30.62
C VAL B 56 4.23 -5.32 -30.76
N SER B 57 3.10 -4.61 -30.68
CA SER B 57 3.14 -3.15 -30.69
C SER B 57 3.91 -2.66 -29.44
N ILE B 58 3.68 -3.26 -28.28
CA ILE B 58 4.47 -2.90 -27.08
C ILE B 58 5.98 -3.12 -27.28
N MET B 59 6.36 -4.27 -27.79
CA MET B 59 7.77 -4.56 -28.09
C MET B 59 8.37 -3.54 -29.03
N LEU B 60 7.69 -3.27 -30.14
CA LEU B 60 8.12 -2.24 -31.04
C LEU B 60 8.25 -0.88 -30.36
N GLU B 61 7.32 -0.52 -29.48
CA GLU B 61 7.41 0.76 -28.77
C GLU B 61 8.55 0.76 -27.76
N GLU B 62 8.75 -0.36 -27.09
CA GLU B 62 9.81 -0.46 -26.10
C GLU B 62 11.21 -0.42 -26.75
N THR B 63 11.35 -1.03 -27.92
CA THR B 63 12.64 -1.06 -28.61
C THR B 63 13.00 0.26 -29.33
N GLY B 64 12.00 1.06 -29.67
CA GLY B 64 12.22 2.30 -30.41
C GLY B 64 12.40 2.05 -31.91
N LEU B 65 12.13 0.83 -32.39
CA LEU B 65 12.19 0.56 -33.83
C LEU B 65 11.10 1.34 -34.60
N PRO B 66 11.47 2.01 -35.70
CA PRO B 66 10.42 2.61 -36.51
C PRO B 66 9.51 1.52 -37.06
N TYR B 67 8.21 1.76 -37.01
CA TYR B 67 7.27 0.88 -37.66
C TYR B 67 6.03 1.59 -38.13
N GLU B 68 5.34 0.93 -39.06
CA GLU B 68 4.13 1.42 -39.64
C GLU B 68 3.00 0.43 -39.32
N PRO B 69 2.04 0.81 -38.46
CA PRO B 69 0.99 -0.13 -38.05
C PRO B 69 -0.23 -0.08 -38.98
N HIS B 70 -0.86 -1.22 -39.23
CA HIS B 70 -2.08 -1.35 -40.04
C HIS B 70 -3.13 -2.13 -39.27
N ALA B 71 -4.27 -1.52 -38.99
CA ALA B 71 -5.39 -2.23 -38.38
C ALA B 71 -6.00 -3.21 -39.39
N ILE B 72 -6.21 -4.45 -38.96
CA ILE B 72 -6.85 -5.46 -39.83
C ILE B 72 -8.30 -5.62 -39.38
N ASP B 73 -9.24 -5.32 -40.27
CA ASP B 73 -10.66 -5.22 -39.90
C ASP B 73 -11.34 -6.57 -39.94
N PHE B 74 -11.45 -7.18 -38.77
CA PHE B 74 -12.12 -8.48 -38.64
C PHE B 74 -13.63 -8.41 -38.94
N GLY B 75 -14.26 -7.26 -38.69
CA GLY B 75 -15.65 -7.06 -39.11
C GLY B 75 -15.88 -7.34 -40.59
N LYS B 76 -14.88 -7.08 -41.43
CA LYS B 76 -15.01 -7.29 -42.86
C LYS B 76 -14.35 -8.59 -43.33
N ASP B 77 -13.88 -9.40 -42.39
CA ASP B 77 -13.21 -10.67 -42.71
C ASP B 77 -11.94 -10.45 -43.53
N HIS B 78 -11.21 -9.38 -43.23
CA HIS B 78 -10.00 -9.04 -43.98
C HIS B 78 -8.81 -9.98 -43.65
N GLN B 79 -8.85 -10.57 -42.46
CA GLN B 79 -7.93 -11.65 -42.08
C GLN B 79 -8.15 -12.96 -42.87
N LYS B 80 -9.26 -13.09 -43.58
CA LYS B 80 -9.56 -14.28 -44.36
C LYS B 80 -9.23 -14.05 -45.83
N THR B 81 -8.78 -12.84 -46.16
CA THR B 81 -8.50 -12.48 -47.53
C THR B 81 -7.23 -13.17 -48.00
N PRO B 82 -7.16 -13.47 -49.30
CA PRO B 82 -5.94 -14.01 -49.89
C PRO B 82 -4.71 -13.19 -49.54
N GLU B 83 -4.86 -11.87 -49.54
CA GLU B 83 -3.73 -10.98 -49.27
C GLU B 83 -3.25 -11.14 -47.81
N PHE B 84 -4.18 -11.19 -46.85
CA PHE B 84 -3.71 -11.36 -45.45
C PHE B 84 -3.14 -12.77 -45.27
N LEU B 85 -3.78 -13.76 -45.91
CA LEU B 85 -3.40 -15.16 -45.74
C LEU B 85 -2.02 -15.48 -46.36
N SER B 86 -1.62 -14.72 -47.36
CA SER B 86 -0.28 -14.85 -47.94
C SER B 86 0.86 -14.54 -46.96
N LEU B 87 0.58 -13.86 -45.85
CA LEU B 87 1.59 -13.59 -44.83
C LEU B 87 1.39 -14.48 -43.61
N ASN B 88 0.16 -14.60 -43.13
CA ASN B 88 -0.17 -15.54 -42.07
C ASN B 88 -1.24 -16.49 -42.52
N PRO B 89 -0.86 -17.71 -42.95
CA PRO B 89 -1.86 -18.69 -43.42
C PRO B 89 -2.86 -19.14 -42.36
N ASN B 90 -2.53 -18.92 -41.08
CA ASN B 90 -3.42 -19.17 -39.99
C ASN B 90 -4.55 -18.14 -39.83
N GLY B 91 -4.46 -17.00 -40.50
CA GLY B 91 -5.52 -15.96 -40.48
C GLY B 91 -5.69 -15.22 -39.16
N LYS B 92 -4.60 -15.00 -38.46
CA LYS B 92 -4.63 -14.27 -37.20
C LYS B 92 -3.59 -13.15 -37.16
N ILE B 93 -3.85 -12.18 -36.29
CA ILE B 93 -2.88 -11.17 -35.98
C ILE B 93 -2.19 -11.53 -34.67
N PRO B 94 -1.01 -10.98 -34.41
CA PRO B 94 -0.23 -10.07 -35.24
C PRO B 94 0.68 -10.77 -36.24
N ALA B 95 1.08 -10.00 -37.24
CA ALA B 95 2.09 -10.41 -38.20
C ALA B 95 2.93 -9.19 -38.54
N ILE B 96 4.19 -9.41 -38.91
CA ILE B 96 4.99 -8.32 -39.44
C ILE B 96 5.73 -8.66 -40.69
N ILE B 97 6.20 -7.59 -41.34
CA ILE B 97 7.27 -7.64 -42.30
C ILE B 97 8.38 -6.70 -41.92
N ASP B 98 9.57 -7.25 -41.74
CA ASP B 98 10.73 -6.44 -41.49
C ASP B 98 11.51 -6.35 -42.77
N PRO B 99 11.56 -5.13 -43.37
CA PRO B 99 12.28 -4.92 -44.63
C PRO B 99 13.77 -5.05 -44.42
N ASN B 100 14.24 -4.78 -43.20
CA ASN B 100 15.66 -4.95 -42.88
C ASN B 100 15.91 -6.23 -42.10
N GLY B 101 15.51 -7.36 -42.69
CA GLY B 101 15.68 -8.66 -42.06
C GLY B 101 17.10 -9.20 -42.25
N PRO B 102 17.34 -10.42 -41.76
CA PRO B 102 18.68 -11.04 -41.91
C PRO B 102 19.12 -11.06 -43.37
N GLY B 103 20.38 -10.71 -43.60
CA GLY B 103 20.93 -10.65 -44.95
C GLY B 103 20.38 -9.48 -45.77
N ASP B 104 20.02 -8.40 -45.08
CA ASP B 104 19.34 -7.22 -45.67
C ASP B 104 18.29 -7.59 -46.72
N LYS B 105 17.42 -8.51 -46.35
CA LYS B 105 16.29 -8.93 -47.17
C LYS B 105 15.09 -8.85 -46.24
N PRO B 106 13.92 -8.51 -46.78
CA PRO B 106 12.68 -8.48 -46.05
C PRO B 106 12.30 -9.85 -45.51
N LEU B 107 11.75 -9.87 -44.31
CA LEU B 107 11.30 -11.10 -43.69
C LEU B 107 9.90 -10.92 -43.17
N GLY B 108 8.99 -11.83 -43.54
CA GLY B 108 7.66 -11.90 -42.93
C GLY B 108 7.60 -12.93 -41.80
N LEU B 109 6.96 -12.58 -40.70
CA LEU B 109 6.76 -13.46 -39.58
C LEU B 109 5.36 -13.34 -39.03
N PHE B 110 4.73 -14.47 -38.72
CA PHE B 110 3.56 -14.47 -37.86
C PHE B 110 3.89 -15.18 -36.53
N GLU B 111 2.94 -15.13 -35.60
CA GLU B 111 3.03 -15.68 -34.23
C GLU B 111 3.77 -14.69 -33.35
N SER B 112 3.04 -14.11 -32.41
CA SER B 112 3.60 -13.16 -31.48
C SER B 112 4.87 -13.67 -30.83
N GLY B 113 4.95 -14.96 -30.56
CA GLY B 113 6.09 -15.52 -29.87
C GLY B 113 7.35 -15.48 -30.68
N ALA B 114 7.25 -15.86 -31.95
CA ALA B 114 8.37 -15.86 -32.85
C ALA B 114 8.81 -14.40 -33.07
N ILE B 115 7.82 -13.52 -33.16
CA ILE B 115 8.10 -12.10 -33.44
C ILE B 115 8.83 -11.43 -32.25
N LEU B 116 8.32 -11.61 -31.06
CA LEU B 116 9.00 -11.12 -29.86
C LEU B 116 10.45 -11.60 -29.79
N GLN B 117 10.69 -12.90 -30.03
CA GLN B 117 12.04 -13.46 -30.00
CA GLN B 117 12.05 -13.37 -29.96
C GLN B 117 12.88 -12.77 -31.09
N TYR B 118 12.30 -12.66 -32.28
CA TYR B 118 12.98 -12.02 -33.39
C TYR B 118 13.40 -10.56 -33.10
N LEU B 119 12.51 -9.77 -32.52
CA LEU B 119 12.80 -8.38 -32.26
C LEU B 119 13.79 -8.23 -31.12
N ALA B 120 13.78 -9.14 -30.16
CA ALA B 120 14.73 -9.07 -29.05
C ALA B 120 16.14 -9.37 -29.56
N GLU B 121 16.24 -10.33 -30.47
CA GLU B 121 17.53 -10.71 -31.07
C GLU B 121 18.05 -9.60 -31.99
N LYS B 122 17.14 -9.07 -32.81
CA LYS B 122 17.47 -8.00 -33.73
C LYS B 122 18.06 -6.78 -33.02
N THR B 123 17.54 -6.46 -31.84
CA THR B 123 17.84 -5.20 -31.16
C THR B 123 18.78 -5.39 -30.00
N GLY B 124 18.96 -6.64 -29.59
CA GLY B 124 19.77 -6.91 -28.41
C GLY B 124 19.12 -6.38 -27.15
N GLN B 125 17.78 -6.27 -27.15
CA GLN B 125 17.04 -5.74 -26.00
C GLN B 125 15.98 -6.73 -25.53
N PHE B 126 15.72 -6.67 -24.23
CA PHE B 126 14.60 -7.40 -23.56
C PHE B 126 14.74 -8.93 -23.50
N LEU B 127 15.98 -9.41 -23.52
CA LEU B 127 16.35 -10.81 -23.36
C LEU B 127 17.71 -10.79 -22.70
N PRO B 128 17.88 -11.46 -21.53
CA PRO B 128 19.19 -11.37 -20.85
C PRO B 128 20.37 -11.80 -21.74
N ALA B 129 21.54 -11.23 -21.49
CA ALA B 129 22.73 -11.59 -22.27
C ALA B 129 23.20 -12.97 -21.84
N ASP B 130 23.15 -13.21 -20.54
CA ASP B 130 23.59 -14.46 -19.97
C ASP B 130 22.85 -15.63 -20.61
N PRO B 131 23.58 -16.58 -21.21
CA PRO B 131 22.92 -17.68 -21.91
C PRO B 131 21.90 -18.45 -21.08
N ALA B 132 22.21 -18.78 -19.83
CA ALA B 132 21.25 -19.53 -18.99
C ALA B 132 19.98 -18.71 -18.72
N ARG B 133 20.12 -17.43 -18.38
CA ARG B 133 18.94 -16.61 -18.13
C ARG B 133 18.15 -16.36 -19.41
N ARG B 134 18.82 -16.34 -20.55
CA ARG B 134 18.11 -16.25 -21.83
C ARG B 134 17.19 -17.45 -22.01
N TRP B 135 17.72 -18.66 -21.81
CA TRP B 135 16.90 -19.88 -21.92
C TRP B 135 15.75 -19.83 -20.92
N GLN B 136 16.05 -19.39 -19.70
CA GLN B 136 15.04 -19.31 -18.69
C GLN B 136 13.92 -18.37 -19.11
N THR B 137 14.31 -17.25 -19.70
CA THR B 137 13.35 -16.28 -20.16
C THR B 137 12.42 -16.87 -21.21
N LEU B 138 12.98 -17.69 -22.10
CA LEU B 138 12.14 -18.34 -23.12
C LEU B 138 11.16 -19.38 -22.54
N GLN B 139 11.45 -19.98 -21.37
CA GLN B 139 10.48 -20.93 -20.72
C GLN B 139 9.23 -20.17 -20.33
N TRP B 140 9.44 -19.02 -19.69
CA TRP B 140 8.35 -18.16 -19.27
C TRP B 140 7.59 -17.57 -20.47
N LEU B 141 8.28 -17.23 -21.53
CA LEU B 141 7.58 -16.86 -22.77
C LEU B 141 6.69 -18.03 -23.23
N HIS B 142 7.26 -19.23 -23.28
CA HIS B 142 6.51 -20.41 -23.74
C HIS B 142 5.34 -20.74 -22.83
N PHE B 143 5.53 -20.47 -21.55
CA PHE B 143 4.48 -20.61 -20.56
C PHE B 143 3.31 -19.69 -20.85
N GLN B 144 3.57 -18.45 -21.27
CA GLN B 144 2.46 -17.55 -21.64
C GLN B 144 1.79 -18.05 -22.92
N MET B 145 2.60 -18.52 -23.85
CA MET B 145 2.10 -18.82 -25.20
C MET B 145 1.24 -20.07 -25.22
N GLY B 146 1.62 -21.05 -24.42
CA GLY B 146 0.90 -22.33 -24.36
C GLY B 146 -0.14 -22.43 -23.26
N GLY B 147 0.00 -21.62 -22.22
CA GLY B 147 -0.88 -21.63 -21.06
C GLY B 147 -1.78 -20.42 -20.93
N ILE B 148 -1.19 -19.28 -20.63
CA ILE B 148 -1.92 -18.05 -20.31
C ILE B 148 -2.81 -17.63 -21.44
N GLY B 149 -2.23 -17.44 -22.61
CA GLY B 149 -3.01 -16.97 -23.75
C GLY B 149 -4.20 -17.88 -24.01
N PRO B 150 -3.95 -19.16 -24.31
CA PRO B 150 -5.05 -20.03 -24.71
C PRO B 150 -6.07 -20.25 -23.61
N MET B 151 -5.64 -20.37 -22.36
CA MET B 151 -6.58 -20.64 -21.28
C MET B 151 -7.42 -19.39 -20.92
N PHE B 152 -6.78 -18.22 -20.82
CA PHE B 152 -7.54 -16.98 -20.57
C PHE B 152 -8.55 -16.80 -21.71
N GLY B 153 -8.13 -17.06 -22.94
CA GLY B 153 -9.03 -16.96 -24.12
C GLY B 153 -10.23 -17.89 -24.04
N GLN B 154 -10.03 -19.10 -23.52
CA GLN B 154 -11.16 -20.01 -23.38
C GLN B 154 -12.10 -19.50 -22.28
N LEU B 155 -11.55 -18.96 -21.20
CA LEU B 155 -12.38 -18.32 -20.19
C LEU B 155 -13.26 -17.23 -20.83
N GLY B 156 -12.66 -16.43 -21.69
CA GLY B 156 -13.35 -15.36 -22.42
C GLY B 156 -14.53 -15.86 -23.25
N PHE B 157 -14.30 -16.92 -24.01
CA PHE B 157 -15.39 -17.51 -24.79
C PHE B 157 -16.59 -17.93 -23.95
N PHE B 158 -16.33 -18.52 -22.79
CA PHE B 158 -17.42 -19.08 -21.97
C PHE B 158 -17.99 -18.06 -20.98
N HIS B 159 -17.29 -16.95 -20.79
CA HIS B 159 -17.76 -15.92 -19.87
C HIS B 159 -18.30 -14.69 -20.59
N LYS B 160 -17.59 -14.23 -21.62
CA LYS B 160 -17.88 -12.96 -22.27
C LYS B 160 -18.52 -13.18 -23.66
N PHE B 161 -18.07 -14.19 -24.39
CA PHE B 161 -18.51 -14.34 -25.81
C PHE B 161 -19.60 -15.40 -25.93
N ALA B 162 -19.76 -16.03 -27.09
CA ALA B 162 -20.98 -16.82 -27.37
C ALA B 162 -21.14 -18.03 -26.45
N GLY B 163 -20.06 -18.52 -25.88
CA GLY B 163 -20.16 -19.61 -24.93
C GLY B 163 -20.91 -19.25 -23.65
N ARG B 164 -21.06 -17.96 -23.37
CA ARG B 164 -21.79 -17.53 -22.16
C ARG B 164 -23.27 -17.92 -22.18
N GLU B 165 -23.85 -18.12 -23.37
CA GLU B 165 -25.25 -18.56 -23.48
C GLU B 165 -25.43 -20.09 -23.23
N TYR B 166 -24.35 -20.87 -23.18
CA TYR B 166 -24.46 -22.31 -22.96
C TYR B 166 -24.91 -22.54 -21.52
N GLU B 167 -25.93 -23.37 -21.31
CA GLU B 167 -26.50 -23.52 -19.96
C GLU B 167 -25.57 -24.28 -19.04
N ASP B 168 -24.82 -25.24 -19.58
CA ASP B 168 -23.91 -26.07 -18.80
C ASP B 168 -22.68 -25.26 -18.48
N LYS B 169 -22.46 -25.01 -17.19
CA LYS B 169 -21.38 -24.12 -16.79
C LYS B 169 -20.09 -24.83 -16.40
N ARG B 170 -20.02 -26.14 -16.61
CA ARG B 170 -18.81 -26.85 -16.29
C ARG B 170 -17.61 -26.42 -17.16
N PRO B 171 -17.82 -26.22 -18.48
CA PRO B 171 -16.72 -25.60 -19.24
C PRO B 171 -16.23 -24.30 -18.65
N LEU B 172 -17.16 -23.42 -18.30
CA LEU B 172 -16.76 -22.15 -17.71
C LEU B 172 -15.98 -22.41 -16.41
N GLN B 173 -16.47 -23.32 -15.57
CA GLN B 173 -15.78 -23.60 -14.29
C GLN B 173 -14.35 -24.11 -14.55
N ARG B 174 -14.17 -24.88 -15.61
CA ARG B 174 -12.88 -25.46 -15.97
C ARG B 174 -11.84 -24.39 -16.33
N TYR B 175 -12.23 -23.43 -17.16
CA TYR B 175 -11.28 -22.40 -17.57
C TYR B 175 -11.09 -21.33 -16.52
N VAL B 176 -12.09 -21.13 -15.64
CA VAL B 176 -11.91 -20.31 -14.44
C VAL B 176 -10.90 -20.93 -13.50
N ALA B 177 -11.01 -22.24 -13.23
CA ALA B 177 -10.03 -22.85 -12.34
C ALA B 177 -8.65 -22.83 -12.97
N GLU B 178 -8.55 -23.05 -14.28
CA GLU B 178 -7.21 -23.09 -14.91
C GLU B 178 -6.61 -21.69 -14.99
N SER B 179 -7.43 -20.68 -15.27
CA SER B 179 -6.95 -19.30 -15.22
C SER B 179 -6.44 -18.91 -13.82
N LYS B 180 -7.17 -19.28 -12.78
CA LYS B 180 -6.71 -19.06 -11.41
C LYS B 180 -5.43 -19.81 -11.08
N ARG B 181 -5.29 -21.06 -11.59
CA ARG B 181 -4.09 -21.87 -11.33
C ARG B 181 -2.88 -21.21 -11.99
N LEU B 182 -3.04 -20.81 -13.24
CA LEU B 182 -2.00 -20.08 -13.94
C LEU B 182 -1.55 -18.78 -13.22
N LEU B 183 -2.54 -18.02 -12.74
CA LEU B 183 -2.26 -16.80 -11.98
C LEU B 183 -1.53 -17.11 -10.70
N GLY B 184 -1.80 -18.27 -10.12
CA GLY B 184 -1.11 -18.71 -8.90
C GLY B 184 0.35 -19.00 -9.18
N VAL B 185 0.66 -19.51 -10.37
CA VAL B 185 2.06 -19.76 -10.75
C VAL B 185 2.79 -18.43 -10.91
N LEU B 186 2.18 -17.50 -11.65
CA LEU B 186 2.68 -16.11 -11.69
C LEU B 186 2.89 -15.51 -10.30
N GLU B 187 1.92 -15.69 -9.43
CA GLU B 187 1.97 -15.10 -8.10
C GLU B 187 3.16 -15.63 -7.28
N ALA B 188 3.41 -16.94 -7.32
CA ALA B 188 4.59 -17.47 -6.62
C ALA B 188 5.89 -16.96 -7.29
N ARG B 189 5.90 -16.82 -8.60
CA ARG B 189 7.10 -16.37 -9.30
C ARG B 189 7.40 -14.89 -9.01
N LEU B 190 6.36 -14.07 -8.92
CA LEU B 190 6.53 -12.61 -8.73
C LEU B 190 6.71 -12.20 -7.24
N ASP B 191 6.61 -13.19 -6.37
CA ASP B 191 6.84 -12.97 -4.93
C ASP B 191 8.32 -12.64 -4.75
N GLY B 192 8.62 -11.36 -4.51
CA GLY B 192 10.01 -10.90 -4.34
C GLY B 192 10.77 -10.61 -5.63
N ARG B 193 10.07 -10.55 -6.77
CA ARG B 193 10.70 -10.13 -8.02
C ARG B 193 9.95 -8.90 -8.59
N GLN B 194 10.69 -8.01 -9.23
CA GLN B 194 10.14 -6.86 -9.93
C GLN B 194 9.46 -7.31 -11.24
N TRP B 195 10.14 -8.17 -11.98
CA TRP B 195 9.65 -8.69 -13.25
C TRP B 195 9.76 -10.19 -13.21
N ILE B 196 9.21 -10.85 -14.22
CA ILE B 196 9.30 -12.31 -14.30
C ILE B 196 10.76 -12.82 -14.20
N MET B 197 11.72 -12.09 -14.81
CA MET B 197 13.15 -12.42 -14.73
C MET B 197 13.87 -11.48 -13.76
N ASP B 198 13.21 -11.19 -12.65
CA ASP B 198 13.81 -10.48 -11.51
C ASP B 198 13.99 -9.00 -11.85
N ALA B 199 15.22 -8.50 -11.87
CA ALA B 199 15.47 -7.09 -12.16
C ALA B 199 15.44 -6.78 -13.66
N ASP B 200 15.36 -7.79 -14.51
CA ASP B 200 15.35 -7.54 -15.95
C ASP B 200 13.97 -7.68 -16.52
N TYR B 201 13.51 -6.60 -17.16
CA TYR B 201 12.25 -6.58 -17.86
C TYR B 201 12.51 -7.21 -19.22
N THR B 202 11.69 -8.18 -19.62
CA THR B 202 12.01 -8.97 -20.81
C THR B 202 10.81 -9.21 -21.65
N ILE B 203 10.98 -9.89 -22.76
CA ILE B 203 9.83 -10.27 -23.60
C ILE B 203 8.82 -11.18 -22.85
N ALA B 204 9.24 -11.81 -21.74
CA ALA B 204 8.28 -12.57 -20.90
C ALA B 204 7.23 -11.67 -20.26
N ASP B 205 7.63 -10.53 -19.74
CA ASP B 205 6.64 -9.56 -19.23
C ASP B 205 5.77 -8.96 -20.38
N ILE B 206 6.40 -8.63 -21.48
CA ILE B 206 5.72 -8.01 -22.61
C ILE B 206 4.69 -8.96 -23.17
N ALA B 207 4.97 -10.27 -23.15
CA ALA B 207 3.99 -11.27 -23.62
C ALA B 207 2.79 -11.36 -22.70
N THR B 208 3.02 -11.18 -21.40
CA THR B 208 2.02 -11.51 -20.41
C THR B 208 1.12 -10.36 -19.93
N LEU B 209 1.62 -9.13 -19.90
CA LEU B 209 0.88 -8.00 -19.32
C LEU B 209 -0.48 -7.76 -19.95
N GLY B 210 -0.52 -7.71 -21.27
CA GLY B 210 -1.74 -7.49 -21.98
C GLY B 210 -2.81 -8.49 -21.65
N TRP B 211 -2.44 -9.77 -21.54
CA TRP B 211 -3.43 -10.82 -21.22
C TRP B 211 -3.99 -10.64 -19.83
N VAL B 212 -3.15 -10.34 -18.87
CA VAL B 212 -3.68 -10.12 -17.52
C VAL B 212 -4.58 -8.93 -17.47
N ARG B 213 -4.13 -7.81 -18.04
CA ARG B 213 -4.99 -6.64 -18.15
C ARG B 213 -6.34 -6.96 -18.80
N ASN B 214 -6.30 -7.73 -19.87
CA ASN B 214 -7.52 -8.00 -20.63
C ASN B 214 -8.50 -8.86 -19.83
N LEU B 215 -7.95 -9.82 -19.10
CA LEU B 215 -8.75 -10.72 -18.26
C LEU B 215 -9.57 -9.99 -17.23
N ILE B 216 -8.98 -8.96 -16.61
CA ILE B 216 -9.62 -8.23 -15.54
C ILE B 216 -10.33 -6.98 -16.03
N GLY B 217 -10.12 -6.61 -17.28
CA GLY B 217 -10.72 -5.42 -17.86
C GLY B 217 -11.79 -5.85 -18.86
N PHE B 218 -11.44 -5.83 -20.13
CA PHE B 218 -12.39 -6.16 -21.21
C PHE B 218 -13.20 -7.43 -20.96
N TYR B 219 -12.54 -8.51 -20.53
CA TYR B 219 -13.24 -9.80 -20.23
C TYR B 219 -14.18 -9.78 -19.02
N GLY B 220 -13.98 -8.82 -18.13
CA GLY B 220 -14.88 -8.63 -16.99
C GLY B 220 -14.80 -9.78 -16.00
N ALA B 221 -13.60 -10.31 -15.77
CA ALA B 221 -13.43 -11.52 -14.98
C ALA B 221 -12.61 -11.32 -13.71
N ARG B 222 -12.50 -10.07 -13.27
CA ARG B 222 -11.66 -9.70 -12.15
C ARG B 222 -12.11 -10.41 -10.90
N GLU B 223 -13.40 -10.35 -10.61
CA GLU B 223 -13.99 -11.02 -9.43
C GLU B 223 -14.04 -12.53 -9.63
N LEU B 224 -14.39 -12.95 -10.85
CA LEU B 224 -14.44 -14.36 -11.26
C LEU B 224 -13.18 -15.15 -10.95
N VAL B 225 -12.01 -14.56 -11.20
CA VAL B 225 -10.74 -15.22 -10.87
C VAL B 225 -10.13 -14.77 -9.53
N ALA B 226 -10.92 -14.05 -8.73
CA ALA B 226 -10.49 -13.54 -7.42
C ALA B 226 -9.15 -12.79 -7.47
N PHE B 227 -8.99 -11.96 -8.51
CA PHE B 227 -7.75 -11.22 -8.76
C PHE B 227 -7.30 -10.34 -7.58
N ASP B 228 -8.23 -9.68 -6.91
CA ASP B 228 -7.86 -8.75 -5.84
C ASP B 228 -7.44 -9.44 -4.53
N GLU B 229 -7.48 -10.77 -4.48
CA GLU B 229 -6.91 -11.52 -3.35
C GLU B 229 -5.41 -11.77 -3.54
N LEU B 230 -4.94 -11.57 -4.76
CA LEU B 230 -3.51 -11.64 -5.10
C LEU B 230 -2.76 -10.38 -4.62
N THR B 231 -1.45 -10.51 -4.39
CA THR B 231 -0.61 -9.35 -4.06
C THR B 231 0.44 -9.07 -5.11
N HIS B 232 1.13 -10.11 -5.54
CA HIS B 232 2.29 -9.96 -6.37
C HIS B 232 1.95 -9.74 -7.85
N VAL B 233 0.96 -10.43 -8.38
CA VAL B 233 0.55 -10.18 -9.79
C VAL B 233 -0.02 -8.77 -9.99
N PRO B 234 -0.92 -8.29 -9.10
CA PRO B 234 -1.39 -6.88 -9.25
C PRO B 234 -0.30 -5.82 -9.21
N ALA B 235 0.68 -5.97 -8.32
CA ALA B 235 1.75 -4.96 -8.23
C ALA B 235 2.62 -5.00 -9.47
N TRP B 236 2.86 -6.20 -9.99
CA TRP B 236 3.64 -6.37 -11.20
C TRP B 236 2.91 -5.75 -12.37
N LEU B 237 1.61 -6.00 -12.45
CA LEU B 237 0.79 -5.40 -13.52
C LEU B 237 0.81 -3.88 -13.45
N GLU B 238 0.74 -3.33 -12.25
CA GLU B 238 0.84 -1.88 -12.10
C GLU B 238 2.19 -1.37 -12.57
N ARG B 239 3.26 -2.10 -12.29
CA ARG B 239 4.60 -1.70 -12.75
C ARG B 239 4.66 -1.66 -14.28
N GLY B 240 4.12 -2.68 -14.94
CA GLY B 240 4.15 -2.75 -16.42
C GLY B 240 3.37 -1.62 -17.06
N LEU B 241 2.19 -1.38 -16.51
CA LEU B 241 1.28 -0.35 -17.00
C LEU B 241 1.78 1.09 -16.80
N ALA B 242 2.73 1.29 -15.89
CA ALA B 242 3.31 2.63 -15.70
C ALA B 242 4.39 2.95 -16.77
N ARG B 243 4.75 1.99 -17.62
CA ARG B 243 5.80 2.19 -18.62
C ARG B 243 5.17 2.87 -19.84
N PRO B 244 5.70 4.03 -20.27
CA PRO B 244 5.10 4.73 -21.42
C PRO B 244 4.93 3.90 -22.68
N ALA B 245 5.90 3.05 -22.96
CA ALA B 245 5.82 2.19 -24.15
C ALA B 245 4.63 1.20 -24.07
N VAL B 246 4.33 0.75 -22.86
CA VAL B 246 3.19 -0.14 -22.66
C VAL B 246 1.89 0.62 -22.92
N GLN B 247 1.79 1.81 -22.35
CA GLN B 247 0.62 2.67 -22.54
CA GLN B 247 0.56 2.59 -22.57
C GLN B 247 0.42 2.96 -24.04
N ARG B 248 1.53 3.20 -24.77
CA ARG B 248 1.43 3.49 -26.22
C ARG B 248 1.01 2.24 -27.03
N GLY B 249 1.70 1.14 -26.73
CA GLY B 249 1.50 -0.14 -27.39
C GLY B 249 0.11 -0.70 -27.24
N LEU B 250 -0.48 -0.47 -26.08
CA LEU B 250 -1.84 -0.97 -25.81
C LEU B 250 -2.94 -0.43 -26.75
N GLU B 251 -2.71 0.70 -27.41
CA GLU B 251 -3.73 1.34 -28.24
C GLU B 251 -3.33 1.43 -29.73
N ILE B 252 -2.35 0.63 -30.12
CA ILE B 252 -1.87 0.63 -31.49
C ILE B 252 -2.06 -0.76 -32.10
N PRO B 253 -2.62 -0.84 -33.33
CA PRO B 253 -3.13 0.26 -34.15
C PRO B 253 -4.46 0.68 -33.60
N LYS B 254 -4.93 1.84 -34.01
CA LYS B 254 -6.27 2.26 -33.65
C LYS B 254 -7.26 1.27 -34.29
N ARG B 255 -8.36 1.00 -33.58
CA ARG B 255 -9.41 0.09 -34.06
C ARG B 255 -10.14 0.68 -35.27
N PRO B 256 -10.38 -0.14 -36.29
CA PRO B 256 -11.03 0.39 -37.52
C PRO B 256 -12.54 0.53 -37.41
N SER C 24 33.99 21.01 -18.60
CA SER C 24 35.00 20.29 -19.42
C SER C 24 34.50 18.88 -19.78
N ASP C 25 34.84 17.89 -18.95
CA ASP C 25 34.41 16.51 -19.18
C ASP C 25 33.49 16.01 -18.05
N LEU C 26 33.04 16.94 -17.20
CA LEU C 26 32.29 16.57 -15.99
C LEU C 26 30.83 16.23 -16.23
N SER C 27 30.33 16.47 -17.44
CA SER C 27 28.95 16.09 -17.76
C SER C 27 28.72 14.58 -17.70
N SER C 28 29.79 13.80 -17.92
CA SER C 28 29.70 12.35 -17.81
C SER C 28 29.61 11.83 -16.36
N PHE C 29 29.71 12.72 -15.37
CA PHE C 29 29.46 12.35 -13.97
C PHE C 29 28.04 12.80 -13.58
N PRO C 30 27.13 11.84 -13.26
CA PRO C 30 25.72 12.22 -13.02
C PRO C 30 25.44 13.13 -11.79
N ILE C 31 26.30 13.09 -10.77
CA ILE C 31 26.12 13.98 -9.62
C ILE C 31 26.00 15.46 -10.05
N THR C 32 26.75 15.84 -11.10
CA THR C 32 26.72 17.21 -11.62
C THR C 32 25.35 17.64 -12.19
N LYS C 33 24.42 16.71 -12.40
CA LYS C 33 23.08 17.09 -12.86
C LYS C 33 22.26 17.64 -11.69
N ARG C 34 22.65 17.29 -10.48
CA ARG C 34 21.96 17.77 -9.28
C ARG C 34 22.77 18.83 -8.55
N TRP C 35 24.10 18.74 -8.61
CA TRP C 35 24.98 19.82 -8.10
C TRP C 35 25.87 20.37 -9.20
N PRO C 36 25.30 21.21 -10.10
CA PRO C 36 26.06 21.67 -11.26
C PRO C 36 27.34 22.39 -10.83
N ALA C 37 28.36 22.29 -11.66
CA ALA C 37 29.65 22.94 -11.41
C ALA C 37 29.64 24.30 -12.08
N GLN C 38 29.90 25.34 -11.32
CA GLN C 38 30.11 26.67 -11.90
C GLN C 38 31.53 26.80 -12.49
N HIS C 39 32.49 26.10 -11.89
CA HIS C 39 33.91 26.13 -12.27
C HIS C 39 34.38 24.71 -12.55
N SER C 40 34.20 24.26 -13.79
CA SER C 40 34.41 22.86 -14.12
C SER C 40 35.91 22.54 -14.28
N ASP C 41 36.75 23.56 -14.14
CA ASP C 41 38.19 23.43 -14.13
C ASP C 41 38.71 23.24 -12.69
N ARG C 42 37.82 23.26 -11.71
CA ARG C 42 38.24 23.13 -10.30
C ARG C 42 37.71 21.87 -9.68
N ILE C 43 38.44 21.38 -8.67
CA ILE C 43 37.97 20.26 -7.87
C ILE C 43 36.58 20.56 -7.31
N GLN C 44 35.68 19.59 -7.48
CA GLN C 44 34.34 19.69 -6.92
C GLN C 44 34.32 18.93 -5.64
N LEU C 45 33.88 19.59 -4.57
CA LEU C 45 33.80 18.97 -3.24
C LEU C 45 32.34 18.78 -2.86
N TYR C 46 31.95 17.55 -2.57
CA TYR C 46 30.58 17.26 -2.14
C TYR C 46 30.59 16.83 -0.67
N SER C 47 30.13 17.70 0.21
CA SER C 47 30.41 17.53 1.64
C SER C 47 29.45 18.30 2.54
N LEU C 48 29.75 18.21 3.83
CA LEU C 48 29.10 18.98 4.87
C LEU C 48 30.19 19.18 5.92
N PRO C 49 30.09 20.25 6.73
CA PRO C 49 31.16 20.51 7.68
C PRO C 49 31.07 19.63 8.93
N THR C 50 31.04 18.32 8.69
CA THR C 50 31.05 17.32 9.76
C THR C 50 32.48 16.89 9.97
N PRO C 51 32.74 16.08 11.00
CA PRO C 51 34.12 15.68 11.28
C PRO C 51 34.78 14.90 10.14
N ASN C 52 34.02 14.12 9.35
CA ASN C 52 34.61 13.49 8.15
C ASN C 52 34.75 14.46 6.98
N GLY C 53 33.77 15.34 6.78
CA GLY C 53 33.81 16.36 5.71
C GLY C 53 34.92 17.37 5.86
N VAL C 54 35.19 17.80 7.10
CA VAL C 54 36.20 18.81 7.32
C VAL C 54 37.61 18.32 7.10
N LYS C 55 37.84 17.03 7.15
CA LYS C 55 39.16 16.54 6.79
C LYS C 55 39.55 17.02 5.40
N VAL C 56 38.63 16.90 4.44
CA VAL C 56 38.94 17.22 3.06
C VAL C 56 38.93 18.74 2.78
N SER C 57 37.96 19.46 3.31
CA SER C 57 37.96 20.91 3.19
C SER C 57 39.21 21.52 3.87
N ILE C 58 39.62 21.01 5.02
CA ILE C 58 40.88 21.49 5.64
C ILE C 58 42.06 21.17 4.74
N MET C 59 42.14 19.94 4.24
CA MET C 59 43.22 19.63 3.31
C MET C 59 43.24 20.59 2.12
N LEU C 60 42.07 20.92 1.57
CA LEU C 60 42.07 21.75 0.35
C LEU C 60 42.50 23.18 0.69
N GLU C 61 42.01 23.68 1.84
CA GLU C 61 42.45 24.98 2.37
C GLU C 61 43.95 24.99 2.68
N GLU C 62 44.51 23.91 3.27
CA GLU C 62 45.95 23.87 3.60
C GLU C 62 46.86 23.86 2.34
N THR C 63 46.37 23.21 1.28
CA THR C 63 47.12 23.08 0.05
C THR C 63 47.02 24.29 -0.88
N GLY C 64 45.96 25.09 -0.72
CA GLY C 64 45.71 26.23 -1.61
C GLY C 64 45.09 25.82 -2.96
N LEU C 65 44.70 24.56 -3.14
CA LEU C 65 44.06 24.11 -4.41
C LEU C 65 42.69 24.78 -4.65
N PRO C 66 42.47 25.31 -5.87
CA PRO C 66 41.15 25.85 -6.15
C PRO C 66 40.11 24.72 -6.10
N TYR C 67 38.98 25.00 -5.46
CA TYR C 67 37.85 24.06 -5.43
C TYR C 67 36.52 24.76 -5.24
N GLU C 68 35.47 23.99 -5.50
CA GLU C 68 34.10 24.46 -5.53
C GLU C 68 33.32 23.55 -4.59
N PRO C 69 32.96 24.05 -3.40
CA PRO C 69 32.25 23.14 -2.50
C PRO C 69 30.75 23.17 -2.75
N HIS C 70 30.12 22.03 -2.53
CA HIS C 70 28.69 21.89 -2.60
C HIS C 70 28.17 21.23 -1.34
N ALA C 71 27.25 21.89 -0.65
CA ALA C 71 26.62 21.33 0.54
C ALA C 71 25.60 20.26 0.11
N ILE C 72 25.68 19.08 0.73
CA ILE C 72 24.75 17.98 0.47
C ILE C 72 23.71 17.87 1.61
N ASP C 73 22.45 18.17 1.29
CA ASP C 73 21.36 18.22 2.30
C ASP C 73 20.79 16.84 2.68
N PHE C 74 21.27 16.33 3.83
CA PHE C 74 20.81 15.06 4.40
C PHE C 74 19.36 15.12 4.86
N GLY C 75 18.94 16.28 5.36
CA GLY C 75 17.55 16.49 5.73
C GLY C 75 16.59 16.15 4.60
N LYS C 76 17.01 16.38 3.35
CA LYS C 76 16.20 16.07 2.17
C LYS C 76 16.59 14.72 1.54
N ASP C 77 17.44 13.96 2.24
CA ASP C 77 17.90 12.64 1.77
C ASP C 77 18.62 12.69 0.40
N HIS C 78 19.36 13.77 0.13
CA HIS C 78 20.00 13.95 -1.18
C HIS C 78 21.19 13.00 -1.36
N GLN C 79 21.78 12.57 -0.26
CA GLN C 79 22.87 11.60 -0.33
C GLN C 79 22.40 10.19 -0.74
N LYS C 80 21.10 9.99 -0.93
CA LYS C 80 20.58 8.70 -1.40
C LYS C 80 19.98 8.82 -2.78
N THR C 81 20.17 9.96 -3.44
CA THR C 81 19.70 10.13 -4.81
C THR C 81 20.62 9.36 -5.73
N PRO C 82 20.10 8.87 -6.88
CA PRO C 82 20.99 8.21 -7.85
C PRO C 82 22.15 9.08 -8.33
N GLU C 83 21.92 10.40 -8.41
CA GLU C 83 22.95 11.35 -8.83
C GLU C 83 24.11 11.32 -7.81
N PHE C 84 23.80 11.38 -6.52
CA PHE C 84 24.89 11.30 -5.52
C PHE C 84 25.54 9.92 -5.44
N LEU C 85 24.69 8.88 -5.41
CA LEU C 85 25.13 7.50 -5.34
C LEU C 85 26.00 7.12 -6.53
N SER C 86 25.79 7.79 -7.66
CA SER C 86 26.66 7.59 -8.83
C SER C 86 28.10 7.95 -8.55
N LEU C 87 28.37 8.79 -7.54
CA LEU C 87 29.76 9.10 -7.20
C LEU C 87 30.22 8.32 -5.96
N ASN C 88 29.42 8.32 -4.89
CA ASN C 88 29.69 7.42 -3.77
C ASN C 88 28.52 6.49 -3.54
N PRO C 89 28.65 5.23 -3.95
CA PRO C 89 27.53 4.30 -3.72
C PRO C 89 27.33 3.91 -2.26
N ASN C 90 28.25 4.30 -1.39
CA ASN C 90 28.04 4.18 0.04
C ASN C 90 27.11 5.27 0.60
N GLY C 91 26.87 6.33 -0.17
CA GLY C 91 25.91 7.38 0.24
C GLY C 91 26.39 8.21 1.42
N LYS C 92 27.69 8.51 1.44
CA LYS C 92 28.27 9.34 2.50
C LYS C 92 29.13 10.45 1.91
N ILE C 93 29.30 11.51 2.69
CA ILE C 93 30.28 12.56 2.39
C ILE C 93 31.52 12.36 3.25
N PRO C 94 32.67 12.93 2.83
CA PRO C 94 32.88 13.72 1.61
C PRO C 94 33.19 12.88 0.37
N ALA C 95 32.94 13.49 -0.78
CA ALA C 95 33.36 12.96 -2.09
C ALA C 95 33.89 14.12 -2.93
N ILE C 96 34.81 13.85 -3.86
CA ILE C 96 35.30 14.90 -4.76
C ILE C 96 35.32 14.41 -6.21
N ILE C 97 35.31 15.35 -7.15
CA ILE C 97 35.77 15.05 -8.49
C ILE C 97 36.84 16.06 -8.80
N ASP C 98 38.02 15.55 -9.13
CA ASP C 98 39.11 16.35 -9.64
C ASP C 98 39.01 16.30 -11.17
N PRO C 99 38.69 17.43 -11.81
CA PRO C 99 38.64 17.39 -13.28
C PRO C 99 40.03 17.20 -13.92
N ASN C 100 41.09 17.45 -13.13
CA ASN C 100 42.46 17.35 -13.63
C ASN C 100 43.16 16.23 -12.91
N GLY C 101 42.63 15.02 -13.04
CA GLY C 101 43.20 13.88 -12.34
C GLY C 101 44.33 13.24 -13.13
N PRO C 102 44.76 12.04 -12.71
CA PRO C 102 45.80 11.29 -13.44
C PRO C 102 45.48 11.16 -14.93
N GLY C 103 46.50 11.32 -15.77
CA GLY C 103 46.32 11.29 -17.22
C GLY C 103 45.65 12.56 -17.72
N ASP C 104 45.75 13.64 -16.95
CA ASP C 104 44.88 14.82 -17.08
C ASP C 104 43.45 14.40 -17.50
N LYS C 105 42.88 13.47 -16.72
CA LYS C 105 41.51 12.99 -16.92
C LYS C 105 40.77 13.13 -15.59
N PRO C 106 39.44 13.33 -15.64
CA PRO C 106 38.75 13.55 -14.35
C PRO C 106 38.71 12.28 -13.49
N LEU C 107 38.81 12.45 -12.19
CA LEU C 107 38.75 11.33 -11.28
C LEU C 107 37.75 11.62 -10.16
N GLY C 108 36.79 10.70 -9.97
CA GLY C 108 35.93 10.70 -8.80
C GLY C 108 36.51 9.85 -7.68
N LEU C 109 36.39 10.34 -6.46
CA LEU C 109 36.83 9.58 -5.30
C LEU C 109 35.95 9.84 -4.11
N PHE C 110 35.69 8.80 -3.33
CA PHE C 110 35.04 8.95 -2.03
C PHE C 110 35.98 8.32 -0.99
N GLU C 111 35.54 8.36 0.27
CA GLU C 111 36.35 8.04 1.44
C GLU C 111 37.37 9.12 1.69
N SER C 112 37.18 9.81 2.80
CA SER C 112 38.04 10.88 3.25
C SER C 112 39.50 10.46 3.29
N GLY C 113 39.78 9.24 3.75
CA GLY C 113 41.14 8.70 3.78
C GLY C 113 41.82 8.56 2.43
N ALA C 114 41.13 8.02 1.44
CA ALA C 114 41.68 7.95 0.11
C ALA C 114 41.87 9.37 -0.46
N ILE C 115 40.92 10.26 -0.22
CA ILE C 115 41.02 11.60 -0.76
C ILE C 115 42.25 12.33 -0.16
N LEU C 116 42.52 12.17 1.13
CA LEU C 116 43.68 12.78 1.74
C LEU C 116 44.96 12.29 1.11
N GLN C 117 45.07 10.98 0.93
CA GLN C 117 46.27 10.42 0.31
C GLN C 117 46.42 10.93 -1.13
N TYR C 118 45.32 10.99 -1.85
CA TYR C 118 45.32 11.52 -3.23
C TYR C 118 45.80 12.95 -3.31
N LEU C 119 45.19 13.81 -2.49
CA LEU C 119 45.56 15.25 -2.42
C LEU C 119 47.00 15.47 -1.92
N ALA C 120 47.50 14.56 -1.06
CA ALA C 120 48.91 14.62 -0.60
C ALA C 120 49.82 14.37 -1.78
N GLU C 121 49.46 13.40 -2.58
CA GLU C 121 50.22 13.13 -3.80
C GLU C 121 50.13 14.27 -4.82
N LYS C 122 48.92 14.76 -5.04
CA LYS C 122 48.73 15.82 -6.06
C LYS C 122 49.57 17.04 -5.73
N THR C 123 49.70 17.35 -4.44
CA THR C 123 50.35 18.60 -3.99
C THR C 123 51.79 18.39 -3.50
N GLY C 124 52.21 17.15 -3.33
CA GLY C 124 53.54 16.85 -2.79
C GLY C 124 53.73 17.39 -1.37
N GLN C 125 52.66 17.41 -0.59
CA GLN C 125 52.67 18.06 0.74
C GLN C 125 51.89 17.31 1.80
N PHE C 126 52.22 17.57 3.07
CA PHE C 126 51.48 17.04 4.20
C PHE C 126 51.66 15.53 4.35
N LEU C 127 52.73 15.05 3.74
CA LEU C 127 53.25 13.69 3.96
C LEU C 127 54.77 13.83 3.98
N PRO C 128 55.45 13.41 5.04
CA PRO C 128 56.90 13.60 5.08
C PRO C 128 57.62 12.98 3.87
N ALA C 129 58.74 13.57 3.48
CA ALA C 129 59.53 13.05 2.36
C ALA C 129 60.16 11.69 2.66
N ASP C 130 60.69 11.51 3.88
CA ASP C 130 61.33 10.25 4.24
C ASP C 130 60.33 9.09 4.10
N PRO C 131 60.67 8.07 3.27
CA PRO C 131 59.81 6.88 3.08
C PRO C 131 59.32 6.21 4.38
N ALA C 132 60.21 5.87 5.33
CA ALA C 132 59.75 5.21 6.55
C ALA C 132 58.72 6.08 7.30
N ARG C 133 58.96 7.39 7.38
CA ARG C 133 58.03 8.28 8.08
C ARG C 133 56.71 8.48 7.30
N ARG C 134 56.77 8.31 5.99
CA ARG C 134 55.58 8.32 5.19
C ARG C 134 54.64 7.17 5.56
N TRP C 135 55.20 5.97 5.69
CA TRP C 135 54.44 4.79 6.16
C TRP C 135 53.97 4.96 7.61
N GLN C 136 54.81 5.50 8.50
CA GLN C 136 54.37 5.78 9.87
C GLN C 136 53.18 6.75 9.86
N THR C 137 53.24 7.79 9.04
CA THR C 137 52.11 8.71 8.92
C THR C 137 50.82 7.97 8.49
N LEU C 138 50.90 7.05 7.54
CA LEU C 138 49.72 6.24 7.18
C LEU C 138 49.16 5.36 8.32
N GLN C 139 50.02 4.84 9.18
CA GLN C 139 49.54 4.14 10.36
C GLN C 139 48.58 5.05 11.11
N TRP C 140 49.04 6.26 11.40
CA TRP C 140 48.25 7.17 12.24
C TRP C 140 46.97 7.61 11.52
N LEU C 141 47.05 7.69 10.19
CA LEU C 141 45.86 7.97 9.40
C LEU C 141 44.84 6.85 9.59
N HIS C 142 45.28 5.59 9.47
CA HIS C 142 44.43 4.40 9.57
C HIS C 142 43.93 4.21 10.99
N PHE C 143 44.71 4.58 11.99
CA PHE C 143 44.25 4.60 13.37
C PHE C 143 43.05 5.52 13.55
N GLN C 144 43.13 6.72 13.00
CA GLN C 144 41.99 7.62 12.99
C GLN C 144 40.80 7.04 12.23
N MET C 145 41.06 6.48 11.04
CA MET C 145 39.97 6.00 10.19
C MET C 145 39.24 4.77 10.73
N GLY C 146 40.00 3.84 11.30
CA GLY C 146 39.43 2.63 11.85
C GLY C 146 39.06 2.73 13.32
N GLY C 147 39.56 3.75 14.03
CA GLY C 147 39.34 3.86 15.46
C GLY C 147 38.62 5.10 15.91
N ILE C 148 39.27 6.25 15.77
CA ILE C 148 38.73 7.52 16.22
C ILE C 148 37.38 7.86 15.61
N GLY C 149 37.30 7.83 14.29
CA GLY C 149 36.05 8.18 13.59
C GLY C 149 34.89 7.29 14.02
N PRO C 150 34.99 5.99 13.76
CA PRO C 150 33.89 5.07 14.12
C PRO C 150 33.52 5.12 15.61
N MET C 151 34.50 5.08 16.51
CA MET C 151 34.18 5.07 17.92
C MET C 151 33.60 6.41 18.47
N PHE C 152 34.21 7.56 18.15
CA PHE C 152 33.64 8.87 18.50
C PHE C 152 32.21 9.01 17.89
N GLY C 153 32.04 8.53 16.67
CA GLY C 153 30.72 8.55 16.03
C GLY C 153 29.66 7.79 16.81
N GLN C 154 30.03 6.60 17.34
CA GLN C 154 29.07 5.82 18.10
C GLN C 154 28.77 6.52 19.41
N LEU C 155 29.78 7.16 20.02
CA LEU C 155 29.54 7.93 21.22
C LEU C 155 28.57 9.07 20.88
N GLY C 156 28.78 9.70 19.74
CA GLY C 156 27.84 10.68 19.24
C GLY C 156 26.42 10.15 19.17
N PHE C 157 26.26 8.96 18.58
CA PHE C 157 24.93 8.40 18.42
C PHE C 157 24.24 8.25 19.77
N PHE C 158 24.98 7.79 20.78
CA PHE C 158 24.36 7.45 22.04
C PHE C 158 24.31 8.61 23.04
N HIS C 159 24.98 9.71 22.72
CA HIS C 159 25.01 10.88 23.62
C HIS C 159 24.34 12.09 23.02
N LYS C 160 24.47 12.24 21.71
CA LYS C 160 24.04 13.46 21.03
C LYS C 160 22.81 13.23 20.15
N PHE C 161 22.75 12.10 19.45
CA PHE C 161 21.66 11.82 18.49
C PHE C 161 20.65 10.83 19.07
N ALA C 162 19.94 10.09 18.20
CA ALA C 162 18.71 9.40 18.63
C ALA C 162 18.92 8.37 19.73
N GLY C 163 20.10 7.75 19.82
CA GLY C 163 20.37 6.75 20.86
C GLY C 163 20.50 7.34 22.25
N ARG C 164 20.58 8.67 22.33
CA ARG C 164 20.50 9.36 23.61
C ARG C 164 19.18 9.09 24.31
N GLU C 165 18.14 8.79 23.54
CA GLU C 165 16.81 8.54 24.11
C GLU C 165 16.71 7.16 24.79
N TYR C 166 17.67 6.25 24.58
CA TYR C 166 17.61 4.90 25.20
C TYR C 166 17.99 5.03 26.67
N GLU C 167 17.15 4.49 27.55
CA GLU C 167 17.36 4.63 28.99
C GLU C 167 18.58 3.91 29.51
N ASP C 168 18.86 2.73 28.98
CA ASP C 168 20.01 1.96 29.44
C ASP C 168 21.27 2.51 28.77
N LYS C 169 22.24 2.83 29.60
CA LYS C 169 23.40 3.61 29.18
C LYS C 169 24.66 2.75 29.02
N ARG C 170 24.52 1.43 29.07
CA ARG C 170 25.69 0.56 28.85
C ARG C 170 26.29 0.71 27.44
N PRO C 171 25.46 0.83 26.39
CA PRO C 171 26.06 1.15 25.10
C PRO C 171 26.83 2.50 25.10
N LEU C 172 26.22 3.53 25.63
CA LEU C 172 26.95 4.77 25.81
C LEU C 172 28.23 4.57 26.64
N GLN C 173 28.16 3.83 27.73
CA GLN C 173 29.37 3.67 28.58
C GLN C 173 30.48 2.92 27.83
N ARG C 174 30.11 1.96 26.99
CA ARG C 174 31.07 1.31 26.12
C ARG C 174 31.84 2.30 25.24
N TYR C 175 31.13 3.21 24.54
CA TYR C 175 31.79 4.11 23.62
C TYR C 175 32.51 5.26 24.33
N VAL C 176 32.09 5.60 25.53
CA VAL C 176 32.83 6.55 26.36
C VAL C 176 34.18 5.93 26.73
N ALA C 177 34.17 4.71 27.26
CA ALA C 177 35.41 3.99 27.57
C ALA C 177 36.33 3.80 26.36
N GLU C 178 35.80 3.46 25.18
CA GLU C 178 36.66 3.27 24.05
C GLU C 178 37.20 4.62 23.56
N SER C 179 36.38 5.66 23.58
CA SER C 179 36.86 6.99 23.20
C SER C 179 37.97 7.48 24.14
N LYS C 180 37.79 7.25 25.43
CA LYS C 180 38.79 7.63 26.42
C LYS C 180 40.08 6.91 26.16
N ARG C 181 39.98 5.62 25.86
CA ARG C 181 41.15 4.82 25.55
C ARG C 181 41.86 5.34 24.32
N LEU C 182 41.14 5.57 23.21
CA LEU C 182 41.74 6.20 22.03
C LEU C 182 42.42 7.54 22.32
N LEU C 183 41.75 8.38 23.09
CA LEU C 183 42.36 9.63 23.55
C LEU C 183 43.66 9.37 24.36
N GLY C 184 43.69 8.30 25.14
CA GLY C 184 44.90 7.93 25.91
C GLY C 184 46.05 7.61 24.98
N VAL C 185 45.75 7.04 23.81
CA VAL C 185 46.78 6.66 22.87
C VAL C 185 47.38 7.93 22.26
N LEU C 186 46.49 8.87 21.93
CA LEU C 186 46.88 10.16 21.36
C LEU C 186 47.68 11.00 22.36
N GLU C 187 47.29 10.93 23.61
CA GLU C 187 47.95 11.64 24.68
C GLU C 187 49.39 11.17 24.87
N ALA C 188 49.61 9.86 24.90
CA ALA C 188 50.98 9.32 24.98
C ALA C 188 51.77 9.63 23.69
N ARG C 189 51.14 9.53 22.53
CA ARG C 189 51.82 9.90 21.28
C ARG C 189 52.25 11.40 21.22
N LEU C 190 51.41 12.32 21.69
CA LEU C 190 51.67 13.75 21.56
C LEU C 190 52.46 14.32 22.73
N ASP C 191 52.80 13.47 23.68
CA ASP C 191 53.69 13.87 24.78
C ASP C 191 55.05 14.23 24.22
N GLY C 192 55.38 15.52 24.17
CA GLY C 192 56.63 16.00 23.59
C GLY C 192 56.73 16.09 22.08
N ARG C 193 55.60 16.01 21.38
CA ARG C 193 55.57 16.24 19.94
C ARG C 193 54.68 17.41 19.63
N GLN C 194 55.09 18.21 18.66
CA GLN C 194 54.25 19.29 18.19
C GLN C 194 53.02 18.71 17.44
N TRP C 195 53.30 17.82 16.49
CA TRP C 195 52.26 17.16 15.72
C TRP C 195 52.36 15.66 15.90
N ILE C 196 51.44 14.92 15.29
CA ILE C 196 51.45 13.47 15.42
C ILE C 196 52.77 12.94 14.88
N MET C 197 53.30 13.55 13.81
CA MET C 197 54.60 13.16 13.25
C MET C 197 55.67 14.19 13.59
N ASP C 198 55.72 14.57 14.85
CA ASP C 198 56.82 15.39 15.38
C ASP C 198 56.73 16.82 14.85
N ALA C 199 57.74 17.29 14.15
CA ALA C 199 57.75 18.64 13.59
C ALA C 199 56.97 18.71 12.26
N ASP C 200 56.54 17.58 11.72
CA ASP C 200 55.76 17.57 10.49
C ASP C 200 54.24 17.54 10.77
N TYR C 201 53.55 18.53 10.23
CA TYR C 201 52.12 18.60 10.24
C TYR C 201 51.68 17.85 8.98
N THR C 202 50.83 16.85 9.16
CA THR C 202 50.51 15.93 8.10
C THR C 202 49.03 15.70 8.01
N ILE C 203 48.63 14.97 6.98
CA ILE C 203 47.30 14.43 6.87
C ILE C 203 46.84 13.62 8.12
N ALA C 204 47.75 13.15 8.95
CA ALA C 204 47.32 12.51 10.18
C ALA C 204 46.68 13.53 11.12
N ASP C 205 47.24 14.74 11.21
CA ASP C 205 46.62 15.78 12.03
C ASP C 205 45.34 16.26 11.39
N ILE C 206 45.39 16.43 10.06
CA ILE C 206 44.24 16.95 9.31
C ILE C 206 43.06 16.03 9.51
N ALA C 207 43.32 14.74 9.49
CA ALA C 207 42.26 13.76 9.69
C ALA C 207 41.60 13.81 11.08
N THR C 208 42.37 14.16 12.10
CA THR C 208 42.03 13.85 13.49
C THR C 208 41.46 15.07 14.21
N LEU C 209 41.90 16.27 13.83
CA LEU C 209 41.59 17.47 14.59
C LEU C 209 40.11 17.73 14.67
N GLY C 210 39.41 17.61 13.54
CA GLY C 210 37.99 17.84 13.51
C GLY C 210 37.18 16.88 14.37
N TRP C 211 37.61 15.62 14.43
CA TRP C 211 36.96 14.64 15.27
C TRP C 211 37.15 14.99 16.75
N VAL C 212 38.34 15.44 17.11
CA VAL C 212 38.55 15.80 18.54
C VAL C 212 37.78 17.09 18.91
N ARG C 213 37.81 18.10 18.05
CA ARG C 213 37.01 19.31 18.27
C ARG C 213 35.52 19.02 18.43
N ASN C 214 35.00 18.19 17.54
CA ASN C 214 33.59 17.87 17.55
C ASN C 214 33.16 17.11 18.80
N LEU C 215 34.00 16.19 19.24
CA LEU C 215 33.74 15.45 20.46
C LEU C 215 33.48 16.38 21.63
N ILE C 216 34.27 17.42 21.72
CA ILE C 216 34.24 18.24 22.92
C ILE C 216 33.37 19.48 22.72
N GLY C 217 32.97 19.71 21.48
CA GLY C 217 32.15 20.85 21.14
C GLY C 217 30.77 20.34 20.82
N PHE C 218 30.49 20.16 19.53
CA PHE C 218 29.15 19.80 19.07
C PHE C 218 28.52 18.61 19.80
N TYR C 219 29.28 17.55 20.00
CA TYR C 219 28.78 16.35 20.71
C TYR C 219 28.52 16.58 22.20
N GLY C 220 29.07 17.62 22.80
CA GLY C 220 28.84 17.89 24.23
C GLY C 220 29.45 16.83 25.13
N ALA C 221 30.58 16.26 24.72
CA ALA C 221 31.16 15.10 25.44
C ALA C 221 32.45 15.44 26.19
N ARG C 222 32.74 16.73 26.34
CA ARG C 222 33.98 17.19 26.94
C ARG C 222 34.18 16.65 28.36
N GLU C 223 33.15 16.78 29.18
CA GLU C 223 33.21 16.29 30.57
C GLU C 223 33.08 14.77 30.57
N LEU C 224 32.31 14.25 29.63
CA LEU C 224 32.05 12.82 29.55
C LEU C 224 33.35 12.02 29.39
N VAL C 225 34.28 12.54 28.57
CA VAL C 225 35.54 11.85 28.31
C VAL C 225 36.71 12.41 29.16
N ALA C 226 36.41 13.24 30.15
CA ALA C 226 37.42 13.88 31.01
C ALA C 226 38.53 14.58 30.22
N PHE C 227 38.14 15.32 29.18
CA PHE C 227 39.08 15.92 28.25
C PHE C 227 40.05 16.90 28.92
N ASP C 228 39.55 17.73 29.83
CA ASP C 228 40.36 18.73 30.50
C ASP C 228 41.30 18.13 31.56
N GLU C 229 41.21 16.82 31.81
CA GLU C 229 42.22 16.13 32.61
C GLU C 229 43.46 15.81 31.78
N LEU C 230 43.33 15.83 30.45
CA LEU C 230 44.48 15.63 29.58
C LEU C 230 45.35 16.90 29.41
N THR C 231 46.58 16.69 28.97
CA THR C 231 47.53 17.79 28.71
C THR C 231 47.90 17.93 27.25
N HIS C 232 48.31 16.82 26.65
CA HIS C 232 49.01 16.87 25.37
C HIS C 232 48.05 16.90 24.21
N VAL C 233 46.93 16.22 24.35
CA VAL C 233 45.88 16.33 23.31
C VAL C 233 45.28 17.74 23.24
N PRO C 234 44.98 18.35 24.42
CA PRO C 234 44.41 19.70 24.34
C PRO C 234 45.34 20.74 23.73
N ALA C 235 46.62 20.65 24.08
CA ALA C 235 47.64 21.53 23.53
C ALA C 235 47.76 21.38 22.01
N TRP C 236 47.79 20.14 21.54
CA TRP C 236 47.87 19.84 20.10
C TRP C 236 46.65 20.40 19.39
N LEU C 237 45.49 20.22 20.01
CA LEU C 237 44.24 20.70 19.42
C LEU C 237 44.33 22.20 19.30
N GLU C 238 44.82 22.87 20.34
CA GLU C 238 45.01 24.33 20.27
C GLU C 238 45.92 24.76 19.10
N ARG C 239 47.03 24.04 18.91
CA ARG C 239 47.97 24.35 17.84
C ARG C 239 47.32 24.18 16.45
N GLY C 240 46.56 23.12 16.28
CA GLY C 240 45.84 22.90 15.01
C GLY C 240 44.81 23.99 14.75
N LEU C 241 44.06 24.39 15.78
CA LEU C 241 42.99 25.38 15.63
C LEU C 241 43.49 26.79 15.44
N ALA C 242 44.78 27.01 15.75
CA ALA C 242 45.49 28.24 15.44
C ALA C 242 45.87 28.38 13.95
N ARG C 243 45.71 27.35 13.15
CA ARG C 243 46.09 27.43 11.74
C ARG C 243 44.91 27.99 10.97
N PRO C 244 45.12 29.09 10.22
CA PRO C 244 44.07 29.69 9.39
C PRO C 244 43.28 28.74 8.45
N ALA C 245 43.96 27.80 7.82
CA ALA C 245 43.32 26.85 6.89
C ALA C 245 42.40 25.93 7.63
N VAL C 246 42.78 25.61 8.87
CA VAL C 246 41.94 24.79 9.70
C VAL C 246 40.67 25.59 10.03
N GLN C 247 40.80 26.82 10.49
CA GLN C 247 39.67 27.68 10.80
CA GLN C 247 39.60 27.57 10.83
C GLN C 247 38.75 27.79 9.55
N ARG C 248 39.35 28.04 8.41
CA ARG C 248 38.58 28.12 7.14
C ARG C 248 37.83 26.82 6.84
N GLY C 249 38.55 25.69 6.88
CA GLY C 249 38.01 24.38 6.48
C GLY C 249 36.92 23.82 7.35
N LEU C 250 37.03 24.06 8.65
CA LEU C 250 35.98 23.66 9.58
C LEU C 250 34.56 24.17 9.26
N GLU C 251 34.42 25.25 8.48
CA GLU C 251 33.09 25.82 8.16
C GLU C 251 32.73 25.71 6.67
N ILE C 252 33.43 24.84 5.96
CA ILE C 252 33.15 24.67 4.52
C ILE C 252 32.66 23.27 4.25
N PRO C 253 31.59 23.12 3.44
CA PRO C 253 30.71 24.18 2.95
C PRO C 253 29.76 24.66 4.05
N LYS C 254 29.07 25.76 3.79
CA LYS C 254 28.07 26.25 4.74
C LYS C 254 26.90 25.26 4.78
N ARG C 255 26.31 25.09 5.96
CA ARG C 255 25.27 24.09 6.17
C ARG C 255 24.05 24.48 5.35
N PRO C 256 23.38 23.48 4.74
CA PRO C 256 22.26 23.83 3.87
C PRO C 256 20.96 23.99 4.65
N ASP D 25 69.99 -6.42 14.63
CA ASP D 25 69.38 -5.07 14.44
C ASP D 25 68.02 -4.94 15.14
N LEU D 26 67.35 -6.06 15.40
CA LEU D 26 66.04 -6.01 16.03
C LEU D 26 66.06 -5.87 17.56
N SER D 27 67.23 -5.89 18.20
CA SER D 27 67.28 -5.77 19.66
C SER D 27 66.80 -4.38 20.17
N SER D 28 66.85 -3.38 19.29
CA SER D 28 66.30 -2.06 19.61
C SER D 28 64.77 -1.99 19.47
N PHE D 29 64.12 -3.09 19.13
CA PHE D 29 62.64 -3.18 19.16
C PHE D 29 62.23 -3.99 20.39
N PRO D 30 61.71 -3.32 21.45
CA PRO D 30 61.46 -4.08 22.69
C PRO D 30 60.47 -5.24 22.55
N ILE D 31 59.66 -5.28 21.49
CA ILE D 31 58.76 -6.43 21.32
C ILE D 31 59.49 -7.77 21.21
N THR D 32 60.69 -7.75 20.65
CA THR D 32 61.47 -8.95 20.48
C THR D 32 61.99 -9.52 21.83
N LYS D 33 61.89 -8.76 22.92
CA LYS D 33 62.20 -9.28 24.26
C LYS D 33 61.18 -10.33 24.70
N ARG D 34 59.94 -10.19 24.24
CA ARG D 34 58.90 -11.12 24.66
C ARG D 34 58.61 -12.14 23.55
N TRP D 35 58.74 -11.72 22.29
CA TRP D 35 58.60 -12.63 21.15
C TRP D 35 59.84 -12.59 20.31
N PRO D 36 60.89 -13.32 20.74
CA PRO D 36 62.16 -13.25 20.01
C PRO D 36 62.08 -13.80 18.57
N ALA D 37 62.95 -13.28 17.71
CA ALA D 37 62.99 -13.66 16.31
C ALA D 37 64.00 -14.79 16.08
N GLN D 38 63.54 -15.90 15.49
CA GLN D 38 64.39 -17.01 15.05
C GLN D 38 65.09 -16.63 13.76
N HIS D 39 64.36 -15.93 12.90
CA HIS D 39 64.87 -15.48 11.61
C HIS D 39 64.82 -13.93 11.57
N SER D 40 65.90 -13.28 11.98
CA SER D 40 65.92 -11.81 12.02
C SER D 40 66.01 -11.16 10.64
N ASP D 41 66.21 -11.97 9.60
CA ASP D 41 66.18 -11.51 8.22
C ASP D 41 64.79 -11.63 7.57
N ARG D 42 63.77 -11.98 8.35
CA ARG D 42 62.41 -12.11 7.80
C ARG D 42 61.45 -11.17 8.51
N ILE D 43 60.43 -10.72 7.80
CA ILE D 43 59.32 -9.96 8.39
C ILE D 43 58.77 -10.68 9.62
N GLN D 44 58.62 -9.95 10.72
CA GLN D 44 58.06 -10.52 11.94
C GLN D 44 56.64 -10.11 12.01
N LEU D 45 55.73 -11.09 12.12
CA LEU D 45 54.30 -10.82 12.23
C LEU D 45 53.82 -11.12 13.63
N TYR D 46 53.19 -10.13 14.25
CA TYR D 46 52.64 -10.28 15.59
C TYR D 46 51.12 -10.17 15.49
N SER D 47 50.45 -11.32 15.64
CA SER D 47 49.07 -11.44 15.22
C SER D 47 48.30 -12.58 15.88
N LEU D 48 47.05 -12.70 15.43
CA LEU D 48 46.18 -13.83 15.69
C LEU D 48 45.28 -13.99 14.44
N PRO D 49 44.69 -15.18 14.24
CA PRO D 49 43.89 -15.34 13.01
C PRO D 49 42.46 -14.76 13.16
N THR D 50 42.38 -13.49 13.51
CA THR D 50 41.12 -12.77 13.64
C THR D 50 40.88 -12.03 12.32
N PRO D 51 39.69 -11.47 12.13
CA PRO D 51 39.42 -10.84 10.81
C PRO D 51 40.37 -9.75 10.42
N ASN D 52 40.96 -9.08 11.41
CA ASN D 52 41.98 -8.06 11.14
C ASN D 52 43.37 -8.64 10.96
N GLY D 53 43.73 -9.62 11.77
CA GLY D 53 45.00 -10.29 11.63
C GLY D 53 45.14 -11.04 10.29
N VAL D 54 44.06 -11.65 9.84
CA VAL D 54 44.15 -12.49 8.64
C VAL D 54 44.40 -11.65 7.41
N LYS D 55 44.07 -10.36 7.45
CA LYS D 55 44.38 -9.49 6.32
C LYS D 55 45.87 -9.57 5.96
N VAL D 56 46.71 -9.54 7.00
CA VAL D 56 48.13 -9.40 6.83
C VAL D 56 48.77 -10.75 6.55
N SER D 57 48.35 -11.81 7.26
CA SER D 57 48.86 -13.15 6.98
C SER D 57 48.48 -13.56 5.54
N ILE D 58 47.27 -13.29 5.11
CA ILE D 58 46.89 -13.57 3.71
C ILE D 58 47.75 -12.80 2.72
N MET D 59 47.92 -11.49 2.96
CA MET D 59 48.75 -10.67 2.09
C MET D 59 50.17 -11.23 1.95
N LEU D 60 50.77 -11.56 3.08
CA LEU D 60 52.08 -12.16 3.11
C LEU D 60 52.14 -13.49 2.38
N GLU D 61 51.12 -14.32 2.53
CA GLU D 61 51.05 -15.59 1.82
C GLU D 61 50.87 -15.36 0.33
N GLU D 62 50.03 -14.38 -0.03
CA GLU D 62 49.75 -14.10 -1.44
C GLU D 62 51.02 -13.57 -2.13
N THR D 63 51.78 -12.70 -1.44
CA THR D 63 53.01 -12.14 -2.00
C THR D 63 54.20 -13.10 -2.07
N GLY D 64 54.22 -14.15 -1.24
CA GLY D 64 55.39 -15.03 -1.19
C GLY D 64 56.52 -14.47 -0.33
N LEU D 65 56.31 -13.35 0.36
CA LEU D 65 57.36 -12.81 1.23
C LEU D 65 57.66 -13.79 2.38
N PRO D 66 58.94 -14.05 2.65
CA PRO D 66 59.22 -14.81 3.86
C PRO D 66 58.79 -14.06 5.10
N TYR D 67 58.27 -14.80 6.08
CA TYR D 67 57.93 -14.21 7.36
C TYR D 67 57.84 -15.19 8.50
N GLU D 68 57.87 -14.64 9.71
CA GLU D 68 57.88 -15.40 10.94
C GLU D 68 56.71 -14.93 11.80
N PRO D 69 55.66 -15.75 11.92
CA PRO D 69 54.47 -15.40 12.70
C PRO D 69 54.60 -15.71 14.19
N HIS D 70 54.09 -14.81 15.03
CA HIS D 70 54.02 -14.98 16.48
C HIS D 70 52.57 -14.76 16.92
N ALA D 71 51.98 -15.76 17.54
CA ALA D 71 50.67 -15.60 18.17
C ALA D 71 50.81 -14.71 19.42
N ILE D 72 49.92 -13.72 19.50
CA ILE D 72 49.81 -12.88 20.69
C ILE D 72 48.64 -13.41 21.53
N ASP D 73 48.94 -13.80 22.76
CA ASP D 73 47.94 -14.42 23.64
C ASP D 73 47.13 -13.40 24.45
N PHE D 74 45.97 -13.08 23.91
CA PHE D 74 45.00 -12.17 24.52
C PHE D 74 44.49 -12.74 25.84
N GLY D 75 44.39 -14.06 25.92
CA GLY D 75 44.07 -14.73 27.17
C GLY D 75 44.97 -14.36 28.34
N LYS D 76 46.20 -13.94 28.07
CA LYS D 76 47.10 -13.44 29.12
C LYS D 76 47.33 -11.92 29.03
N ASP D 77 46.51 -11.21 28.25
CA ASP D 77 46.65 -9.76 28.09
C ASP D 77 48.06 -9.40 27.62
N HIS D 78 48.61 -10.22 26.72
CA HIS D 78 49.97 -10.00 26.24
C HIS D 78 50.06 -8.79 25.29
N GLN D 79 48.92 -8.44 24.69
CA GLN D 79 48.81 -7.22 23.87
C GLN D 79 48.82 -5.93 24.71
N LYS D 80 48.76 -6.06 26.01
CA LYS D 80 48.82 -4.93 26.92
C LYS D 80 50.14 -4.88 27.69
N THR D 81 51.05 -5.80 27.37
CA THR D 81 52.42 -5.76 27.90
C THR D 81 53.19 -4.58 27.31
N PRO D 82 54.15 -4.04 28.05
CA PRO D 82 54.92 -2.92 27.56
C PRO D 82 55.76 -3.29 26.35
N GLU D 83 56.10 -4.57 26.23
CA GLU D 83 56.84 -5.05 25.06
C GLU D 83 55.96 -4.94 23.79
N PHE D 84 54.74 -5.43 23.85
CA PHE D 84 53.82 -5.25 22.70
C PHE D 84 53.46 -3.78 22.43
N LEU D 85 53.26 -3.00 23.49
CA LEU D 85 52.84 -1.61 23.35
C LEU D 85 53.94 -0.73 22.72
N SER D 86 55.20 -1.16 22.82
CA SER D 86 56.30 -0.45 22.16
C SER D 86 56.25 -0.52 20.63
N LEU D 87 55.57 -1.51 20.07
CA LEU D 87 55.38 -1.58 18.62
C LEU D 87 54.04 -0.98 18.20
N ASN D 88 52.96 -1.43 18.84
CA ASN D 88 51.64 -0.79 18.66
C ASN D 88 51.10 -0.21 19.94
N PRO D 89 51.18 1.13 20.10
CA PRO D 89 50.72 1.69 21.39
C PRO D 89 49.21 1.56 21.54
N ASN D 90 48.51 1.20 20.46
CA ASN D 90 47.08 1.01 20.50
C ASN D 90 46.69 -0.34 21.09
N GLY D 91 47.66 -1.24 21.26
CA GLY D 91 47.42 -2.52 21.93
C GLY D 91 46.59 -3.53 21.11
N LYS D 92 46.74 -3.53 19.80
CA LYS D 92 45.96 -4.43 18.95
C LYS D 92 46.84 -5.10 17.91
N ILE D 93 46.35 -6.23 17.39
CA ILE D 93 46.99 -6.91 16.27
C ILE D 93 46.21 -6.59 15.02
N PRO D 94 46.82 -6.74 13.84
CA PRO D 94 48.22 -7.13 13.56
C PRO D 94 49.22 -5.98 13.62
N ALA D 95 50.49 -6.35 13.77
CA ALA D 95 51.61 -5.42 13.70
C ALA D 95 52.76 -6.20 13.08
N ILE D 96 53.65 -5.50 12.39
CA ILE D 96 54.83 -6.15 11.84
C ILE D 96 56.09 -5.36 12.09
N ILE D 97 57.20 -6.04 11.96
CA ILE D 97 58.46 -5.39 11.75
C ILE D 97 59.08 -6.00 10.51
N ASP D 98 59.45 -5.16 9.56
CA ASP D 98 60.16 -5.57 8.37
C ASP D 98 61.60 -5.20 8.55
N PRO D 99 62.49 -6.18 8.68
CA PRO D 99 63.90 -5.83 8.89
C PRO D 99 64.52 -5.25 7.64
N ASN D 100 63.94 -5.53 6.47
CA ASN D 100 64.41 -4.95 5.21
C ASN D 100 63.48 -3.81 4.74
N GLY D 101 63.31 -2.84 5.62
CA GLY D 101 62.46 -1.70 5.32
C GLY D 101 63.16 -0.72 4.40
N PRO D 102 62.53 0.46 4.18
CA PRO D 102 63.17 1.50 3.35
C PRO D 102 64.51 1.92 3.93
N GLY D 103 65.48 2.10 3.05
CA GLY D 103 66.86 2.39 3.46
C GLY D 103 67.60 1.17 3.98
N ASP D 104 67.07 -0.03 3.72
CA ASP D 104 67.51 -1.25 4.41
C ASP D 104 67.71 -1.06 5.91
N LYS D 105 66.71 -0.46 6.54
CA LYS D 105 66.61 -0.39 7.98
C LYS D 105 65.29 -1.08 8.37
N PRO D 106 65.22 -1.59 9.60
CA PRO D 106 63.98 -2.18 10.09
C PRO D 106 62.86 -1.14 10.25
N LEU D 107 61.64 -1.48 9.85
CA LEU D 107 60.49 -0.60 10.00
C LEU D 107 59.39 -1.34 10.75
N GLY D 108 58.92 -0.76 11.84
CA GLY D 108 57.75 -1.27 12.54
C GLY D 108 56.48 -0.56 12.07
N LEU D 109 55.43 -1.33 11.85
CA LEU D 109 54.14 -0.81 11.44
C LEU D 109 53.03 -1.51 12.18
N PHE D 110 52.00 -0.76 12.57
CA PHE D 110 50.74 -1.33 13.00
C PHE D 110 49.63 -0.76 12.09
N GLU D 111 48.40 -1.22 12.29
CA GLU D 111 47.24 -0.97 11.42
C GLU D 111 47.26 -1.79 10.14
N SER D 112 46.29 -2.67 10.02
CA SER D 112 46.23 -3.58 8.90
C SER D 112 46.22 -2.81 7.58
N GLY D 113 45.54 -1.67 7.52
CA GLY D 113 45.49 -0.85 6.29
C GLY D 113 46.83 -0.36 5.79
N ALA D 114 47.60 0.25 6.70
CA ALA D 114 48.93 0.75 6.42
C ALA D 114 49.84 -0.39 5.99
N ILE D 115 49.69 -1.54 6.65
CA ILE D 115 50.52 -2.70 6.38
C ILE D 115 50.19 -3.25 4.98
N LEU D 116 48.93 -3.38 4.68
CA LEU D 116 48.55 -3.87 3.36
C LEU D 116 49.09 -2.97 2.27
N GLN D 117 48.96 -1.65 2.43
CA GLN D 117 49.47 -0.70 1.45
CA GLN D 117 49.49 -0.79 1.39
C GLN D 117 51.00 -0.86 1.36
N TYR D 118 51.65 -0.97 2.52
CA TYR D 118 53.09 -1.10 2.58
C TYR D 118 53.61 -2.32 1.86
N LEU D 119 52.98 -3.45 2.10
CA LEU D 119 53.40 -4.70 1.47
C LEU D 119 53.08 -4.68 -0.01
N ALA D 120 52.02 -3.98 -0.40
CA ALA D 120 51.69 -3.91 -1.85
C ALA D 120 52.73 -3.06 -2.59
N GLU D 121 53.20 -2.00 -1.95
CA GLU D 121 54.18 -1.10 -2.56
CA GLU D 121 54.16 -1.10 -2.58
C GLU D 121 55.54 -1.77 -2.55
N LYS D 122 55.85 -2.47 -1.46
CA LYS D 122 57.11 -3.19 -1.37
C LYS D 122 57.27 -4.25 -2.47
N THR D 123 56.20 -4.95 -2.83
CA THR D 123 56.30 -6.13 -3.69
C THR D 123 55.86 -5.81 -5.10
N GLY D 124 55.19 -4.68 -5.30
CA GLY D 124 54.61 -4.36 -6.59
C GLY D 124 53.42 -5.24 -6.93
N GLN D 125 52.81 -5.88 -5.92
CA GLN D 125 51.70 -6.80 -6.16
C GLN D 125 50.43 -6.34 -5.42
N PHE D 126 49.29 -6.61 -6.05
CA PHE D 126 47.96 -6.48 -5.44
C PHE D 126 47.41 -5.06 -5.34
N LEU D 127 48.00 -4.21 -6.16
CA LEU D 127 47.52 -2.86 -6.42
C LEU D 127 47.66 -2.64 -7.91
N PRO D 128 46.60 -2.17 -8.58
CA PRO D 128 46.74 -1.86 -10.01
C PRO D 128 47.89 -0.88 -10.28
N ALA D 129 48.53 -1.02 -11.44
CA ALA D 129 49.59 -0.10 -11.86
C ALA D 129 48.98 1.26 -12.23
N ASP D 130 47.95 1.25 -13.07
CA ASP D 130 47.21 2.46 -13.45
C ASP D 130 46.91 3.40 -12.25
N PRO D 131 47.47 4.63 -12.29
CA PRO D 131 47.31 5.55 -11.17
C PRO D 131 45.87 5.75 -10.69
N ALA D 132 44.91 5.91 -11.60
CA ALA D 132 43.50 6.17 -11.22
C ALA D 132 42.89 4.94 -10.55
N ARG D 133 43.15 3.77 -11.12
CA ARG D 133 42.66 2.54 -10.51
C ARG D 133 43.35 2.31 -9.16
N ARG D 134 44.60 2.74 -9.00
CA ARG D 134 45.25 2.59 -7.69
C ARG D 134 44.47 3.40 -6.67
N TRP D 135 44.13 4.65 -6.99
CA TRP D 135 43.38 5.47 -6.07
C TRP D 135 42.03 4.85 -5.78
N GLN D 136 41.34 4.34 -6.81
CA GLN D 136 40.04 3.68 -6.61
C GLN D 136 40.14 2.50 -5.65
N THR D 137 41.19 1.71 -5.82
CA THR D 137 41.47 0.60 -4.94
C THR D 137 41.60 1.02 -3.48
N LEU D 138 42.36 2.07 -3.24
CA LEU D 138 42.51 2.66 -1.90
C LEU D 138 41.20 3.18 -1.33
N GLN D 139 40.31 3.64 -2.18
CA GLN D 139 38.98 4.05 -1.69
C GLN D 139 38.16 2.84 -1.14
N TRP D 140 38.20 1.72 -1.86
CA TRP D 140 37.56 0.49 -1.35
C TRP D 140 38.31 -0.10 -0.13
N LEU D 141 39.61 0.10 -0.05
CA LEU D 141 40.32 -0.31 1.17
C LEU D 141 39.81 0.47 2.36
N HIS D 142 39.70 1.79 2.21
CA HIS D 142 39.26 2.65 3.32
C HIS D 142 37.81 2.38 3.68
N PHE D 143 37.00 2.04 2.68
CA PHE D 143 35.65 1.60 2.93
C PHE D 143 35.60 0.43 3.88
N GLN D 144 36.46 -0.57 3.67
CA GLN D 144 36.56 -1.70 4.62
C GLN D 144 37.03 -1.25 6.01
N MET D 145 38.05 -0.42 6.02
CA MET D 145 38.70 -0.03 7.30
C MET D 145 37.81 0.86 8.15
N GLY D 146 37.04 1.73 7.52
CA GLY D 146 36.23 2.72 8.25
C GLY D 146 34.80 2.28 8.45
N GLY D 147 34.38 1.25 7.69
CA GLY D 147 32.99 0.83 7.60
C GLY D 147 32.74 -0.61 7.99
N ILE D 148 33.23 -1.54 7.17
CA ILE D 148 33.03 -2.98 7.35
C ILE D 148 33.58 -3.45 8.69
N GLY D 149 34.86 -3.27 8.92
CA GLY D 149 35.46 -3.85 10.12
C GLY D 149 34.79 -3.33 11.39
N PRO D 150 34.72 -2.02 11.54
CA PRO D 150 34.14 -1.47 12.76
C PRO D 150 32.67 -1.81 12.97
N MET D 151 31.85 -1.79 11.90
CA MET D 151 30.45 -2.06 12.07
C MET D 151 30.18 -3.57 12.27
N PHE D 152 30.79 -4.44 11.46
CA PHE D 152 30.67 -5.87 11.71
C PHE D 152 31.17 -6.19 13.14
N GLY D 153 32.22 -5.53 13.58
CA GLY D 153 32.74 -5.71 14.96
C GLY D 153 31.72 -5.32 16.03
N GLN D 154 30.98 -4.23 15.82
CA GLN D 154 29.96 -3.86 16.82
C GLN D 154 28.80 -4.85 16.85
N LEU D 155 28.39 -5.35 15.69
CA LEU D 155 27.39 -6.38 15.60
C LEU D 155 27.80 -7.57 16.46
N GLY D 156 29.03 -8.00 16.27
CA GLY D 156 29.63 -9.05 17.10
C GLY D 156 29.54 -8.80 18.59
N PHE D 157 29.82 -7.59 19.03
CA PHE D 157 29.73 -7.30 20.47
C PHE D 157 28.31 -7.50 20.97
N PHE D 158 27.34 -7.05 20.19
CA PHE D 158 25.93 -7.05 20.64
C PHE D 158 25.19 -8.36 20.35
N HIS D 159 25.74 -9.17 19.46
CA HIS D 159 25.15 -10.45 19.13
C HIS D 159 25.84 -11.64 19.79
N LYS D 160 27.17 -11.61 19.81
CA LYS D 160 28.01 -12.76 20.13
C LYS D 160 28.70 -12.62 21.49
N PHE D 161 29.21 -11.42 21.78
CA PHE D 161 30.02 -11.21 23.00
C PHE D 161 29.23 -10.57 24.13
N ALA D 162 29.83 -9.75 24.98
CA ALA D 162 29.17 -9.35 26.24
C ALA D 162 27.92 -8.51 26.03
N GLY D 163 27.86 -7.81 24.91
CA GLY D 163 26.68 -7.01 24.56
C GLY D 163 25.41 -7.82 24.37
N ARG D 164 25.55 -9.12 24.11
CA ARG D 164 24.37 -9.98 23.91
C ARG D 164 23.55 -10.12 25.18
N GLU D 165 24.14 -9.86 26.34
CA GLU D 165 23.41 -9.94 27.61
C GLU D 165 22.58 -8.67 27.89
N TYR D 166 22.78 -7.59 27.14
CA TYR D 166 21.99 -6.38 27.35
C TYR D 166 20.54 -6.62 26.83
N GLU D 167 19.56 -6.23 27.62
CA GLU D 167 18.17 -6.52 27.32
C GLU D 167 17.67 -5.65 26.18
N ASP D 168 18.15 -4.39 26.11
CA ASP D 168 17.70 -3.44 25.09
C ASP D 168 18.34 -3.80 23.76
N LYS D 169 17.53 -4.25 22.80
CA LYS D 169 18.09 -4.71 21.52
C LYS D 169 18.18 -3.66 20.42
N ARG D 170 17.89 -2.41 20.73
CA ARG D 170 18.08 -1.37 19.70
C ARG D 170 19.54 -1.23 19.20
N PRO D 171 20.54 -1.30 20.11
CA PRO D 171 21.89 -1.31 19.58
C PRO D 171 22.13 -2.45 18.62
N LEU D 172 21.77 -3.68 18.99
CA LEU D 172 21.95 -4.80 18.07
C LEU D 172 21.23 -4.50 16.74
N GLN D 173 19.99 -4.06 16.78
CA GLN D 173 19.25 -3.75 15.55
C GLN D 173 20.00 -2.73 14.68
N ARG D 174 20.56 -1.72 15.31
CA ARG D 174 21.33 -0.69 14.59
C ARG D 174 22.53 -1.27 13.82
N TYR D 175 23.35 -2.08 14.47
CA TYR D 175 24.49 -2.67 13.80
C TYR D 175 24.14 -3.76 12.80
N VAL D 176 23.04 -4.46 13.00
CA VAL D 176 22.54 -5.42 12.02
C VAL D 176 22.10 -4.67 10.75
N ALA D 177 21.33 -3.61 10.91
CA ALA D 177 20.90 -2.81 9.76
C ALA D 177 22.08 -2.21 9.03
N GLU D 178 23.09 -1.74 9.77
CA GLU D 178 24.26 -1.12 9.12
C GLU D 178 25.12 -2.18 8.45
N SER D 179 25.27 -3.34 9.08
CA SER D 179 25.98 -4.47 8.44
C SER D 179 25.24 -4.92 7.16
N LYS D 180 23.93 -4.97 7.17
CA LYS D 180 23.17 -5.29 5.94
C LYS D 180 23.33 -4.20 4.89
N ARG D 181 23.44 -2.93 5.31
CA ARG D 181 23.54 -1.81 4.38
C ARG D 181 24.90 -1.88 3.69
N LEU D 182 25.93 -2.12 4.48
CA LEU D 182 27.29 -2.29 3.96
C LEU D 182 27.41 -3.44 3.00
N LEU D 183 26.79 -4.57 3.35
CA LEU D 183 26.79 -5.73 2.43
C LEU D 183 26.06 -5.39 1.13
N GLY D 184 25.04 -4.53 1.21
CA GLY D 184 24.29 -4.06 0.01
C GLY D 184 25.19 -3.24 -0.90
N VAL D 185 26.10 -2.46 -0.31
CA VAL D 185 27.05 -1.67 -1.10
C VAL D 185 28.03 -2.62 -1.82
N LEU D 186 28.55 -3.64 -1.14
CA LEU D 186 29.37 -4.66 -1.84
C LEU D 186 28.60 -5.45 -2.91
N GLU D 187 27.35 -5.76 -2.63
CA GLU D 187 26.53 -6.59 -3.49
C GLU D 187 26.39 -5.88 -4.83
N ALA D 188 26.11 -4.57 -4.80
CA ALA D 188 25.97 -3.77 -6.04
C ALA D 188 27.34 -3.62 -6.76
N ARG D 189 28.40 -3.47 -6.00
CA ARG D 189 29.74 -3.35 -6.58
C ARG D 189 30.19 -4.63 -7.28
N LEU D 190 29.84 -5.78 -6.70
CA LEU D 190 30.32 -7.08 -7.20
C LEU D 190 29.39 -7.67 -8.29
N ASP D 191 28.25 -7.04 -8.47
CA ASP D 191 27.35 -7.41 -9.60
C ASP D 191 28.13 -7.26 -10.91
N GLY D 192 28.48 -8.38 -11.57
CA GLY D 192 29.25 -8.35 -12.83
C GLY D 192 30.76 -8.12 -12.69
N ARG D 193 31.31 -8.21 -11.49
CA ARG D 193 32.76 -8.08 -11.26
C ARG D 193 33.28 -9.34 -10.58
N GLN D 194 34.47 -9.78 -10.98
CA GLN D 194 35.10 -10.91 -10.33
C GLN D 194 35.59 -10.50 -8.92
N TRP D 195 36.26 -9.36 -8.84
CA TRP D 195 36.81 -8.85 -7.57
C TRP D 195 36.29 -7.43 -7.39
N ILE D 196 36.59 -6.83 -6.26
CA ILE D 196 36.16 -5.45 -6.04
C ILE D 196 36.62 -4.53 -7.18
N MET D 197 37.86 -4.69 -7.67
CA MET D 197 38.40 -3.93 -8.80
C MET D 197 38.36 -4.73 -10.09
N ASP D 198 37.23 -5.39 -10.32
CA ASP D 198 36.96 -6.10 -11.58
C ASP D 198 37.87 -7.31 -11.71
N ALA D 199 38.69 -7.37 -12.76
CA ALA D 199 39.56 -8.51 -13.02
C ALA D 199 40.82 -8.56 -12.13
N ASP D 200 41.11 -7.46 -11.42
CA ASP D 200 42.31 -7.40 -10.59
C ASP D 200 41.97 -7.71 -9.16
N TYR D 201 42.58 -8.76 -8.64
CA TYR D 201 42.47 -9.12 -7.24
C TYR D 201 43.44 -8.22 -6.51
N THR D 202 42.99 -7.58 -5.42
CA THR D 202 43.81 -6.52 -4.82
C THR D 202 43.73 -6.55 -3.31
N ILE D 203 44.43 -5.62 -2.67
CA ILE D 203 44.39 -5.50 -1.19
C ILE D 203 43.00 -5.17 -0.66
N ALA D 204 42.11 -4.65 -1.53
CA ALA D 204 40.72 -4.41 -1.15
C ALA D 204 39.96 -5.71 -0.87
N ASP D 205 40.10 -6.71 -1.74
CA ASP D 205 39.56 -8.05 -1.45
C ASP D 205 40.24 -8.69 -0.22
N ILE D 206 41.55 -8.59 -0.10
CA ILE D 206 42.28 -9.23 1.01
C ILE D 206 41.86 -8.64 2.34
N ALA D 207 41.57 -7.34 2.37
CA ALA D 207 41.07 -6.65 3.58
C ALA D 207 39.67 -7.10 3.98
N THR D 208 38.84 -7.43 2.99
CA THR D 208 37.40 -7.61 3.20
C THR D 208 36.93 -9.08 3.38
N LEU D 209 37.59 -10.04 2.72
CA LEU D 209 37.16 -11.44 2.73
C LEU D 209 37.02 -12.01 4.15
N GLY D 210 38.07 -11.86 4.96
CA GLY D 210 38.04 -12.37 6.31
C GLY D 210 36.87 -11.86 7.14
N TRP D 211 36.59 -10.57 7.03
CA TRP D 211 35.47 -10.00 7.79
C TRP D 211 34.13 -10.57 7.39
N VAL D 212 33.94 -10.82 6.10
CA VAL D 212 32.70 -11.42 5.62
C VAL D 212 32.58 -12.87 6.05
N ARG D 213 33.66 -13.63 5.91
CA ARG D 213 33.69 -14.99 6.43
C ARG D 213 33.39 -15.05 7.94
N ASN D 214 33.99 -14.15 8.70
CA ASN D 214 33.83 -14.11 10.16
C ASN D 214 32.39 -13.81 10.57
N LEU D 215 31.78 -12.86 9.87
CA LEU D 215 30.39 -12.48 10.15
C LEU D 215 29.44 -13.68 10.05
N ILE D 216 29.60 -14.51 9.02
CA ILE D 216 28.70 -15.63 8.77
C ILE D 216 29.19 -16.93 9.37
N GLY D 217 30.43 -16.95 9.88
CA GLY D 217 30.98 -18.12 10.54
C GLY D 217 30.98 -17.93 12.06
N PHE D 218 32.17 -17.63 12.60
CA PHE D 218 32.38 -17.41 14.05
C PHE D 218 31.32 -16.55 14.74
N TYR D 219 30.93 -15.45 14.09
CA TYR D 219 29.94 -14.54 14.66
C TYR D 219 28.50 -15.09 14.66
N GLY D 220 28.24 -16.11 13.86
CA GLY D 220 26.91 -16.72 13.82
C GLY D 220 25.81 -15.75 13.35
N ALA D 221 26.13 -14.88 12.41
CA ALA D 221 25.16 -13.87 11.97
C ALA D 221 24.61 -14.08 10.56
N ARG D 222 24.81 -15.27 10.01
CA ARG D 222 24.46 -15.52 8.62
C ARG D 222 23.00 -15.17 8.32
N GLU D 223 22.09 -15.73 9.10
CA GLU D 223 20.66 -15.49 8.97
C GLU D 223 20.27 -14.11 9.44
N LEU D 224 20.88 -13.68 10.55
CA LEU D 224 20.70 -12.35 11.08
C LEU D 224 20.90 -11.25 10.03
N VAL D 225 21.89 -11.37 9.15
CA VAL D 225 22.07 -10.38 8.05
C VAL D 225 21.47 -10.82 6.69
N ALA D 226 20.71 -11.90 6.67
CA ALA D 226 20.06 -12.39 5.44
C ALA D 226 21.06 -12.62 4.32
N PHE D 227 22.23 -13.15 4.66
CA PHE D 227 23.33 -13.37 3.72
C PHE D 227 22.95 -14.21 2.51
N ASP D 228 22.16 -15.26 2.71
CA ASP D 228 21.86 -16.18 1.60
C ASP D 228 20.79 -15.64 0.66
N GLU D 229 20.26 -14.45 0.96
CA GLU D 229 19.41 -13.73 0.01
C GLU D 229 20.25 -12.95 -1.00
N LEU D 230 21.53 -12.78 -0.69
CA LEU D 230 22.49 -12.13 -1.61
C LEU D 230 22.99 -13.14 -2.65
N THR D 231 23.50 -12.65 -3.77
CA THR D 231 24.11 -13.51 -4.80
C THR D 231 25.60 -13.19 -5.06
N HIS D 232 25.92 -11.92 -5.20
CA HIS D 232 27.20 -11.52 -5.71
C HIS D 232 28.27 -11.56 -4.63
N VAL D 233 27.94 -11.16 -3.41
CA VAL D 233 28.92 -11.23 -2.30
C VAL D 233 29.25 -12.70 -1.95
N PRO D 234 28.23 -13.60 -1.88
CA PRO D 234 28.54 -15.04 -1.71
C PRO D 234 29.45 -15.63 -2.78
N ALA D 235 29.19 -15.34 -4.05
CA ALA D 235 30.02 -15.85 -5.14
C ALA D 235 31.44 -15.28 -5.07
N TRP D 236 31.57 -14.01 -4.71
CA TRP D 236 32.88 -13.40 -4.49
C TRP D 236 33.60 -14.08 -3.33
N LEU D 237 32.92 -14.29 -2.21
CA LEU D 237 33.54 -14.92 -1.04
C LEU D 237 34.04 -16.32 -1.37
N GLU D 238 33.26 -17.06 -2.15
CA GLU D 238 33.68 -18.40 -2.58
C GLU D 238 34.94 -18.36 -3.44
N ARG D 239 34.99 -17.41 -4.38
CA ARG D 239 36.20 -17.20 -5.19
C ARG D 239 37.41 -16.89 -4.30
N GLY D 240 37.25 -16.00 -3.35
CA GLY D 240 38.34 -15.66 -2.42
C GLY D 240 38.82 -16.90 -1.64
N LEU D 241 37.87 -17.61 -1.08
CA LEU D 241 38.16 -18.78 -0.23
C LEU D 241 38.82 -19.92 -1.01
N ALA D 242 38.63 -19.96 -2.32
CA ALA D 242 39.28 -20.97 -3.18
C ALA D 242 40.77 -20.71 -3.46
N ARG D 243 41.29 -19.57 -3.04
CA ARG D 243 42.70 -19.26 -3.26
C ARG D 243 43.53 -19.88 -2.15
N PRO D 244 44.56 -20.69 -2.52
CA PRO D 244 45.41 -21.36 -1.56
C PRO D 244 46.01 -20.44 -0.50
N ALA D 245 46.44 -19.27 -0.92
CA ALA D 245 47.06 -18.31 -0.01
C ALA D 245 46.05 -17.80 1.04
N VAL D 246 44.80 -17.63 0.64
CA VAL D 246 43.72 -17.28 1.58
C VAL D 246 43.52 -18.43 2.57
N GLN D 247 43.45 -19.66 2.08
CA GLN D 247 43.23 -20.76 3.02
CA GLN D 247 43.28 -20.85 2.93
C GLN D 247 44.42 -20.93 3.97
N ARG D 248 45.64 -20.61 3.53
CA ARG D 248 46.81 -20.67 4.42
C ARG D 248 46.77 -19.54 5.45
N GLY D 249 46.55 -18.33 4.96
CA GLY D 249 46.55 -17.14 5.78
C GLY D 249 45.44 -17.11 6.81
N LEU D 250 44.31 -17.72 6.49
CA LEU D 250 43.19 -17.74 7.46
C LEU D 250 43.53 -18.42 8.80
N GLU D 251 44.58 -19.27 8.83
CA GLU D 251 44.93 -20.03 10.04
C GLU D 251 46.31 -19.73 10.60
N ILE D 252 46.85 -18.56 10.25
CA ILE D 252 48.18 -18.17 10.71
C ILE D 252 48.11 -16.85 11.46
N PRO D 253 48.74 -16.75 12.65
CA PRO D 253 49.44 -17.79 13.36
C PRO D 253 48.46 -18.74 14.00
N LYS D 254 48.94 -19.91 14.41
CA LYS D 254 48.12 -20.85 15.16
C LYS D 254 47.73 -20.24 16.50
N ARG D 255 46.55 -20.61 17.00
CA ARG D 255 45.99 -20.01 18.20
C ARG D 255 46.73 -20.55 19.41
N PRO D 256 47.10 -19.68 20.36
CA PRO D 256 47.80 -20.13 21.57
C PRO D 256 46.83 -20.68 22.63
N ASP E 25 -43.57 -26.64 -31.84
CA ASP E 25 -42.67 -27.70 -31.30
C ASP E 25 -43.34 -28.52 -30.19
N LEU E 26 -44.12 -27.87 -29.31
CA LEU E 26 -44.70 -28.56 -28.14
C LEU E 26 -46.12 -29.13 -28.33
N SER E 27 -46.74 -28.91 -29.48
CA SER E 27 -48.13 -29.34 -29.70
C SER E 27 -48.35 -30.85 -29.65
N SER E 28 -47.29 -31.65 -29.85
CA SER E 28 -47.37 -33.10 -29.66
C SER E 28 -47.33 -33.54 -28.18
N PHE E 29 -47.20 -32.60 -27.25
CA PHE E 29 -47.40 -32.91 -25.82
C PHE E 29 -48.80 -32.47 -25.45
N PRO E 30 -49.71 -33.45 -25.25
CA PRO E 30 -51.12 -33.07 -25.05
C PRO E 30 -51.39 -32.14 -23.86
N ILE E 31 -50.49 -32.09 -22.89
CA ILE E 31 -50.71 -31.20 -21.76
C ILE E 31 -50.82 -29.73 -22.17
N THR E 32 -50.15 -29.36 -23.26
CA THR E 32 -50.22 -27.99 -23.79
C THR E 32 -51.59 -27.60 -24.37
N LYS E 33 -52.47 -28.58 -24.59
CA LYS E 33 -53.84 -28.28 -24.99
C LYS E 33 -54.58 -27.59 -23.85
N ARG E 34 -54.19 -27.90 -22.62
CA ARG E 34 -54.88 -27.39 -21.44
C ARG E 34 -54.10 -26.25 -20.83
N TRP E 35 -52.77 -26.37 -20.81
CA TRP E 35 -51.89 -25.34 -20.28
C TRP E 35 -50.93 -24.86 -21.36
N PRO E 36 -51.41 -24.04 -22.33
CA PRO E 36 -50.59 -23.63 -23.47
C PRO E 36 -49.36 -22.86 -23.05
N ALA E 37 -48.27 -23.10 -23.75
CA ALA E 37 -47.04 -22.35 -23.55
C ALA E 37 -47.15 -20.98 -24.19
N GLN E 38 -47.07 -19.93 -23.38
CA GLN E 38 -46.86 -18.56 -23.91
C GLN E 38 -45.40 -18.36 -24.44
N HIS E 39 -44.47 -19.19 -23.98
CA HIS E 39 -43.04 -19.11 -24.31
C HIS E 39 -42.45 -20.50 -24.53
N SER E 40 -42.61 -21.00 -25.75
CA SER E 40 -42.28 -22.39 -26.07
C SER E 40 -40.77 -22.63 -26.30
N ASP E 41 -39.97 -21.58 -26.10
CA ASP E 41 -38.52 -21.68 -26.05
C ASP E 41 -38.05 -21.79 -24.58
N ARG E 42 -38.98 -21.87 -23.62
CA ARG E 42 -38.64 -21.99 -22.19
C ARG E 42 -39.17 -23.27 -21.60
N ILE E 43 -38.52 -23.74 -20.56
CA ILE E 43 -38.99 -24.86 -19.77
C ILE E 43 -40.38 -24.57 -19.24
N GLN E 44 -41.28 -25.54 -19.40
CA GLN E 44 -42.63 -25.44 -18.86
C GLN E 44 -42.64 -26.19 -17.56
N LEU E 45 -43.07 -25.52 -16.49
CA LEU E 45 -43.21 -26.14 -15.19
C LEU E 45 -44.69 -26.30 -14.85
N TYR E 46 -45.12 -27.53 -14.62
CA TYR E 46 -46.49 -27.83 -14.23
C TYR E 46 -46.46 -28.20 -12.76
N SER E 47 -46.89 -27.27 -11.90
CA SER E 47 -46.64 -27.43 -10.48
C SER E 47 -47.59 -26.70 -9.55
N LEU E 48 -47.24 -26.76 -8.26
CA LEU E 48 -47.88 -26.05 -7.19
C LEU E 48 -46.80 -25.88 -6.11
N PRO E 49 -46.92 -24.84 -5.26
CA PRO E 49 -45.89 -24.56 -4.24
C PRO E 49 -46.03 -25.44 -3.01
N THR E 50 -46.03 -26.75 -3.25
CA THR E 50 -46.02 -27.75 -2.20
C THR E 50 -44.58 -28.20 -1.99
N PRO E 51 -44.33 -28.95 -0.91
CA PRO E 51 -42.96 -29.41 -0.62
C PRO E 51 -42.27 -30.15 -1.77
N ASN E 52 -43.03 -30.92 -2.56
CA ASN E 52 -42.45 -31.54 -3.75
C ASN E 52 -42.29 -30.56 -4.92
N GLY E 53 -43.27 -29.68 -5.10
CA GLY E 53 -43.24 -28.74 -6.21
C GLY E 53 -42.17 -27.66 -6.03
N VAL E 54 -41.94 -27.21 -4.80
CA VAL E 54 -40.93 -26.19 -4.59
C VAL E 54 -39.48 -26.66 -4.83
N LYS E 55 -39.24 -27.97 -4.76
CA LYS E 55 -37.91 -28.47 -5.08
C LYS E 55 -37.52 -28.00 -6.48
N VAL E 56 -38.49 -28.07 -7.42
CA VAL E 56 -38.19 -27.78 -8.83
C VAL E 56 -38.21 -26.28 -9.12
N SER E 57 -39.18 -25.54 -8.58
CA SER E 57 -39.16 -24.09 -8.73
C SER E 57 -37.90 -23.48 -8.11
N ILE E 58 -37.52 -23.94 -6.92
CA ILE E 58 -36.24 -23.48 -6.31
C ILE E 58 -35.01 -23.79 -7.20
N MET E 59 -34.93 -25.01 -7.71
CA MET E 59 -33.84 -25.36 -8.60
C MET E 59 -33.76 -24.48 -9.83
N LEU E 60 -34.89 -24.27 -10.49
CA LEU E 60 -34.95 -23.36 -11.61
C LEU E 60 -34.55 -21.91 -11.27
N GLU E 61 -34.97 -21.45 -10.11
CA GLU E 61 -34.56 -20.12 -9.65
C GLU E 61 -33.08 -20.08 -9.36
N GLU E 62 -32.56 -21.12 -8.74
CA GLU E 62 -31.13 -21.14 -8.34
C GLU E 62 -30.25 -21.13 -9.60
N THR E 63 -30.68 -21.86 -10.63
CA THR E 63 -29.94 -21.93 -11.87
C THR E 63 -30.09 -20.67 -12.72
N GLY E 64 -31.20 -19.95 -12.58
CA GLY E 64 -31.48 -18.81 -13.45
C GLY E 64 -32.06 -19.22 -14.81
N LEU E 65 -32.41 -20.49 -14.98
CA LEU E 65 -32.94 -20.94 -16.26
C LEU E 65 -34.29 -20.29 -16.56
N PRO E 66 -34.46 -19.74 -17.78
CA PRO E 66 -35.80 -19.27 -18.12
C PRO E 66 -36.84 -20.40 -18.02
N TYR E 67 -37.96 -20.12 -17.38
CA TYR E 67 -39.09 -21.06 -17.36
C TYR E 67 -40.44 -20.36 -17.24
N GLU E 68 -41.50 -21.10 -17.59
CA GLU E 68 -42.87 -20.59 -17.59
C GLU E 68 -43.70 -21.49 -16.67
N PRO E 69 -44.11 -20.98 -15.48
CA PRO E 69 -44.83 -21.85 -14.54
C PRO E 69 -46.32 -21.89 -14.78
N HIS E 70 -46.94 -23.04 -14.57
CA HIS E 70 -48.37 -23.16 -14.65
C HIS E 70 -48.88 -23.89 -13.43
N ALA E 71 -49.78 -23.25 -12.70
CA ALA E 71 -50.43 -23.88 -11.56
C ALA E 71 -51.45 -24.94 -12.05
N ILE E 72 -51.44 -26.09 -11.39
CA ILE E 72 -52.38 -27.17 -11.67
C ILE E 72 -53.47 -27.18 -10.58
N ASP E 73 -54.69 -26.86 -10.97
CA ASP E 73 -55.83 -26.79 -10.03
C ASP E 73 -56.44 -28.17 -9.68
N PHE E 74 -56.04 -28.65 -8.51
CA PHE E 74 -56.53 -29.90 -7.97
C PHE E 74 -57.98 -29.83 -7.57
N GLY E 75 -58.42 -28.65 -7.12
CA GLY E 75 -59.82 -28.41 -6.83
C GLY E 75 -60.74 -28.56 -8.03
N LYS E 76 -60.16 -28.74 -9.21
CA LYS E 76 -60.91 -29.09 -10.40
C LYS E 76 -60.51 -30.46 -10.99
N ASP E 77 -59.72 -31.23 -10.23
CA ASP E 77 -59.13 -32.50 -10.68
C ASP E 77 -58.38 -32.39 -12.02
N HIS E 78 -57.60 -31.32 -12.19
CA HIS E 78 -56.96 -31.08 -13.48
C HIS E 78 -55.82 -32.05 -13.69
N GLN E 79 -55.27 -32.49 -12.56
CA GLN E 79 -54.22 -33.48 -12.53
C GLN E 79 -54.68 -34.90 -12.90
N LYS E 80 -56.00 -35.11 -12.98
CA LYS E 80 -56.54 -36.38 -13.47
C LYS E 80 -57.10 -36.25 -14.88
N THR E 81 -56.77 -35.18 -15.59
CA THR E 81 -57.25 -35.05 -16.99
C THR E 81 -56.36 -35.86 -17.96
N PRO E 82 -56.91 -36.28 -19.11
CA PRO E 82 -56.01 -36.97 -20.06
C PRO E 82 -54.78 -36.13 -20.46
N GLU E 83 -54.96 -34.81 -20.53
CA GLU E 83 -53.88 -33.89 -20.86
C GLU E 83 -52.77 -33.94 -19.80
N PHE E 84 -53.11 -33.74 -18.55
CA PHE E 84 -52.05 -33.83 -17.53
C PHE E 84 -51.42 -35.25 -17.47
N LEU E 85 -52.25 -36.30 -17.46
CA LEU E 85 -51.75 -37.65 -17.32
C LEU E 85 -50.86 -38.09 -18.49
N SER E 86 -51.04 -37.44 -19.64
CA SER E 86 -50.19 -37.67 -20.81
C SER E 86 -48.76 -37.24 -20.52
N LEU E 87 -48.55 -36.41 -19.50
CA LEU E 87 -47.20 -36.05 -19.11
C LEU E 87 -46.79 -36.84 -17.89
N ASN E 88 -47.63 -36.84 -16.86
CA ASN E 88 -47.35 -37.65 -15.67
C ASN E 88 -48.48 -38.61 -15.41
N PRO E 89 -48.30 -39.90 -15.78
CA PRO E 89 -49.43 -40.82 -15.58
C PRO E 89 -49.69 -41.14 -14.11
N ASN E 90 -48.76 -40.78 -13.24
CA ASN E 90 -48.99 -40.84 -11.81
C ASN E 90 -49.90 -39.72 -11.27
N GLY E 91 -50.23 -38.74 -12.11
CA GLY E 91 -51.14 -37.64 -11.73
C GLY E 91 -50.69 -36.78 -10.55
N LYS E 92 -49.40 -36.52 -10.45
CA LYS E 92 -48.87 -35.68 -9.37
C LYS E 92 -47.99 -34.59 -9.94
N ILE E 93 -47.81 -33.51 -9.18
CA ILE E 93 -46.87 -32.43 -9.54
C ILE E 93 -45.60 -32.68 -8.73
N PRO E 94 -44.44 -32.16 -9.16
CA PRO E 94 -44.20 -31.34 -10.34
C PRO E 94 -43.88 -32.17 -11.54
N ALA E 95 -44.08 -31.58 -12.72
CA ALA E 95 -43.60 -32.14 -13.98
C ALA E 95 -43.10 -30.97 -14.82
N ILE E 96 -42.17 -31.25 -15.74
CA ILE E 96 -41.70 -30.26 -16.66
C ILE E 96 -41.67 -30.78 -18.09
N ILE E 97 -41.64 -29.83 -19.02
CA ILE E 97 -41.20 -30.09 -20.37
C ILE E 97 -40.08 -29.12 -20.70
N ASP E 98 -38.92 -29.62 -21.10
CA ASP E 98 -37.83 -28.76 -21.53
C ASP E 98 -37.86 -28.81 -23.03
N PRO E 99 -38.26 -27.70 -23.69
CA PRO E 99 -38.25 -27.76 -25.16
C PRO E 99 -36.84 -27.98 -25.74
N ASN E 100 -35.80 -27.66 -24.97
CA ASN E 100 -34.42 -27.78 -25.44
C ASN E 100 -33.73 -28.91 -24.74
N GLY E 101 -34.31 -30.11 -24.90
CA GLY E 101 -33.85 -31.28 -24.17
C GLY E 101 -32.59 -31.83 -24.82
N PRO E 102 -32.18 -33.04 -24.42
CA PRO E 102 -31.07 -33.76 -25.09
C PRO E 102 -31.30 -33.87 -26.58
N GLY E 103 -30.28 -33.53 -27.37
CA GLY E 103 -30.39 -33.55 -28.83
C GLY E 103 -31.17 -32.35 -29.37
N ASP E 104 -31.20 -31.26 -28.59
CA ASP E 104 -32.11 -30.11 -28.83
C ASP E 104 -33.51 -30.58 -29.31
N LYS E 105 -34.08 -31.50 -28.54
CA LYS E 105 -35.42 -32.04 -28.76
C LYS E 105 -36.16 -31.88 -27.45
N PRO E 106 -37.49 -31.67 -27.50
CA PRO E 106 -38.24 -31.52 -26.25
C PRO E 106 -38.24 -32.80 -25.38
N LEU E 107 -38.11 -32.65 -24.07
CA LEU E 107 -38.11 -33.78 -23.18
C LEU E 107 -39.08 -33.52 -22.05
N GLY E 108 -39.96 -34.47 -21.80
CA GLY E 108 -40.88 -34.37 -20.68
C GLY E 108 -40.37 -35.24 -19.56
N LEU E 109 -40.46 -34.72 -18.35
CA LEU E 109 -40.08 -35.45 -17.17
C LEU E 109 -41.03 -35.25 -16.04
N PHE E 110 -41.30 -36.32 -15.29
CA PHE E 110 -41.93 -36.18 -13.98
C PHE E 110 -40.99 -36.73 -12.91
N GLU E 111 -41.40 -36.59 -11.65
CA GLU E 111 -40.63 -36.97 -10.46
C GLU E 111 -39.63 -35.92 -10.11
N SER E 112 -39.85 -35.26 -8.98
CA SER E 112 -38.99 -34.17 -8.57
C SER E 112 -37.51 -34.60 -8.56
N GLY E 113 -37.23 -35.84 -8.14
CA GLY E 113 -35.84 -36.33 -8.07
C GLY E 113 -35.16 -36.45 -9.41
N ALA E 114 -35.86 -37.01 -10.38
CA ALA E 114 -35.32 -37.08 -11.71
C ALA E 114 -35.13 -35.68 -12.29
N ILE E 115 -36.06 -34.79 -12.02
CA ILE E 115 -35.99 -33.41 -12.53
C ILE E 115 -34.77 -32.66 -11.90
N LEU E 116 -34.59 -32.77 -10.59
CA LEU E 116 -33.42 -32.17 -9.97
C LEU E 116 -32.11 -32.69 -10.60
N GLN E 117 -31.99 -34.00 -10.80
CA GLN E 117 -30.79 -34.57 -11.42
C GLN E 117 -30.60 -34.08 -12.86
N TYR E 118 -31.69 -34.01 -13.61
CA TYR E 118 -31.66 -33.53 -14.99
C TYR E 118 -31.18 -32.10 -15.10
N LEU E 119 -31.78 -31.23 -14.29
CA LEU E 119 -31.38 -29.84 -14.25
C LEU E 119 -29.94 -29.63 -13.79
N ALA E 120 -29.44 -30.47 -12.88
CA ALA E 120 -28.05 -30.32 -12.45
C ALA E 120 -27.08 -30.70 -13.60
N GLU E 121 -27.44 -31.70 -14.40
CA GLU E 121 -26.70 -32.01 -15.63
C GLU E 121 -26.77 -30.87 -16.62
N LYS E 122 -27.98 -30.34 -16.84
CA LYS E 122 -28.22 -29.30 -17.84
C LYS E 122 -27.41 -28.02 -17.58
N THR E 123 -27.27 -27.66 -16.31
CA THR E 123 -26.63 -26.42 -15.89
C THR E 123 -25.22 -26.57 -15.36
N GLY E 124 -24.81 -27.79 -15.12
CA GLY E 124 -23.47 -28.04 -14.58
C GLY E 124 -23.29 -27.54 -13.15
N GLN E 125 -24.38 -27.47 -12.41
CA GLN E 125 -24.35 -26.87 -11.05
C GLN E 125 -25.15 -27.65 -10.06
N PHE E 126 -24.84 -27.43 -8.78
CA PHE E 126 -25.60 -27.98 -7.66
C PHE E 126 -25.38 -29.48 -7.45
N LEU E 127 -24.29 -29.97 -8.05
CA LEU E 127 -23.62 -31.23 -7.69
C LEU E 127 -22.13 -30.95 -7.58
N PRO E 128 -21.46 -31.66 -6.67
CA PRO E 128 -20.04 -31.43 -6.53
C PRO E 128 -19.26 -31.88 -7.75
N ALA E 129 -18.11 -31.24 -7.97
CA ALA E 129 -17.20 -31.59 -9.07
C ALA E 129 -16.66 -33.00 -8.90
N ASP E 130 -16.21 -33.32 -7.70
CA ASP E 130 -15.59 -34.60 -7.42
C ASP E 130 -16.56 -35.82 -7.63
N PRO E 131 -16.17 -36.81 -8.46
CA PRO E 131 -17.09 -37.93 -8.75
C PRO E 131 -17.63 -38.68 -7.50
N ALA E 132 -16.77 -39.01 -6.54
CA ALA E 132 -17.25 -39.63 -5.28
C ALA E 132 -18.25 -38.76 -4.52
N ARG E 133 -17.99 -37.45 -4.48
CA ARG E 133 -18.92 -36.57 -3.78
C ARG E 133 -20.25 -36.41 -4.51
N ARG E 134 -20.21 -36.50 -5.83
CA ARG E 134 -21.42 -36.53 -6.63
C ARG E 134 -22.28 -37.75 -6.24
N TRP E 135 -21.67 -38.92 -6.15
CA TRP E 135 -22.42 -40.12 -5.74
C TRP E 135 -22.93 -39.98 -4.32
N GLN E 136 -22.07 -39.47 -3.42
CA GLN E 136 -22.53 -39.19 -2.06
C GLN E 136 -23.73 -38.24 -1.99
N THR E 137 -23.73 -37.22 -2.84
CA THR E 137 -24.88 -36.30 -2.91
C THR E 137 -26.18 -37.05 -3.29
N LEU E 138 -26.10 -38.01 -4.19
CA LEU E 138 -27.28 -38.76 -4.60
C LEU E 138 -27.79 -39.66 -3.48
N GLN E 139 -26.92 -40.12 -2.59
CA GLN E 139 -27.41 -40.83 -1.40
C GLN E 139 -28.38 -39.96 -0.63
N TRP E 140 -27.97 -38.70 -0.36
CA TRP E 140 -28.80 -37.80 0.43
C TRP E 140 -30.05 -37.33 -0.33
N LEU E 141 -29.93 -37.17 -1.64
CA LEU E 141 -31.14 -36.95 -2.41
C LEU E 141 -32.14 -38.10 -2.21
N HIS E 142 -31.68 -39.35 -2.35
CA HIS E 142 -32.55 -40.51 -2.20
C HIS E 142 -33.07 -40.69 -0.78
N PHE E 143 -32.28 -40.30 0.22
CA PHE E 143 -32.75 -40.27 1.61
C PHE E 143 -33.95 -39.38 1.75
N GLN E 144 -33.90 -38.22 1.11
CA GLN E 144 -35.04 -37.33 1.07
C GLN E 144 -36.25 -37.91 0.34
N MET E 145 -36.02 -38.45 -0.83
CA MET E 145 -37.09 -38.94 -1.70
C MET E 145 -37.84 -40.16 -1.12
N GLY E 146 -37.11 -41.05 -0.48
CA GLY E 146 -37.68 -42.30 0.05
C GLY E 146 -37.95 -42.23 1.55
N GLY E 147 -37.33 -41.28 2.24
CA GLY E 147 -37.48 -41.12 3.71
C GLY E 147 -38.26 -39.89 4.15
N ILE E 148 -37.70 -38.71 3.95
CA ILE E 148 -38.25 -37.45 4.45
C ILE E 148 -39.62 -37.17 3.81
N GLY E 149 -39.68 -37.15 2.49
CA GLY E 149 -40.92 -36.80 1.83
C GLY E 149 -42.09 -37.68 2.23
N PRO E 150 -41.95 -38.98 2.03
CA PRO E 150 -43.07 -39.88 2.35
C PRO E 150 -43.43 -39.83 3.81
N MET E 151 -42.45 -39.77 4.72
CA MET E 151 -42.77 -39.84 6.14
C MET E 151 -43.35 -38.52 6.68
N PHE E 152 -42.73 -37.39 6.33
CA PHE E 152 -43.29 -36.10 6.68
C PHE E 152 -44.73 -35.98 6.09
N GLY E 153 -44.91 -36.42 4.85
CA GLY E 153 -46.23 -36.40 4.21
C GLY E 153 -47.27 -37.25 4.95
N GLN E 154 -46.86 -38.41 5.49
CA GLN E 154 -47.83 -39.18 6.26
C GLN E 154 -48.16 -38.49 7.59
N LEU E 155 -47.16 -37.88 8.23
CA LEU E 155 -47.45 -37.08 9.44
C LEU E 155 -48.45 -35.98 9.06
N GLY E 156 -48.24 -35.37 7.90
CA GLY E 156 -49.20 -34.40 7.38
C GLY E 156 -50.64 -34.89 7.37
N PHE E 157 -50.84 -36.08 6.82
CA PHE E 157 -52.17 -36.59 6.65
C PHE E 157 -52.81 -36.76 8.00
N PHE E 158 -52.05 -37.27 8.98
CA PHE E 158 -52.62 -37.55 10.29
C PHE E 158 -52.67 -36.39 11.28
N HIS E 159 -52.00 -35.28 10.97
CA HIS E 159 -51.97 -34.11 11.85
C HIS E 159 -52.66 -32.89 11.25
N LYS E 160 -52.54 -32.75 9.93
CA LYS E 160 -53.00 -31.54 9.24
C LYS E 160 -54.21 -31.82 8.38
N PHE E 161 -54.23 -32.92 7.64
CA PHE E 161 -55.35 -33.20 6.71
C PHE E 161 -56.38 -34.17 7.29
N ALA E 162 -57.09 -34.93 6.42
CA ALA E 162 -58.30 -35.67 6.85
C ALA E 162 -58.05 -36.65 7.99
N GLY E 163 -56.86 -37.24 8.00
CA GLY E 163 -56.50 -38.22 9.03
C GLY E 163 -56.46 -37.63 10.43
N ARG E 164 -56.46 -36.30 10.56
CA ARG E 164 -56.50 -35.65 11.89
C ARG E 164 -57.84 -35.85 12.60
N GLU E 165 -58.89 -36.13 11.86
CA GLU E 165 -60.20 -36.43 12.45
C GLU E 165 -60.25 -37.80 13.15
N TYR E 166 -59.31 -38.69 12.81
CA TYR E 166 -59.28 -40.04 13.41
C TYR E 166 -58.93 -39.92 14.88
N GLU E 167 -59.78 -40.48 15.73
CA GLU E 167 -59.68 -40.33 17.19
C GLU E 167 -58.47 -41.04 17.77
N ASP E 168 -58.16 -42.23 17.25
CA ASP E 168 -57.00 -42.97 17.74
C ASP E 168 -55.76 -42.43 17.09
N LYS E 169 -54.75 -42.11 17.91
CA LYS E 169 -53.57 -41.38 17.46
C LYS E 169 -52.33 -42.25 17.28
N ARG E 170 -52.46 -43.56 17.33
CA ARG E 170 -51.29 -44.43 17.10
C ARG E 170 -50.69 -44.24 15.70
N PRO E 171 -51.53 -44.06 14.66
CA PRO E 171 -50.91 -43.80 13.35
C PRO E 171 -50.10 -42.50 13.33
N LEU E 172 -50.67 -41.44 13.88
CA LEU E 172 -49.97 -40.19 14.01
C LEU E 172 -48.68 -40.39 14.79
N GLN E 173 -48.74 -41.11 15.91
CA GLN E 173 -47.56 -41.30 16.77
C GLN E 173 -46.44 -42.03 16.03
N ARG E 174 -46.80 -43.01 15.20
CA ARG E 174 -45.83 -43.70 14.33
C ARG E 174 -45.05 -42.74 13.41
N TYR E 175 -45.77 -41.83 12.75
CA TYR E 175 -45.13 -40.89 11.80
C TYR E 175 -44.44 -39.69 12.48
N VAL E 176 -44.88 -39.33 13.67
CA VAL E 176 -44.14 -38.42 14.52
C VAL E 176 -42.79 -39.05 14.89
N ALA E 177 -42.82 -40.28 15.39
CA ALA E 177 -41.57 -40.94 15.82
C ALA E 177 -40.63 -41.09 14.65
N GLU E 178 -41.16 -41.45 13.49
CA GLU E 178 -40.28 -41.62 12.33
C GLU E 178 -39.74 -40.28 11.82
N SER E 179 -40.57 -39.24 11.84
CA SER E 179 -40.14 -37.93 11.40
C SER E 179 -39.05 -37.39 12.33
N LYS E 180 -39.22 -37.55 13.64
CA LYS E 180 -38.14 -37.24 14.60
C LYS E 180 -36.85 -38.03 14.35
N ARG E 181 -36.98 -39.32 14.07
CA ARG E 181 -35.81 -40.16 13.81
C ARG E 181 -35.07 -39.63 12.59
N LEU E 182 -35.81 -39.30 11.54
CA LEU E 182 -35.23 -38.77 10.31
C LEU E 182 -34.55 -37.42 10.56
N LEU E 183 -35.23 -36.55 11.27
CA LEU E 183 -34.62 -35.26 11.65
C LEU E 183 -33.36 -35.49 12.47
N GLY E 184 -33.32 -36.61 13.21
CA GLY E 184 -32.14 -36.94 14.03
C GLY E 184 -30.99 -37.32 13.12
N VAL E 185 -31.28 -37.92 11.96
CA VAL E 185 -30.24 -38.27 10.99
C VAL E 185 -29.67 -36.97 10.40
N LEU E 186 -30.56 -36.08 9.96
CA LEU E 186 -30.13 -34.76 9.48
C LEU E 186 -29.32 -34.00 10.54
N GLU E 187 -29.80 -33.98 11.77
CA GLU E 187 -29.12 -33.27 12.85
C GLU E 187 -27.65 -33.71 13.07
N ALA E 188 -27.39 -35.01 13.03
CA ALA E 188 -26.02 -35.51 13.16
C ALA E 188 -25.20 -35.17 11.90
N ARG E 189 -25.82 -35.26 10.72
CA ARG E 189 -25.12 -34.92 9.48
C ARG E 189 -24.68 -33.44 9.39
N LEU E 190 -25.57 -32.53 9.84
CA LEU E 190 -25.35 -31.09 9.75
C LEU E 190 -24.59 -30.57 10.94
N ASP E 191 -24.21 -31.45 11.86
CA ASP E 191 -23.33 -31.04 12.99
C ASP E 191 -21.95 -30.74 12.42
N GLY E 192 -21.59 -29.46 12.38
CA GLY E 192 -20.32 -28.99 11.78
C GLY E 192 -20.27 -28.94 10.26
N ARG E 193 -21.41 -28.93 9.58
CA ARG E 193 -21.44 -28.72 8.13
C ARG E 193 -22.35 -27.54 7.80
N GLN E 194 -21.99 -26.75 6.80
CA GLN E 194 -22.82 -25.64 6.34
C GLN E 194 -24.03 -26.19 5.57
N TRP E 195 -23.75 -27.12 4.67
CA TRP E 195 -24.78 -27.81 3.93
C TRP E 195 -24.62 -29.34 4.07
N ILE E 196 -25.61 -30.06 3.54
CA ILE E 196 -25.59 -31.50 3.57
C ILE E 196 -24.26 -32.02 2.99
N MET E 197 -23.78 -31.43 1.89
CA MET E 197 -22.47 -31.75 1.37
C MET E 197 -21.41 -30.72 1.77
N ASP E 198 -21.38 -30.35 3.04
CA ASP E 198 -20.33 -29.45 3.55
C ASP E 198 -20.40 -28.06 2.93
N ALA E 199 -19.35 -27.65 2.22
CA ALA E 199 -19.31 -26.30 1.63
C ALA E 199 -20.14 -26.19 0.33
N ASP E 200 -20.54 -27.33 -0.22
CA ASP E 200 -21.30 -27.35 -1.49
C ASP E 200 -22.80 -27.41 -1.21
N TYR E 201 -23.51 -26.38 -1.69
CA TYR E 201 -24.95 -26.33 -1.69
C TYR E 201 -25.39 -27.12 -2.92
N THR E 202 -26.24 -28.12 -2.73
CA THR E 202 -26.52 -29.06 -3.80
C THR E 202 -27.99 -29.36 -3.90
N ILE E 203 -28.36 -30.16 -4.90
CA ILE E 203 -29.73 -30.62 -5.03
C ILE E 203 -30.26 -31.37 -3.79
N ALA E 204 -29.35 -31.94 -3.00
CA ALA E 204 -29.73 -32.50 -1.70
C ALA E 204 -30.38 -31.48 -0.75
N ASP E 205 -29.77 -30.31 -0.60
CA ASP E 205 -30.40 -29.24 0.21
C ASP E 205 -31.70 -28.76 -0.46
N ILE E 206 -31.63 -28.51 -1.75
CA ILE E 206 -32.81 -28.03 -2.51
C ILE E 206 -34.00 -29.00 -2.33
N ALA E 207 -33.73 -30.30 -2.28
CA ALA E 207 -34.80 -31.31 -2.17
C ALA E 207 -35.43 -31.38 -0.79
N THR E 208 -34.66 -30.98 0.22
CA THR E 208 -35.01 -31.20 1.62
C THR E 208 -35.52 -29.96 2.35
N LEU E 209 -35.06 -28.77 1.96
CA LEU E 209 -35.44 -27.54 2.70
C LEU E 209 -36.95 -27.31 2.77
N GLY E 210 -37.63 -27.45 1.64
CA GLY E 210 -39.04 -27.19 1.58
C GLY E 210 -39.88 -28.06 2.49
N TRP E 211 -39.50 -29.33 2.55
CA TRP E 211 -40.15 -30.30 3.42
C TRP E 211 -39.99 -29.93 4.89
N VAL E 212 -38.78 -29.60 5.30
CA VAL E 212 -38.55 -29.21 6.72
C VAL E 212 -39.32 -27.93 7.07
N ARG E 213 -39.31 -26.94 6.17
CA ARG E 213 -40.06 -25.68 6.41
C ARG E 213 -41.54 -25.97 6.59
N ASN E 214 -42.08 -26.79 5.68
CA ASN E 214 -43.49 -27.11 5.65
C ASN E 214 -43.94 -27.89 6.89
N LEU E 215 -43.08 -28.80 7.35
CA LEU E 215 -43.32 -29.55 8.57
C LEU E 215 -43.55 -28.66 9.77
N ILE E 216 -42.73 -27.62 9.90
CA ILE E 216 -42.81 -26.73 11.06
C ILE E 216 -43.68 -25.50 10.82
N GLY E 217 -44.09 -25.31 9.57
CA GLY E 217 -44.89 -24.15 9.19
C GLY E 217 -46.31 -24.59 8.90
N PHE E 218 -46.62 -24.79 7.62
CA PHE E 218 -47.98 -25.16 7.22
C PHE E 218 -48.55 -26.40 7.96
N TYR E 219 -47.77 -27.47 8.13
CA TYR E 219 -48.26 -28.65 8.84
C TYR E 219 -48.48 -28.43 10.34
N GLY E 220 -47.89 -27.39 10.92
CA GLY E 220 -48.12 -27.07 12.34
C GLY E 220 -47.52 -28.10 13.28
N ALA E 221 -46.41 -28.75 12.88
CA ALA E 221 -45.85 -29.84 13.67
C ALA E 221 -44.57 -29.45 14.43
N ARG E 222 -44.29 -28.15 14.53
CA ARG E 222 -43.05 -27.70 15.12
C ARG E 222 -42.86 -28.26 16.54
N GLU E 223 -43.89 -28.15 17.37
CA GLU E 223 -43.81 -28.66 18.76
C GLU E 223 -43.89 -30.18 18.80
N LEU E 224 -44.72 -30.72 17.95
CA LEU E 224 -44.96 -32.16 17.87
C LEU E 224 -43.64 -32.94 17.64
N VAL E 225 -42.78 -32.41 16.77
CA VAL E 225 -41.50 -33.06 16.52
C VAL E 225 -40.33 -32.45 17.33
N ALA E 226 -40.62 -31.63 18.36
CA ALA E 226 -39.59 -31.01 19.22
C ALA E 226 -38.48 -30.34 18.43
N PHE E 227 -38.85 -29.62 17.38
CA PHE E 227 -37.88 -29.03 16.47
C PHE E 227 -36.96 -28.02 17.14
N ASP E 228 -37.49 -27.23 18.06
CA ASP E 228 -36.69 -26.21 18.74
C ASP E 228 -35.72 -26.80 19.76
N GLU E 229 -35.75 -28.11 19.99
CA GLU E 229 -34.72 -28.75 20.80
C GLU E 229 -33.48 -29.10 19.97
N LEU E 230 -33.61 -29.02 18.66
CA LEU E 230 -32.51 -29.29 17.74
C LEU E 230 -31.71 -28.02 17.60
N THR E 231 -30.47 -28.15 17.10
CA THR E 231 -29.57 -27.01 16.87
C THR E 231 -29.14 -26.89 15.40
N HIS E 232 -28.69 -27.98 14.82
CA HIS E 232 -28.03 -27.96 13.52
C HIS E 232 -29.00 -27.91 12.34
N VAL E 233 -30.13 -28.56 12.46
CA VAL E 233 -31.14 -28.49 11.37
C VAL E 233 -31.81 -27.10 11.35
N PRO E 234 -32.12 -26.52 12.53
CA PRO E 234 -32.64 -25.14 12.48
C PRO E 234 -31.67 -24.14 11.86
N ALA E 235 -30.38 -24.24 12.19
CA ALA E 235 -29.36 -23.37 11.59
C ALA E 235 -29.24 -23.56 10.06
N TRP E 236 -29.21 -24.80 9.63
CA TRP E 236 -29.17 -25.11 8.20
C TRP E 236 -30.39 -24.54 7.47
N LEU E 237 -31.57 -24.71 8.06
CA LEU E 237 -32.82 -24.21 7.47
C LEU E 237 -32.77 -22.70 7.32
N GLU E 238 -32.29 -22.01 8.35
CA GLU E 238 -32.11 -20.54 8.27
C GLU E 238 -31.17 -20.16 7.13
N ARG E 239 -30.06 -20.87 6.98
CA ARG E 239 -29.13 -20.60 5.90
C ARG E 239 -29.84 -20.79 4.52
N GLY E 240 -30.62 -21.85 4.38
CA GLY E 240 -31.32 -22.13 3.11
C GLY E 240 -32.34 -21.05 2.83
N LEU E 241 -33.07 -20.65 3.87
CA LEU E 241 -34.14 -19.67 3.72
C LEU E 241 -33.67 -18.24 3.46
N ALA E 242 -32.41 -17.94 3.80
CA ALA E 242 -31.78 -16.66 3.49
C ALA E 242 -31.37 -16.52 1.99
N ARG E 243 -31.50 -17.57 1.20
CA ARG E 243 -31.13 -17.48 -0.22
C ARG E 243 -32.29 -16.94 -1.03
N PRO E 244 -32.08 -15.83 -1.75
CA PRO E 244 -33.13 -15.27 -2.59
C PRO E 244 -33.81 -16.29 -3.49
N ALA E 245 -33.09 -17.19 -4.15
CA ALA E 245 -33.74 -18.17 -5.05
C ALA E 245 -34.74 -19.07 -4.30
N VAL E 246 -34.40 -19.38 -3.06
CA VAL E 246 -35.24 -20.24 -2.23
C VAL E 246 -36.51 -19.44 -1.91
N GLN E 247 -36.34 -18.19 -1.50
CA GLN E 247 -37.51 -17.40 -1.16
CA GLN E 247 -37.45 -17.31 -1.18
C GLN E 247 -38.39 -17.18 -2.41
N ARG E 248 -37.79 -17.09 -3.59
CA ARG E 248 -38.61 -16.93 -4.81
C ARG E 248 -39.36 -18.20 -5.17
N GLY E 249 -38.67 -19.33 -5.13
CA GLY E 249 -39.21 -20.59 -5.57
C GLY E 249 -40.26 -21.18 -4.68
N LEU E 250 -40.21 -20.84 -3.39
CA LEU E 250 -41.22 -21.25 -2.44
C LEU E 250 -42.65 -20.79 -2.79
N GLU E 251 -42.78 -19.75 -3.59
CA GLU E 251 -44.10 -19.19 -3.88
C GLU E 251 -44.47 -19.21 -5.38
N ILE E 252 -43.85 -20.13 -6.11
CA ILE E 252 -44.08 -20.32 -7.55
C ILE E 252 -44.44 -21.80 -7.79
N PRO E 253 -45.51 -22.03 -8.56
CA PRO E 253 -46.43 -20.99 -9.08
C PRO E 253 -47.37 -20.47 -8.01
N LYS E 254 -48.04 -19.37 -8.30
CA LYS E 254 -49.04 -18.82 -7.37
C LYS E 254 -50.22 -19.78 -7.38
N ARG E 255 -50.85 -19.95 -6.23
CA ARG E 255 -51.89 -20.97 -6.06
C ARG E 255 -53.12 -20.51 -6.81
N PRO E 256 -53.81 -21.42 -7.50
CA PRO E 256 -54.98 -21.01 -8.27
C PRO E 256 -56.24 -20.87 -7.40
N LEU F 26 -9.52 -51.14 3.31
CA LEU F 26 -10.87 -50.86 3.89
C LEU F 26 -10.85 -50.66 5.39
N SER F 27 -9.68 -50.75 6.01
CA SER F 27 -9.57 -50.62 7.47
C SER F 27 -10.02 -49.25 7.98
N SER F 28 -10.06 -48.26 7.10
CA SER F 28 -10.60 -46.94 7.46
C SER F 28 -12.13 -46.91 7.51
N PHE F 29 -12.82 -47.95 7.06
CA PHE F 29 -14.27 -48.03 7.17
C PHE F 29 -14.60 -48.84 8.44
N PRO F 30 -15.15 -48.20 9.48
CA PRO F 30 -15.32 -48.97 10.73
C PRO F 30 -16.27 -50.16 10.65
N ILE F 31 -17.18 -50.18 9.67
CA ILE F 31 -18.07 -51.29 9.50
C ILE F 31 -17.29 -52.63 9.37
N THR F 32 -16.11 -52.59 8.76
CA THR F 32 -15.26 -53.77 8.60
C THR F 32 -14.74 -54.33 9.94
N LYS F 33 -14.79 -53.55 11.02
CA LYS F 33 -14.49 -54.10 12.34
C LYS F 33 -15.49 -55.20 12.71
N ARG F 34 -16.76 -55.02 12.38
CA ARG F 34 -17.81 -55.94 12.80
C ARG F 34 -18.16 -56.96 11.69
N TRP F 35 -17.97 -56.57 10.43
CA TRP F 35 -18.15 -57.47 9.29
C TRP F 35 -16.89 -57.45 8.40
N PRO F 36 -15.81 -58.13 8.84
CA PRO F 36 -14.54 -58.06 8.11
C PRO F 36 -14.62 -58.63 6.70
N ALA F 37 -13.91 -58.00 5.76
CA ALA F 37 -13.84 -58.46 4.37
C ALA F 37 -12.83 -59.59 4.20
N GLN F 38 -13.27 -60.73 3.68
CA GLN F 38 -12.39 -61.83 3.26
C GLN F 38 -11.75 -61.49 1.91
N HIS F 39 -12.44 -60.67 1.11
CA HIS F 39 -12.02 -60.29 -0.23
C HIS F 39 -12.10 -58.80 -0.37
N SER F 40 -11.04 -58.13 0.06
CA SER F 40 -11.04 -56.68 0.12
C SER F 40 -10.85 -56.04 -1.27
N ASP F 41 -10.66 -56.85 -2.30
CA ASP F 41 -10.72 -56.40 -3.71
C ASP F 41 -12.13 -56.43 -4.31
N ARG F 42 -13.12 -56.83 -3.54
CA ARG F 42 -14.47 -56.98 -4.06
C ARG F 42 -15.44 -56.04 -3.37
N ILE F 43 -16.47 -55.65 -4.08
CA ILE F 43 -17.58 -54.94 -3.49
C ILE F 43 -18.11 -55.68 -2.26
N GLN F 44 -18.21 -54.93 -1.18
CA GLN F 44 -18.78 -55.42 0.05
C GLN F 44 -20.23 -54.98 0.09
N LEU F 45 -21.15 -55.94 0.25
CA LEU F 45 -22.57 -55.68 0.39
C LEU F 45 -22.98 -55.99 1.81
N TYR F 46 -23.62 -55.02 2.44
CA TYR F 46 -24.20 -55.19 3.77
C TYR F 46 -25.72 -55.08 3.62
N SER F 47 -26.42 -56.20 3.79
CA SER F 47 -27.82 -56.31 3.38
C SER F 47 -28.57 -57.46 4.07
N LEU F 48 -29.83 -57.61 3.65
CA LEU F 48 -30.70 -58.73 3.94
C LEU F 48 -31.58 -58.90 2.69
N PRO F 49 -32.13 -60.10 2.46
CA PRO F 49 -32.98 -60.28 1.28
C PRO F 49 -34.42 -59.73 1.48
N THR F 50 -34.51 -58.44 1.80
CA THR F 50 -35.78 -57.75 1.94
C THR F 50 -36.00 -57.06 0.61
N PRO F 51 -37.20 -56.47 0.40
CA PRO F 51 -37.48 -55.83 -0.89
C PRO F 51 -36.53 -54.71 -1.27
N ASN F 52 -35.98 -54.00 -0.29
CA ASN F 52 -34.93 -53.03 -0.60
C ASN F 52 -33.55 -53.67 -0.82
N GLY F 53 -33.18 -54.64 -0.01
CA GLY F 53 -31.87 -55.25 -0.09
C GLY F 53 -31.71 -56.03 -1.38
N VAL F 54 -32.77 -56.69 -1.84
CA VAL F 54 -32.67 -57.48 -3.05
C VAL F 54 -32.41 -56.63 -4.29
N LYS F 55 -32.78 -55.36 -4.26
CA LYS F 55 -32.53 -54.52 -5.42
C LYS F 55 -31.05 -54.54 -5.79
N VAL F 56 -30.23 -54.45 -4.76
CA VAL F 56 -28.80 -54.37 -4.92
C VAL F 56 -28.15 -55.74 -5.17
N SER F 57 -28.61 -56.79 -4.48
CA SER F 57 -28.02 -58.10 -4.73
C SER F 57 -28.38 -58.55 -6.15
N ILE F 58 -29.59 -58.27 -6.57
CA ILE F 58 -29.97 -58.56 -7.96
C ILE F 58 -29.08 -57.81 -8.95
N MET F 59 -28.88 -56.51 -8.72
CA MET F 59 -28.08 -55.68 -9.61
C MET F 59 -26.67 -56.25 -9.74
N LEU F 60 -26.06 -56.57 -8.59
CA LEU F 60 -24.75 -57.17 -8.57
C LEU F 60 -24.73 -58.51 -9.31
N GLU F 61 -25.77 -59.31 -9.14
CA GLU F 61 -25.90 -60.55 -9.87
C GLU F 61 -26.11 -60.31 -11.36
N GLU F 62 -26.93 -59.35 -11.73
CA GLU F 62 -27.21 -59.08 -13.15
C GLU F 62 -25.93 -58.56 -13.88
N THR F 63 -25.14 -57.75 -13.19
CA THR F 63 -23.95 -57.14 -13.79
C THR F 63 -22.74 -58.09 -13.88
N GLY F 64 -22.70 -59.12 -13.05
CA GLY F 64 -21.54 -59.99 -12.96
C GLY F 64 -20.38 -59.39 -12.16
N LEU F 65 -20.64 -58.34 -11.40
CA LEU F 65 -19.59 -57.77 -10.54
C LEU F 65 -19.28 -58.73 -9.38
N PRO F 66 -17.99 -59.00 -9.14
CA PRO F 66 -17.63 -59.71 -7.91
C PRO F 66 -18.04 -58.94 -6.67
N TYR F 67 -18.69 -59.61 -5.74
CA TYR F 67 -19.03 -59.02 -4.45
C TYR F 67 -19.01 -60.03 -3.30
N GLU F 68 -18.98 -59.52 -2.09
CA GLU F 68 -18.90 -60.31 -0.89
C GLU F 68 -20.06 -59.86 -0.04
N PRO F 69 -21.07 -60.73 0.14
CA PRO F 69 -22.26 -60.27 0.86
C PRO F 69 -22.18 -60.55 2.38
N HIS F 70 -22.69 -59.63 3.19
CA HIS F 70 -22.81 -59.84 4.63
C HIS F 70 -24.21 -59.60 5.11
N ALA F 71 -24.77 -60.58 5.80
CA ALA F 71 -26.06 -60.43 6.42
C ALA F 71 -25.92 -59.54 7.67
N ILE F 72 -26.85 -58.60 7.78
CA ILE F 72 -26.90 -57.71 8.92
C ILE F 72 -28.08 -58.15 9.77
N ASP F 73 -27.80 -58.55 11.01
CA ASP F 73 -28.82 -59.22 11.83
C ASP F 73 -29.63 -58.21 12.63
N PHE F 74 -30.79 -57.87 12.08
CA PHE F 74 -31.70 -56.94 12.72
C PHE F 74 -32.28 -57.45 14.04
N GLY F 75 -32.41 -58.76 14.19
CA GLY F 75 -32.87 -59.34 15.45
C GLY F 75 -31.91 -59.13 16.61
N LYS F 76 -30.67 -58.75 16.32
CA LYS F 76 -29.68 -58.38 17.34
C LYS F 76 -29.40 -56.88 17.28
N ASP F 77 -30.22 -56.12 16.57
CA ASP F 77 -30.03 -54.66 16.44
C ASP F 77 -28.63 -54.25 15.94
N HIS F 78 -28.04 -55.08 15.07
CA HIS F 78 -26.69 -54.80 14.54
C HIS F 78 -26.64 -53.57 13.60
N GLN F 79 -27.77 -53.25 12.96
CA GLN F 79 -27.89 -52.03 12.14
C GLN F 79 -27.92 -50.70 12.93
N LYS F 80 -27.82 -50.77 14.26
CA LYS F 80 -27.78 -49.56 15.11
C LYS F 80 -26.45 -49.46 15.84
N THR F 81 -25.51 -50.31 15.46
CA THR F 81 -24.19 -50.31 16.06
C THR F 81 -23.35 -49.18 15.49
N PRO F 82 -22.37 -48.69 16.27
CA PRO F 82 -21.52 -47.62 15.77
C PRO F 82 -20.91 -48.04 14.45
N GLU F 83 -20.48 -49.30 14.39
CA GLU F 83 -19.85 -49.86 13.20
C GLU F 83 -20.79 -49.79 11.99
N PHE F 84 -22.05 -50.18 12.15
CA PHE F 84 -22.94 -50.10 10.97
C PHE F 84 -23.29 -48.67 10.63
N LEU F 85 -23.58 -47.87 11.67
CA LEU F 85 -23.99 -46.47 11.47
C LEU F 85 -22.89 -45.64 10.80
N SER F 86 -21.64 -46.06 10.98
CA SER F 86 -20.53 -45.35 10.37
C SER F 86 -20.56 -45.44 8.82
N LEU F 87 -21.26 -46.42 8.24
CA LEU F 87 -21.44 -46.47 6.78
C LEU F 87 -22.81 -45.93 6.41
N ASN F 88 -23.85 -46.33 7.14
CA ASN F 88 -25.16 -45.70 6.90
C ASN F 88 -25.77 -45.11 8.15
N PRO F 89 -25.68 -43.77 8.29
CA PRO F 89 -26.18 -43.19 9.54
C PRO F 89 -27.70 -43.23 9.68
N ASN F 90 -28.43 -43.53 8.59
CA ASN F 90 -29.86 -43.80 8.66
C ASN F 90 -30.19 -45.22 9.26
N GLY F 91 -29.20 -46.10 9.38
CA GLY F 91 -29.39 -47.39 10.06
C GLY F 91 -30.21 -48.42 9.32
N LYS F 92 -30.10 -48.41 7.98
CA LYS F 92 -30.88 -49.28 7.11
CA LYS F 92 -30.87 -49.29 7.13
C LYS F 92 -29.98 -49.99 6.10
N ILE F 93 -30.43 -51.15 5.63
CA ILE F 93 -29.79 -51.84 4.54
C ILE F 93 -30.60 -51.54 3.26
N PRO F 94 -29.99 -51.66 2.08
CA PRO F 94 -28.65 -52.06 1.75
C PRO F 94 -27.65 -50.92 1.76
N ALA F 95 -26.38 -51.28 1.95
CA ALA F 95 -25.24 -50.41 1.82
C ALA F 95 -24.09 -51.21 1.20
N ILE F 96 -23.21 -50.51 0.47
CA ILE F 96 -22.00 -51.11 -0.07
C ILE F 96 -20.75 -50.30 0.21
N ILE F 97 -19.63 -50.99 0.05
CA ILE F 97 -18.36 -50.35 -0.16
C ILE F 97 -17.76 -50.93 -1.42
N ASP F 98 -17.41 -50.05 -2.37
CA ASP F 98 -16.74 -50.46 -3.59
C ASP F 98 -15.31 -50.03 -3.41
N PRO F 99 -14.40 -51.00 -3.24
CA PRO F 99 -12.99 -50.70 -3.04
C PRO F 99 -12.36 -50.12 -4.30
N ASN F 100 -12.93 -50.44 -5.45
CA ASN F 100 -12.49 -49.84 -6.70
C ASN F 100 -13.42 -48.73 -7.15
N GLY F 101 -13.53 -47.71 -6.32
CA GLY F 101 -14.39 -46.59 -6.57
C GLY F 101 -13.77 -45.56 -7.48
N PRO F 102 -14.53 -44.38 -7.66
CA PRO F 102 -13.90 -43.44 -8.61
C PRO F 102 -12.51 -43.02 -8.16
N GLY F 103 -11.60 -42.89 -9.10
CA GLY F 103 -10.22 -42.59 -8.80
C GLY F 103 -9.54 -43.80 -8.18
N ASP F 104 -10.14 -44.96 -8.39
CA ASP F 104 -9.64 -46.20 -7.82
C ASP F 104 -9.44 -46.03 -6.33
N LYS F 105 -10.39 -45.37 -5.69
CA LYS F 105 -10.41 -45.19 -4.25
C LYS F 105 -11.69 -45.82 -3.73
N PRO F 106 -11.62 -46.35 -2.43
CA PRO F 106 -12.87 -46.96 -1.97
C PRO F 106 -13.99 -45.94 -1.81
N LEU F 107 -15.21 -46.36 -2.08
CA LEU F 107 -16.38 -45.50 -1.90
C LEU F 107 -17.46 -46.29 -1.14
N GLY F 108 -17.96 -45.69 -0.05
CA GLY F 108 -19.09 -46.23 0.67
C GLY F 108 -20.35 -45.52 0.21
N LEU F 109 -21.44 -46.26 0.07
CA LEU F 109 -22.75 -45.71 -0.33
C LEU F 109 -23.91 -46.45 0.35
N PHE F 110 -24.90 -45.69 0.77
CA PHE F 110 -26.17 -46.24 1.20
C PHE F 110 -27.26 -45.68 0.29
N GLU F 111 -28.48 -46.17 0.47
CA GLU F 111 -29.66 -45.88 -0.37
C GLU F 111 -29.58 -46.72 -1.60
N SER F 112 -30.52 -47.64 -1.71
CA SER F 112 -30.60 -48.57 -2.83
C SER F 112 -30.66 -47.82 -4.16
N GLY F 113 -31.37 -46.69 -4.18
CA GLY F 113 -31.48 -45.86 -5.39
C GLY F 113 -30.16 -45.28 -5.87
N ALA F 114 -29.36 -44.74 -4.95
CA ALA F 114 -28.05 -44.23 -5.29
C ALA F 114 -27.13 -45.37 -5.74
N ILE F 115 -27.18 -46.49 -5.04
CA ILE F 115 -26.35 -47.64 -5.35
C ILE F 115 -26.69 -48.20 -6.76
N LEU F 116 -27.97 -48.28 -7.08
CA LEU F 116 -28.38 -48.75 -8.41
C LEU F 116 -27.82 -47.87 -9.50
N GLN F 117 -27.95 -46.55 -9.33
CA GLN F 117 -27.43 -45.57 -10.30
CA GLN F 117 -27.44 -45.65 -10.36
C GLN F 117 -25.91 -45.71 -10.41
N TYR F 118 -25.25 -45.76 -9.27
CA TYR F 118 -23.80 -45.93 -9.24
C TYR F 118 -23.35 -47.20 -9.97
N LEU F 119 -23.98 -48.34 -9.67
CA LEU F 119 -23.60 -49.59 -10.31
C LEU F 119 -23.86 -49.62 -11.83
N ALA F 120 -24.95 -49.00 -12.27
CA ALA F 120 -25.27 -48.95 -13.70
C ALA F 120 -24.23 -48.14 -14.47
N GLU F 121 -23.85 -46.99 -13.91
CA GLU F 121 -22.80 -46.16 -14.50
C GLU F 121 -21.40 -46.78 -14.42
N LYS F 122 -21.08 -47.46 -13.31
CA LYS F 122 -19.82 -48.23 -13.22
C LYS F 122 -19.67 -49.25 -14.35
N THR F 123 -20.72 -50.01 -14.61
CA THR F 123 -20.64 -51.15 -15.52
C THR F 123 -21.06 -50.78 -16.92
N GLY F 124 -21.77 -49.67 -17.07
CA GLY F 124 -22.38 -49.31 -18.36
C GLY F 124 -23.55 -50.21 -18.71
N GLN F 125 -24.22 -50.79 -17.72
CA GLN F 125 -25.33 -51.70 -17.97
C GLN F 125 -26.61 -51.30 -17.23
N PHE F 126 -27.75 -51.65 -17.85
CA PHE F 126 -29.08 -51.56 -17.21
C PHE F 126 -29.62 -50.12 -17.06
N LEU F 127 -29.07 -49.25 -17.91
CA LEU F 127 -29.54 -47.87 -18.10
C LEU F 127 -29.37 -47.63 -19.57
N PRO F 128 -30.41 -47.18 -20.28
CA PRO F 128 -30.18 -46.95 -21.71
C PRO F 128 -29.06 -45.91 -21.99
N ALA F 129 -28.43 -46.04 -23.15
CA ALA F 129 -27.34 -45.15 -23.53
C ALA F 129 -27.92 -43.81 -23.99
N ASP F 130 -28.95 -43.87 -24.84
CA ASP F 130 -29.67 -42.67 -25.22
C ASP F 130 -29.96 -41.74 -24.00
N PRO F 131 -29.49 -40.49 -24.05
CA PRO F 131 -29.63 -39.59 -22.89
C PRO F 131 -31.09 -39.31 -22.46
N ALA F 132 -31.99 -39.13 -23.42
CA ALA F 132 -33.41 -38.92 -23.08
C ALA F 132 -34.01 -40.15 -22.40
N ARG F 133 -33.70 -41.34 -22.92
CA ARG F 133 -34.22 -42.57 -22.30
C ARG F 133 -33.58 -42.85 -20.93
N ARG F 134 -32.34 -42.44 -20.75
CA ARG F 134 -31.71 -42.56 -19.44
C ARG F 134 -32.44 -41.71 -18.39
N TRP F 135 -32.76 -40.45 -18.73
CA TRP F 135 -33.52 -39.56 -17.81
C TRP F 135 -34.92 -40.12 -17.49
N GLN F 136 -35.61 -40.63 -18.52
CA GLN F 136 -36.90 -41.30 -18.37
C GLN F 136 -36.80 -42.51 -17.44
N THR F 137 -35.72 -43.27 -17.57
CA THR F 137 -35.51 -44.42 -16.71
C THR F 137 -35.41 -44.01 -15.24
N LEU F 138 -34.64 -42.95 -14.96
CA LEU F 138 -34.46 -42.45 -13.59
C LEU F 138 -35.77 -41.93 -13.01
N GLN F 139 -36.64 -41.47 -13.87
CA GLN F 139 -37.96 -41.05 -13.46
C GLN F 139 -38.76 -42.27 -12.91
N TRP F 140 -38.76 -43.41 -13.60
CA TRP F 140 -39.40 -44.61 -13.09
C TRP F 140 -38.66 -45.15 -11.83
N LEU F 141 -37.32 -45.05 -11.81
CA LEU F 141 -36.58 -45.36 -10.59
C LEU F 141 -37.11 -44.52 -9.43
N HIS F 142 -37.28 -43.21 -9.64
CA HIS F 142 -37.72 -42.33 -8.52
C HIS F 142 -39.18 -42.63 -8.11
N PHE F 143 -39.99 -43.06 -9.06
CA PHE F 143 -41.35 -43.44 -8.81
C PHE F 143 -41.43 -44.61 -7.87
N GLN F 144 -40.52 -45.57 -8.04
CA GLN F 144 -40.44 -46.71 -7.12
C GLN F 144 -39.91 -46.26 -5.75
N MET F 145 -38.89 -45.42 -5.76
CA MET F 145 -38.24 -45.02 -4.48
C MET F 145 -39.12 -44.14 -3.60
N GLY F 146 -39.89 -43.26 -4.22
CA GLY F 146 -40.78 -42.35 -3.48
C GLY F 146 -42.19 -42.89 -3.26
N GLY F 147 -42.67 -43.75 -4.16
CA GLY F 147 -44.03 -44.24 -4.13
C GLY F 147 -44.18 -45.70 -3.74
N ILE F 148 -43.68 -46.58 -4.58
CA ILE F 148 -43.87 -48.04 -4.42
C ILE F 148 -43.33 -48.54 -3.10
N GLY F 149 -42.06 -48.31 -2.87
CA GLY F 149 -41.43 -48.73 -1.62
C GLY F 149 -42.17 -48.25 -0.38
N PRO F 150 -42.23 -46.94 -0.18
CA PRO F 150 -42.84 -46.41 1.04
C PRO F 150 -44.31 -46.78 1.22
N MET F 151 -45.09 -46.80 0.13
CA MET F 151 -46.52 -47.07 0.26
C MET F 151 -46.82 -48.57 0.51
N PHE F 152 -46.10 -49.47 -0.18
CA PHE F 152 -46.24 -50.91 0.04
C PHE F 152 -45.79 -51.18 1.45
N GLY F 153 -44.75 -50.49 1.88
CA GLY F 153 -44.21 -50.65 3.24
C GLY F 153 -45.26 -50.32 4.25
N GLN F 154 -46.01 -49.23 4.04
CA GLN F 154 -47.03 -48.85 5.03
C GLN F 154 -48.18 -49.84 5.03
N LEU F 155 -48.56 -50.34 3.86
CA LEU F 155 -49.55 -51.41 3.80
C LEU F 155 -49.11 -52.59 4.67
N GLY F 156 -47.85 -53.00 4.52
CA GLY F 156 -47.28 -54.08 5.33
C GLY F 156 -47.41 -53.82 6.81
N PHE F 157 -47.11 -52.59 7.24
CA PHE F 157 -47.18 -52.28 8.66
C PHE F 157 -48.59 -52.51 9.20
N PHE F 158 -49.60 -52.04 8.44
CA PHE F 158 -50.99 -52.09 8.93
C PHE F 158 -51.71 -53.40 8.64
N HIS F 159 -51.13 -54.25 7.80
CA HIS F 159 -51.75 -55.52 7.42
C HIS F 159 -51.01 -56.73 7.99
N LYS F 160 -49.69 -56.67 8.02
CA LYS F 160 -48.85 -57.77 8.48
C LYS F 160 -48.22 -57.52 9.87
N PHE F 161 -47.71 -56.32 10.10
CA PHE F 161 -46.85 -56.06 11.26
C PHE F 161 -47.67 -55.46 12.38
N ALA F 162 -47.06 -54.72 13.30
CA ALA F 162 -47.74 -54.36 14.55
C ALA F 162 -49.02 -53.54 14.31
N GLY F 163 -49.07 -52.80 13.21
CA GLY F 163 -50.25 -52.00 12.86
C GLY F 163 -51.53 -52.80 12.67
N ARG F 164 -51.42 -54.09 12.41
CA ARG F 164 -52.61 -54.93 12.20
C ARG F 164 -53.47 -55.04 13.45
N GLU F 165 -52.86 -54.82 14.62
CA GLU F 165 -53.57 -54.87 15.90
C GLU F 165 -54.49 -53.67 16.09
N TYR F 166 -54.26 -52.60 15.35
CA TYR F 166 -55.02 -51.37 15.54
C TYR F 166 -56.46 -51.59 15.03
N GLU F 167 -57.42 -51.26 15.88
CA GLU F 167 -58.85 -51.47 15.56
C GLU F 167 -59.33 -50.60 14.41
N ASP F 168 -58.81 -49.37 14.32
CA ASP F 168 -59.25 -48.45 13.28
C ASP F 168 -58.61 -48.84 11.96
N LYS F 169 -59.42 -49.33 11.02
CA LYS F 169 -58.88 -49.80 9.75
C LYS F 169 -58.80 -48.76 8.62
N ARG F 170 -59.03 -47.48 8.94
CA ARG F 170 -58.89 -46.43 7.91
C ARG F 170 -57.43 -46.26 7.43
N PRO F 171 -56.46 -46.31 8.36
CA PRO F 171 -55.07 -46.35 7.88
C PRO F 171 -54.79 -47.49 6.93
N LEU F 172 -55.21 -48.71 7.28
CA LEU F 172 -54.98 -49.81 6.35
C LEU F 172 -55.67 -49.53 4.99
N GLN F 173 -56.92 -49.08 5.04
CA GLN F 173 -57.68 -48.76 3.81
C GLN F 173 -56.96 -47.74 2.92
N ARG F 174 -56.36 -46.73 3.53
CA ARG F 174 -55.59 -45.73 2.79
C ARG F 174 -54.38 -46.34 2.02
N TYR F 175 -53.63 -47.19 2.68
CA TYR F 175 -52.43 -47.73 2.04
C TYR F 175 -52.76 -48.86 1.08
N VAL F 176 -53.89 -49.54 1.30
CA VAL F 176 -54.46 -50.45 0.29
C VAL F 176 -54.86 -49.70 -0.97
N ALA F 177 -55.64 -48.63 -0.83
CA ALA F 177 -56.06 -47.84 -1.98
C ALA F 177 -54.85 -47.21 -2.70
N GLU F 178 -53.82 -46.79 -1.97
CA GLU F 178 -52.68 -46.19 -2.64
C GLU F 178 -51.83 -47.25 -3.34
N SER F 179 -51.72 -48.43 -2.74
CA SER F 179 -50.93 -49.49 -3.35
C SER F 179 -51.63 -49.94 -4.66
N LYS F 180 -52.95 -50.05 -4.65
CA LYS F 180 -53.70 -50.37 -5.87
C LYS F 180 -53.53 -49.30 -6.92
N ARG F 181 -53.49 -48.03 -6.49
CA ARG F 181 -53.33 -46.92 -7.42
C ARG F 181 -51.96 -46.97 -8.08
N LEU F 182 -50.94 -47.18 -7.27
CA LEU F 182 -49.58 -47.34 -7.79
C LEU F 182 -49.50 -48.49 -8.75
N LEU F 183 -50.10 -49.61 -8.36
CA LEU F 183 -50.14 -50.76 -9.23
C LEU F 183 -50.86 -50.47 -10.56
N GLY F 184 -51.90 -49.64 -10.53
CA GLY F 184 -52.58 -49.26 -11.78
C GLY F 184 -51.74 -48.35 -12.67
N VAL F 185 -50.84 -47.57 -12.09
CA VAL F 185 -49.90 -46.82 -12.93
C VAL F 185 -48.94 -47.79 -13.64
N LEU F 186 -48.49 -48.80 -12.91
CA LEU F 186 -47.60 -49.82 -13.53
C LEU F 186 -48.28 -50.64 -14.58
N GLU F 187 -49.54 -50.97 -14.33
CA GLU F 187 -50.38 -51.73 -15.24
C GLU F 187 -50.58 -50.95 -16.56
N ALA F 188 -50.87 -49.65 -16.49
CA ALA F 188 -51.01 -48.85 -17.72
C ALA F 188 -49.63 -48.66 -18.39
N ARG F 189 -48.56 -48.53 -17.59
CA ARG F 189 -47.21 -48.45 -18.19
C ARG F 189 -46.76 -49.74 -18.91
N LEU F 190 -47.08 -50.92 -18.36
CA LEU F 190 -46.60 -52.20 -18.91
C LEU F 190 -47.54 -52.75 -19.98
N ASP F 191 -48.61 -52.02 -20.25
CA ASP F 191 -49.53 -52.42 -21.30
C ASP F 191 -48.80 -52.27 -22.63
N GLY F 192 -48.42 -53.40 -23.22
CA GLY F 192 -47.70 -53.42 -24.50
C GLY F 192 -46.18 -53.22 -24.44
N ARG F 193 -45.59 -53.31 -23.24
CA ARG F 193 -44.14 -53.22 -23.07
C ARG F 193 -43.63 -54.46 -22.35
N GLN F 194 -42.47 -54.94 -22.76
CA GLN F 194 -41.83 -56.05 -22.07
C GLN F 194 -41.34 -55.62 -20.67
N TRP F 195 -40.61 -54.52 -20.60
CA TRP F 195 -40.08 -53.99 -19.35
C TRP F 195 -40.59 -52.54 -19.19
N ILE F 196 -40.28 -51.95 -18.06
CA ILE F 196 -40.72 -50.59 -17.82
C ILE F 196 -40.25 -49.63 -18.93
N MET F 197 -39.03 -49.85 -19.44
CA MET F 197 -38.48 -49.10 -20.57
C MET F 197 -38.48 -49.93 -21.82
N ASP F 198 -39.63 -50.57 -22.07
CA ASP F 198 -39.90 -51.21 -23.35
C ASP F 198 -39.01 -52.44 -23.50
N ALA F 199 -38.14 -52.47 -24.49
CA ALA F 199 -37.32 -53.61 -24.75
C ALA F 199 -36.07 -53.65 -23.86
N ASP F 200 -35.78 -52.56 -23.13
CA ASP F 200 -34.61 -52.54 -22.27
C ASP F 200 -34.98 -52.81 -20.82
N TYR F 201 -34.42 -53.89 -20.31
CA TYR F 201 -34.49 -54.23 -18.90
C TYR F 201 -33.52 -53.31 -18.14
N THR F 202 -34.00 -52.60 -17.14
CA THR F 202 -33.18 -51.53 -16.54
C THR F 202 -33.23 -51.57 -15.04
N ILE F 203 -32.49 -50.67 -14.42
CA ILE F 203 -32.54 -50.52 -12.98
C ILE F 203 -33.93 -50.15 -12.46
N ALA F 204 -34.83 -49.67 -13.33
CA ALA F 204 -36.24 -49.49 -12.93
C ALA F 204 -36.94 -50.84 -12.65
N ASP F 205 -36.73 -51.83 -13.52
CA ASP F 205 -37.32 -53.13 -13.28
C ASP F 205 -36.68 -53.71 -12.01
N ILE F 206 -35.36 -53.62 -11.92
CA ILE F 206 -34.63 -54.17 -10.77
C ILE F 206 -35.08 -53.54 -9.43
N ALA F 207 -35.40 -52.25 -9.42
CA ALA F 207 -35.87 -51.60 -8.17
C ALA F 207 -37.30 -52.00 -7.78
N THR F 208 -38.10 -52.43 -8.75
CA THR F 208 -39.51 -52.64 -8.52
C THR F 208 -39.92 -54.14 -8.32
N LEU F 209 -39.31 -55.06 -9.04
CA LEU F 209 -39.74 -56.49 -9.00
C LEU F 209 -39.87 -57.07 -7.59
N GLY F 210 -38.84 -56.89 -6.79
CA GLY F 210 -38.86 -57.36 -5.42
C GLY F 210 -40.01 -56.84 -4.57
N TRP F 211 -40.34 -55.56 -4.68
CA TRP F 211 -41.45 -54.99 -3.89
C TRP F 211 -42.78 -55.61 -4.26
N VAL F 212 -43.03 -55.80 -5.54
CA VAL F 212 -44.30 -56.39 -5.98
C VAL F 212 -44.36 -57.88 -5.55
N ARG F 213 -43.26 -58.62 -5.73
CA ARG F 213 -43.20 -59.99 -5.26
C ARG F 213 -43.53 -60.06 -3.76
N ASN F 214 -42.83 -59.26 -2.98
CA ASN F 214 -43.04 -59.22 -1.54
C ASN F 214 -44.49 -58.88 -1.13
N LEU F 215 -45.11 -57.94 -1.85
CA LEU F 215 -46.48 -57.52 -1.54
C LEU F 215 -47.43 -58.69 -1.61
N ILE F 216 -47.31 -59.48 -2.67
CA ILE F 216 -48.21 -60.59 -2.93
C ILE F 216 -47.71 -61.89 -2.31
N GLY F 217 -46.47 -61.87 -1.81
CA GLY F 217 -45.86 -63.02 -1.18
C GLY F 217 -45.86 -62.87 0.31
N PHE F 218 -44.71 -62.47 0.83
CA PHE F 218 -44.49 -62.40 2.27
C PHE F 218 -45.52 -61.55 3.00
N TYR F 219 -45.93 -60.42 2.41
CA TYR F 219 -46.93 -59.53 3.02
C TYR F 219 -48.33 -60.15 3.04
N GLY F 220 -48.60 -61.03 2.07
CA GLY F 220 -49.87 -61.76 2.06
C GLY F 220 -51.01 -60.87 1.64
N ALA F 221 -50.76 -60.02 0.66
CA ALA F 221 -51.72 -59.00 0.28
C ALA F 221 -52.21 -59.15 -1.17
N ARG F 222 -52.08 -60.34 -1.72
CA ARG F 222 -52.42 -60.59 -3.12
C ARG F 222 -53.87 -60.29 -3.36
N GLU F 223 -54.74 -60.80 -2.48
CA GLU F 223 -56.19 -60.62 -2.58
C GLU F 223 -56.59 -59.22 -2.10
N LEU F 224 -55.94 -58.74 -1.05
CA LEU F 224 -56.14 -57.38 -0.55
C LEU F 224 -56.04 -56.29 -1.63
N VAL F 225 -55.01 -56.35 -2.46
CA VAL F 225 -54.86 -55.38 -3.56
C VAL F 225 -55.44 -55.84 -4.91
N ALA F 226 -56.16 -56.96 -4.92
CA ALA F 226 -56.77 -57.50 -6.14
C ALA F 226 -55.75 -57.70 -7.27
N PHE F 227 -54.58 -58.25 -6.92
CA PHE F 227 -53.48 -58.45 -7.87
C PHE F 227 -53.87 -59.27 -9.11
N ASP F 228 -54.62 -60.34 -8.88
CA ASP F 228 -54.92 -61.30 -9.95
C ASP F 228 -55.93 -60.71 -10.93
N GLU F 229 -56.51 -59.55 -10.60
CA GLU F 229 -57.35 -58.83 -11.55
C GLU F 229 -56.51 -58.10 -12.61
N LEU F 230 -55.20 -58.00 -12.40
CA LEU F 230 -54.31 -57.33 -13.36
C LEU F 230 -53.81 -58.33 -14.40
N THR F 231 -53.28 -57.81 -15.50
CA THR F 231 -52.70 -58.63 -16.55
C THR F 231 -51.24 -58.31 -16.84
N HIS F 232 -50.95 -57.02 -16.95
CA HIS F 232 -49.69 -56.60 -17.46
C HIS F 232 -48.62 -56.63 -16.36
N VAL F 233 -48.98 -56.26 -15.13
CA VAL F 233 -47.97 -56.36 -14.03
C VAL F 233 -47.63 -57.83 -13.72
N PRO F 234 -48.64 -58.71 -13.60
CA PRO F 234 -48.32 -60.12 -13.38
C PRO F 234 -47.43 -60.74 -14.45
N ALA F 235 -47.67 -60.46 -15.74
CA ALA F 235 -46.80 -61.00 -16.80
C ALA F 235 -45.38 -60.43 -16.69
N TRP F 236 -45.30 -59.17 -16.31
CA TRP F 236 -44.02 -58.50 -16.20
C TRP F 236 -43.26 -59.15 -15.05
N LEU F 237 -43.95 -59.43 -13.95
CA LEU F 237 -43.31 -60.05 -12.78
C LEU F 237 -42.82 -61.44 -13.09
N GLU F 238 -43.58 -62.20 -13.88
CA GLU F 238 -43.13 -63.53 -14.31
C GLU F 238 -41.90 -63.43 -15.21
N ARG F 239 -41.82 -62.40 -16.04
CA ARG F 239 -40.65 -62.20 -16.91
C ARG F 239 -39.43 -61.90 -16.02
N GLY F 240 -39.61 -61.09 -15.00
CA GLY F 240 -38.51 -60.72 -14.12
C GLY F 240 -38.01 -61.92 -13.36
N LEU F 241 -38.96 -62.65 -12.77
CA LEU F 241 -38.65 -63.82 -11.96
C LEU F 241 -38.05 -65.01 -12.76
N ALA F 242 -38.20 -65.01 -14.08
CA ALA F 242 -37.59 -66.02 -14.93
C ALA F 242 -36.09 -65.78 -15.23
N ARG F 243 -35.56 -64.65 -14.78
CA ARG F 243 -34.16 -64.30 -15.01
C ARG F 243 -33.32 -64.93 -13.90
N PRO F 244 -32.31 -65.72 -14.26
CA PRO F 244 -31.45 -66.34 -13.24
C PRO F 244 -30.90 -65.38 -12.21
N ALA F 245 -30.46 -64.20 -12.65
CA ALA F 245 -29.86 -63.22 -11.73
C ALA F 245 -30.87 -62.74 -10.66
N VAL F 246 -32.15 -62.67 -11.04
CA VAL F 246 -33.21 -62.29 -10.12
C VAL F 246 -33.42 -63.44 -9.11
N GLN F 247 -33.50 -64.66 -9.62
CA GLN F 247 -33.61 -65.85 -8.79
C GLN F 247 -32.45 -65.83 -7.74
N ARG F 248 -31.23 -65.54 -8.18
CA ARG F 248 -30.07 -65.61 -7.25
C ARG F 248 -30.13 -64.50 -6.18
N GLY F 249 -30.32 -63.28 -6.67
CA GLY F 249 -30.26 -62.10 -5.85
C GLY F 249 -31.35 -62.07 -4.82
N LEU F 250 -32.52 -62.63 -5.15
CA LEU F 250 -33.62 -62.69 -4.16
C LEU F 250 -33.25 -63.41 -2.87
N GLU F 251 -32.20 -64.23 -2.89
CA GLU F 251 -31.85 -65.04 -1.70
C GLU F 251 -30.45 -64.74 -1.11
N ILE F 252 -29.92 -63.57 -1.45
CA ILE F 252 -28.59 -63.15 -0.99
C ILE F 252 -28.74 -61.82 -0.27
N PRO F 253 -28.14 -61.70 0.92
CA PRO F 253 -27.44 -62.74 1.67
C PRO F 253 -28.42 -63.75 2.25
N LYS F 254 -27.94 -64.93 2.61
CA LYS F 254 -28.73 -65.88 3.39
C LYS F 254 -29.06 -65.27 4.77
N ARG F 255 -30.29 -65.51 5.25
CA ARG F 255 -30.80 -64.89 6.47
C ARG F 255 -30.05 -65.42 7.68
N PRO F 256 -29.64 -64.54 8.60
CA PRO F 256 -28.88 -64.99 9.77
C PRO F 256 -29.78 -65.59 10.83
N LEU G 26 33.86 71.97 30.45
CA LEU G 26 34.40 72.14 29.06
C LEU G 26 35.89 72.46 29.05
N SER G 27 36.38 73.06 30.13
CA SER G 27 37.79 73.43 30.25
C SER G 27 38.72 72.22 30.32
N SER G 28 38.15 71.04 30.54
CA SER G 28 38.92 69.80 30.47
C SER G 28 39.19 69.34 29.03
N PHE G 29 38.65 70.05 28.03
CA PHE G 29 39.03 69.83 26.62
C PHE G 29 40.12 70.82 26.23
N PRO G 30 41.36 70.34 25.94
CA PRO G 30 42.46 71.28 25.71
C PRO G 30 42.33 72.20 24.49
N ILE G 31 41.49 71.84 23.52
CA ILE G 31 41.27 72.73 22.38
C ILE G 31 40.78 74.13 22.82
N THR G 32 40.02 74.18 23.91
CA THR G 32 39.48 75.44 24.41
C THR G 32 40.55 76.35 25.04
N LYS G 33 41.74 75.84 25.32
CA LYS G 33 42.86 76.71 25.70
C LYS G 33 43.24 77.62 24.55
N ARG G 34 43.08 77.13 23.33
CA ARG G 34 43.46 77.87 22.14
C ARG G 34 42.27 78.54 21.44
N TRP G 35 41.09 77.92 21.52
CA TRP G 35 39.86 78.54 21.03
C TRP G 35 38.81 78.56 22.13
N PRO G 36 38.96 79.48 23.10
CA PRO G 36 38.05 79.49 24.23
C PRO G 36 36.60 79.74 23.84
N ALA G 37 35.70 79.12 24.58
CA ALA G 37 34.28 79.26 24.38
C ALA G 37 33.79 80.50 25.09
N GLN G 38 33.14 81.39 24.36
CA GLN G 38 32.35 82.50 24.94
C GLN G 38 31.03 81.98 25.52
N HIS G 39 30.55 80.86 24.97
CA HIS G 39 29.29 80.25 25.38
C HIS G 39 29.45 78.75 25.62
N SER G 40 29.83 78.36 26.82
CA SER G 40 30.06 76.93 27.11
C SER G 40 28.78 76.07 27.21
N ASP G 41 27.61 76.71 27.13
CA ASP G 41 26.34 76.01 27.05
C ASP G 41 25.91 75.73 25.61
N ARG G 42 26.78 76.01 24.63
CA ARG G 42 26.48 75.82 23.21
C ARG G 42 27.47 74.93 22.56
N ILE G 43 27.05 74.28 21.47
CA ILE G 43 27.93 73.50 20.66
C ILE G 43 29.07 74.41 20.14
N GLN G 44 30.29 73.91 20.27
CA GLN G 44 31.48 74.55 19.71
C GLN G 44 31.84 73.86 18.39
N LEU G 45 31.99 74.65 17.35
CA LEU G 45 32.32 74.16 16.03
C LEU G 45 33.72 74.66 15.68
N TYR G 46 34.60 73.72 15.36
CA TYR G 46 35.97 74.03 14.96
C TYR G 46 36.09 73.64 13.50
N SER G 47 36.15 74.62 12.62
CA SER G 47 35.97 74.35 11.21
C SER G 47 36.51 75.48 10.32
N LEU G 48 36.27 75.30 9.03
CA LEU G 48 36.52 76.29 8.00
C LEU G 48 35.46 76.02 6.95
N PRO G 49 35.08 77.03 6.17
CA PRO G 49 34.04 76.84 5.16
C PRO G 49 34.51 76.08 3.92
N THR G 50 35.04 74.88 4.14
CA THR G 50 35.46 73.99 3.08
C THR G 50 34.35 72.99 2.82
N PRO G 51 34.45 72.19 1.74
CA PRO G 51 33.35 71.28 1.48
C PRO G 51 33.08 70.29 2.58
N ASN G 52 34.08 69.96 3.41
CA ASN G 52 33.82 69.06 4.54
C ASN G 52 33.30 69.82 5.74
N GLY G 53 33.77 71.06 5.88
CA GLY G 53 33.40 71.93 7.01
C GLY G 53 31.96 72.39 6.87
N VAL G 54 31.53 72.69 5.64
CA VAL G 54 30.17 73.18 5.43
C VAL G 54 29.08 72.15 5.66
N LYS G 55 29.39 70.86 5.56
CA LYS G 55 28.41 69.85 5.92
C LYS G 55 27.84 70.08 7.33
N VAL G 56 28.74 70.33 8.27
CA VAL G 56 28.36 70.51 9.67
C VAL G 56 27.74 71.89 9.96
N SER G 57 28.34 72.95 9.45
CA SER G 57 27.74 74.26 9.64
C SER G 57 26.34 74.31 9.00
N ILE G 58 26.16 73.66 7.86
CA ILE G 58 24.83 73.62 7.25
C ILE G 58 23.84 72.84 8.14
N MET G 59 24.25 71.69 8.62
CA MET G 59 23.42 70.89 9.52
C MET G 59 22.97 71.71 10.72
N LEU G 60 23.91 72.41 11.35
CA LEU G 60 23.60 73.20 12.52
C LEU G 60 22.60 74.34 12.16
N GLU G 61 22.80 75.00 11.03
CA GLU G 61 21.88 76.02 10.56
C GLU G 61 20.51 75.42 10.25
N GLU G 62 20.46 74.25 9.61
CA GLU G 62 19.19 73.60 9.27
C GLU G 62 18.40 73.19 10.52
N THR G 63 19.11 72.76 11.57
CA THR G 63 18.48 72.30 12.79
C THR G 63 18.08 73.45 13.68
N GLY G 64 18.77 74.57 13.53
CA GLY G 64 18.53 75.74 14.39
C GLY G 64 19.22 75.61 15.76
N LEU G 65 20.09 74.62 15.94
CA LEU G 65 20.77 74.46 17.26
C LEU G 65 21.70 75.64 17.55
N PRO G 66 21.69 76.16 18.80
CA PRO G 66 22.69 77.19 19.10
C PRO G 66 24.11 76.62 19.01
N TYR G 67 25.00 77.36 18.37
CA TYR G 67 26.43 76.98 18.34
C TYR G 67 27.35 78.16 18.23
N GLU G 68 28.62 77.92 18.49
CA GLU G 68 29.65 78.95 18.47
C GLU G 68 30.77 78.49 17.56
N PRO G 69 30.88 79.09 16.36
CA PRO G 69 31.88 78.58 15.43
C PRO G 69 33.26 79.18 15.68
N HIS G 70 34.30 78.41 15.42
CA HIS G 70 35.66 78.88 15.51
C HIS G 70 36.40 78.52 14.25
N ALA G 71 36.98 79.53 13.59
CA ALA G 71 37.82 79.31 12.41
C ALA G 71 39.21 78.79 12.85
N ILE G 72 39.66 77.72 12.20
CA ILE G 72 40.95 77.10 12.49
C ILE G 72 41.86 77.51 11.34
N ASP G 73 42.87 78.31 11.66
CA ASP G 73 43.74 78.87 10.63
C ASP G 73 44.84 77.91 10.18
N PHE G 74 44.66 77.35 8.98
CA PHE G 74 45.59 76.38 8.40
C PHE G 74 46.86 77.02 7.88
N GLY G 75 46.76 78.29 7.44
CA GLY G 75 47.95 79.04 7.04
C GLY G 75 48.97 79.13 8.16
N LYS G 76 48.51 79.07 9.41
CA LYS G 76 49.38 79.10 10.58
C LYS G 76 49.61 77.73 11.23
N ASP G 77 49.17 76.66 10.55
CA ASP G 77 49.36 75.28 11.02
C ASP G 77 48.64 74.96 12.34
N HIS G 78 47.55 75.68 12.61
CA HIS G 78 46.86 75.55 13.89
C HIS G 78 46.20 74.17 14.06
N GLN G 79 45.84 73.53 12.95
CA GLN G 79 45.33 72.17 12.98
C GLN G 79 46.35 71.11 13.41
N LYS G 80 47.63 71.48 13.49
CA LYS G 80 48.65 70.54 13.98
C LYS G 80 49.10 70.90 15.39
N THR G 81 48.46 71.88 16.03
CA THR G 81 48.79 72.18 17.43
C THR G 81 48.35 71.05 18.35
N PRO G 82 49.04 70.85 19.48
CA PRO G 82 48.55 69.84 20.44
C PRO G 82 47.10 70.09 20.88
N GLU G 83 46.72 71.35 20.99
CA GLU G 83 45.40 71.74 21.41
C GLU G 83 44.33 71.27 20.41
N PHE G 84 44.57 71.47 19.12
CA PHE G 84 43.62 70.96 18.12
C PHE G 84 43.65 69.44 18.05
N LEU G 85 44.85 68.85 18.13
CA LEU G 85 45.00 67.41 17.97
C LEU G 85 44.34 66.65 19.12
N SER G 86 44.25 67.28 20.29
CA SER G 86 43.52 66.73 21.45
C SER G 86 42.06 66.42 21.19
N LEU G 87 41.46 67.11 20.23
CA LEU G 87 40.08 66.85 19.83
C LEU G 87 40.02 66.00 18.54
N ASN G 88 40.84 66.31 17.55
CA ASN G 88 40.95 65.45 16.39
C ASN G 88 42.41 65.07 16.14
N PRO G 89 42.81 63.85 16.56
CA PRO G 89 44.19 63.43 16.31
C PRO G 89 44.53 63.26 14.82
N ASN G 90 43.53 63.19 13.97
CA ASN G 90 43.79 63.23 12.53
C ASN G 90 44.15 64.64 11.97
N GLY G 91 43.94 65.70 12.76
CA GLY G 91 44.33 67.07 12.35
C GLY G 91 43.54 67.67 11.19
N LYS G 92 42.24 67.40 11.16
CA LYS G 92 41.39 67.93 10.10
C LYS G 92 40.13 68.53 10.70
N ILE G 93 39.47 69.37 9.91
CA ILE G 93 38.19 69.96 10.26
C ILE G 93 37.14 69.27 9.42
N PRO G 94 35.86 69.30 9.84
CA PRO G 94 35.32 69.89 11.07
C PRO G 94 35.40 68.96 12.26
N ALA G 95 35.34 69.57 13.44
CA ALA G 95 35.21 68.86 14.72
C ALA G 95 34.29 69.70 15.62
N ILE G 96 33.56 69.05 16.52
CA ILE G 96 32.69 69.76 17.46
C ILE G 96 32.90 69.25 18.88
N ILE G 97 32.54 70.05 19.85
CA ILE G 97 32.28 69.57 21.19
C ILE G 97 30.84 69.99 21.52
N ASP G 98 30.02 69.00 21.87
CA ASP G 98 28.69 69.28 22.41
C ASP G 98 28.76 69.24 23.94
N PRO G 99 28.60 70.40 24.59
CA PRO G 99 28.67 70.39 26.07
C PRO G 99 27.49 69.63 26.70
N ASN G 100 26.40 69.45 25.95
CA ASN G 100 25.22 68.75 26.43
C ASN G 100 25.04 67.48 25.66
N GLY G 101 26.03 66.61 25.77
CA GLY G 101 26.09 65.36 25.05
C GLY G 101 25.31 64.29 25.77
N PRO G 102 25.50 62.99 25.27
CA PRO G 102 24.70 61.97 25.98
C PRO G 102 24.98 61.92 27.48
N GLY G 103 23.92 61.71 28.24
CA GLY G 103 23.97 61.69 29.70
C GLY G 103 24.40 63.02 30.25
N ASP G 104 24.06 64.09 29.52
CA ASP G 104 24.37 65.45 29.94
C ASP G 104 25.81 65.60 30.37
N LYS G 105 26.70 65.09 29.53
CA LYS G 105 28.12 65.22 29.70
C LYS G 105 28.66 65.72 28.38
N PRO G 106 29.74 66.48 28.40
CA PRO G 106 30.27 66.95 27.12
C PRO G 106 30.76 65.80 26.21
N LEU G 107 30.57 65.96 24.91
CA LEU G 107 31.08 64.98 23.94
C LEU G 107 31.84 65.69 22.81
N GLY G 108 33.08 65.27 22.60
CA GLY G 108 33.86 65.69 21.44
C GLY G 108 33.72 64.68 20.32
N LEU G 109 33.54 65.17 19.11
CA LEU G 109 33.47 64.31 17.92
C LEU G 109 34.24 64.92 16.78
N PHE G 110 34.91 64.08 15.99
CA PHE G 110 35.43 64.54 14.72
C PHE G 110 34.83 63.66 13.61
N GLU G 111 35.13 64.01 12.37
CA GLU G 111 34.59 63.34 11.16
C GLU G 111 33.20 63.87 10.86
N SER G 112 33.06 64.54 9.71
CA SER G 112 31.80 65.14 9.30
C SER G 112 30.67 64.12 9.33
N GLY G 113 30.95 62.88 8.90
CA GLY G 113 29.95 61.81 8.87
C GLY G 113 29.37 61.39 10.21
N ALA G 114 30.23 61.20 11.20
CA ALA G 114 29.80 60.89 12.54
C ALA G 114 29.06 62.08 13.15
N ILE G 115 29.50 63.29 12.84
CA ILE G 115 28.86 64.46 13.36
C ILE G 115 27.44 64.58 12.79
N LEU G 116 27.29 64.36 11.50
CA LEU G 116 25.98 64.46 10.91
C LEU G 116 25.03 63.45 11.50
N GLN G 117 25.49 62.21 11.68
CA GLN G 117 24.63 61.18 12.28
C GLN G 117 24.30 61.56 13.70
N TYR G 118 25.26 62.09 14.43
CA TYR G 118 25.03 62.48 15.82
C TYR G 118 24.00 63.61 15.92
N LEU G 119 24.16 64.62 15.06
CA LEU G 119 23.25 65.77 15.09
C LEU G 119 21.85 65.37 14.64
N ALA G 120 21.74 64.38 13.76
CA ALA G 120 20.42 63.93 13.31
C ALA G 120 19.71 63.23 14.48
N GLU G 121 20.45 62.47 15.26
CA GLU G 121 19.89 61.85 16.47
C GLU G 121 19.54 62.91 17.48
N LYS G 122 20.42 63.88 17.68
CA LYS G 122 20.17 64.89 18.71
C LYS G 122 18.87 65.69 18.44
N THR G 123 18.59 65.95 17.17
CA THR G 123 17.48 66.80 16.76
C THR G 123 16.26 66.06 16.25
N GLY G 124 16.40 64.76 16.00
CA GLY G 124 15.29 63.95 15.48
C GLY G 124 14.88 64.31 14.06
N GLN G 125 15.83 64.86 13.29
CA GLN G 125 15.52 65.41 11.97
C GLN G 125 16.56 65.09 10.92
N PHE G 126 16.17 65.18 9.65
CA PHE G 126 17.07 65.00 8.53
C PHE G 126 17.55 63.57 8.35
N LEU G 127 16.79 62.66 8.93
CA LEU G 127 16.76 61.24 8.58
C LEU G 127 15.29 60.87 8.44
N PRO G 128 14.97 59.98 7.51
CA PRO G 128 13.54 59.66 7.37
C PRO G 128 12.98 58.89 8.57
N ALA G 129 11.66 58.94 8.73
CA ALA G 129 10.97 58.24 9.80
C ALA G 129 11.10 56.71 9.67
N ASP G 130 10.82 56.20 8.49
CA ASP G 130 10.88 54.78 8.24
C ASP G 130 12.28 54.15 8.44
N PRO G 131 12.40 53.10 9.28
CA PRO G 131 13.74 52.50 9.53
C PRO G 131 14.50 52.03 8.26
N ALA G 132 13.82 51.37 7.33
CA ALA G 132 14.48 50.97 6.07
C ALA G 132 15.02 52.18 5.34
N ARG G 133 14.23 53.25 5.24
CA ARG G 133 14.72 54.44 4.56
C ARG G 133 15.85 55.15 5.34
N ARG G 134 15.91 54.92 6.64
CA ARG G 134 17.02 55.43 7.46
C ARG G 134 18.32 54.76 7.07
N TRP G 135 18.34 53.44 6.97
CA TRP G 135 19.54 52.73 6.51
C TRP G 135 19.89 53.10 5.08
N GLN G 136 18.88 53.21 4.21
CA GLN G 136 19.16 53.65 2.84
C GLN G 136 19.80 55.04 2.79
N THR G 137 19.36 55.97 3.65
CA THR G 137 19.98 57.29 3.70
C THR G 137 21.47 57.16 4.08
N LEU G 138 21.79 56.24 4.97
CA LEU G 138 23.19 56.05 5.35
C LEU G 138 24.03 55.47 4.22
N GLN G 139 23.41 54.78 3.27
CA GLN G 139 24.16 54.32 2.12
C GLN G 139 24.70 55.51 1.38
N TRP G 140 23.79 56.46 1.11
CA TRP G 140 24.16 57.63 0.31
C TRP G 140 25.12 58.54 1.07
N LEU G 141 25.00 58.57 2.40
CA LEU G 141 26.01 59.26 3.21
C LEU G 141 27.40 58.69 2.96
N HIS G 142 27.52 57.38 3.07
CA HIS G 142 28.80 56.66 2.87
C HIS G 142 29.30 56.68 1.43
N PHE G 143 28.39 56.75 0.46
CA PHE G 143 28.76 57.00 -0.93
C PHE G 143 29.49 58.33 -1.03
N GLN G 144 28.95 59.34 -0.37
CA GLN G 144 29.57 60.67 -0.36
C GLN G 144 30.92 60.67 0.37
N MET G 145 30.96 60.04 1.54
CA MET G 145 32.16 60.07 2.39
C MET G 145 33.32 59.28 1.79
N GLY G 146 33.00 58.15 1.18
CA GLY G 146 34.01 57.25 0.63
C GLY G 146 34.30 57.49 -0.83
N GLY G 147 33.44 58.24 -1.51
CA GLY G 147 33.49 58.41 -2.97
C GLY G 147 33.62 59.87 -3.39
N ILE G 148 32.55 60.62 -3.20
CA ILE G 148 32.50 62.02 -3.62
C ILE G 148 33.65 62.86 -3.03
N GLY G 149 33.74 62.88 -1.71
CA GLY G 149 34.74 63.72 -1.03
C GLY G 149 36.16 63.40 -1.42
N PRO G 150 36.57 62.15 -1.26
CA PRO G 150 37.93 61.82 -1.64
C PRO G 150 38.22 62.07 -3.11
N MET G 151 37.32 61.67 -4.01
CA MET G 151 37.65 61.79 -5.43
C MET G 151 37.62 63.23 -5.95
N PHE G 152 36.59 63.98 -5.60
CA PHE G 152 36.54 65.41 -5.92
C PHE G 152 37.75 66.13 -5.34
N GLY G 153 38.17 65.77 -4.13
CA GLY G 153 39.34 66.40 -3.53
C GLY G 153 40.63 66.11 -4.26
N GLN G 154 40.80 64.89 -4.79
CA GLN G 154 42.00 64.61 -5.57
C GLN G 154 41.98 65.41 -6.88
N LEU G 155 40.80 65.56 -7.47
CA LEU G 155 40.63 66.39 -8.65
C LEU G 155 41.10 67.79 -8.29
N GLY G 156 40.69 68.24 -7.10
CA GLY G 156 41.11 69.56 -6.59
C GLY G 156 42.61 69.71 -6.49
N PHE G 157 43.28 68.71 -5.93
CA PHE G 157 44.72 68.74 -5.84
C PHE G 157 45.40 68.87 -7.19
N PHE G 158 44.93 68.15 -8.20
CA PHE G 158 45.58 68.19 -9.51
C PHE G 158 45.06 69.26 -10.48
N HIS G 159 44.01 69.98 -10.12
CA HIS G 159 43.51 71.07 -10.99
C HIS G 159 43.63 72.46 -10.34
N LYS G 160 43.45 72.53 -9.02
CA LYS G 160 43.36 73.80 -8.31
C LYS G 160 44.58 74.07 -7.40
N PHE G 161 45.09 73.03 -6.75
CA PHE G 161 46.20 73.20 -5.79
C PHE G 161 47.53 72.78 -6.37
N ALA G 162 48.46 72.32 -5.53
CA ALA G 162 49.87 72.17 -5.95
C ALA G 162 50.08 71.19 -7.10
N GLY G 163 49.26 70.17 -7.14
CA GLY G 163 49.37 69.17 -8.18
C GLY G 163 49.11 69.72 -9.56
N ARG G 164 48.49 70.90 -9.64
CA ARG G 164 48.26 71.52 -10.94
C ARG G 164 49.58 71.91 -11.64
N GLU G 165 50.67 72.04 -10.88
CA GLU G 165 51.95 72.37 -11.50
C GLU G 165 52.58 71.19 -12.23
N TYR G 166 52.10 69.96 -12.00
CA TYR G 166 52.71 68.76 -12.61
C TYR G 166 52.33 68.75 -14.09
N GLU G 167 53.32 68.58 -14.95
CA GLU G 167 53.14 68.70 -16.41
C GLU G 167 52.33 67.54 -16.95
N ASP G 168 52.61 66.32 -16.48
CA ASP G 168 51.85 65.18 -16.96
C ASP G 168 50.49 65.12 -16.28
N LYS G 169 49.46 65.08 -17.11
CA LYS G 169 48.08 65.25 -16.65
C LYS G 169 47.32 63.92 -16.51
N ARG G 170 47.99 62.78 -16.58
CA ARG G 170 47.29 61.50 -16.39
C ARG G 170 46.64 61.38 -15.01
N PRO G 171 47.30 61.89 -13.96
CA PRO G 171 46.66 61.90 -12.65
C PRO G 171 45.38 62.72 -12.65
N LEU G 172 45.45 63.95 -13.15
CA LEU G 172 44.26 64.77 -13.29
C LEU G 172 43.19 64.00 -14.07
N GLN G 173 43.55 63.39 -15.21
CA GLN G 173 42.58 62.70 -16.06
C GLN G 173 41.88 61.55 -15.34
N ARG G 174 42.61 60.87 -14.47
CA ARG G 174 42.03 59.82 -13.65
C ARG G 174 40.90 60.36 -12.74
N TYR G 175 41.15 61.43 -11.98
CA TYR G 175 40.15 61.96 -11.06
C TYR G 175 39.04 62.74 -11.76
N VAL G 176 39.33 63.31 -12.92
CA VAL G 176 38.26 63.83 -13.78
C VAL G 176 37.32 62.68 -14.15
N ALA G 177 37.85 61.53 -14.59
CA ALA G 177 36.99 60.43 -15.06
C ALA G 177 36.17 59.90 -13.90
N GLU G 178 36.82 59.75 -12.76
CA GLU G 178 36.14 59.23 -11.59
C GLU G 178 35.10 60.20 -11.03
N SER G 179 35.43 61.48 -10.99
CA SER G 179 34.47 62.45 -10.54
C SER G 179 33.29 62.47 -11.52
N LYS G 180 33.54 62.31 -12.82
CA LYS G 180 32.43 62.23 -13.78
C LYS G 180 31.54 61.01 -13.57
N ARG G 181 32.16 59.86 -13.30
CA ARG G 181 31.41 58.64 -13.01
C ARG G 181 30.52 58.81 -11.77
N LEU G 182 31.09 59.36 -10.68
CA LEU G 182 30.30 59.68 -9.49
C LEU G 182 29.10 60.61 -9.76
N LEU G 183 29.34 61.62 -10.59
CA LEU G 183 28.26 62.50 -10.95
C LEU G 183 27.20 61.76 -11.74
N GLY G 184 27.63 60.82 -12.59
CA GLY G 184 26.71 59.98 -13.36
C GLY G 184 25.81 59.17 -12.42
N VAL G 185 26.36 58.75 -11.28
CA VAL G 185 25.58 57.95 -10.33
C VAL G 185 24.52 58.84 -9.68
N LEU G 186 24.93 60.04 -9.30
CA LEU G 186 24.00 61.01 -8.74
C LEU G 186 22.92 61.42 -9.75
N GLU G 187 23.31 61.54 -11.01
CA GLU G 187 22.41 61.95 -12.07
C GLU G 187 21.28 60.93 -12.20
N ALA G 188 21.62 59.65 -12.22
CA ALA G 188 20.58 58.61 -12.30
C ALA G 188 19.73 58.55 -11.00
N ARG G 189 20.35 58.74 -9.85
CA ARG G 189 19.59 58.79 -8.59
C ARG G 189 18.59 59.95 -8.55
N LEU G 190 18.99 61.15 -8.99
CA LEU G 190 18.17 62.35 -8.85
C LEU G 190 17.15 62.50 -9.99
N ASP G 191 17.21 61.59 -10.95
CA ASP G 191 16.19 61.56 -12.03
C ASP G 191 14.79 61.23 -11.47
N GLY G 192 13.90 62.22 -11.39
CA GLY G 192 12.55 62.02 -10.85
C GLY G 192 12.49 62.14 -9.33
N ARG G 193 13.58 62.57 -8.70
CA ARG G 193 13.57 62.83 -7.25
C ARG G 193 13.87 64.29 -6.94
N GLN G 194 13.22 64.80 -5.92
CA GLN G 194 13.49 66.13 -5.43
C GLN G 194 14.81 66.13 -4.63
N TRP G 195 14.94 65.19 -3.70
CA TRP G 195 16.20 64.98 -2.96
C TRP G 195 16.70 63.57 -3.18
N ILE G 196 17.87 63.28 -2.60
CA ILE G 196 18.47 61.98 -2.72
C ILE G 196 17.51 60.93 -2.16
N MET G 197 16.81 61.25 -1.08
CA MET G 197 15.79 60.36 -0.53
C MET G 197 14.41 60.84 -0.89
N ASP G 198 14.21 61.17 -2.14
CA ASP G 198 12.87 61.47 -2.67
C ASP G 198 12.33 62.78 -2.10
N ALA G 199 11.18 62.76 -1.43
CA ALA G 199 10.63 63.95 -0.80
C ALA G 199 11.31 64.35 0.53
N ASP G 200 12.18 63.50 1.08
CA ASP G 200 12.90 63.78 2.35
C ASP G 200 14.28 64.38 2.12
N TYR G 201 14.47 65.59 2.63
CA TYR G 201 15.76 66.24 2.63
C TYR G 201 16.48 65.73 3.87
N THR G 202 17.69 65.22 3.66
CA THR G 202 18.37 64.50 4.69
C THR G 202 19.82 64.90 4.77
N ILE G 203 20.50 64.31 5.75
CA ILE G 203 21.94 64.44 5.85
C ILE G 203 22.72 63.93 4.61
N ALA G 204 22.10 63.12 3.78
CA ALA G 204 22.72 62.81 2.49
C ALA G 204 22.89 64.04 1.60
N ASP G 205 21.85 64.85 1.49
CA ASP G 205 21.97 66.07 0.71
C ASP G 205 22.90 67.04 1.42
N ILE G 206 22.74 67.15 2.73
CA ILE G 206 23.59 68.10 3.47
C ILE G 206 25.06 67.79 3.23
N ALA G 207 25.40 66.51 3.21
CA ALA G 207 26.78 66.07 3.01
C ALA G 207 27.36 66.28 1.59
N THR G 208 26.50 66.27 0.59
CA THR G 208 26.93 66.25 -0.81
C THR G 208 26.89 67.64 -1.50
N LEU G 209 25.95 68.49 -1.12
CA LEU G 209 25.78 69.77 -1.82
C LEU G 209 27.03 70.62 -1.86
N GLY G 210 27.69 70.82 -0.71
CA GLY G 210 28.91 71.60 -0.70
C GLY G 210 30.01 71.09 -1.65
N TRP G 211 30.19 69.77 -1.74
CA TRP G 211 31.19 69.20 -2.64
C TRP G 211 30.84 69.49 -4.10
N VAL G 212 29.58 69.31 -4.46
CA VAL G 212 29.20 69.61 -5.87
C VAL G 212 29.37 71.13 -6.21
N ARG G 213 28.91 72.01 -5.33
CA ARG G 213 29.11 73.46 -5.49
C ARG G 213 30.58 73.82 -5.66
N ASN G 214 31.41 73.30 -4.77
CA ASN G 214 32.83 73.57 -4.78
C ASN G 214 33.54 73.07 -6.05
N LEU G 215 33.18 71.88 -6.48
CA LEU G 215 33.69 71.34 -7.72
C LEU G 215 33.50 72.33 -8.87
N ILE G 216 32.34 72.95 -8.92
CA ILE G 216 32.01 73.77 -10.10
C ILE G 216 32.29 75.27 -9.89
N GLY G 217 32.57 75.66 -8.65
CA GLY G 217 32.88 77.04 -8.35
C GLY G 217 34.36 77.13 -8.05
N PHE G 218 34.69 77.09 -6.77
CA PHE G 218 36.04 77.31 -6.31
C PHE G 218 37.07 76.44 -7.06
N TYR G 219 36.79 75.17 -7.27
CA TYR G 219 37.75 74.32 -7.97
C TYR G 219 37.89 74.65 -9.47
N GLY G 220 36.92 75.36 -10.05
CA GLY G 220 37.02 75.75 -11.44
C GLY G 220 36.91 74.57 -12.39
N ALA G 221 36.17 73.54 -11.99
CA ALA G 221 36.12 72.32 -12.78
C ALA G 221 34.78 72.09 -13.50
N ARG G 222 33.96 73.12 -13.59
CA ARG G 222 32.62 73.03 -14.18
C ARG G 222 32.67 72.44 -15.59
N GLU G 223 33.58 72.96 -16.40
CA GLU G 223 33.72 72.52 -17.80
C GLU G 223 34.50 71.22 -17.86
N LEU G 224 35.50 71.09 -17.01
CA LEU G 224 36.27 69.85 -16.93
C LEU G 224 35.40 68.59 -16.75
N VAL G 225 34.35 68.68 -15.91
CA VAL G 225 33.49 67.51 -15.68
C VAL G 225 32.21 67.53 -16.55
N ALA G 226 32.09 68.48 -17.47
CA ALA G 226 30.92 68.55 -18.36
C ALA G 226 29.60 68.67 -17.58
N PHE G 227 29.67 69.41 -16.47
CA PHE G 227 28.54 69.63 -15.59
C PHE G 227 27.26 70.16 -16.25
N ASP G 228 27.38 71.09 -17.20
CA ASP G 228 26.21 71.70 -17.84
C ASP G 228 25.51 70.79 -18.87
N GLU G 229 26.09 69.62 -19.16
CA GLU G 229 25.40 68.54 -19.91
C GLU G 229 24.45 67.72 -19.03
N LEU G 230 24.62 67.81 -17.72
CA LEU G 230 23.76 67.12 -16.76
C LEU G 230 22.45 67.87 -16.59
N THR G 231 21.40 67.15 -16.17
CA THR G 231 20.09 67.76 -15.90
C THR G 231 19.68 67.71 -14.44
N HIS G 232 19.76 66.53 -13.85
CA HIS G 232 19.15 66.29 -12.57
C HIS G 232 20.05 66.78 -11.43
N VAL G 233 21.36 66.63 -11.59
CA VAL G 233 22.25 67.12 -10.52
C VAL G 233 22.22 68.67 -10.46
N PRO G 234 22.29 69.35 -11.61
CA PRO G 234 22.12 70.81 -11.58
C PRO G 234 20.81 71.29 -10.92
N ALA G 235 19.69 70.66 -11.22
CA ALA G 235 18.41 71.06 -10.64
C ALA G 235 18.36 70.84 -9.12
N TRP G 236 18.92 69.71 -8.68
CA TRP G 236 19.00 69.38 -7.24
C TRP G 236 19.86 70.39 -6.51
N LEU G 237 20.98 70.76 -7.12
CA LEU G 237 21.90 71.71 -6.50
C LEU G 237 21.21 73.04 -6.34
N GLU G 238 20.46 73.47 -7.36
CA GLU G 238 19.75 74.73 -7.26
C GLU G 238 18.69 74.69 -6.16
N ARG G 239 18.01 73.57 -6.00
CA ARG G 239 17.04 73.42 -4.92
C ARG G 239 17.72 73.53 -3.55
N GLY G 240 18.87 72.90 -3.41
CA GLY G 240 19.61 72.94 -2.15
C GLY G 240 20.13 74.34 -1.81
N LEU G 241 20.72 74.99 -2.81
CA LEU G 241 21.22 76.37 -2.63
C LEU G 241 20.13 77.42 -2.45
N ALA G 242 18.87 77.07 -2.75
CA ALA G 242 17.74 77.95 -2.46
C ALA G 242 17.32 77.96 -0.98
N ARG G 243 17.91 77.08 -0.18
CA ARG G 243 17.49 76.97 1.21
C ARG G 243 18.33 77.97 2.00
N PRO G 244 17.68 78.80 2.81
CA PRO G 244 18.40 79.76 3.65
C PRO G 244 19.49 79.18 4.57
N ALA G 245 19.26 78.04 5.19
CA ALA G 245 20.27 77.44 6.08
C ALA G 245 21.52 76.99 5.33
N VAL G 246 21.35 76.57 4.08
CA VAL G 246 22.49 76.20 3.23
C VAL G 246 23.30 77.47 2.91
N GLN G 247 22.64 78.51 2.46
CA GLN G 247 23.35 79.76 2.18
C GLN G 247 24.08 80.27 3.44
N ARG G 248 23.47 80.15 4.61
CA ARG G 248 24.13 80.59 5.85
C ARG G 248 25.35 79.74 6.16
N GLY G 249 25.17 78.43 6.12
CA GLY G 249 26.24 77.48 6.49
C GLY G 249 27.43 77.44 5.57
N LEU G 250 27.21 77.75 4.31
CA LEU G 250 28.30 77.75 3.33
C LEU G 250 29.38 78.77 3.68
N GLU G 251 29.08 79.75 4.55
CA GLU G 251 30.04 80.82 4.84
C GLU G 251 30.41 80.92 6.31
N ILE G 252 30.27 79.80 7.01
CA ILE G 252 30.55 79.75 8.46
C ILE G 252 31.54 78.64 8.76
N PRO G 253 32.56 78.92 9.60
CA PRO G 253 32.90 80.23 10.12
C PRO G 253 33.51 81.10 9.01
N LYS G 254 33.63 82.38 9.28
CA LYS G 254 34.30 83.28 8.36
C LYS G 254 35.78 82.93 8.30
N ARG G 255 36.38 83.01 7.11
CA ARG G 255 37.77 82.58 6.90
C ARG G 255 38.72 83.51 7.67
N PRO G 256 39.76 82.95 8.31
CA PRO G 256 40.65 83.76 9.16
C PRO G 256 41.74 84.51 8.37
N VAL H 11 -15.52 36.65 1.54
CA VAL H 11 -14.62 37.05 0.40
C VAL H 11 -13.25 36.34 0.43
N ASP H 12 -12.84 35.80 -0.72
CA ASP H 12 -11.60 35.00 -0.86
C ASP H 12 -10.33 35.84 -0.71
N LEU H 13 -9.58 35.62 0.37
CA LEU H 13 -8.35 36.38 0.65
C LEU H 13 -7.06 35.61 0.33
N GLY H 14 -7.16 34.53 -0.45
CA GLY H 14 -5.98 33.74 -0.88
C GLY H 14 -4.97 34.60 -1.64
N THR H 15 -5.49 35.39 -2.58
CA THR H 15 -4.68 36.34 -3.35
C THR H 15 -3.96 37.37 -2.46
N GLU H 16 -4.69 37.94 -1.51
CA GLU H 16 -4.10 38.93 -0.60
C GLU H 16 -2.99 38.35 0.30
N ASN H 17 -3.13 37.10 0.71
CA ASN H 17 -2.08 36.44 1.51
C ASN H 17 -0.84 36.10 0.67
N LEU H 18 -1.05 35.73 -0.59
CA LEU H 18 0.04 35.58 -1.56
C LEU H 18 0.77 36.90 -1.77
N TYR H 19 0.02 37.98 -1.92
CA TYR H 19 0.58 39.31 -2.01
C TYR H 19 1.51 39.58 -0.83
N PHE H 20 1.05 39.34 0.40
CA PHE H 20 1.92 39.65 1.57
C PHE H 20 3.19 38.79 1.64
N GLN H 21 3.12 37.53 1.21
CA GLN H 21 4.32 36.67 1.12
C GLN H 21 5.31 37.14 0.04
N SER H 22 4.79 37.56 -1.11
CA SER H 22 5.64 38.09 -2.20
C SER H 22 6.52 39.28 -1.76
N MET H 23 6.05 40.04 -0.77
CA MET H 23 6.83 41.17 -0.23
C MET H 23 7.86 40.76 0.82
N SER H 24 7.79 39.53 1.35
CA SER H 24 8.77 39.02 2.33
C SER H 24 9.86 38.13 1.71
N ASP H 25 9.69 37.75 0.45
CA ASP H 25 10.67 36.96 -0.32
C ASP H 25 11.47 37.88 -1.28
N LEU H 26 12.41 37.35 -2.07
CA LEU H 26 13.41 38.16 -2.78
C LEU H 26 13.27 38.30 -4.29
N SER H 27 12.21 37.76 -4.86
CA SER H 27 12.04 37.83 -6.32
C SER H 27 11.82 39.25 -6.86
N SER H 28 11.51 40.22 -5.99
CA SER H 28 11.40 41.62 -6.42
C SER H 28 12.74 42.32 -6.62
N PHE H 29 13.84 41.68 -6.19
CA PHE H 29 15.18 42.22 -6.37
C PHE H 29 15.80 41.62 -7.63
N PRO H 30 16.05 42.45 -8.67
CA PRO H 30 16.52 41.87 -9.95
C PRO H 30 17.90 41.22 -9.92
N ILE H 31 18.73 41.55 -8.93
CA ILE H 31 20.04 40.94 -8.84
C ILE H 31 19.96 39.40 -8.77
N THR H 32 18.89 38.89 -8.16
CA THR H 32 18.71 37.47 -7.97
C THR H 32 18.47 36.71 -9.28
N LYS H 33 18.07 37.39 -10.35
CA LYS H 33 17.92 36.71 -11.63
C LYS H 33 19.30 36.29 -12.14
N ARG H 34 20.34 37.04 -11.79
CA ARG H 34 21.70 36.70 -12.22
C ARG H 34 22.48 35.90 -11.16
N TRP H 35 22.24 36.18 -9.88
CA TRP H 35 22.76 35.36 -8.78
C TRP H 35 21.61 34.83 -7.94
N PRO H 36 21.02 33.70 -8.34
CA PRO H 36 19.90 33.20 -7.56
C PRO H 36 20.26 32.78 -6.13
N ALA H 37 19.29 32.93 -5.24
CA ALA H 37 19.43 32.58 -3.85
C ALA H 37 18.97 31.15 -3.67
N GLN H 38 19.83 30.32 -3.10
CA GLN H 38 19.47 28.95 -2.73
C GLN H 38 18.73 28.98 -1.41
N HIS H 39 19.14 29.89 -0.54
CA HIS H 39 18.60 30.07 0.79
C HIS H 39 18.05 31.50 0.92
N SER H 40 16.82 31.71 0.48
CA SER H 40 16.21 33.05 0.53
C SER H 40 15.76 33.48 1.93
N ASP H 41 15.94 32.62 2.92
CA ASP H 41 15.80 33.01 4.33
C ASP H 41 17.12 33.51 4.93
N ARG H 42 18.15 33.62 4.11
CA ARG H 42 19.48 34.02 4.58
C ARG H 42 19.96 35.29 3.93
N ILE H 43 20.77 36.07 4.65
CA ILE H 43 21.40 37.25 4.07
C ILE H 43 22.15 36.88 2.79
N GLN H 44 21.95 37.65 1.74
CA GLN H 44 22.60 37.41 0.48
C GLN H 44 23.75 38.40 0.42
N LEU H 45 24.97 37.89 0.29
CA LEU H 45 26.15 38.73 0.15
C LEU H 45 26.68 38.69 -1.27
N TYR H 46 26.80 39.86 -1.89
CA TYR H 46 27.33 39.96 -3.24
C TYR H 46 28.67 40.67 -3.13
N SER H 47 29.77 39.96 -3.42
CA SER H 47 31.09 40.46 -2.99
C SER H 47 32.30 39.78 -3.67
N LEU H 48 33.49 40.21 -3.26
CA LEU H 48 34.75 39.53 -3.56
C LEU H 48 35.62 39.78 -2.34
N PRO H 49 36.63 38.94 -2.09
CA PRO H 49 37.49 39.09 -0.91
C PRO H 49 38.57 40.20 -1.07
N THR H 50 38.13 41.41 -1.41
CA THR H 50 39.00 42.58 -1.51
C THR H 50 38.93 43.30 -0.15
N PRO H 51 39.71 44.38 0.04
CA PRO H 51 39.66 44.96 1.41
C PRO H 51 38.34 45.64 1.78
N ASN H 52 37.54 46.02 0.78
CA ASN H 52 36.19 46.48 1.05
C ASN H 52 35.16 45.35 1.22
N GLY H 53 35.31 44.29 0.43
CA GLY H 53 34.42 43.15 0.57
C GLY H 53 34.60 42.41 1.88
N VAL H 54 35.84 42.27 2.33
CA VAL H 54 36.06 41.43 3.50
C VAL H 54 35.52 42.06 4.78
N LYS H 55 35.30 43.39 4.80
CA LYS H 55 34.75 44.02 6.00
C LYS H 55 33.42 43.34 6.34
N VAL H 56 32.64 43.05 5.29
CA VAL H 56 31.28 42.56 5.43
C VAL H 56 31.25 41.07 5.65
N SER H 57 32.09 40.31 4.93
CA SER H 57 32.19 38.87 5.19
C SER H 57 32.74 38.64 6.61
N ILE H 58 33.75 39.40 7.01
CA ILE H 58 34.24 39.26 8.41
C ILE H 58 33.12 39.57 9.43
N MET H 59 32.37 40.66 9.23
CA MET H 59 31.27 41.03 10.13
C MET H 59 30.22 39.93 10.23
N LEU H 60 29.82 39.40 9.08
CA LEU H 60 28.89 38.30 9.05
C LEU H 60 29.44 37.08 9.76
N GLU H 61 30.73 36.83 9.64
CA GLU H 61 31.33 35.68 10.31
C GLU H 61 31.44 35.94 11.81
N GLU H 62 31.81 37.14 12.20
CA GLU H 62 31.94 37.46 13.63
C GLU H 62 30.58 37.42 14.36
N THR H 63 29.52 37.85 13.70
CA THR H 63 28.16 37.84 14.31
C THR H 63 27.50 36.45 14.36
N GLY H 64 27.89 35.53 13.49
CA GLY H 64 27.23 34.23 13.37
C GLY H 64 25.92 34.29 12.59
N LEU H 65 25.63 35.40 11.93
CA LEU H 65 24.44 35.46 11.06
C LEU H 65 24.56 34.46 9.89
N PRO H 66 23.53 33.65 9.66
CA PRO H 66 23.56 32.84 8.44
C PRO H 66 23.59 33.73 7.20
N TYR H 67 24.40 33.36 6.22
CA TYR H 67 24.41 34.07 4.96
C TYR H 67 24.87 33.22 3.80
N GLU H 68 24.56 33.71 2.62
CA GLU H 68 24.84 33.04 1.37
C GLU H 68 25.69 33.96 0.50
N PRO H 69 26.99 33.63 0.31
CA PRO H 69 27.88 34.52 -0.45
C PRO H 69 27.86 34.24 -1.95
N HIS H 70 27.99 35.28 -2.77
CA HIS H 70 28.07 35.19 -4.24
C HIS H 70 29.25 36.01 -4.75
N ALA H 71 30.23 35.38 -5.38
CA ALA H 71 31.33 36.10 -6.02
C ALA H 71 30.82 36.86 -7.24
N ILE H 72 31.20 38.13 -7.35
CA ILE H 72 30.84 38.93 -8.51
C ILE H 72 32.07 39.04 -9.40
N ASP H 73 31.98 38.50 -10.61
CA ASP H 73 33.14 38.36 -11.50
C ASP H 73 33.40 39.64 -12.30
N PHE H 74 34.34 40.40 -11.81
CA PHE H 74 34.73 41.65 -12.44
C PHE H 74 35.50 41.40 -13.72
N GLY H 75 36.13 40.24 -13.83
CA GLY H 75 36.72 39.80 -15.09
C GLY H 75 35.71 39.85 -16.23
N LYS H 76 34.44 39.56 -15.94
CA LYS H 76 33.41 39.58 -16.97
C LYS H 76 32.55 40.85 -16.96
N ASP H 77 32.91 41.82 -16.12
CA ASP H 77 32.15 43.07 -15.98
C ASP H 77 30.71 42.83 -15.49
N HIS H 78 30.58 41.91 -14.53
CA HIS H 78 29.26 41.54 -13.99
C HIS H 78 28.69 42.62 -13.05
N GLN H 79 29.58 43.37 -12.41
CA GLN H 79 29.21 44.55 -11.65
C GLN H 79 28.64 45.71 -12.50
N LYS H 80 28.79 45.64 -13.82
CA LYS H 80 28.24 46.68 -14.69
C LYS H 80 26.92 46.21 -15.30
N THR H 81 26.49 44.99 -14.96
CA THR H 81 25.24 44.46 -15.47
C THR H 81 24.07 45.16 -14.83
N PRO H 82 22.95 45.26 -15.56
CA PRO H 82 21.76 45.90 -15.01
C PRO H 82 21.24 45.19 -13.76
N GLU H 83 21.44 43.87 -13.70
CA GLU H 83 21.06 43.10 -12.54
C GLU H 83 21.90 43.50 -11.32
N PHE H 84 23.21 43.70 -11.49
CA PHE H 84 24.03 44.09 -10.32
C PHE H 84 23.71 45.56 -9.94
N LEU H 85 23.56 46.39 -10.96
CA LEU H 85 23.29 47.82 -10.79
C LEU H 85 21.94 48.10 -10.11
N SER H 86 20.98 47.19 -10.25
CA SER H 86 19.70 47.35 -9.55
C SER H 86 19.81 47.31 -8.02
N LEU H 87 20.91 46.81 -7.48
CA LEU H 87 21.11 46.79 -6.04
C LEU H 87 22.13 47.83 -5.61
N ASN H 88 23.24 47.93 -6.33
CA ASN H 88 24.18 49.01 -6.14
C ASN H 88 24.40 49.79 -7.42
N PRO H 89 23.76 50.96 -7.55
CA PRO H 89 23.91 51.73 -8.78
C PRO H 89 25.34 52.29 -9.00
N ASN H 90 26.17 52.27 -7.96
CA ASN H 90 27.55 52.65 -8.06
C ASN H 90 28.44 51.56 -8.69
N GLY H 91 27.94 50.34 -8.84
CA GLY H 91 28.71 49.22 -9.47
C GLY H 91 29.91 48.70 -8.68
N LYS H 92 29.78 48.67 -7.37
CA LYS H 92 30.88 48.17 -6.54
C LYS H 92 30.36 47.15 -5.53
N ILE H 93 31.29 46.31 -5.07
CA ILE H 93 31.02 45.41 -3.97
C ILE H 93 31.64 46.00 -2.69
N PRO H 94 31.17 45.61 -1.53
CA PRO H 94 30.10 44.65 -1.25
C PRO H 94 28.70 45.25 -1.27
N ALA H 95 27.72 44.38 -1.42
CA ALA H 95 26.30 44.71 -1.27
C ALA H 95 25.61 43.52 -0.63
N ILE H 96 24.51 43.77 0.08
CA ILE H 96 23.72 42.70 0.63
C ILE H 96 22.25 42.90 0.45
N ILE H 97 21.53 41.79 0.62
CA ILE H 97 20.11 41.80 0.86
C ILE H 97 19.81 40.98 2.09
N ASP H 98 19.17 41.61 3.07
CA ASP H 98 18.74 40.95 4.27
C ASP H 98 17.25 40.70 4.12
N PRO H 99 16.86 39.42 3.98
CA PRO H 99 15.44 39.08 3.86
C PRO H 99 14.69 39.34 5.14
N ASN H 100 15.38 39.33 6.28
CA ASN H 100 14.75 39.68 7.54
C ASN H 100 15.13 41.10 7.99
N GLY H 101 14.81 42.08 7.14
CA GLY H 101 15.07 43.48 7.44
C GLY H 101 14.01 44.09 8.34
N PRO H 102 14.09 45.41 8.59
CA PRO H 102 13.10 46.08 9.47
C PRO H 102 11.68 45.88 8.99
N GLY H 103 10.76 45.62 9.92
CA GLY H 103 9.37 45.31 9.57
C GLY H 103 9.23 44.00 8.81
N ASP H 104 10.09 43.03 9.12
CA ASP H 104 10.18 41.75 8.41
C ASP H 104 9.98 41.79 6.88
N LYS H 105 10.64 42.76 6.25
CA LYS H 105 10.70 42.86 4.81
C LYS H 105 12.17 42.88 4.41
N PRO H 106 12.47 42.37 3.20
CA PRO H 106 13.82 42.38 2.67
C PRO H 106 14.35 43.79 2.49
N LEU H 107 15.62 43.99 2.79
CA LEU H 107 16.31 45.25 2.61
C LEU H 107 17.61 45.03 1.84
N GLY H 108 17.77 45.77 0.74
CA GLY H 108 19.05 45.86 0.03
C GLY H 108 19.91 47.04 0.54
N LEU H 109 21.18 46.79 0.73
CA LEU H 109 22.12 47.82 1.12
C LEU H 109 23.40 47.68 0.34
N PHE H 110 23.94 48.80 -0.12
CA PHE H 110 25.36 48.86 -0.54
C PHE H 110 26.16 49.79 0.40
N GLU H 111 27.48 49.84 0.19
CA GLU H 111 28.46 50.60 0.99
C GLU H 111 28.77 49.85 2.27
N SER H 112 30.02 49.43 2.36
CA SER H 112 30.50 48.65 3.46
C SER H 112 30.18 49.32 4.80
N GLY H 113 30.25 50.65 4.86
CA GLY H 113 30.04 51.36 6.12
C GLY H 113 28.61 51.29 6.62
N ALA H 114 27.66 51.48 5.70
CA ALA H 114 26.25 51.40 6.01
C ALA H 114 25.91 49.97 6.42
N ILE H 115 26.48 49.01 5.69
CA ILE H 115 26.28 47.60 5.99
C ILE H 115 26.80 47.21 7.40
N LEU H 116 28.04 47.56 7.71
CA LEU H 116 28.56 47.29 9.05
C LEU H 116 27.70 47.88 10.16
N GLN H 117 27.26 49.14 10.02
CA GLN H 117 26.45 49.73 11.05
CA GLN H 117 26.41 49.80 10.99
C GLN H 117 25.10 49.03 11.12
N TYR H 118 24.54 48.66 9.98
CA TYR H 118 23.29 47.94 9.95
C TYR H 118 23.40 46.60 10.69
N LEU H 119 24.41 45.81 10.35
CA LEU H 119 24.62 44.52 10.97
C LEU H 119 24.92 44.63 12.47
N ALA H 120 25.61 45.69 12.87
CA ALA H 120 25.90 45.90 14.31
C ALA H 120 24.61 46.16 15.12
N GLU H 121 23.71 46.95 14.55
CA GLU H 121 22.49 47.32 15.25
C GLU H 121 21.48 46.20 15.20
N LYS H 122 21.44 45.48 14.08
CA LYS H 122 20.63 44.28 13.96
C LYS H 122 20.95 43.24 15.03
N THR H 123 22.22 43.03 15.33
CA THR H 123 22.65 41.90 16.19
C THR H 123 22.98 42.38 17.58
N GLY H 124 23.07 43.69 17.76
CA GLY H 124 23.52 44.24 19.06
C GLY H 124 24.96 43.86 19.37
N GLN H 125 25.75 43.60 18.33
CA GLN H 125 27.16 43.22 18.48
C GLN H 125 28.10 44.21 17.81
N PHE H 126 29.28 44.35 18.43
CA PHE H 126 30.42 45.08 17.86
C PHE H 126 30.27 46.60 17.72
N LEU H 127 29.40 47.16 18.54
CA LEU H 127 29.28 48.60 18.77
C LEU H 127 29.10 48.72 20.25
N PRO H 128 29.80 49.67 20.91
CA PRO H 128 29.53 49.81 22.34
C PRO H 128 28.06 50.10 22.70
N ALA H 129 27.65 49.62 23.86
CA ALA H 129 26.33 49.91 24.40
C ALA H 129 26.25 51.38 24.77
N ASP H 130 27.30 51.88 25.42
CA ASP H 130 27.34 53.25 25.89
C ASP H 130 27.14 54.22 24.73
N PRO H 131 26.13 55.10 24.83
CA PRO H 131 25.87 56.07 23.76
C PRO H 131 27.08 56.90 23.31
N ALA H 132 27.87 57.45 24.24
CA ALA H 132 29.01 58.29 23.83
C ALA H 132 30.09 57.46 23.11
N ARG H 133 30.32 56.24 23.58
CA ARG H 133 31.32 55.37 22.96
CA ARG H 133 31.32 55.37 22.96
C ARG H 133 30.84 54.86 21.60
N ARG H 134 29.53 54.67 21.45
CA ARG H 134 28.97 54.31 20.13
C ARG H 134 29.28 55.41 19.12
N TRP H 135 29.03 56.67 19.50
CA TRP H 135 29.35 57.77 18.60
C TRP H 135 30.84 57.79 18.26
N GLN H 136 31.68 57.61 19.28
CA GLN H 136 33.11 57.60 19.10
C GLN H 136 33.56 56.50 18.15
N THR H 137 32.96 55.33 18.29
CA THR H 137 33.20 54.24 17.40
C THR H 137 32.87 54.57 15.95
N LEU H 138 31.78 55.29 15.74
CA LEU H 138 31.37 55.69 14.38
C LEU H 138 32.32 56.74 13.76
N GLN H 139 32.99 57.51 14.60
CA GLN H 139 33.96 58.49 14.11
C GLN H 139 35.23 57.74 13.56
N TRP H 140 35.72 56.72 14.27
CA TRP H 140 36.78 55.85 13.74
C TRP H 140 36.35 55.02 12.50
N LEU H 141 35.14 54.52 12.48
CA LEU H 141 34.59 53.95 11.21
C LEU H 141 34.68 54.96 10.07
N HIS H 142 34.22 56.20 10.29
CA HIS H 142 34.24 57.20 9.21
C HIS H 142 35.66 57.58 8.79
N PHE H 143 36.60 57.50 9.72
CA PHE H 143 37.99 57.78 9.46
C PHE H 143 38.53 56.73 8.52
N GLN H 144 38.11 55.49 8.71
CA GLN H 144 38.53 54.42 7.80
C GLN H 144 37.91 54.65 6.42
N MET H 145 36.65 55.00 6.39
CA MET H 145 35.90 55.04 5.11
C MET H 145 36.32 56.21 4.23
N GLY H 146 36.60 57.34 4.86
CA GLY H 146 36.97 58.56 4.16
C GLY H 146 38.46 58.76 3.98
N GLY H 147 39.26 58.04 4.76
CA GLY H 147 40.70 58.23 4.83
C GLY H 147 41.49 57.02 4.42
N ILE H 148 41.43 55.97 5.23
CA ILE H 148 42.22 54.78 5.03
C ILE H 148 41.89 54.14 3.69
N GLY H 149 40.63 53.78 3.48
CA GLY H 149 40.28 53.06 2.24
C GLY H 149 40.75 53.82 1.01
N PRO H 150 40.24 55.04 0.84
CA PRO H 150 40.54 55.77 -0.39
C PRO H 150 42.03 56.08 -0.54
N MET H 151 42.71 56.46 0.53
CA MET H 151 44.13 56.81 0.36
C MET H 151 45.02 55.59 0.10
N PHE H 152 44.88 54.51 0.89
CA PHE H 152 45.60 53.25 0.58
C PHE H 152 45.29 52.82 -0.87
N GLY H 153 44.04 52.97 -1.30
CA GLY H 153 43.64 52.61 -2.68
C GLY H 153 44.37 53.42 -3.72
N GLN H 154 44.59 54.71 -3.44
CA GLN H 154 45.33 55.53 -4.41
C GLN H 154 46.81 55.12 -4.44
N LEU H 155 47.37 54.79 -3.28
CA LEU H 155 48.73 54.24 -3.23
C LEU H 155 48.85 53.01 -4.16
N GLY H 156 47.94 52.07 -4.00
CA GLY H 156 47.86 50.87 -4.84
C GLY H 156 47.83 51.15 -6.33
N PHE H 157 47.03 52.11 -6.74
CA PHE H 157 47.01 52.50 -8.15
C PHE H 157 48.37 52.97 -8.66
N PHE H 158 49.10 53.74 -7.86
CA PHE H 158 50.35 54.34 -8.36
C PHE H 158 51.55 53.45 -8.07
N HIS H 159 51.36 52.44 -7.22
CA HIS H 159 52.44 51.55 -6.88
C HIS H 159 52.33 50.19 -7.53
N LYS H 160 51.11 49.66 -7.58
CA LYS H 160 50.87 48.28 -7.97
C LYS H 160 50.12 48.17 -9.31
N PHE H 161 49.18 49.09 -9.57
CA PHE H 161 48.32 48.98 -10.77
C PHE H 161 48.81 49.93 -11.88
N ALA H 162 47.94 50.33 -12.82
CA ALA H 162 48.39 51.00 -14.05
C ALA H 162 49.16 52.31 -13.78
N GLY H 163 48.90 52.94 -12.65
CA GLY H 163 49.64 54.13 -12.26
C GLY H 163 51.13 53.91 -12.09
N ARG H 164 51.55 52.67 -11.84
CA ARG H 164 52.98 52.37 -11.67
C ARG H 164 53.84 52.68 -12.91
N GLU H 165 53.24 52.71 -14.10
CA GLU H 165 53.96 53.01 -15.34
C GLU H 165 54.13 54.52 -15.59
N TYR H 166 53.44 55.38 -14.83
CA TYR H 166 53.55 56.84 -15.02
C TYR H 166 54.93 57.26 -14.52
N GLU H 167 55.65 58.05 -15.32
CA GLU H 167 57.04 58.30 -15.00
C GLU H 167 57.17 59.28 -13.84
N ASP H 168 56.21 60.21 -13.72
CA ASP H 168 56.21 61.22 -12.67
C ASP H 168 55.77 60.56 -11.38
N LYS H 169 56.69 60.48 -10.42
CA LYS H 169 56.43 59.77 -9.18
C LYS H 169 55.91 60.64 -8.05
N ARG H 170 55.59 61.90 -8.33
CA ARG H 170 55.03 62.75 -7.28
C ARG H 170 53.65 62.26 -6.79
N PRO H 171 52.76 61.81 -7.70
CA PRO H 171 51.52 61.18 -7.21
C PRO H 171 51.81 60.05 -6.27
N LEU H 172 52.68 59.14 -6.67
CA LEU H 172 53.01 58.03 -5.80
C LEU H 172 53.55 58.56 -4.45
N GLN H 173 54.41 59.57 -4.49
CA GLN H 173 54.99 60.11 -3.26
C GLN H 173 53.89 60.69 -2.34
N ARG H 174 52.86 61.28 -2.94
CA ARG H 174 51.77 61.92 -2.19
C ARG H 174 50.95 60.90 -1.39
N TYR H 175 50.57 59.81 -2.04
CA TYR H 175 49.80 58.76 -1.37
C TYR H 175 50.64 57.85 -0.45
N VAL H 176 51.93 57.69 -0.71
CA VAL H 176 52.85 57.09 0.26
C VAL H 176 52.87 57.96 1.53
N ALA H 177 53.06 59.28 1.40
CA ALA H 177 53.12 60.15 2.58
C ALA H 177 51.79 60.15 3.34
N GLU H 178 50.68 60.13 2.62
CA GLU H 178 49.36 60.19 3.28
C GLU H 178 49.04 58.84 3.92
N SER H 179 49.40 57.74 3.26
CA SER H 179 49.21 56.43 3.88
C SER H 179 50.05 56.29 5.18
N LYS H 180 51.29 56.77 5.17
CA LYS H 180 52.12 56.77 6.39
C LYS H 180 51.53 57.67 7.46
N ARG H 181 50.99 58.83 7.06
CA ARG H 181 50.36 59.76 8.00
C ARG H 181 49.14 59.10 8.63
N LEU H 182 48.32 58.46 7.82
CA LEU H 182 47.18 57.73 8.38
C LEU H 182 47.60 56.64 9.36
N LEU H 183 48.65 55.91 8.99
CA LEU H 183 49.16 54.83 9.83
C LEU H 183 49.67 55.38 11.17
N GLY H 184 50.26 56.57 11.13
CA GLY H 184 50.76 57.23 12.36
C GLY H 184 49.62 57.58 13.28
N VAL H 185 48.46 57.94 12.71
CA VAL H 185 47.29 58.27 13.53
C VAL H 185 46.78 56.99 14.20
N LEU H 186 46.69 55.92 13.43
CA LEU H 186 46.39 54.62 14.03
C LEU H 186 47.38 54.27 15.13
N GLU H 187 48.66 54.48 14.86
CA GLU H 187 49.73 54.09 15.77
C GLU H 187 49.61 54.82 17.10
N ALA H 188 49.33 56.13 17.08
CA ALA H 188 49.14 56.85 18.34
C ALA H 188 47.89 56.32 19.04
N ARG H 189 46.83 56.02 18.29
CA ARG H 189 45.57 55.57 18.89
C ARG H 189 45.72 54.21 19.56
N LEU H 190 46.47 53.30 18.93
CA LEU H 190 46.62 51.91 19.43
C LEU H 190 47.72 51.74 20.49
N ASP H 191 48.46 52.81 20.76
CA ASP H 191 49.43 52.83 21.87
C ASP H 191 48.69 52.63 23.18
N GLY H 192 48.82 51.46 23.78
CA GLY H 192 48.13 51.14 25.04
C GLY H 192 46.67 50.75 24.91
N ARG H 193 46.22 50.40 23.71
CA ARG H 193 44.88 49.84 23.51
C ARG H 193 44.99 48.52 22.74
N GLN H 194 44.10 47.59 23.11
CA GLN H 194 43.96 46.31 22.44
C GLN H 194 43.30 46.50 21.06
N TRP H 195 42.20 47.24 21.04
CA TRP H 195 41.45 47.53 19.82
C TRP H 195 41.34 49.03 19.71
N ILE H 196 40.79 49.48 18.59
CA ILE H 196 40.61 50.92 18.37
C ILE H 196 39.76 51.56 19.48
N MET H 197 38.76 50.82 20.01
CA MET H 197 37.95 51.26 21.14
C MET H 197 38.33 50.56 22.43
N ASP H 198 39.63 50.44 22.64
CA ASP H 198 40.19 49.97 23.91
CA ASP H 198 40.24 49.93 23.89
C ASP H 198 39.93 48.43 24.05
N ALA H 199 39.20 48.02 25.07
CA ALA H 199 38.90 46.60 25.29
C ALA H 199 37.78 46.07 24.40
N ASP H 200 37.08 46.93 23.67
CA ASP H 200 35.98 46.46 22.86
C ASP H 200 36.37 46.35 21.41
N TYR H 201 36.24 45.15 20.86
CA TYR H 201 36.45 44.91 19.44
C TYR H 201 35.19 45.39 18.75
N THR H 202 35.32 46.24 17.73
CA THR H 202 34.13 46.83 17.12
C THR H 202 34.17 46.81 15.61
N ILE H 203 33.11 47.30 14.99
CA ILE H 203 33.11 47.47 13.53
C ILE H 203 34.22 48.42 13.02
N ALA H 204 34.81 49.24 13.89
CA ALA H 204 35.98 50.07 13.51
C ALA H 204 37.21 49.23 13.22
N ASP H 205 37.49 48.24 14.05
CA ASP H 205 38.55 47.27 13.73
C ASP H 205 38.21 46.45 12.47
N ILE H 206 36.96 46.04 12.35
CA ILE H 206 36.58 45.11 11.28
C ILE H 206 36.73 45.82 9.97
N ALA H 207 36.43 47.12 9.95
CA ALA H 207 36.54 47.92 8.73
C ALA H 207 38.00 48.11 8.30
N THR H 208 38.92 48.14 9.27
CA THR H 208 40.29 48.61 9.05
C THR H 208 41.34 47.48 8.85
N LEU H 209 41.16 46.34 9.51
CA LEU H 209 42.15 45.26 9.46
C LEU H 209 42.49 44.86 8.05
N GLY H 210 41.47 44.62 7.23
CA GLY H 210 41.68 44.16 5.88
C GLY H 210 42.47 45.10 5.01
N TRP H 211 42.26 46.41 5.20
CA TRP H 211 43.00 47.40 4.41
C TRP H 211 44.46 47.40 4.83
N VAL H 212 44.72 47.31 6.12
CA VAL H 212 46.12 47.29 6.53
C VAL H 212 46.81 46.04 6.03
N ARG H 213 46.16 44.89 6.19
CA ARG H 213 46.72 43.64 5.70
C ARG H 213 47.02 43.71 4.18
N ASN H 214 46.10 44.26 3.43
CA ASN H 214 46.23 44.35 1.99
C ASN H 214 47.38 45.28 1.59
N LEU H 215 47.54 46.39 2.30
CA LEU H 215 48.62 47.35 2.02
C LEU H 215 49.99 46.69 2.05
N ILE H 216 50.23 45.90 3.09
CA ILE H 216 51.53 45.29 3.30
C ILE H 216 51.64 43.92 2.67
N GLY H 217 50.54 43.41 2.12
CA GLY H 217 50.54 42.07 1.53
C GLY H 217 50.42 42.22 0.04
N PHE H 218 49.19 42.08 -0.43
CA PHE H 218 48.90 42.13 -1.86
C PHE H 218 49.46 43.37 -2.54
N TYR H 219 49.35 44.54 -1.91
CA TYR H 219 49.88 45.78 -2.53
C TYR H 219 51.42 45.89 -2.51
N GLY H 220 52.09 45.05 -1.73
CA GLY H 220 53.54 45.02 -1.70
C GLY H 220 54.17 46.33 -1.24
N ALA H 221 53.55 47.01 -0.28
CA ALA H 221 54.01 48.34 0.14
C ALA H 221 54.53 48.38 1.60
N ARG H 222 54.87 47.22 2.13
CA ARG H 222 55.31 47.10 3.52
C ARG H 222 56.50 47.98 3.78
N GLU H 223 57.54 47.80 2.98
CA GLU H 223 58.77 48.61 3.08
C GLU H 223 58.52 50.05 2.64
N LEU H 224 57.75 50.23 1.58
CA LEU H 224 57.36 51.56 1.11
C LEU H 224 56.79 52.49 2.18
N VAL H 225 55.92 51.96 3.04
CA VAL H 225 55.33 52.78 4.14
C VAL H 225 56.05 52.57 5.48
N ALA H 226 57.21 51.91 5.45
CA ALA H 226 58.02 51.67 6.65
C ALA H 226 57.22 51.04 7.80
N PHE H 227 56.34 50.11 7.44
CA PHE H 227 55.42 49.44 8.38
C PHE H 227 56.14 48.82 9.59
N ASP H 228 57.24 48.13 9.32
CA ASP H 228 57.97 47.40 10.37
C ASP H 228 58.72 48.33 11.38
N GLU H 229 58.67 49.64 11.18
CA GLU H 229 59.20 50.59 12.17
C GLU H 229 58.12 50.94 13.21
N LEU H 230 56.89 50.58 12.91
CA LEU H 230 55.77 50.76 13.84
C LEU H 230 55.77 49.64 14.88
N THR H 231 55.05 49.84 15.96
CA THR H 231 54.92 48.81 16.98
C THR H 231 53.47 48.44 17.24
N HIS H 232 52.65 49.46 17.44
CA HIS H 232 51.31 49.28 17.90
C HIS H 232 50.35 48.84 16.77
N VAL H 233 50.55 49.34 15.56
CA VAL H 233 49.67 48.88 14.45
C VAL H 233 49.93 47.41 14.12
N PRO H 234 51.22 47.00 13.96
CA PRO H 234 51.52 45.57 13.76
C PRO H 234 50.99 44.61 14.82
N ALA H 235 51.05 44.99 16.10
CA ALA H 235 50.56 44.10 17.16
C ALA H 235 49.04 43.99 17.09
N TRP H 236 48.38 45.12 16.81
CA TRP H 236 46.94 45.15 16.61
C TRP H 236 46.53 44.27 15.43
N LEU H 237 47.26 44.37 14.34
CA LEU H 237 46.96 43.57 13.16
C LEU H 237 47.09 42.07 13.45
N GLU H 238 48.10 41.69 14.22
CA GLU H 238 48.29 40.29 14.58
C GLU H 238 47.15 39.83 15.46
N ARG H 239 46.73 40.66 16.41
CA ARG H 239 45.56 40.33 17.24
C ARG H 239 44.31 40.10 16.38
N GLY H 240 44.04 40.97 15.42
CA GLY H 240 42.84 40.79 14.54
C GLY H 240 42.91 39.53 13.69
N LEU H 241 44.08 39.28 13.13
CA LEU H 241 44.33 38.13 12.25
C LEU H 241 44.27 36.79 12.99
N ALA H 242 44.38 36.82 14.31
CA ALA H 242 44.30 35.61 15.15
C ALA H 242 42.82 35.15 15.41
N ARG H 243 41.85 35.98 15.04
CA ARG H 243 40.43 35.73 15.29
C ARG H 243 39.89 34.82 14.18
N PRO H 244 39.34 33.65 14.53
CA PRO H 244 38.90 32.71 13.50
C PRO H 244 37.95 33.29 12.47
N ALA H 245 37.03 34.12 12.92
CA ALA H 245 36.09 34.80 12.03
C ALA H 245 36.79 35.71 10.99
N VAL H 246 37.90 36.33 11.39
CA VAL H 246 38.67 37.16 10.47
C VAL H 246 39.32 36.27 9.41
N GLN H 247 39.96 35.19 9.85
CA GLN H 247 40.58 34.30 8.87
CA GLN H 247 40.57 34.21 8.96
C GLN H 247 39.53 33.70 7.94
N ARG H 248 38.33 33.39 8.42
CA ARG H 248 37.27 32.88 7.55
C ARG H 248 36.79 33.96 6.53
N GLY H 249 36.48 35.14 7.06
CA GLY H 249 35.99 36.27 6.31
C GLY H 249 36.90 36.73 5.20
N LEU H 250 38.20 36.62 5.45
CA LEU H 250 39.19 37.07 4.47
C LEU H 250 39.18 36.32 3.14
N GLU H 251 38.67 35.09 3.12
CA GLU H 251 38.61 34.29 1.89
C GLU H 251 37.18 34.03 1.35
N ILE H 252 36.22 34.82 1.79
CA ILE H 252 34.85 34.64 1.33
C ILE H 252 34.37 35.91 0.62
N PRO H 253 33.76 35.77 -0.58
CA PRO H 253 33.54 34.53 -1.30
C PRO H 253 34.83 34.06 -1.95
N LYS H 254 34.87 32.80 -2.36
CA LYS H 254 35.99 32.32 -3.16
C LYS H 254 36.01 33.10 -4.48
N ARG H 255 37.22 33.34 -4.99
CA ARG H 255 37.41 34.15 -6.20
C ARG H 255 36.95 33.36 -7.42
N PRO H 256 36.22 34.01 -8.33
CA PRO H 256 35.66 33.24 -9.46
C PRO H 256 36.64 33.03 -10.60
N ASP I 25 -44.25 27.22 20.72
CA ASP I 25 -43.99 25.85 20.19
C ASP I 25 -43.11 25.84 18.94
N LEU I 26 -43.09 26.95 18.19
CA LEU I 26 -42.31 26.98 16.95
C LEU I 26 -40.81 27.11 17.19
N SER I 27 -40.42 27.61 18.36
CA SER I 27 -39.00 27.78 18.70
C SER I 27 -38.21 26.46 18.67
N SER I 28 -38.87 25.32 18.86
CA SER I 28 -38.20 24.03 18.69
C SER I 28 -37.87 23.72 17.21
N PHE I 29 -38.42 24.48 16.26
CA PHE I 29 -38.03 24.35 14.85
C PHE I 29 -36.93 25.36 14.48
N PRO I 30 -35.69 24.88 14.24
CA PRO I 30 -34.57 25.82 14.05
C PRO I 30 -34.70 26.77 12.86
N ILE I 31 -35.49 26.43 11.85
CA ILE I 31 -35.69 27.35 10.75
C ILE I 31 -36.22 28.71 11.20
N THR I 32 -37.06 28.73 12.23
CA THR I 32 -37.59 29.99 12.77
C THR I 32 -36.51 30.90 13.37
N LYS I 33 -35.31 30.38 13.55
CA LYS I 33 -34.19 31.22 13.98
C LYS I 33 -33.78 32.17 12.87
N ARG I 34 -33.95 31.78 11.62
CA ARG I 34 -33.54 32.61 10.50
C ARG I 34 -34.71 33.31 9.83
N TRP I 35 -35.89 32.68 9.78
CA TRP I 35 -37.11 33.36 9.31
C TRP I 35 -38.17 33.41 10.41
N PRO I 36 -38.04 34.37 11.35
CA PRO I 36 -38.94 34.40 12.51
C PRO I 36 -40.38 34.50 12.08
N ALA I 37 -41.26 33.81 12.82
CA ALA I 37 -42.70 33.91 12.63
C ALA I 37 -43.19 35.13 13.39
N GLN I 38 -43.75 36.08 12.65
CA GLN I 38 -44.46 37.19 13.29
C GLN I 38 -45.81 36.74 13.84
N HIS I 39 -46.41 35.74 13.19
CA HIS I 39 -47.72 35.20 13.57
C HIS I 39 -47.59 33.69 13.78
N SER I 40 -47.26 33.29 15.00
CA SER I 40 -46.98 31.88 15.31
C SER I 40 -48.26 31.02 15.41
N ASP I 41 -49.41 31.64 15.19
CA ASP I 41 -50.69 30.96 15.17
C ASP I 41 -51.08 30.58 13.75
N ARG I 42 -50.24 30.94 12.77
CA ARG I 42 -50.54 30.74 11.35
C ARG I 42 -49.50 29.83 10.72
N ILE I 43 -49.90 29.17 9.64
CA ILE I 43 -49.00 28.33 8.85
C ILE I 43 -47.83 29.17 8.35
N GLN I 44 -46.61 28.66 8.53
CA GLN I 44 -45.43 29.29 7.99
C GLN I 44 -45.13 28.66 6.64
N LEU I 45 -44.97 29.50 5.62
CA LEU I 45 -44.62 29.04 4.28
C LEU I 45 -43.23 29.50 3.90
N TYR I 46 -42.36 28.54 3.60
CA TYR I 46 -41.00 28.87 3.16
C TYR I 46 -40.89 28.52 1.67
N SER I 47 -40.91 29.55 0.84
CA SER I 47 -41.08 29.35 -0.57
C SER I 47 -40.51 30.47 -1.44
N LEU I 48 -40.76 30.31 -2.74
CA LEU I 48 -40.48 31.30 -3.75
C LEU I 48 -41.51 30.98 -4.80
N PRO I 49 -41.87 31.97 -5.62
CA PRO I 49 -42.96 31.79 -6.57
C PRO I 49 -42.50 31.08 -7.83
N THR I 50 -41.94 29.88 -7.65
CA THR I 50 -41.52 29.03 -8.74
C THR I 50 -42.65 28.05 -8.99
N PRO I 51 -42.59 27.29 -10.10
CA PRO I 51 -43.61 26.27 -10.38
C PRO I 51 -43.89 25.29 -9.21
N ASN I 52 -42.87 24.91 -8.45
CA ASN I 52 -43.13 24.06 -7.26
C ASN I 52 -43.67 24.84 -6.08
N GLY I 53 -43.17 26.06 -5.87
CA GLY I 53 -43.62 26.86 -4.76
C GLY I 53 -45.03 27.41 -4.93
N VAL I 54 -45.46 27.73 -6.14
CA VAL I 54 -46.83 28.23 -6.31
C VAL I 54 -47.94 27.20 -6.10
N LYS I 55 -47.61 25.91 -6.16
CA LYS I 55 -48.60 24.90 -5.86
C LYS I 55 -49.14 25.17 -4.47
N VAL I 56 -48.25 25.49 -3.54
CA VAL I 56 -48.63 25.57 -2.12
C VAL I 56 -49.21 26.90 -1.75
N SER I 57 -48.63 27.98 -2.27
CA SER I 57 -49.26 29.30 -2.11
C SER I 57 -50.65 29.28 -2.76
N ILE I 58 -50.79 28.77 -3.97
CA ILE I 58 -52.13 28.68 -4.58
C ILE I 58 -53.08 27.87 -3.70
N MET I 59 -52.62 26.71 -3.22
CA MET I 59 -53.47 25.90 -2.36
C MET I 59 -53.86 26.67 -1.11
N LEU I 60 -52.92 27.36 -0.47
CA LEU I 60 -53.27 28.09 0.73
C LEU I 60 -54.26 29.23 0.42
N GLU I 61 -54.11 29.86 -0.75
CA GLU I 61 -55.04 30.92 -1.19
C GLU I 61 -56.44 30.37 -1.48
N GLU I 62 -56.51 29.17 -2.05
CA GLU I 62 -57.81 28.57 -2.44
C GLU I 62 -58.58 28.17 -1.19
N THR I 63 -57.85 27.75 -0.16
CA THR I 63 -58.50 27.30 1.06
C THR I 63 -58.88 28.48 1.93
N GLY I 64 -58.17 29.58 1.79
CA GLY I 64 -58.37 30.70 2.70
C GLY I 64 -57.70 30.52 4.06
N LEU I 65 -56.79 29.56 4.19
CA LEU I 65 -56.07 29.40 5.45
C LEU I 65 -55.15 30.57 5.80
N PRO I 66 -55.24 31.09 7.04
CA PRO I 66 -54.25 32.10 7.37
C PRO I 66 -52.83 31.55 7.23
N TYR I 67 -51.94 32.32 6.63
CA TYR I 67 -50.53 31.94 6.56
C TYR I 67 -49.61 33.12 6.44
N GLU I 68 -48.33 32.86 6.69
CA GLU I 68 -47.32 33.90 6.77
C GLU I 68 -46.19 33.47 5.84
N PRO I 69 -46.05 34.13 4.67
CA PRO I 69 -45.05 33.69 3.69
C PRO I 69 -43.66 34.26 3.96
N HIS I 70 -42.64 33.46 3.65
CA HIS I 70 -41.28 33.89 3.76
C HIS I 70 -40.55 33.50 2.52
N ALA I 71 -39.92 34.48 1.88
CA ALA I 71 -39.03 34.23 0.74
C ALA I 71 -37.69 33.64 1.20
N ILE I 72 -37.27 32.59 0.53
CA ILE I 72 -35.98 31.99 0.78
C ILE I 72 -35.09 32.45 -0.39
N ASP I 73 -34.02 33.16 -0.05
CA ASP I 73 -33.08 33.76 -1.03
C ASP I 73 -31.99 32.77 -1.48
N PHE I 74 -32.22 32.18 -2.65
CA PHE I 74 -31.27 31.24 -3.23
C PHE I 74 -30.02 31.92 -3.71
N GLY I 75 -30.15 33.20 -4.07
CA GLY I 75 -29.01 34.04 -4.39
C GLY I 75 -28.00 34.15 -3.28
N LYS I 76 -28.44 33.95 -2.03
CA LYS I 76 -27.56 33.90 -0.86
C LYS I 76 -27.30 32.45 -0.36
N ASP I 77 -27.68 31.45 -1.14
CA ASP I 77 -27.61 30.04 -0.68
C ASP I 77 -28.30 29.78 0.69
N HIS I 78 -29.44 30.42 0.93
CA HIS I 78 -30.07 30.30 2.26
C HIS I 78 -30.78 28.96 2.46
N GLN I 79 -31.16 28.36 1.34
CA GLN I 79 -31.69 27.01 1.31
C GLN I 79 -30.65 25.94 1.69
N LYS I 80 -29.38 26.29 1.79
CA LYS I 80 -28.34 25.35 2.24
C LYS I 80 -27.83 25.69 3.64
N THR I 81 -28.55 26.55 4.34
CA THR I 81 -28.17 26.90 5.70
C THR I 81 -28.63 25.78 6.63
N PRO I 82 -27.97 25.61 7.80
CA PRO I 82 -28.46 24.63 8.77
C PRO I 82 -29.93 24.85 9.18
N GLU I 83 -30.33 26.11 9.25
CA GLU I 83 -31.68 26.48 9.65
C GLU I 83 -32.71 25.95 8.65
N PHE I 84 -32.48 26.20 7.37
CA PHE I 84 -33.43 25.72 6.37
C PHE I 84 -33.41 24.21 6.26
N LEU I 85 -32.21 23.62 6.28
CA LEU I 85 -32.05 22.17 6.12
C LEU I 85 -32.72 21.39 7.25
N SER I 86 -32.85 22.00 8.43
CA SER I 86 -33.51 21.38 9.55
C SER I 86 -34.98 21.12 9.26
N LEU I 87 -35.55 21.85 8.28
CA LEU I 87 -36.93 21.61 7.90
C LEU I 87 -37.04 20.78 6.63
N ASN I 88 -36.34 21.19 5.59
CA ASN I 88 -36.19 20.32 4.41
C ASN I 88 -34.73 19.94 4.20
N PRO I 89 -34.37 18.69 4.54
CA PRO I 89 -32.97 18.30 4.35
C PRO I 89 -32.61 18.08 2.88
N ASN I 90 -33.60 18.10 1.99
CA ASN I 90 -33.32 18.10 0.57
C ASN I 90 -32.92 19.50 0.05
N GLY I 91 -33.07 20.53 0.88
CA GLY I 91 -32.68 21.90 0.53
C GLY I 91 -33.50 22.56 -0.59
N LYS I 92 -34.78 22.24 -0.68
CA LYS I 92 -35.63 22.83 -1.68
C LYS I 92 -36.88 23.44 -1.08
N ILE I 93 -37.46 24.39 -1.82
CA ILE I 93 -38.79 24.93 -1.49
C ILE I 93 -39.83 24.21 -2.35
N PRO I 94 -41.10 24.23 -1.93
CA PRO I 94 -41.63 24.80 -0.71
C PRO I 94 -41.59 23.86 0.47
N ALA I 95 -41.64 24.44 1.66
CA ALA I 95 -41.79 23.72 2.90
C ALA I 95 -42.71 24.55 3.77
N ILE I 96 -43.45 23.91 4.68
CA ILE I 96 -44.28 24.61 5.64
C ILE I 96 -44.09 24.09 7.05
N ILE I 97 -44.51 24.90 8.01
CA ILE I 97 -44.81 24.44 9.34
C ILE I 97 -46.21 24.89 9.69
N ASP I 98 -47.09 23.93 10.02
CA ASP I 98 -48.42 24.26 10.47
C ASP I 98 -48.34 24.17 11.99
N PRO I 99 -48.50 25.30 12.69
CA PRO I 99 -48.40 25.24 14.16
C PRO I 99 -49.56 24.46 14.79
N ASN I 100 -50.67 24.35 14.06
CA ASN I 100 -51.86 23.63 14.54
C ASN I 100 -52.00 22.34 13.76
N GLY I 101 -51.02 21.48 13.93
CA GLY I 101 -50.92 20.22 13.21
C GLY I 101 -51.76 19.15 13.86
N PRO I 102 -51.57 17.86 13.35
CA PRO I 102 -52.37 16.84 14.04
C PRO I 102 -52.07 16.80 15.54
N GLY I 103 -53.12 16.62 16.33
CA GLY I 103 -52.99 16.60 17.77
C GLY I 103 -52.77 17.99 18.35
N ASP I 104 -53.03 19.00 17.54
CA ASP I 104 -52.76 20.39 17.93
C ASP I 104 -51.34 20.54 18.42
N LYS I 105 -50.41 19.97 17.67
CA LYS I 105 -49.00 20.14 17.87
C LYS I 105 -48.45 20.56 16.54
N PRO I 106 -47.34 21.29 16.52
CA PRO I 106 -46.76 21.72 15.23
C PRO I 106 -46.32 20.55 14.32
N LEU I 107 -46.52 20.72 13.03
CA LEU I 107 -46.09 19.75 12.06
C LEU I 107 -45.26 20.43 10.98
N GLY I 108 -44.04 19.93 10.76
CA GLY I 108 -43.22 20.39 9.65
C GLY I 108 -43.36 19.44 8.48
N LEU I 109 -43.41 19.99 7.27
CA LEU I 109 -43.53 19.21 6.04
C LEU I 109 -42.82 19.82 4.86
N PHE I 110 -42.08 19.01 4.09
CA PHE I 110 -41.56 19.43 2.81
C PHE I 110 -42.17 18.50 1.75
N GLU I 111 -41.85 18.76 0.49
CA GLU I 111 -42.48 18.17 -0.69
C GLU I 111 -43.86 18.73 -0.97
N SER I 112 -43.98 19.39 -2.11
CA SER I 112 -45.21 20.03 -2.51
C SER I 112 -46.38 19.04 -2.58
N GLY I 113 -46.13 17.82 -3.01
CA GLY I 113 -47.17 16.76 -3.04
C GLY I 113 -47.75 16.40 -1.68
N ALA I 114 -46.86 16.13 -0.71
CA ALA I 114 -47.27 15.84 0.63
C ALA I 114 -48.04 17.04 1.19
N ILE I 115 -47.53 18.24 0.95
CA ILE I 115 -48.17 19.43 1.47
C ILE I 115 -49.59 19.64 0.90
N LEU I 116 -49.74 19.44 -0.41
CA LEU I 116 -51.06 19.55 -0.97
C LEU I 116 -52.00 18.48 -0.43
N GLN I 117 -51.53 17.24 -0.26
CA GLN I 117 -52.40 16.22 0.33
C GLN I 117 -52.76 16.59 1.77
N TYR I 118 -51.79 17.08 2.53
CA TYR I 118 -52.02 17.45 3.92
C TYR I 118 -53.08 18.54 4.02
N LEU I 119 -52.88 19.60 3.24
CA LEU I 119 -53.83 20.72 3.20
C LEU I 119 -55.22 20.29 2.75
N ALA I 120 -55.30 19.32 1.84
CA ALA I 120 -56.62 18.85 1.38
C ALA I 120 -57.38 18.17 2.53
N GLU I 121 -56.65 17.37 3.32
CA GLU I 121 -57.19 16.77 4.54
C GLU I 121 -57.58 17.82 5.58
N LYS I 122 -56.71 18.79 5.80
CA LYS I 122 -56.91 19.81 6.83
C LYS I 122 -58.17 20.62 6.57
N THR I 123 -58.48 20.86 5.30
CA THR I 123 -59.58 21.74 4.93
C THR I 123 -60.80 21.01 4.38
N GLY I 124 -60.67 19.73 4.14
CA GLY I 124 -61.77 18.96 3.56
C GLY I 124 -62.17 19.41 2.16
N GLN I 125 -61.22 19.96 1.39
CA GLN I 125 -61.49 20.54 0.05
C GLN I 125 -60.42 20.17 -0.98
N PHE I 126 -60.79 20.27 -2.25
CA PHE I 126 -59.88 20.12 -3.38
C PHE I 126 -59.46 18.68 -3.63
N LEU I 127 -60.30 17.77 -3.14
CA LEU I 127 -60.33 16.34 -3.47
C LEU I 127 -61.80 15.93 -3.57
N PRO I 128 -62.14 15.06 -4.52
CA PRO I 128 -63.53 14.63 -4.67
C PRO I 128 -64.10 13.95 -3.44
N ALA I 129 -65.42 14.03 -3.26
CA ALA I 129 -66.08 13.34 -2.15
C ALA I 129 -65.92 11.81 -2.27
N ASP I 130 -66.20 11.30 -3.45
CA ASP I 130 -66.15 9.87 -3.76
C ASP I 130 -64.75 9.25 -3.57
N PRO I 131 -64.63 8.21 -2.73
CA PRO I 131 -63.35 7.53 -2.48
C PRO I 131 -62.57 7.05 -3.74
N ALA I 132 -63.23 6.37 -4.67
CA ALA I 132 -62.60 6.03 -5.95
C ALA I 132 -62.04 7.26 -6.67
N ARG I 133 -62.83 8.32 -6.73
CA ARG I 133 -62.36 9.55 -7.40
C ARG I 133 -61.22 10.24 -6.65
N ARG I 134 -61.20 10.15 -5.33
CA ARG I 134 -60.05 10.62 -4.57
CA ARG I 134 -60.05 10.62 -4.57
C ARG I 134 -58.78 9.88 -5.00
N TRP I 135 -58.84 8.54 -5.10
CA TRP I 135 -57.64 7.78 -5.56
C TRP I 135 -57.23 8.15 -6.97
N GLN I 136 -58.22 8.34 -7.85
CA GLN I 136 -57.92 8.77 -9.20
C GLN I 136 -57.25 10.12 -9.24
N THR I 137 -57.69 11.03 -8.36
CA THR I 137 -57.08 12.33 -8.28
C THR I 137 -55.61 12.19 -7.92
N LEU I 138 -55.29 11.26 -7.01
CA LEU I 138 -53.89 11.04 -6.65
C LEU I 138 -53.04 10.52 -7.81
N GLN I 139 -53.60 9.68 -8.69
CA GLN I 139 -52.86 9.28 -9.90
C GLN I 139 -52.36 10.51 -10.63
N TRP I 140 -53.26 11.47 -10.88
CA TRP I 140 -52.90 12.67 -11.64
C TRP I 140 -51.97 13.59 -10.86
N LEU I 141 -52.15 13.71 -9.56
CA LEU I 141 -51.16 14.42 -8.79
C LEU I 141 -49.73 13.81 -9.01
N HIS I 142 -49.62 12.49 -8.91
CA HIS I 142 -48.35 11.79 -9.05
C HIS I 142 -47.79 11.88 -10.45
N PHE I 143 -48.67 11.85 -11.46
CA PHE I 143 -48.24 12.07 -12.81
C PHE I 143 -47.58 13.43 -13.00
N GLN I 144 -48.14 14.44 -12.36
CA GLN I 144 -47.49 15.75 -12.30
C GLN I 144 -46.14 15.68 -11.60
N MET I 145 -46.13 15.08 -10.42
CA MET I 145 -44.95 15.09 -9.57
C MET I 145 -43.75 14.28 -10.13
N GLY I 146 -44.03 13.14 -10.74
CA GLY I 146 -42.98 12.28 -11.29
C GLY I 146 -42.72 12.53 -12.76
N GLY I 147 -43.67 13.15 -13.45
CA GLY I 147 -43.53 13.40 -14.91
C GLY I 147 -43.37 14.84 -15.32
N ILE I 148 -44.43 15.64 -15.15
CA ILE I 148 -44.48 17.06 -15.56
C ILE I 148 -43.38 17.92 -14.92
N GLY I 149 -43.35 17.96 -13.60
CA GLY I 149 -42.35 18.78 -12.93
C GLY I 149 -40.91 18.47 -13.32
N PRO I 150 -40.50 17.21 -13.17
CA PRO I 150 -39.09 16.89 -13.47
C PRO I 150 -38.74 17.04 -14.95
N MET I 151 -39.64 16.67 -15.87
CA MET I 151 -39.33 16.78 -17.29
C MET I 151 -39.36 18.24 -17.80
N PHE I 152 -40.41 18.99 -17.48
CA PHE I 152 -40.47 20.44 -17.81
C PHE I 152 -39.22 21.15 -17.21
N GLY I 153 -38.87 20.79 -15.98
CA GLY I 153 -37.66 21.34 -15.31
C GLY I 153 -36.35 21.08 -16.03
N GLN I 154 -36.18 19.87 -16.59
CA GLN I 154 -34.96 19.59 -17.36
C GLN I 154 -35.02 20.40 -18.66
N LEU I 155 -36.20 20.53 -19.26
CA LEU I 155 -36.30 21.36 -20.46
C LEU I 155 -35.88 22.78 -20.09
N GLY I 156 -36.29 23.23 -18.91
CA GLY I 156 -35.88 24.54 -18.47
C GLY I 156 -34.36 24.69 -18.45
N PHE I 157 -33.68 23.70 -17.88
CA PHE I 157 -32.26 23.79 -17.70
C PHE I 157 -31.57 23.92 -19.03
N PHE I 158 -32.01 23.13 -20.03
CA PHE I 158 -31.40 23.14 -21.34
C PHE I 158 -31.85 24.24 -22.30
N HIS I 159 -32.91 24.95 -21.94
CA HIS I 159 -33.42 26.02 -22.79
C HIS I 159 -33.36 27.40 -22.13
N LYS I 160 -33.49 27.46 -20.81
CA LYS I 160 -33.60 28.75 -20.12
C LYS I 160 -32.37 29.02 -19.25
N PHE I 161 -31.88 28.01 -18.53
CA PHE I 161 -30.75 28.21 -17.63
C PHE I 161 -29.43 27.75 -18.26
N ALA I 162 -28.48 27.34 -17.43
CA ALA I 162 -27.09 27.21 -17.86
C ALA I 162 -26.86 26.23 -19.01
N GLY I 163 -27.67 25.17 -19.09
CA GLY I 163 -27.49 24.12 -20.11
C GLY I 163 -27.83 24.63 -21.50
N ARG I 164 -28.46 25.81 -21.57
CA ARG I 164 -28.70 26.50 -22.84
C ARG I 164 -27.41 26.92 -23.53
N GLU I 165 -26.32 27.09 -22.79
CA GLU I 165 -25.01 27.39 -23.38
CA GLU I 165 -25.03 27.41 -23.38
C GLU I 165 -24.34 26.22 -24.10
N TYR I 166 -24.82 24.99 -23.84
CA TYR I 166 -24.27 23.80 -24.49
C TYR I 166 -24.64 23.79 -25.98
N GLU I 167 -23.63 23.67 -26.84
CA GLU I 167 -23.87 23.74 -28.29
C GLU I 167 -24.69 22.58 -28.82
N ASP I 168 -24.47 21.38 -28.30
CA ASP I 168 -25.19 20.24 -28.81
C ASP I 168 -26.56 20.21 -28.17
N LYS I 169 -27.59 20.14 -29.02
CA LYS I 169 -28.97 20.28 -28.56
C LYS I 169 -29.71 18.95 -28.40
N ARG I 170 -28.99 17.85 -28.45
CA ARG I 170 -29.65 16.56 -28.25
C ARG I 170 -30.30 16.41 -26.89
N PRO I 171 -29.62 16.79 -25.78
CA PRO I 171 -30.32 16.79 -24.51
C PRO I 171 -31.58 17.65 -24.53
N LEU I 172 -31.47 18.88 -25.03
CA LEU I 172 -32.65 19.73 -25.17
C LEU I 172 -33.74 19.02 -25.96
N GLN I 173 -33.40 18.43 -27.09
CA GLN I 173 -34.44 17.80 -27.91
C GLN I 173 -35.13 16.64 -27.19
N ARG I 174 -34.39 15.88 -26.37
CA ARG I 174 -34.96 14.81 -25.55
C ARG I 174 -36.08 15.34 -24.64
N TYR I 175 -35.83 16.47 -23.95
CA TYR I 175 -36.80 17.01 -22.97
C TYR I 175 -37.92 17.79 -23.66
N VAL I 176 -37.68 18.31 -24.84
CA VAL I 176 -38.75 18.83 -25.66
C VAL I 176 -39.69 17.67 -26.02
N ALA I 177 -39.15 16.56 -26.48
CA ALA I 177 -40.01 15.44 -26.92
C ALA I 177 -40.83 14.90 -25.79
N GLU I 178 -40.22 14.80 -24.61
CA GLU I 178 -40.93 14.25 -23.47
C GLU I 178 -41.95 15.25 -22.93
N SER I 179 -41.63 16.54 -22.94
CA SER I 179 -42.59 17.56 -22.51
C SER I 179 -43.81 17.62 -23.48
N LYS I 180 -43.56 17.53 -24.77
CA LYS I 180 -44.68 17.41 -25.72
C LYS I 180 -45.50 16.15 -25.49
N ARG I 181 -44.85 15.02 -25.27
CA ARG I 181 -45.59 13.79 -25.01
C ARG I 181 -46.45 13.95 -23.76
N LEU I 182 -45.89 14.56 -22.70
CA LEU I 182 -46.65 14.75 -21.49
C LEU I 182 -47.86 15.66 -21.76
N LEU I 183 -47.64 16.74 -22.51
CA LEU I 183 -48.72 17.65 -22.82
C LEU I 183 -49.81 16.92 -23.61
N GLY I 184 -49.42 15.93 -24.40
CA GLY I 184 -50.38 15.16 -25.23
C GLY I 184 -51.24 14.31 -24.33
N VAL I 185 -50.69 13.85 -23.20
CA VAL I 185 -51.49 13.07 -22.26
C VAL I 185 -52.55 13.96 -21.61
N LEU I 186 -52.14 15.15 -21.17
CA LEU I 186 -53.05 16.18 -20.64
C LEU I 186 -54.11 16.62 -21.65
N GLU I 187 -53.70 16.81 -22.89
CA GLU I 187 -54.62 17.19 -23.97
C GLU I 187 -55.75 16.18 -24.13
N ALA I 188 -55.40 14.90 -24.17
CA ALA I 188 -56.40 13.83 -24.29
C ALA I 188 -57.26 13.77 -23.02
N ARG I 189 -56.65 13.95 -21.85
CA ARG I 189 -57.43 13.94 -20.61
C ARG I 189 -58.47 15.09 -20.54
N LEU I 190 -58.05 16.27 -20.96
CA LEU I 190 -58.86 17.45 -20.81
C LEU I 190 -59.82 17.60 -21.96
N ASP I 191 -59.70 16.77 -22.98
CA ASP I 191 -60.72 16.79 -24.09
C ASP I 191 -62.15 16.50 -23.56
N GLY I 192 -63.00 17.52 -23.46
CA GLY I 192 -64.34 17.38 -22.86
C GLY I 192 -64.44 17.41 -21.33
N ARG I 193 -63.39 17.84 -20.64
CA ARG I 193 -63.44 17.99 -19.17
C ARG I 193 -63.13 19.44 -18.80
N GLN I 194 -63.82 19.95 -17.80
CA GLN I 194 -63.50 21.28 -17.28
C GLN I 194 -62.14 21.26 -16.57
N TRP I 195 -62.00 20.33 -15.64
CA TRP I 195 -60.75 20.12 -14.92
C TRP I 195 -60.23 18.69 -15.08
N ILE I 196 -59.12 18.38 -14.41
CA ILE I 196 -58.47 17.09 -14.59
C ILE I 196 -59.46 16.03 -14.13
N MET I 197 -60.19 16.33 -13.06
CA MET I 197 -61.24 15.48 -12.54
C MET I 197 -62.64 16.01 -12.90
N ASP I 198 -62.82 16.35 -14.16
CA ASP I 198 -64.14 16.74 -14.69
C ASP I 198 -64.64 18.02 -14.04
N ALA I 199 -65.76 17.98 -13.34
CA ALA I 199 -66.32 19.17 -12.68
C ALA I 199 -65.65 19.53 -11.33
N ASP I 200 -64.79 18.66 -10.81
CA ASP I 200 -64.10 18.95 -9.53
C ASP I 200 -62.71 19.53 -9.82
N TYR I 201 -62.50 20.74 -9.31
CA TYR I 201 -61.21 21.41 -9.31
C TYR I 201 -60.45 20.87 -8.11
N THR I 202 -59.27 20.30 -8.31
CA THR I 202 -58.61 19.55 -7.26
C THR I 202 -57.17 19.89 -7.14
N ILE I 203 -56.51 19.29 -6.14
CA ILE I 203 -55.07 19.44 -6.03
C ILE I 203 -54.32 19.03 -7.32
N ALA I 204 -54.92 18.18 -8.16
CA ALA I 204 -54.31 17.82 -9.45
C ALA I 204 -54.15 19.06 -10.33
N ASP I 205 -55.20 19.89 -10.45
CA ASP I 205 -55.08 21.15 -11.21
C ASP I 205 -54.09 22.13 -10.56
N ILE I 206 -54.24 22.30 -9.26
CA ILE I 206 -53.35 23.19 -8.50
C ILE I 206 -51.88 22.84 -8.70
N ALA I 207 -51.56 21.56 -8.71
CA ALA I 207 -50.16 21.17 -8.87
C ALA I 207 -49.63 21.39 -10.29
N THR I 208 -50.52 21.37 -11.27
CA THR I 208 -50.14 21.34 -12.68
C THR I 208 -50.20 22.68 -13.40
N LEU I 209 -51.11 23.57 -13.00
CA LEU I 209 -51.25 24.88 -13.67
C LEU I 209 -49.95 25.71 -13.73
N GLY I 210 -49.30 25.91 -12.59
CA GLY I 210 -48.06 26.69 -12.55
C GLY I 210 -46.94 26.22 -13.46
N TRP I 211 -46.80 24.92 -13.61
CA TRP I 211 -45.78 24.35 -14.46
C TRP I 211 -46.08 24.61 -15.91
N VAL I 212 -47.34 24.48 -16.31
CA VAL I 212 -47.72 24.80 -17.69
C VAL I 212 -47.57 26.30 -18.00
N ARG I 213 -48.00 27.14 -17.08
CA ARG I 213 -47.83 28.59 -17.26
C ARG I 213 -46.36 28.91 -17.46
N ASN I 214 -45.55 28.38 -16.57
CA ASN I 214 -44.12 28.64 -16.53
C ASN I 214 -43.43 28.17 -17.78
N LEU I 215 -43.82 26.99 -18.25
CA LEU I 215 -43.27 26.44 -19.49
C LEU I 215 -43.45 27.39 -20.67
N ILE I 216 -44.65 27.96 -20.77
CA ILE I 216 -44.95 28.80 -21.91
C ILE I 216 -44.60 30.25 -21.68
N GLY I 217 -44.24 30.62 -20.45
CA GLY I 217 -43.99 32.02 -20.14
C GLY I 217 -42.53 32.21 -19.79
N PHE I 218 -42.23 32.17 -18.49
CA PHE I 218 -40.87 32.39 -18.03
C PHE I 218 -39.83 31.53 -18.78
N TYR I 219 -40.09 30.25 -19.00
CA TYR I 219 -39.13 29.37 -19.71
C TYR I 219 -38.99 29.72 -21.22
N GLY I 220 -39.99 30.38 -21.79
CA GLY I 220 -39.91 30.80 -23.17
C GLY I 220 -40.04 29.64 -24.13
N ALA I 221 -40.75 28.58 -23.73
CA ALA I 221 -40.86 27.40 -24.57
C ALA I 221 -42.19 27.23 -25.35
N ARG I 222 -43.03 28.27 -25.42
CA ARG I 222 -44.34 28.14 -26.04
C ARG I 222 -44.24 27.57 -27.47
N GLU I 223 -43.37 28.11 -28.30
CA GLU I 223 -43.22 27.62 -29.69
C GLU I 223 -42.46 26.29 -29.76
N LEU I 224 -41.51 26.13 -28.86
CA LEU I 224 -40.67 24.94 -28.84
C LEU I 224 -41.50 23.66 -28.65
N VAL I 225 -42.50 23.73 -27.77
CA VAL I 225 -43.39 22.60 -27.54
C VAL I 225 -44.68 22.65 -28.38
N ALA I 226 -44.74 23.55 -29.39
CA ALA I 226 -45.92 23.75 -30.25
C ALA I 226 -47.24 23.84 -29.46
N PHE I 227 -47.21 24.59 -28.37
CA PHE I 227 -48.33 24.74 -27.47
C PHE I 227 -49.61 25.33 -28.12
N ASP I 228 -49.46 26.23 -29.06
CA ASP I 228 -50.63 26.82 -29.71
C ASP I 228 -51.31 25.90 -30.73
N GLU I 229 -50.76 24.72 -30.97
CA GLU I 229 -51.44 23.69 -31.79
C GLU I 229 -52.41 22.86 -30.94
N LEU I 230 -52.31 22.99 -29.63
CA LEU I 230 -53.21 22.36 -28.69
C LEU I 230 -54.49 23.18 -28.54
N THR I 231 -55.54 22.55 -28.01
CA THR I 231 -56.81 23.22 -27.71
C THR I 231 -57.24 23.08 -26.26
N HIS I 232 -57.16 21.87 -25.72
CA HIS I 232 -57.84 21.59 -24.46
C HIS I 232 -56.96 22.01 -23.28
N VAL I 233 -55.67 21.86 -23.44
CA VAL I 233 -54.75 22.29 -22.38
C VAL I 233 -54.78 23.83 -22.28
N PRO I 234 -54.72 24.54 -23.42
CA PRO I 234 -54.82 26.01 -23.33
C PRO I 234 -56.10 26.51 -22.68
N ALA I 235 -57.22 25.91 -23.06
CA ALA I 235 -58.53 26.23 -22.47
C ALA I 235 -58.52 26.01 -20.97
N TRP I 236 -58.07 24.84 -20.57
CA TRP I 236 -57.96 24.50 -19.17
C TRP I 236 -57.08 25.52 -18.44
N LEU I 237 -55.92 25.85 -19.01
CA LEU I 237 -54.99 26.80 -18.40
C LEU I 237 -55.67 28.16 -18.19
N GLU I 238 -56.39 28.64 -19.20
CA GLU I 238 -57.10 29.91 -19.09
C GLU I 238 -58.13 29.87 -17.96
N ARG I 239 -58.84 28.74 -17.83
CA ARG I 239 -59.84 28.60 -16.77
C ARG I 239 -59.20 28.70 -15.40
N GLY I 240 -58.07 28.02 -15.22
CA GLY I 240 -57.35 28.03 -13.95
C GLY I 240 -56.81 29.42 -13.64
N LEU I 241 -56.24 30.08 -14.64
CA LEU I 241 -55.69 31.41 -14.47
C LEU I 241 -56.77 32.47 -14.23
N ALA I 242 -58.04 32.19 -14.54
CA ALA I 242 -59.13 33.11 -14.21
C ALA I 242 -59.52 33.07 -12.73
N ARG I 243 -58.99 32.15 -11.96
CA ARG I 243 -59.40 32.05 -10.55
C ARG I 243 -58.57 33.01 -9.72
N PRO I 244 -59.23 33.90 -8.95
CA PRO I 244 -58.48 34.86 -8.11
C PRO I 244 -57.41 34.22 -7.24
N ALA I 245 -57.69 33.08 -6.61
CA ALA I 245 -56.68 32.46 -5.73
C ALA I 245 -55.44 32.05 -6.48
N VAL I 246 -55.62 31.65 -7.75
CA VAL I 246 -54.50 31.28 -8.59
C VAL I 246 -53.65 32.51 -8.89
N GLN I 247 -54.32 33.59 -9.31
CA GLN I 247 -53.63 34.86 -9.54
C GLN I 247 -52.91 35.38 -8.31
N ARG I 248 -53.49 35.23 -7.13
CA ARG I 248 -52.79 35.65 -5.90
C ARG I 248 -51.58 34.76 -5.62
N GLY I 249 -51.77 33.45 -5.70
CA GLY I 249 -50.75 32.51 -5.29
C GLY I 249 -49.53 32.50 -6.18
N LEU I 250 -49.76 32.73 -7.47
CA LEU I 250 -48.67 32.86 -8.42
C LEU I 250 -47.56 33.86 -8.03
N GLU I 251 -47.88 34.89 -7.24
CA GLU I 251 -46.88 35.92 -6.92
C GLU I 251 -46.51 36.01 -5.42
N ILE I 252 -46.70 34.90 -4.70
CA ILE I 252 -46.42 34.85 -3.25
C ILE I 252 -45.42 33.69 -3.05
N PRO I 253 -44.36 33.91 -2.24
CA PRO I 253 -44.00 35.20 -1.65
C PRO I 253 -43.37 36.09 -2.71
N LYS I 254 -43.22 37.37 -2.39
CA LYS I 254 -42.55 38.28 -3.31
C LYS I 254 -41.08 37.91 -3.41
N ARG I 255 -40.51 38.08 -4.59
CA ARG I 255 -39.13 37.65 -4.88
C ARG I 255 -38.17 38.53 -4.09
N PRO I 256 -37.20 37.92 -3.39
CA PRO I 256 -36.31 38.71 -2.54
C PRO I 256 -35.21 39.39 -3.36
N LEU J 26 -64.88 -7.21 -14.79
CA LEU J 26 -63.72 -6.50 -15.39
C LEU J 26 -63.79 -6.34 -16.91
N SER J 27 -64.78 -6.93 -17.57
CA SER J 27 -64.89 -6.85 -19.03
C SER J 27 -65.06 -5.42 -19.50
N SER J 28 -65.58 -4.56 -18.62
CA SER J 28 -65.70 -3.12 -18.87
C SER J 28 -64.35 -2.39 -18.95
N PHE J 29 -63.27 -3.03 -18.50
CA PHE J 29 -61.91 -2.48 -18.64
C PHE J 29 -61.26 -3.06 -19.90
N PRO J 30 -61.01 -2.21 -20.92
CA PRO J 30 -60.55 -2.79 -22.20
C PRO J 30 -59.17 -3.48 -22.19
N ILE J 31 -58.38 -3.25 -21.15
CA ILE J 31 -57.08 -3.90 -21.02
C ILE J 31 -57.22 -5.43 -20.89
N THR J 32 -58.33 -5.88 -20.32
CA THR J 32 -58.57 -7.31 -20.15
C THR J 32 -58.80 -8.02 -21.49
N LYS J 33 -58.96 -7.27 -22.58
CA LYS J 33 -59.16 -7.92 -23.90
C LYS J 33 -57.83 -8.46 -24.42
N ARG J 34 -56.73 -7.88 -23.95
CA ARG J 34 -55.41 -8.25 -24.42
C ARG J 34 -54.61 -8.97 -23.33
N TRP J 35 -54.91 -8.71 -22.06
CA TRP J 35 -54.40 -9.50 -20.93
C TRP J 35 -55.55 -10.03 -20.06
N PRO J 36 -56.22 -11.09 -20.53
CA PRO J 36 -57.40 -11.61 -19.84
C PRO J 36 -57.07 -12.06 -18.43
N ALA J 37 -58.03 -11.94 -17.52
CA ALA J 37 -57.82 -12.31 -16.12
C ALA J 37 -58.26 -13.75 -15.88
N GLN J 38 -57.36 -14.56 -15.33
CA GLN J 38 -57.68 -15.94 -14.91
C GLN J 38 -58.40 -15.95 -13.57
N HIS J 39 -58.09 -14.96 -12.73
CA HIS J 39 -58.64 -14.83 -11.40
C HIS J 39 -59.25 -13.45 -11.24
N SER J 40 -60.47 -13.27 -11.72
CA SER J 40 -61.09 -11.94 -11.72
C SER J 40 -61.46 -11.45 -10.32
N ASP J 41 -61.30 -12.30 -9.31
CA ASP J 41 -61.43 -11.90 -7.92
C ASP J 41 -60.11 -11.43 -7.27
N ARG J 42 -59.05 -11.35 -8.07
CA ARG J 42 -57.73 -10.89 -7.59
C ARG J 42 -57.30 -9.59 -8.26
N ILE J 43 -56.55 -8.79 -7.54
CA ILE J 43 -55.87 -7.63 -8.11
C ILE J 43 -55.09 -8.06 -9.36
N GLN J 44 -55.27 -7.27 -10.41
CA GLN J 44 -54.54 -7.47 -11.67
C GLN J 44 -53.43 -6.47 -11.71
N LEU J 45 -52.19 -6.96 -11.86
CA LEU J 45 -50.99 -6.14 -11.99
C LEU J 45 -50.47 -6.23 -13.42
N TYR J 46 -50.32 -5.07 -14.06
CA TYR J 46 -49.76 -4.96 -15.40
C TYR J 46 -48.43 -4.22 -15.27
N SER J 47 -47.33 -4.93 -15.48
CA SER J 47 -46.03 -4.42 -15.05
C SER J 47 -44.86 -5.16 -15.70
N LEU J 48 -43.66 -4.76 -15.29
CA LEU J 48 -42.40 -5.44 -15.56
C LEU J 48 -41.53 -5.20 -14.32
N PRO J 49 -40.52 -6.05 -14.08
CA PRO J 49 -39.67 -5.88 -12.90
C PRO J 49 -38.58 -4.80 -13.10
N THR J 50 -39.04 -3.59 -13.42
CA THR J 50 -38.20 -2.41 -13.50
C THR J 50 -38.26 -1.71 -12.14
N PRO J 51 -37.43 -0.68 -11.96
CA PRO J 51 -37.42 0.00 -10.66
C PRO J 51 -38.75 0.57 -10.24
N ASN J 52 -39.58 0.97 -11.19
CA ASN J 52 -40.91 1.48 -10.83
C ASN J 52 -41.90 0.35 -10.61
N GLY J 53 -41.83 -0.67 -11.46
CA GLY J 53 -42.76 -1.81 -11.38
C GLY J 53 -42.59 -2.61 -10.11
N VAL J 54 -41.33 -2.75 -9.66
CA VAL J 54 -41.06 -3.58 -8.49
C VAL J 54 -41.60 -2.92 -7.23
N LYS J 55 -41.80 -1.61 -7.24
CA LYS J 55 -42.44 -0.97 -6.08
C LYS J 55 -43.74 -1.63 -5.72
N VAL J 56 -44.53 -1.89 -6.76
CA VAL J 56 -45.88 -2.40 -6.61
C VAL J 56 -45.89 -3.93 -6.39
N SER J 57 -45.04 -4.70 -7.09
CA SER J 57 -45.03 -6.13 -6.86
C SER J 57 -44.49 -6.38 -5.43
N ILE J 58 -43.52 -5.59 -5.01
CA ILE J 58 -43.03 -5.73 -3.63
C ILE J 58 -44.13 -5.45 -2.61
N MET J 59 -44.89 -4.38 -2.83
CA MET J 59 -46.00 -4.03 -1.94
C MET J 59 -47.03 -5.17 -1.85
N LEU J 60 -47.44 -5.71 -2.99
CA LEU J 60 -48.37 -6.80 -3.01
C LEU J 60 -47.82 -8.05 -2.28
N GLU J 61 -46.52 -8.33 -2.44
CA GLU J 61 -45.88 -9.42 -1.73
C GLU J 61 -45.80 -9.15 -0.25
N GLU J 62 -45.46 -7.93 0.13
CA GLU J 62 -45.31 -7.59 1.55
C GLU J 62 -46.68 -7.68 2.22
N THR J 63 -47.72 -7.12 1.59
CA THR J 63 -49.05 -7.12 2.18
C THR J 63 -49.69 -8.51 2.17
N GLY J 64 -49.27 -9.37 1.26
CA GLY J 64 -49.89 -10.70 1.13
C GLY J 64 -51.24 -10.68 0.42
N LEU J 65 -51.56 -9.59 -0.27
CA LEU J 65 -52.77 -9.51 -1.08
C LEU J 65 -52.74 -10.44 -2.28
N PRO J 66 -53.78 -11.26 -2.47
CA PRO J 66 -53.80 -12.07 -3.70
C PRO J 66 -53.71 -11.21 -4.97
N TYR J 67 -52.85 -11.60 -5.91
CA TYR J 67 -52.81 -10.90 -7.20
C TYR J 67 -52.39 -11.76 -8.38
N GLU J 68 -52.67 -11.24 -9.56
CA GLU J 68 -52.38 -11.90 -10.80
C GLU J 68 -51.49 -10.99 -11.69
N PRO J 69 -50.21 -11.33 -11.84
CA PRO J 69 -49.34 -10.42 -12.59
C PRO J 69 -49.35 -10.70 -14.07
N HIS J 70 -49.29 -9.66 -14.88
CA HIS J 70 -49.12 -9.81 -16.32
C HIS J 70 -47.92 -8.99 -16.75
N ALA J 71 -47.00 -9.62 -17.47
CA ALA J 71 -45.88 -8.92 -18.08
C ALA J 71 -46.39 -8.10 -19.26
N ILE J 72 -46.01 -6.82 -19.31
CA ILE J 72 -46.29 -5.98 -20.50
C ILE J 72 -45.04 -5.89 -21.41
N ASP J 73 -45.13 -6.44 -22.62
CA ASP J 73 -43.95 -6.52 -23.49
C ASP J 73 -43.63 -5.21 -24.23
N PHE J 74 -42.72 -4.46 -23.67
CA PHE J 74 -42.26 -3.23 -24.27
C PHE J 74 -41.54 -3.44 -25.59
N GLY J 75 -40.81 -4.54 -25.70
CA GLY J 75 -40.17 -4.91 -26.95
C GLY J 75 -41.13 -5.03 -28.11
N LYS J 76 -42.40 -5.30 -27.83
CA LYS J 76 -43.49 -5.33 -28.82
C LYS J 76 -44.38 -4.07 -28.77
N ASP J 77 -43.95 -3.03 -28.05
CA ASP J 77 -44.73 -1.80 -27.95
C ASP J 77 -46.17 -2.05 -27.46
N HIS J 78 -46.31 -3.00 -26.53
CA HIS J 78 -47.62 -3.39 -25.99
C HIS J 78 -48.20 -2.34 -25.04
N GLN J 79 -47.31 -1.62 -24.37
CA GLN J 79 -47.68 -0.43 -23.57
C GLN J 79 -48.21 0.75 -24.39
N LYS J 80 -48.27 0.61 -25.72
CA LYS J 80 -48.73 1.67 -26.60
C LYS J 80 -50.06 1.32 -27.27
N THR J 81 -50.52 0.09 -27.05
CA THR J 81 -51.74 -0.40 -27.62
C THR J 81 -52.94 0.33 -27.00
N PRO J 82 -54.02 0.49 -27.77
CA PRO J 82 -55.18 1.15 -27.19
C PRO J 82 -55.64 0.46 -25.90
N GLU J 83 -55.47 -0.86 -25.84
CA GLU J 83 -55.93 -1.64 -24.70
C GLU J 83 -55.13 -1.24 -23.46
N PHE J 84 -53.82 -1.09 -23.60
CA PHE J 84 -53.05 -0.69 -22.42
C PHE J 84 -53.36 0.75 -22.06
N LEU J 85 -53.39 1.62 -23.07
CA LEU J 85 -53.67 3.03 -22.85
C LEU J 85 -55.03 3.29 -22.22
N SER J 86 -55.97 2.36 -22.37
CA SER J 86 -57.27 2.49 -21.71
C SER J 86 -57.18 2.40 -20.17
N LEU J 87 -56.10 1.85 -19.63
CA LEU J 87 -55.90 1.84 -18.19
C LEU J 87 -54.91 2.93 -17.78
N ASN J 88 -53.77 2.98 -18.45
CA ASN J 88 -52.84 4.09 -18.22
C ASN J 88 -52.62 4.91 -19.49
N PRO J 89 -53.24 6.10 -19.58
CA PRO J 89 -53.06 6.90 -20.80
C PRO J 89 -51.62 7.44 -20.97
N ASN J 90 -50.81 7.45 -19.90
CA ASN J 90 -49.41 7.82 -19.98
C ASN J 90 -48.53 6.73 -20.64
N GLY J 91 -49.02 5.49 -20.78
CA GLY J 91 -48.28 4.45 -21.51
C GLY J 91 -47.15 3.82 -20.71
N LYS J 92 -47.28 3.80 -19.38
CA LYS J 92 -46.23 3.30 -18.52
CA LYS J 92 -46.23 3.32 -18.51
C LYS J 92 -46.73 2.29 -17.51
N ILE J 93 -45.87 1.33 -17.18
CA ILE J 93 -46.10 0.41 -16.07
C ILE J 93 -45.50 1.03 -14.78
N PRO J 94 -45.96 0.60 -13.59
CA PRO J 94 -47.06 -0.31 -13.30
C PRO J 94 -48.46 0.32 -13.29
N ALA J 95 -49.45 -0.52 -13.52
CA ALA J 95 -50.85 -0.18 -13.39
C ALA J 95 -51.54 -1.40 -12.74
N ILE J 96 -52.63 -1.16 -11.99
CA ILE J 96 -53.43 -2.23 -11.41
C ILE J 96 -54.90 -2.01 -11.64
N ILE J 97 -55.64 -3.10 -11.52
CA ILE J 97 -57.07 -3.04 -11.32
C ILE J 97 -57.38 -3.85 -10.09
N ASP J 98 -58.04 -3.22 -9.11
CA ASP J 98 -58.51 -3.91 -7.92
C ASP J 98 -59.97 -4.19 -8.11
N PRO J 99 -60.35 -5.46 -8.21
CA PRO J 99 -61.76 -5.78 -8.40
C PRO J 99 -62.56 -5.46 -7.15
N ASN J 100 -61.89 -5.46 -5.99
CA ASN J 100 -62.54 -5.16 -4.72
C ASN J 100 -62.14 -3.80 -4.18
N GLY J 101 -62.36 -2.80 -5.02
CA GLY J 101 -62.07 -1.42 -4.67
C GLY J 101 -63.15 -0.82 -3.82
N PRO J 102 -63.11 0.50 -3.64
CA PRO J 102 -64.10 1.18 -2.79
C PRO J 102 -65.51 0.95 -3.28
N GLY J 103 -66.44 0.81 -2.35
CA GLY J 103 -67.84 0.50 -2.70
C GLY J 103 -67.96 -0.91 -3.25
N ASP J 104 -67.03 -1.78 -2.89
CA ASP J 104 -66.84 -3.09 -3.57
C ASP J 104 -67.16 -2.98 -5.07
N LYS J 105 -66.49 -2.01 -5.71
CA LYS J 105 -66.51 -1.87 -7.17
C LYS J 105 -65.05 -1.91 -7.63
N PRO J 106 -64.83 -2.34 -8.89
CA PRO J 106 -63.49 -2.36 -9.43
C PRO J 106 -62.89 -0.94 -9.58
N LEU J 107 -61.60 -0.81 -9.32
CA LEU J 107 -60.91 0.46 -9.49
C LEU J 107 -59.64 0.21 -10.30
N GLY J 108 -59.46 0.99 -11.36
CA GLY J 108 -58.19 1.02 -12.10
C GLY J 108 -57.32 2.17 -11.60
N LEU J 109 -56.02 1.93 -11.43
CA LEU J 109 -55.07 2.95 -11.02
C LEU J 109 -53.73 2.79 -11.75
N PHE J 110 -53.15 3.92 -12.15
CA PHE J 110 -51.75 3.95 -12.58
C PHE J 110 -50.96 4.90 -11.64
N GLU J 111 -49.65 5.02 -11.88
CA GLU J 111 -48.68 5.71 -11.01
C GLU J 111 -48.40 4.92 -9.76
N SER J 112 -47.18 4.42 -9.66
CA SER J 112 -46.73 3.60 -8.54
C SER J 112 -46.98 4.30 -7.21
N GLY J 113 -46.86 5.62 -7.20
CA GLY J 113 -47.07 6.40 -5.98
C GLY J 113 -48.50 6.37 -5.48
N ALA J 114 -49.46 6.50 -6.39
CA ALA J 114 -50.87 6.43 -6.01
C ALA J 114 -51.19 5.00 -5.58
N ILE J 115 -50.66 4.04 -6.33
CA ILE J 115 -50.91 2.64 -6.07
C ILE J 115 -50.36 2.26 -4.69
N LEU J 116 -49.18 2.73 -4.35
CA LEU J 116 -48.61 2.42 -3.04
C LEU J 116 -49.48 2.96 -1.94
N GLN J 117 -49.98 4.19 -2.10
CA GLN J 117 -50.80 4.85 -1.08
CA GLN J 117 -50.78 4.78 -1.02
C GLN J 117 -52.12 4.08 -0.92
N TYR J 118 -52.75 3.81 -2.05
CA TYR J 118 -53.97 3.03 -2.08
C TYR J 118 -53.86 1.63 -1.42
N LEU J 119 -52.84 0.86 -1.77
CA LEU J 119 -52.68 -0.46 -1.14
C LEU J 119 -52.39 -0.37 0.38
N ALA J 120 -51.67 0.67 0.80
CA ALA J 120 -51.35 0.83 2.21
C ALA J 120 -52.62 1.14 3.01
N GLU J 121 -53.45 2.05 2.49
CA GLU J 121 -54.76 2.33 3.08
C GLU J 121 -55.72 1.15 2.98
N LYS J 122 -55.71 0.43 1.87
CA LYS J 122 -56.56 -0.76 1.78
C LYS J 122 -56.27 -1.79 2.88
N THR J 123 -54.99 -2.07 3.13
CA THR J 123 -54.59 -3.15 4.03
C THR J 123 -54.31 -2.66 5.46
N GLY J 124 -54.17 -1.36 5.67
CA GLY J 124 -53.73 -0.81 6.95
C GLY J 124 -52.29 -1.15 7.28
N GLN J 125 -51.48 -1.39 6.27
CA GLN J 125 -50.11 -1.82 6.47
C GLN J 125 -49.11 -0.88 5.78
N PHE J 126 -47.95 -0.69 6.40
CA PHE J 126 -46.78 -0.05 5.76
C PHE J 126 -46.95 1.46 5.65
N LEU J 127 -47.88 1.99 6.43
CA LEU J 127 -47.98 3.42 6.75
C LEU J 127 -48.17 3.54 8.23
N PRO J 128 -47.37 4.36 8.92
CA PRO J 128 -47.58 4.44 10.37
C PRO J 128 -48.99 4.93 10.75
N ALA J 129 -49.39 4.60 11.98
CA ALA J 129 -50.74 4.87 12.48
C ALA J 129 -50.88 6.34 12.84
N ASP J 130 -49.92 6.83 13.62
CA ASP J 130 -49.86 8.23 14.01
C ASP J 130 -50.03 9.20 12.81
N PRO J 131 -51.03 10.10 12.86
CA PRO J 131 -51.26 10.99 11.72
C PRO J 131 -50.05 11.83 11.28
N ALA J 132 -49.30 12.37 12.24
CA ALA J 132 -48.10 13.14 11.91
C ALA J 132 -47.06 12.29 11.17
N ARG J 133 -46.82 11.07 11.65
CA ARG J 133 -45.80 10.22 11.01
C ARG J 133 -46.28 9.70 9.66
N ARG J 134 -47.58 9.55 9.50
CA ARG J 134 -48.13 9.22 8.19
C ARG J 134 -47.80 10.33 7.17
N TRP J 135 -48.06 11.59 7.55
CA TRP J 135 -47.77 12.70 6.63
C TRP J 135 -46.27 12.75 6.31
N GLN J 136 -45.43 12.61 7.34
CA GLN J 136 -43.99 12.55 7.15
C GLN J 136 -43.60 11.44 6.17
N THR J 137 -44.22 10.27 6.30
CA THR J 137 -43.93 9.18 5.38
C THR J 137 -44.23 9.56 3.93
N LEU J 138 -45.34 10.25 3.73
CA LEU J 138 -45.75 10.64 2.35
C LEU J 138 -44.78 11.66 1.81
N GLN J 139 -44.14 12.40 2.70
CA GLN J 139 -43.14 13.33 2.26
C GLN J 139 -41.93 12.57 1.71
N TRP J 140 -41.53 11.48 2.36
CA TRP J 140 -40.41 10.72 1.83
C TRP J 140 -40.82 9.94 0.58
N LEU J 141 -42.09 9.58 0.49
CA LEU J 141 -42.58 8.93 -0.71
C LEU J 141 -42.49 9.91 -1.88
N HIS J 142 -42.96 11.14 -1.69
CA HIS J 142 -42.88 12.13 -2.75
C HIS J 142 -41.45 12.47 -3.12
N PHE J 143 -40.53 12.41 -2.15
CA PHE J 143 -39.13 12.60 -2.40
C PHE J 143 -38.56 11.63 -3.40
N GLN J 144 -38.93 10.36 -3.25
CA GLN J 144 -38.54 9.33 -4.18
C GLN J 144 -39.19 9.54 -5.56
N MET J 145 -40.46 9.89 -5.55
CA MET J 145 -41.25 10.00 -6.82
C MET J 145 -40.84 11.19 -7.67
N GLY J 146 -40.48 12.30 -7.03
CA GLY J 146 -40.08 13.49 -7.77
C GLY J 146 -38.59 13.61 -7.98
N GLY J 147 -37.81 12.97 -7.11
CA GLY J 147 -36.36 13.15 -7.12
C GLY J 147 -35.60 11.91 -7.54
N ILE J 148 -35.65 10.87 -6.71
CA ILE J 148 -34.86 9.63 -6.94
C ILE J 148 -35.16 9.02 -8.30
N GLY J 149 -36.41 8.66 -8.52
CA GLY J 149 -36.75 7.99 -9.78
C GLY J 149 -36.31 8.75 -11.03
N PRO J 150 -36.81 9.98 -11.22
CA PRO J 150 -36.50 10.80 -12.41
C PRO J 150 -35.02 11.13 -12.58
N MET J 151 -34.31 11.47 -11.50
CA MET J 151 -32.88 11.73 -11.60
C MET J 151 -32.01 10.48 -11.87
N PHE J 152 -32.20 9.39 -11.11
CA PHE J 152 -31.49 8.14 -11.36
C PHE J 152 -31.79 7.72 -12.78
N GLY J 153 -33.02 7.94 -13.22
CA GLY J 153 -33.45 7.58 -14.60
C GLY J 153 -32.65 8.30 -15.65
N GLN J 154 -32.40 9.59 -15.43
CA GLN J 154 -31.64 10.38 -16.41
C GLN J 154 -30.17 9.99 -16.46
N LEU J 155 -29.59 9.76 -15.29
CA LEU J 155 -28.27 9.21 -15.21
C LEU J 155 -28.16 7.97 -16.09
N GLY J 156 -29.13 7.07 -15.98
CA GLY J 156 -29.17 5.85 -16.75
C GLY J 156 -29.26 6.14 -18.24
N PHE J 157 -30.04 7.16 -18.63
CA PHE J 157 -30.11 7.49 -20.07
C PHE J 157 -28.71 7.91 -20.59
N PHE J 158 -28.01 8.73 -19.81
CA PHE J 158 -26.71 9.27 -20.25
C PHE J 158 -25.50 8.38 -19.97
N HIS J 159 -25.66 7.36 -19.13
CA HIS J 159 -24.57 6.47 -18.80
C HIS J 159 -24.69 5.12 -19.46
N LYS J 160 -25.92 4.60 -19.51
CA LYS J 160 -26.18 3.22 -19.96
C LYS J 160 -26.87 3.18 -21.33
N PHE J 161 -27.84 4.05 -21.55
CA PHE J 161 -28.70 3.94 -22.75
C PHE J 161 -28.22 4.85 -23.85
N ALA J 162 -29.12 5.36 -24.70
CA ALA J 162 -28.69 5.97 -25.97
C ALA J 162 -27.86 7.22 -25.73
N GLY J 163 -28.18 7.94 -24.66
CA GLY J 163 -27.46 9.17 -24.28
C GLY J 163 -25.96 8.99 -24.06
N ARG J 164 -25.54 7.75 -23.84
CA ARG J 164 -24.13 7.47 -23.62
C ARG J 164 -23.29 7.73 -24.85
N GLU J 165 -23.92 7.72 -26.04
CA GLU J 165 -23.24 8.00 -27.30
C GLU J 165 -22.96 9.49 -27.52
N TYR J 166 -23.55 10.35 -26.71
CA TYR J 166 -23.37 11.79 -26.91
C TYR J 166 -21.96 12.14 -26.36
N GLU J 167 -21.22 12.90 -27.16
CA GLU J 167 -19.85 13.27 -26.84
C GLU J 167 -19.78 14.30 -25.71
N ASP J 168 -20.77 15.20 -25.61
CA ASP J 168 -20.78 16.20 -24.56
C ASP J 168 -21.16 15.51 -23.26
N LYS J 169 -20.22 15.44 -22.30
CA LYS J 169 -20.51 14.72 -21.06
C LYS J 169 -21.05 15.59 -19.92
N ARG J 170 -21.41 16.84 -20.21
CA ARG J 170 -21.96 17.68 -19.16
C ARG J 170 -23.34 17.22 -18.70
N PRO J 171 -24.23 16.82 -19.63
CA PRO J 171 -25.48 16.24 -19.11
C PRO J 171 -25.23 15.07 -18.18
N LEU J 172 -24.39 14.10 -18.58
CA LEU J 172 -24.06 13.01 -17.64
C LEU J 172 -23.51 13.55 -16.29
N GLN J 173 -22.56 14.47 -16.35
CA GLN J 173 -22.01 15.07 -15.11
C GLN J 173 -23.13 15.63 -14.21
N ARG J 174 -24.10 16.27 -14.82
CA ARG J 174 -25.23 16.84 -14.09
C ARG J 174 -26.04 15.78 -13.30
N TYR J 175 -26.35 14.68 -13.92
CA TYR J 175 -27.20 13.68 -13.27
C TYR J 175 -26.42 12.80 -12.31
N VAL J 176 -25.13 12.69 -12.53
CA VAL J 176 -24.24 12.06 -11.56
C VAL J 176 -24.20 12.90 -10.27
N ALA J 177 -23.99 14.20 -10.42
CA ALA J 177 -23.91 15.08 -9.26
C ALA J 177 -25.26 15.12 -8.52
N GLU J 178 -26.37 15.10 -9.25
CA GLU J 178 -27.69 15.12 -8.59
C GLU J 178 -28.01 13.77 -7.93
N SER J 179 -27.65 12.66 -8.57
CA SER J 179 -27.90 11.36 -7.97
C SER J 179 -27.08 11.21 -6.67
N LYS J 180 -25.85 11.66 -6.71
CA LYS J 180 -24.97 11.64 -5.52
C LYS J 180 -25.58 12.48 -4.43
N ARG J 181 -26.10 13.64 -4.81
CA ARG J 181 -26.70 14.57 -3.85
C ARG J 181 -27.94 13.96 -3.21
N LEU J 182 -28.78 13.32 -4.02
CA LEU J 182 -29.94 12.61 -3.49
C LEU J 182 -29.54 11.49 -2.54
N LEU J 183 -28.51 10.73 -2.89
CA LEU J 183 -28.02 9.67 -2.03
C LEU J 183 -27.47 10.20 -0.67
N GLY J 184 -26.92 11.42 -0.66
CA GLY J 184 -26.44 12.05 0.60
C GLY J 184 -27.59 12.55 1.47
N VAL J 185 -28.73 12.83 0.86
CA VAL J 185 -29.92 13.12 1.66
C VAL J 185 -30.36 11.82 2.37
N LEU J 186 -30.39 10.72 1.62
CA LEU J 186 -30.72 9.41 2.21
C LEU J 186 -29.68 8.95 3.23
N GLU J 187 -28.41 9.21 2.96
CA GLU J 187 -27.35 8.82 3.87
C GLU J 187 -27.55 9.52 5.21
N ALA J 188 -27.87 10.82 5.19
CA ALA J 188 -28.03 11.59 6.43
C ALA J 188 -29.32 11.18 7.15
N ARG J 189 -30.37 10.90 6.40
CA ARG J 189 -31.62 10.39 6.98
C ARG J 189 -31.48 9.00 7.64
N LEU J 190 -30.69 8.09 7.04
CA LEU J 190 -30.62 6.71 7.50
C LEU J 190 -29.56 6.57 8.59
N ASP J 191 -28.87 7.66 8.88
CA ASP J 191 -27.85 7.67 9.95
C ASP J 191 -28.55 7.44 11.27
N GLY J 192 -28.38 6.24 11.85
CA GLY J 192 -29.05 5.87 13.10
C GLY J 192 -30.53 5.47 12.98
N ARG J 193 -31.00 5.18 11.76
CA ARG J 193 -32.34 4.64 11.58
C ARG J 193 -32.28 3.31 10.83
N GLN J 194 -33.16 2.40 11.20
CA GLN J 194 -33.27 1.12 10.52
C GLN J 194 -33.84 1.36 9.09
N TRP J 195 -34.93 2.10 9.02
CA TRP J 195 -35.67 2.38 7.79
C TRP J 195 -35.86 3.89 7.72
N ILE J 196 -36.46 4.35 6.63
CA ILE J 196 -36.64 5.77 6.42
C ILE J 196 -37.44 6.42 7.56
N MET J 197 -38.47 5.71 8.05
CA MET J 197 -39.31 6.12 9.18
C MET J 197 -38.95 5.38 10.45
N ASP J 198 -37.64 5.22 10.66
CA ASP J 198 -37.09 4.75 11.94
C ASP J 198 -37.33 3.23 12.11
N ALA J 199 -38.18 2.83 13.05
CA ALA J 199 -38.46 1.40 13.26
C ALA J 199 -39.59 0.88 12.36
N ASP J 200 -40.29 1.79 11.70
CA ASP J 200 -41.40 1.44 10.80
C ASP J 200 -40.91 1.33 9.36
N TYR J 201 -40.99 0.13 8.81
CA TYR J 201 -40.76 -0.13 7.39
C TYR J 201 -42.04 0.25 6.69
N THR J 202 -41.94 1.10 5.66
CA THR J 202 -43.10 1.74 5.09
C THR J 202 -43.04 1.73 3.57
N ILE J 203 -44.09 2.25 2.95
CA ILE J 203 -44.09 2.44 1.49
C ILE J 203 -42.99 3.36 0.99
N ALA J 204 -42.40 4.18 1.86
CA ALA J 204 -41.19 4.93 1.48
C ALA J 204 -39.99 4.01 1.19
N ASP J 205 -39.74 3.01 2.03
CA ASP J 205 -38.64 2.09 1.75
C ASP J 205 -39.00 1.30 0.51
N ILE J 206 -40.24 0.90 0.40
CA ILE J 206 -40.65 0.06 -0.73
C ILE J 206 -40.46 0.80 -2.05
N ALA J 207 -40.77 2.10 -2.08
CA ALA J 207 -40.63 2.89 -3.31
C ALA J 207 -39.18 3.16 -3.72
N THR J 208 -38.27 3.14 -2.74
CA THR J 208 -36.88 3.54 -2.96
C THR J 208 -35.87 2.40 -3.19
N LEU J 209 -36.09 1.24 -2.57
CA LEU J 209 -35.08 0.18 -2.55
C LEU J 209 -34.70 -0.26 -3.97
N GLY J 210 -35.73 -0.46 -4.78
CA GLY J 210 -35.53 -0.90 -6.14
C GLY J 210 -34.70 0.04 -6.97
N TRP J 211 -34.93 1.35 -6.81
CA TRP J 211 -34.13 2.35 -7.57
C TRP J 211 -32.67 2.37 -7.17
N VAL J 212 -32.37 2.27 -5.88
CA VAL J 212 -30.97 2.23 -5.45
C VAL J 212 -30.27 0.95 -5.93
N ARG J 213 -30.90 -0.20 -5.73
CA ARG J 213 -30.39 -1.45 -6.27
C ARG J 213 -30.12 -1.35 -7.79
N ASN J 214 -31.03 -0.73 -8.51
CA ASN J 214 -30.89 -0.68 -9.95
C ASN J 214 -29.74 0.25 -10.36
N LEU J 215 -29.59 1.34 -9.63
CA LEU J 215 -28.54 2.28 -9.89
C LEU J 215 -27.19 1.61 -9.86
N ILE J 216 -26.98 0.77 -8.86
CA ILE J 216 -25.69 0.11 -8.62
C ILE J 216 -25.58 -1.28 -9.25
N GLY J 217 -26.66 -1.82 -9.77
CA GLY J 217 -26.65 -3.12 -10.44
C GLY J 217 -26.76 -2.89 -11.94
N PHE J 218 -27.98 -2.99 -12.45
CA PHE J 218 -28.25 -2.92 -13.89
C PHE J 218 -27.65 -1.68 -14.59
N TYR J 219 -27.78 -0.52 -13.97
CA TYR J 219 -27.22 0.73 -14.52
C TYR J 219 -25.68 0.76 -14.48
N GLY J 220 -25.05 -0.09 -13.68
CA GLY J 220 -23.60 -0.15 -13.64
C GLY J 220 -22.95 1.13 -13.13
N ALA J 221 -23.59 1.78 -12.15
CA ALA J 221 -23.14 3.09 -11.71
C ALA J 221 -22.60 3.12 -10.27
N ARG J 222 -22.27 1.96 -9.72
CA ARG J 222 -21.83 1.89 -8.32
C ARG J 222 -20.65 2.80 -8.08
N GLU J 223 -19.65 2.77 -8.96
CA GLU J 223 -18.42 3.57 -8.80
C GLU J 223 -18.66 5.01 -9.23
N LEU J 224 -19.41 5.17 -10.31
CA LEU J 224 -19.78 6.48 -10.77
C LEU J 224 -20.34 7.36 -9.64
N VAL J 225 -21.22 6.81 -8.80
CA VAL J 225 -21.79 7.62 -7.69
C VAL J 225 -21.07 7.44 -6.34
N ALA J 226 -19.92 6.78 -6.35
CA ALA J 226 -19.10 6.56 -5.14
C ALA J 226 -19.90 5.88 -4.01
N PHE J 227 -20.72 4.90 -4.38
CA PHE J 227 -21.64 4.20 -3.46
C PHE J 227 -20.92 3.59 -2.26
N ASP J 228 -19.76 3.01 -2.48
CA ASP J 228 -19.08 2.27 -1.42
C ASP J 228 -18.35 3.20 -0.44
N GLU J 229 -18.38 4.49 -0.71
CA GLU J 229 -17.93 5.48 0.28
C GLU J 229 -19.01 5.75 1.32
N LEU J 230 -20.23 5.28 1.05
CA LEU J 230 -21.38 5.45 1.95
C LEU J 230 -21.41 4.30 2.97
N THR J 231 -22.12 4.52 4.08
CA THR J 231 -22.33 3.55 5.14
C THR J 231 -23.82 3.22 5.34
N HIS J 232 -24.60 4.24 5.60
CA HIS J 232 -25.97 4.06 6.02
C HIS J 232 -26.91 3.64 4.87
N VAL J 233 -26.72 4.18 3.67
CA VAL J 233 -27.56 3.72 2.55
C VAL J 233 -27.23 2.26 2.19
N PRO J 234 -25.95 1.89 2.09
CA PRO J 234 -25.66 0.46 1.82
C PRO J 234 -26.23 -0.52 2.85
N ALA J 235 -26.18 -0.19 4.13
CA ALA J 235 -26.74 -1.06 5.19
C ALA J 235 -28.25 -1.16 5.10
N TRP J 236 -28.88 -0.04 4.77
CA TRP J 236 -30.30 0.01 4.64
C TRP J 236 -30.69 -0.88 3.45
N LEU J 237 -29.98 -0.76 2.34
CA LEU J 237 -30.28 -1.57 1.18
C LEU J 237 -30.18 -3.06 1.51
N GLU J 238 -29.13 -3.46 2.22
CA GLU J 238 -28.97 -4.86 2.66
C GLU J 238 -30.10 -5.35 3.57
N ARG J 239 -30.58 -4.48 4.47
CA ARG J 239 -31.74 -4.83 5.31
C ARG J 239 -32.96 -5.03 4.41
N GLY J 240 -33.16 -4.12 3.48
CA GLY J 240 -34.31 -4.23 2.56
C GLY J 240 -34.28 -5.51 1.74
N LEU J 241 -33.12 -5.79 1.17
CA LEU J 241 -32.94 -6.97 0.32
C LEU J 241 -33.01 -8.30 1.08
N ALA J 242 -32.86 -8.27 2.41
CA ALA J 242 -32.94 -9.48 3.21
C ALA J 242 -34.39 -9.92 3.47
N ARG J 243 -35.36 -9.10 3.10
CA ARG J 243 -36.78 -9.38 3.32
C ARG J 243 -37.29 -10.27 2.19
N PRO J 244 -37.89 -11.42 2.55
CA PRO J 244 -38.37 -12.33 1.50
C PRO J 244 -39.33 -11.69 0.48
N ALA J 245 -40.20 -10.80 0.95
CA ALA J 245 -41.17 -10.20 0.05
C ALA J 245 -40.46 -9.34 -1.02
N VAL J 246 -39.38 -8.67 -0.61
CA VAL J 246 -38.54 -7.90 -1.54
C VAL J 246 -37.89 -8.83 -2.58
N GLN J 247 -37.29 -9.93 -2.13
CA GLN J 247 -36.65 -10.91 -3.00
CA GLN J 247 -36.63 -10.80 -3.10
C GLN J 247 -37.69 -11.42 -4.04
N ARG J 248 -38.92 -11.63 -3.58
CA ARG J 248 -39.97 -12.15 -4.48
C ARG J 248 -40.36 -11.11 -5.49
N GLY J 249 -40.68 -9.92 -4.98
CA GLY J 249 -41.22 -8.86 -5.79
C GLY J 249 -40.28 -8.32 -6.84
N LEU J 250 -38.97 -8.31 -6.53
CA LEU J 250 -37.96 -7.92 -7.51
C LEU J 250 -38.02 -8.69 -8.81
N GLU J 251 -38.65 -9.88 -8.83
CA GLU J 251 -38.65 -10.70 -10.07
C GLU J 251 -40.04 -10.99 -10.62
N ILE J 252 -40.98 -10.13 -10.30
CA ILE J 252 -42.35 -10.31 -10.71
C ILE J 252 -42.86 -9.06 -11.38
N PRO J 253 -43.50 -9.20 -12.56
CA PRO J 253 -43.68 -10.43 -13.30
C PRO J 253 -42.37 -10.94 -13.91
N LYS J 254 -42.35 -12.18 -14.34
CA LYS J 254 -41.20 -12.69 -15.10
C LYS J 254 -41.11 -12.01 -16.47
N ARG J 255 -39.88 -11.80 -16.96
CA ARG J 255 -39.66 -10.99 -18.15
C ARG J 255 -40.11 -11.73 -19.39
N PRO J 256 -40.81 -11.05 -20.30
CA PRO J 256 -41.27 -11.74 -21.52
C PRO J 256 -40.16 -11.86 -22.56
N LEU K 26 -0.16 -35.60 51.46
CA LEU K 26 1.14 -35.70 50.76
C LEU K 26 2.34 -35.61 51.68
N SER K 27 2.14 -35.36 52.97
CA SER K 27 3.26 -35.19 53.89
C SER K 27 4.07 -36.47 54.05
N SER K 28 3.50 -37.61 53.68
CA SER K 28 4.24 -38.88 53.68
C SER K 28 5.16 -39.05 52.46
N PHE K 29 5.14 -38.11 51.51
CA PHE K 29 6.11 -38.15 50.42
C PHE K 29 7.23 -37.18 50.77
N PRO K 30 8.44 -37.69 51.08
CA PRO K 30 9.49 -36.79 51.57
C PRO K 30 9.93 -35.68 50.58
N ILE K 31 9.70 -35.86 49.29
CA ILE K 31 10.01 -34.82 48.31
C ILE K 31 9.30 -33.48 48.60
N THR K 32 8.15 -33.53 49.25
CA THR K 32 7.41 -32.35 49.59
C THR K 32 8.08 -31.53 50.71
N LYS K 33 9.03 -32.10 51.43
CA LYS K 33 9.81 -31.33 52.39
C LYS K 33 10.65 -30.28 51.66
N ARG K 34 11.17 -30.63 50.50
CA ARG K 34 12.08 -29.76 49.76
C ARG K 34 11.34 -28.98 48.67
N TRP K 35 10.31 -29.59 48.08
CA TRP K 35 9.43 -28.90 47.14
C TRP K 35 7.97 -28.93 47.63
N PRO K 36 7.61 -28.03 48.58
CA PRO K 36 6.28 -28.11 49.16
C PRO K 36 5.15 -27.81 48.17
N ALA K 37 4.03 -28.53 48.32
CA ALA K 37 2.84 -28.32 47.49
C ALA K 37 2.01 -27.13 48.00
N GLN K 38 1.79 -26.15 47.12
CA GLN K 38 0.86 -25.05 47.39
C GLN K 38 -0.57 -25.51 47.14
N HIS K 39 -0.74 -26.47 46.24
CA HIS K 39 -2.03 -27.03 45.89
C HIS K 39 -1.94 -28.54 45.99
N SER K 40 -2.21 -29.05 47.19
CA SER K 40 -2.08 -30.49 47.46
C SER K 40 -3.23 -31.33 46.87
N ASP K 41 -4.20 -30.68 46.23
CA ASP K 41 -5.25 -31.34 45.45
C ASP K 41 -4.90 -31.52 43.97
N ARG K 42 -3.74 -31.00 43.56
CA ARG K 42 -3.29 -31.11 42.19
C ARG K 42 -2.08 -32.02 42.03
N ILE K 43 -1.96 -32.59 40.84
CA ILE K 43 -0.76 -33.30 40.43
C ILE K 43 0.47 -32.43 40.64
N GLN K 44 1.47 -33.02 41.29
CA GLN K 44 2.73 -32.35 41.55
C GLN K 44 3.70 -32.87 40.50
N LEU K 45 4.28 -31.97 39.71
CA LEU K 45 5.26 -32.32 38.69
C LEU K 45 6.62 -31.84 39.15
N TYR K 46 7.58 -32.76 39.13
CA TYR K 46 8.95 -32.45 39.48
C TYR K 46 9.80 -32.67 38.23
N SER K 47 10.22 -31.57 37.60
CA SER K 47 10.76 -31.64 36.24
C SER K 47 11.66 -30.45 35.86
N LEU K 48 12.10 -30.48 34.61
CA LEU K 48 12.80 -29.39 33.94
C LEU K 48 12.35 -29.53 32.46
N PRO K 49 12.41 -28.45 31.68
CA PRO K 49 11.99 -28.50 30.27
C PRO K 49 13.03 -29.14 29.34
N THR K 50 13.49 -30.32 29.71
CA THR K 50 14.40 -31.11 28.88
C THR K 50 13.53 -32.02 28.01
N PRO K 51 14.14 -32.71 27.04
CA PRO K 51 13.35 -33.54 26.12
C PRO K 51 12.53 -34.62 26.80
N ASN K 52 12.99 -35.11 27.94
CA ASN K 52 12.20 -36.06 28.72
C ASN K 52 11.15 -35.39 29.59
N GLY K 53 11.49 -34.24 30.15
CA GLY K 53 10.58 -33.52 31.04
C GLY K 53 9.38 -32.98 30.30
N VAL K 54 9.58 -32.48 29.09
CA VAL K 54 8.50 -31.85 28.37
C VAL K 54 7.45 -32.85 27.92
N LYS K 55 7.79 -34.13 27.85
CA LYS K 55 6.81 -35.16 27.53
C LYS K 55 5.61 -35.07 28.46
N VAL K 56 5.92 -34.87 29.74
CA VAL K 56 4.93 -34.93 30.78
C VAL K 56 4.24 -33.58 30.95
N SER K 57 4.97 -32.46 30.83
CA SER K 57 4.32 -31.16 30.94
C SER K 57 3.40 -31.00 29.70
N ILE K 58 3.86 -31.45 28.54
CA ILE K 58 2.95 -31.43 27.36
C ILE K 58 1.68 -32.26 27.60
N MET K 59 1.84 -33.49 28.10
CA MET K 59 0.70 -34.35 28.39
C MET K 59 -0.26 -33.68 29.37
N LEU K 60 0.28 -33.13 30.46
CA LEU K 60 -0.56 -32.42 31.42
C LEU K 60 -1.26 -31.24 30.78
N GLU K 61 -0.55 -30.53 29.91
CA GLU K 61 -1.14 -29.40 29.19
C GLU K 61 -2.18 -29.85 28.16
N GLU K 62 -1.91 -30.93 27.45
CA GLU K 62 -2.85 -31.44 26.43
C GLU K 62 -4.15 -31.96 27.08
N THR K 63 -4.02 -32.65 28.21
CA THR K 63 -5.17 -33.22 28.93
C THR K 63 -6.05 -32.17 29.67
N GLY K 64 -5.48 -31.04 30.02
CA GLY K 64 -6.19 -30.05 30.87
C GLY K 64 -6.25 -30.45 32.34
N LEU K 65 -5.42 -31.39 32.77
CA LEU K 65 -5.33 -31.74 34.18
C LEU K 65 -4.69 -30.59 34.98
N PRO K 66 -5.31 -30.19 36.09
CA PRO K 66 -4.62 -29.27 37.00
C PRO K 66 -3.32 -29.85 37.52
N TYR K 67 -2.26 -29.05 37.50
CA TYR K 67 -0.99 -29.49 38.04
C TYR K 67 -0.15 -28.34 38.56
N GLU K 68 0.83 -28.71 39.37
CA GLU K 68 1.68 -27.76 40.04
C GLU K 68 3.10 -28.15 39.73
N PRO K 69 3.78 -27.36 38.88
CA PRO K 69 5.13 -27.73 38.44
C PRO K 69 6.23 -27.18 39.35
N HIS K 70 7.27 -27.99 39.59
CA HIS K 70 8.44 -27.57 40.35
C HIS K 70 9.69 -27.82 39.54
N ALA K 71 10.48 -26.77 39.34
CA ALA K 71 11.78 -26.94 38.72
C ALA K 71 12.69 -27.62 39.71
N ILE K 72 13.43 -28.61 39.20
CA ILE K 72 14.47 -29.28 39.98
C ILE K 72 15.85 -28.80 39.52
N ASP K 73 16.61 -28.17 40.41
CA ASP K 73 17.88 -27.54 40.05
C ASP K 73 19.07 -28.53 40.04
N PHE K 74 19.37 -29.03 38.85
CA PHE K 74 20.53 -29.90 38.64
C PHE K 74 21.85 -29.24 38.97
N GLY K 75 21.99 -27.97 38.62
CA GLY K 75 23.20 -27.21 38.91
C GLY K 75 23.54 -27.21 40.39
N LYS K 76 22.53 -27.44 41.23
CA LYS K 76 22.73 -27.56 42.67
C LYS K 76 22.69 -29.02 43.11
N ASP K 77 22.64 -29.95 42.16
CA ASP K 77 22.56 -31.38 42.49
C ASP K 77 21.35 -31.74 43.36
N HIS K 78 20.23 -31.04 43.15
CA HIS K 78 19.01 -31.28 43.93
C HIS K 78 18.35 -32.63 43.65
N GLN K 79 18.54 -33.15 42.44
CA GLN K 79 18.06 -34.48 42.07
C GLN K 79 18.82 -35.64 42.73
N LYS K 80 19.79 -35.35 43.58
CA LYS K 80 20.55 -36.38 44.31
C LYS K 80 20.32 -36.25 45.80
N THR K 81 19.37 -35.39 46.19
CA THR K 81 19.03 -35.22 47.59
C THR K 81 18.20 -36.41 48.08
N PRO K 82 18.29 -36.73 49.39
CA PRO K 82 17.42 -37.81 49.89
C PRO K 82 15.96 -37.54 49.52
N GLU K 83 15.58 -36.26 49.58
CA GLU K 83 14.22 -35.85 49.32
C GLU K 83 13.82 -36.21 47.89
N PHE K 84 14.65 -35.89 46.90
CA PHE K 84 14.24 -36.20 45.51
C PHE K 84 14.34 -37.70 45.27
N LEU K 85 15.40 -38.33 45.78
CA LEU K 85 15.59 -39.77 45.57
C LEU K 85 14.45 -40.60 46.20
N SER K 86 13.79 -40.07 47.23
CA SER K 86 12.66 -40.77 47.83
C SER K 86 11.45 -40.93 46.87
N LEU K 87 11.33 -40.10 45.85
CA LEU K 87 10.29 -40.27 44.82
C LEU K 87 10.88 -40.99 43.61
N ASN K 88 12.05 -40.58 43.14
CA ASN K 88 12.72 -41.33 42.07
C ASN K 88 14.12 -41.77 42.45
N PRO K 89 14.30 -43.05 42.79
CA PRO K 89 15.63 -43.50 43.23
C PRO K 89 16.69 -43.50 42.12
N ASN K 90 16.28 -43.46 40.85
CA ASN K 90 17.18 -43.27 39.73
C ASN K 90 17.74 -41.82 39.59
N GLY K 91 17.19 -40.87 40.34
CA GLY K 91 17.71 -39.49 40.35
C GLY K 91 17.52 -38.68 39.08
N LYS K 92 16.44 -38.94 38.36
CA LYS K 92 16.14 -38.24 37.12
CA LYS K 92 16.14 -38.25 37.11
C LYS K 92 14.75 -37.61 37.11
N ILE K 93 14.56 -36.66 36.22
CA ILE K 93 13.27 -36.05 36.02
C ILE K 93 12.77 -36.62 34.68
N PRO K 94 11.45 -36.60 34.42
CA PRO K 94 10.36 -36.15 35.28
C PRO K 94 9.83 -37.19 36.23
N ALA K 95 9.15 -36.72 37.25
CA ALA K 95 8.46 -37.54 38.21
C ALA K 95 7.20 -36.76 38.63
N ILE K 96 6.14 -37.49 39.01
CA ILE K 96 4.95 -36.88 39.54
C ILE K 96 4.45 -37.52 40.82
N ILE K 97 3.57 -36.79 41.49
CA ILE K 97 2.69 -37.33 42.47
C ILE K 97 1.28 -36.90 42.10
N ASP K 98 0.37 -37.86 41.94
CA ASP K 98 -1.04 -37.59 41.73
C ASP K 98 -1.75 -37.86 43.03
N PRO K 99 -2.28 -36.81 43.67
CA PRO K 99 -2.96 -37.01 44.95
C PRO K 99 -4.27 -37.76 44.78
N ASN K 100 -4.86 -37.72 43.58
CA ASN K 100 -6.09 -38.46 43.32
C ASN K 100 -5.80 -39.64 42.41
N GLY K 101 -4.90 -40.51 42.89
CA GLY K 101 -4.55 -41.72 42.19
C GLY K 101 -5.56 -42.84 42.40
N PRO K 102 -5.21 -44.07 41.98
CA PRO K 102 -6.16 -45.20 42.08
C PRO K 102 -6.68 -45.44 43.49
N GLY K 103 -7.98 -45.70 43.59
CA GLY K 103 -8.65 -45.81 44.87
C GLY K 103 -8.55 -44.55 45.69
N ASP K 104 -8.63 -43.40 45.02
CA ASP K 104 -8.36 -42.08 45.59
C ASP K 104 -7.29 -42.09 46.70
N LYS K 105 -6.13 -42.67 46.38
CA LYS K 105 -4.92 -42.60 47.20
C LYS K 105 -3.87 -41.86 46.37
N PRO K 106 -2.94 -41.15 47.04
CA PRO K 106 -1.88 -40.52 46.26
C PRO K 106 -0.94 -41.57 45.66
N LEU K 107 -0.46 -41.31 44.45
CA LEU K 107 0.47 -42.21 43.78
C LEU K 107 1.68 -41.41 43.29
N GLY K 108 2.88 -41.86 43.67
CA GLY K 108 4.13 -41.33 43.15
C GLY K 108 4.56 -42.18 41.97
N LEU K 109 5.05 -41.54 40.90
CA LEU K 109 5.58 -42.24 39.72
C LEU K 109 6.76 -41.50 39.06
N PHE K 110 7.77 -42.26 38.65
CA PHE K 110 8.84 -41.76 37.81
C PHE K 110 8.83 -42.56 36.48
N GLU K 111 9.67 -42.13 35.54
CA GLU K 111 9.74 -42.63 34.15
C GLU K 111 8.62 -41.99 33.32
N SER K 112 9.03 -41.11 32.41
CA SER K 112 8.12 -40.46 31.49
C SER K 112 7.19 -41.43 30.78
N GLY K 113 7.68 -42.60 30.40
CA GLY K 113 6.85 -43.58 29.71
C GLY K 113 5.70 -44.07 30.56
N ALA K 114 5.97 -44.35 31.83
CA ALA K 114 4.94 -44.85 32.73
C ALA K 114 3.93 -43.77 33.05
N ILE K 115 4.44 -42.55 33.24
CA ILE K 115 3.62 -41.39 33.52
C ILE K 115 2.69 -41.12 32.32
N LEU K 116 3.21 -41.24 31.12
CA LEU K 116 2.40 -41.02 29.89
C LEU K 116 1.27 -42.02 29.82
N GLN K 117 1.57 -43.30 30.04
CA GLN K 117 0.54 -44.35 30.04
CA GLN K 117 0.49 -44.29 30.00
C GLN K 117 -0.49 -44.10 31.15
N TYR K 118 0.02 -43.82 32.35
CA TYR K 118 -0.84 -43.54 33.48
C TYR K 118 -1.82 -42.39 33.22
N LEU K 119 -1.28 -41.26 32.75
CA LEU K 119 -2.10 -40.11 32.49
C LEU K 119 -3.12 -40.31 31.38
N ALA K 120 -2.77 -41.12 30.39
CA ALA K 120 -3.68 -41.42 29.26
C ALA K 120 -4.85 -42.27 29.74
N GLU K 121 -4.56 -43.21 30.61
CA GLU K 121 -5.62 -44.06 31.15
C GLU K 121 -6.43 -43.34 32.20
N LYS K 122 -5.82 -42.44 32.98
CA LYS K 122 -6.59 -41.61 33.92
C LYS K 122 -7.64 -40.74 33.21
N THR K 123 -7.25 -40.13 32.10
CA THR K 123 -8.09 -39.16 31.41
C THR K 123 -8.91 -39.77 30.29
N GLY K 124 -8.51 -40.94 29.82
CA GLY K 124 -9.11 -41.55 28.65
C GLY K 124 -8.76 -40.80 27.37
N GLN K 125 -7.64 -40.07 27.37
CA GLN K 125 -7.23 -39.29 26.21
C GLN K 125 -5.86 -39.69 25.69
N PHE K 126 -5.69 -39.60 24.38
CA PHE K 126 -4.37 -39.66 23.69
C PHE K 126 -3.83 -41.08 23.59
N LEU K 127 -4.75 -42.04 23.67
CA LEU K 127 -4.50 -43.45 23.34
C LEU K 127 -5.75 -43.87 22.61
N PRO K 128 -5.64 -44.55 21.47
CA PRO K 128 -6.89 -45.00 20.84
C PRO K 128 -7.71 -45.96 21.70
N ALA K 129 -9.01 -45.99 21.44
CA ALA K 129 -9.95 -46.81 22.21
C ALA K 129 -9.86 -48.25 21.74
N ASP K 130 -9.82 -48.41 20.42
CA ASP K 130 -9.63 -49.72 19.83
C ASP K 130 -8.44 -50.44 20.47
N PRO K 131 -8.64 -51.65 21.01
CA PRO K 131 -7.55 -52.31 21.75
C PRO K 131 -6.31 -52.67 20.93
N ALA K 132 -6.49 -53.15 19.70
CA ALA K 132 -5.34 -53.42 18.80
C ALA K 132 -4.51 -52.14 18.54
N ARG K 133 -5.19 -51.03 18.22
CA ARG K 133 -4.50 -49.75 18.00
C ARG K 133 -3.85 -49.19 19.29
N ARG K 134 -4.45 -49.42 20.44
CA ARG K 134 -3.80 -49.05 21.70
C ARG K 134 -2.47 -49.83 21.85
N TRP K 135 -2.45 -51.14 21.61
CA TRP K 135 -1.19 -51.92 21.69
C TRP K 135 -0.16 -51.38 20.69
N GLN K 136 -0.61 -51.13 19.45
CA GLN K 136 0.26 -50.55 18.43
C GLN K 136 0.86 -49.21 18.88
N THR K 137 0.06 -48.40 19.56
CA THR K 137 0.52 -47.13 20.06
C THR K 137 1.66 -47.31 21.05
N LEU K 138 1.50 -48.27 21.97
CA LEU K 138 2.53 -48.51 23.04
C LEU K 138 3.84 -49.03 22.45
N GLN K 139 3.73 -49.64 21.29
CA GLN K 139 4.88 -50.08 20.53
C GLN K 139 5.71 -48.85 20.10
N TRP K 140 5.05 -47.83 19.54
CA TRP K 140 5.75 -46.64 19.12
C TRP K 140 6.24 -45.83 20.33
N LEU K 141 5.51 -45.88 21.44
CA LEU K 141 5.97 -45.29 22.68
C LEU K 141 7.25 -45.98 23.11
N HIS K 142 7.29 -47.32 23.08
CA HIS K 142 8.50 -48.03 23.55
C HIS K 142 9.68 -47.81 22.60
N PHE K 143 9.39 -47.59 21.31
CA PHE K 143 10.40 -47.28 20.31
C PHE K 143 11.09 -45.99 20.63
N GLN K 144 10.31 -45.00 21.07
CA GLN K 144 10.89 -43.74 21.49
C GLN K 144 11.69 -43.94 22.80
N MET K 145 11.17 -44.70 23.73
CA MET K 145 11.81 -44.80 25.07
C MET K 145 13.11 -45.56 25.04
N GLY K 146 13.17 -46.59 24.22
CA GLY K 146 14.36 -47.45 24.12
C GLY K 146 15.33 -47.04 23.02
N GLY K 147 14.86 -46.30 22.02
CA GLY K 147 15.67 -45.97 20.86
C GLY K 147 15.97 -44.48 20.74
N ILE K 148 14.91 -43.70 20.53
CA ILE K 148 15.05 -42.27 20.20
C ILE K 148 15.72 -41.53 21.34
N GLY K 149 15.15 -41.64 22.53
CA GLY K 149 15.70 -40.92 23.68
C GLY K 149 17.17 -41.27 23.94
N PRO K 150 17.42 -42.55 24.21
CA PRO K 150 18.79 -42.95 24.52
C PRO K 150 19.80 -42.63 23.41
N MET K 151 19.43 -42.88 22.16
CA MET K 151 20.41 -42.71 21.07
C MET K 151 20.70 -41.24 20.75
N PHE K 152 19.66 -40.41 20.70
CA PHE K 152 19.82 -38.98 20.51
C PHE K 152 20.65 -38.45 21.67
N GLY K 153 20.39 -38.98 22.86
CA GLY K 153 21.10 -38.55 24.06
C GLY K 153 22.58 -38.77 23.92
N GLN K 154 22.95 -39.94 23.38
CA GLN K 154 24.38 -40.25 23.23
C GLN K 154 25.02 -39.34 22.17
N LEU K 155 24.29 -39.06 21.08
CA LEU K 155 24.73 -38.07 20.12
C LEU K 155 25.03 -36.71 20.79
N GLY K 156 24.10 -36.23 21.61
CA GLY K 156 24.30 -35.02 22.41
C GLY K 156 25.60 -35.08 23.21
N PHE K 157 25.84 -36.21 23.87
CA PHE K 157 27.07 -36.29 24.71
C PHE K 157 28.34 -36.11 23.88
N PHE K 158 28.38 -36.76 22.71
CA PHE K 158 29.60 -36.74 21.90
C PHE K 158 29.71 -35.54 20.97
N HIS K 159 28.61 -34.83 20.75
CA HIS K 159 28.61 -33.69 19.86
C HIS K 159 28.55 -32.36 20.60
N LYS K 160 27.72 -32.28 21.63
CA LYS K 160 27.53 -31.06 22.39
C LYS K 160 28.22 -31.03 23.76
N PHE K 161 28.17 -32.14 24.47
CA PHE K 161 28.63 -32.16 25.84
C PHE K 161 30.08 -32.61 25.98
N ALA K 162 30.45 -33.18 27.12
CA ALA K 162 31.85 -33.40 27.43
C ALA K 162 32.55 -34.28 26.40
N GLY K 163 31.80 -35.20 25.81
CA GLY K 163 32.33 -36.13 24.83
C GLY K 163 32.90 -35.46 23.59
N ARG K 164 32.45 -34.26 23.28
CA ARG K 164 32.97 -33.54 22.12
C ARG K 164 34.49 -33.28 22.21
N GLU K 165 35.05 -33.25 23.41
CA GLU K 165 36.50 -33.06 23.58
C GLU K 165 37.29 -34.30 23.19
N TYR K 166 36.63 -35.45 23.07
CA TYR K 166 37.33 -36.70 22.77
C TYR K 166 37.80 -36.67 21.31
N GLU K 167 39.07 -36.98 21.10
CA GLU K 167 39.69 -36.89 19.77
C GLU K 167 39.16 -37.97 18.82
N ASP K 168 38.89 -39.15 19.36
CA ASP K 168 38.41 -40.26 18.56
C ASP K 168 36.96 -40.02 18.21
N LYS K 169 36.68 -39.74 16.94
CA LYS K 169 35.30 -39.45 16.54
C LYS K 169 34.42 -40.65 16.14
N ARG K 170 34.92 -41.88 16.31
CA ARG K 170 34.10 -43.06 15.99
C ARG K 170 32.83 -43.19 16.86
N PRO K 171 32.95 -42.95 18.19
CA PRO K 171 31.71 -42.85 19.00
C PRO K 171 30.72 -41.85 18.43
N LEU K 172 31.15 -40.63 18.12
CA LEU K 172 30.20 -39.69 17.55
C LEU K 172 29.59 -40.25 16.25
N GLN K 173 30.42 -40.82 15.38
CA GLN K 173 29.94 -41.34 14.09
C GLN K 173 28.89 -42.41 14.30
N ARG K 174 29.07 -43.21 15.34
CA ARG K 174 28.10 -44.27 15.63
C ARG K 174 26.71 -43.71 16.03
N TYR K 175 26.68 -42.72 16.91
CA TYR K 175 25.40 -42.19 17.35
C TYR K 175 24.74 -41.29 16.32
N VAL K 176 25.53 -40.69 15.43
CA VAL K 176 25.00 -40.00 14.24
C VAL K 176 24.32 -40.98 13.27
N ALA K 177 25.02 -42.06 12.94
CA ALA K 177 24.43 -43.08 12.05
C ALA K 177 23.17 -43.69 12.67
N GLU K 178 23.18 -43.94 13.97
CA GLU K 178 21.98 -44.49 14.61
C GLU K 178 20.85 -43.46 14.71
N SER K 179 21.17 -42.21 14.95
CA SER K 179 20.13 -41.21 15.06
C SER K 179 19.49 -41.04 13.66
N LYS K 180 20.29 -41.06 12.61
CA LYS K 180 19.75 -40.95 11.24
C LYS K 180 18.87 -42.15 10.91
N ARG K 181 19.31 -43.34 11.33
CA ARG K 181 18.56 -44.58 11.11
C ARG K 181 17.20 -44.54 11.81
N LEU K 182 17.19 -44.12 13.08
CA LEU K 182 15.92 -43.92 13.82
C LEU K 182 15.01 -42.92 13.13
N LEU K 183 15.58 -41.79 12.71
CA LEU K 183 14.85 -40.80 11.97
C LEU K 183 14.27 -41.37 10.67
N GLY K 184 15.01 -42.25 10.00
CA GLY K 184 14.51 -42.88 8.77
C GLY K 184 13.33 -43.80 9.04
N VAL K 185 13.28 -44.41 10.23
CA VAL K 185 12.13 -45.22 10.58
C VAL K 185 10.90 -44.32 10.76
N LEU K 186 11.10 -43.20 11.42
CA LEU K 186 10.00 -42.22 11.58
C LEU K 186 9.54 -41.65 10.27
N GLU K 187 10.48 -41.35 9.39
CA GLU K 187 10.19 -40.81 8.06
C GLU K 187 9.32 -41.79 7.26
N ALA K 188 9.67 -43.09 7.31
CA ALA K 188 8.87 -44.12 6.63
C ALA K 188 7.48 -44.23 7.29
N ARG K 189 7.45 -44.24 8.62
CA ARG K 189 6.16 -44.31 9.32
C ARG K 189 5.22 -43.13 9.02
N LEU K 190 5.78 -41.93 8.87
CA LEU K 190 4.96 -40.72 8.77
C LEU K 190 4.66 -40.38 7.32
N ASP K 191 5.12 -41.19 6.38
CA ASP K 191 4.81 -41.01 4.98
C ASP K 191 3.33 -41.30 4.78
N GLY K 192 2.54 -40.25 4.53
CA GLY K 192 1.09 -40.37 4.39
C GLY K 192 0.29 -40.49 5.68
N ARG K 193 0.87 -40.07 6.81
CA ARG K 193 0.15 -40.06 8.08
C ARG K 193 0.30 -38.69 8.71
N GLN K 194 -0.76 -38.24 9.35
CA GLN K 194 -0.73 -36.97 10.03
C GLN K 194 0.10 -37.12 11.32
N TRP K 195 -0.21 -38.14 12.11
CA TRP K 195 0.46 -38.42 13.35
C TRP K 195 0.99 -39.84 13.28
N ILE K 196 1.75 -40.24 14.29
CA ILE K 196 2.33 -41.57 14.29
C ILE K 196 1.24 -42.66 14.18
N MET K 197 0.10 -42.45 14.82
CA MET K 197 -1.08 -43.32 14.67
C MET K 197 -2.13 -42.71 13.74
N ASP K 198 -1.67 -42.19 12.61
CA ASP K 198 -2.58 -41.75 11.56
C ASP K 198 -3.33 -40.49 12.01
N ALA K 199 -4.64 -40.58 12.05
CA ALA K 199 -5.46 -39.45 12.41
C ALA K 199 -5.48 -39.21 13.92
N ASP K 200 -5.02 -40.16 14.72
CA ASP K 200 -5.02 -39.99 16.17
C ASP K 200 -3.68 -39.49 16.70
N TYR K 201 -3.71 -38.29 17.28
CA TYR K 201 -2.60 -37.74 18.02
C TYR K 201 -2.54 -38.47 19.36
N THR K 202 -1.39 -39.05 19.71
CA THR K 202 -1.32 -39.90 20.87
C THR K 202 -0.11 -39.59 21.71
N ILE K 203 0.03 -40.32 22.81
CA ILE K 203 1.22 -40.23 23.65
C ILE K 203 2.50 -40.67 22.92
N ALA K 204 2.39 -41.39 21.79
CA ALA K 204 3.57 -41.61 20.95
C ALA K 204 4.09 -40.28 20.38
N ASP K 205 3.20 -39.40 19.92
CA ASP K 205 3.63 -38.12 19.37
C ASP K 205 4.23 -37.27 20.49
N ILE K 206 3.56 -37.28 21.63
CA ILE K 206 3.96 -36.46 22.78
C ILE K 206 5.31 -36.92 23.30
N ALA K 207 5.59 -38.22 23.29
CA ALA K 207 6.91 -38.70 23.75
C ALA K 207 8.05 -38.34 22.81
N THR K 208 7.75 -38.16 21.53
CA THR K 208 8.80 -38.03 20.51
C THR K 208 9.10 -36.58 20.04
N LEU K 209 8.12 -35.70 20.04
CA LEU K 209 8.29 -34.34 19.47
C LEU K 209 9.44 -33.56 20.13
N GLY K 210 9.45 -33.54 21.44
CA GLY K 210 10.51 -32.86 22.16
C GLY K 210 11.89 -33.33 21.83
N TRP K 211 12.09 -34.62 21.61
CA TRP K 211 13.43 -35.15 21.33
C TRP K 211 13.94 -34.74 19.96
N VAL K 212 13.07 -34.79 18.95
CA VAL K 212 13.45 -34.32 17.62
C VAL K 212 13.69 -32.80 17.59
N ARG K 213 12.80 -32.02 18.23
CA ARG K 213 13.02 -30.59 18.35
C ARG K 213 14.41 -30.30 18.96
N ASN K 214 14.68 -30.94 20.09
CA ASN K 214 15.95 -30.74 20.80
C ASN K 214 17.19 -31.13 19.98
N LEU K 215 17.06 -32.20 19.19
CA LEU K 215 18.16 -32.66 18.36
C LEU K 215 18.60 -31.58 17.40
N ILE K 216 17.63 -30.95 16.74
CA ILE K 216 17.92 -29.99 15.68
C ILE K 216 18.03 -28.57 16.22
N GLY K 217 17.67 -28.41 17.49
CA GLY K 217 17.72 -27.14 18.16
C GLY K 217 18.89 -27.09 19.12
N PHE K 218 18.60 -27.22 20.40
CA PHE K 218 19.63 -27.09 21.45
C PHE K 218 20.89 -27.93 21.21
N TYR K 219 20.73 -29.16 20.70
CA TYR K 219 21.89 -30.04 20.45
C TYR K 219 22.73 -29.55 19.28
N GLY K 220 22.11 -28.82 18.36
CA GLY K 220 22.82 -28.19 17.25
C GLY K 220 23.19 -29.19 16.18
N ALA K 221 22.31 -30.17 15.95
CA ALA K 221 22.67 -31.30 15.12
C ALA K 221 21.82 -31.43 13.84
N ARG K 222 21.20 -30.34 13.43
CA ARG K 222 20.28 -30.37 12.31
C ARG K 222 21.00 -30.81 11.04
N GLU K 223 22.18 -30.24 10.79
CA GLU K 223 23.00 -30.57 9.62
C GLU K 223 23.73 -31.91 9.81
N LEU K 224 24.20 -32.17 11.03
CA LEU K 224 24.85 -33.45 11.35
C LEU K 224 24.02 -34.70 10.96
N VAL K 225 22.72 -34.70 11.23
CA VAL K 225 21.84 -35.82 10.84
C VAL K 225 21.08 -35.56 9.52
N ALA K 226 21.43 -34.50 8.81
CA ALA K 226 20.83 -34.23 7.50
C ALA K 226 19.29 -34.13 7.56
N PHE K 227 18.80 -33.50 8.64
CA PHE K 227 17.37 -33.35 8.93
C PHE K 227 16.56 -32.72 7.78
N ASP K 228 17.12 -31.70 7.17
CA ASP K 228 16.43 -30.95 6.13
C ASP K 228 16.34 -31.76 4.84
N GLU K 229 17.02 -32.91 4.78
CA GLU K 229 16.85 -33.85 3.66
C GLU K 229 15.55 -34.66 3.81
N LEU K 230 14.94 -34.64 4.98
CA LEU K 230 13.68 -35.37 5.22
C LEU K 230 12.47 -34.51 4.79
N THR K 231 11.32 -35.14 4.62
CA THR K 231 10.06 -34.44 4.35
C THR K 231 8.99 -34.62 5.43
N HIS K 232 8.76 -35.88 5.80
CA HIS K 232 7.62 -36.26 6.59
C HIS K 232 7.86 -35.99 8.08
N VAL K 233 9.08 -36.21 8.55
CA VAL K 233 9.37 -35.90 9.96
C VAL K 233 9.28 -34.39 10.18
N PRO K 234 9.91 -33.60 9.27
CA PRO K 234 9.78 -32.17 9.49
C PRO K 234 8.34 -31.66 9.44
N ALA K 235 7.52 -32.15 8.53
CA ALA K 235 6.12 -31.68 8.47
C ALA K 235 5.35 -32.08 9.73
N TRP K 236 5.64 -33.29 10.21
CA TRP K 236 5.07 -33.82 11.44
C TRP K 236 5.46 -32.93 12.59
N LEU K 237 6.73 -32.54 12.64
CA LEU K 237 7.21 -31.74 13.78
C LEU K 237 6.56 -30.36 13.78
N GLU K 238 6.35 -29.79 12.60
CA GLU K 238 5.63 -28.50 12.49
C GLU K 238 4.16 -28.62 12.93
N ARG K 239 3.53 -29.72 12.57
CA ARG K 239 2.16 -30.04 13.01
C ARG K 239 2.12 -30.09 14.56
N GLY K 240 3.07 -30.77 15.16
CA GLY K 240 3.15 -30.88 16.62
C GLY K 240 3.36 -29.54 17.29
N LEU K 241 4.33 -28.79 16.79
CA LEU K 241 4.69 -27.48 17.33
C LEU K 241 3.60 -26.39 17.13
N ALA K 242 2.65 -26.62 16.23
CA ALA K 242 1.51 -25.72 16.07
C ALA K 242 0.43 -25.87 17.17
N ARG K 243 0.54 -26.89 18.01
CA ARG K 243 -0.44 -27.15 19.03
C ARG K 243 -0.14 -26.30 20.27
N PRO K 244 -1.12 -25.51 20.72
CA PRO K 244 -0.90 -24.63 21.89
C PRO K 244 -0.36 -25.36 23.13
N ALA K 245 -0.85 -26.57 23.37
CA ALA K 245 -0.44 -27.32 24.53
C ALA K 245 1.04 -27.75 24.44
N VAL K 246 1.51 -28.04 23.23
CA VAL K 246 2.92 -28.36 23.01
C VAL K 246 3.76 -27.11 23.31
N GLN K 247 3.37 -26.00 22.72
CA GLN K 247 4.01 -24.71 22.91
CA GLN K 247 4.11 -24.78 22.94
C GLN K 247 4.09 -24.40 24.43
N ARG K 248 3.01 -24.67 25.18
CA ARG K 248 3.03 -24.34 26.62
C ARG K 248 3.99 -25.28 27.39
N GLY K 249 3.84 -26.56 27.09
CA GLY K 249 4.53 -27.62 27.79
C GLY K 249 6.03 -27.58 27.61
N LEU K 250 6.48 -27.11 26.45
CA LEU K 250 7.92 -27.00 26.17
C LEU K 250 8.67 -26.07 27.12
N GLU K 251 7.96 -25.20 27.82
CA GLU K 251 8.62 -24.21 28.70
C GLU K 251 8.24 -24.36 30.18
N ILE K 252 7.73 -25.53 30.53
CA ILE K 252 7.30 -25.76 31.89
C ILE K 252 8.06 -26.96 32.46
N PRO K 253 8.61 -26.82 33.66
CA PRO K 253 8.69 -25.63 34.47
C PRO K 253 9.65 -24.58 33.89
N LYS K 254 9.53 -23.34 34.33
CA LYS K 254 10.54 -22.32 34.02
C LYS K 254 11.89 -22.73 34.64
N ARG K 255 12.98 -22.47 33.92
CA ARG K 255 14.32 -22.94 34.33
C ARG K 255 14.78 -22.13 35.54
N PRO K 256 15.38 -22.80 36.55
CA PRO K 256 15.79 -22.07 37.77
C PRO K 256 17.14 -21.42 37.61
N SER L 24 -6.37 -69.75 12.03
CA SER L 24 -6.17 -68.37 11.48
C SER L 24 -5.56 -68.35 10.08
N ASP L 25 -5.54 -67.16 9.49
CA ASP L 25 -4.91 -66.96 8.20
C ASP L 25 -3.91 -65.80 8.32
N LEU L 26 -2.63 -66.15 8.28
CA LEU L 26 -1.54 -65.18 8.43
C LEU L 26 -0.92 -64.77 7.11
N SER L 27 -1.55 -65.14 5.98
CA SER L 27 -1.06 -64.84 4.62
C SER L 27 -0.91 -63.36 4.32
N SER L 28 -1.70 -62.51 4.98
CA SER L 28 -1.58 -61.06 4.81
C SER L 28 -0.44 -60.45 5.64
N PHE L 29 0.25 -61.27 6.44
CA PHE L 29 1.52 -60.83 7.07
C PHE L 29 2.67 -61.36 6.23
N PRO L 30 3.36 -60.46 5.48
CA PRO L 30 4.37 -60.92 4.52
C PRO L 30 5.57 -61.63 5.15
N ILE L 31 5.80 -61.43 6.44
CA ILE L 31 6.89 -62.13 7.10
C ILE L 31 6.74 -63.64 7.04
N THR L 32 5.51 -64.13 6.97
CA THR L 32 5.22 -65.56 6.86
C THR L 32 5.59 -66.14 5.49
N LYS L 33 5.82 -65.29 4.50
CA LYS L 33 6.38 -65.74 3.22
C LYS L 33 7.80 -66.25 3.41
N ARG L 34 8.46 -65.77 4.46
CA ARG L 34 9.85 -66.09 4.67
C ARG L 34 10.01 -67.03 5.83
N TRP L 35 9.24 -66.82 6.90
CA TRP L 35 9.21 -67.74 8.03
C TRP L 35 7.81 -68.33 8.20
N PRO L 36 7.44 -69.33 7.38
CA PRO L 36 6.07 -69.86 7.45
C PRO L 36 5.73 -70.41 8.83
N ALA L 37 4.49 -70.20 9.23
CA ALA L 37 3.94 -70.78 10.44
C ALA L 37 3.57 -72.22 10.15
N GLN L 38 4.18 -73.14 10.88
CA GLN L 38 3.71 -74.54 10.87
C GLN L 38 2.45 -74.74 11.71
N HIS L 39 2.22 -73.83 12.66
CA HIS L 39 1.06 -73.85 13.57
C HIS L 39 0.43 -72.46 13.64
N SER L 40 -0.50 -72.16 12.74
CA SER L 40 -1.02 -70.79 12.60
C SER L 40 -2.11 -70.44 13.62
N ASP L 41 -2.40 -71.36 14.53
CA ASP L 41 -3.21 -71.07 15.70
C ASP L 41 -2.33 -70.80 16.94
N ARG L 42 -1.02 -70.66 16.76
CA ARG L 42 -0.11 -70.32 17.87
C ARG L 42 0.59 -68.99 17.61
N ILE L 43 1.02 -68.35 18.70
CA ILE L 43 1.81 -67.15 18.61
C ILE L 43 3.08 -67.44 17.83
N GLN L 44 3.43 -66.55 16.91
CA GLN L 44 4.64 -66.69 16.13
C GLN L 44 5.63 -65.74 16.75
N LEU L 45 6.79 -66.27 17.14
CA LEU L 45 7.84 -65.47 17.74
C LEU L 45 9.01 -65.36 16.78
N TYR L 46 9.38 -64.14 16.43
CA TYR L 46 10.53 -63.91 15.54
C TYR L 46 11.60 -63.26 16.36
N SER L 47 12.62 -64.05 16.68
CA SER L 47 13.56 -63.65 17.70
C SER L 47 14.91 -64.34 17.59
N LEU L 48 15.71 -64.10 18.63
CA LEU L 48 17.01 -64.68 18.85
C LEU L 48 17.24 -64.58 20.36
N PRO L 49 18.08 -65.46 20.94
CA PRO L 49 18.24 -65.48 22.40
C PRO L 49 19.23 -64.44 22.86
N THR L 50 18.94 -63.18 22.54
CA THR L 50 19.72 -62.05 23.01
C THR L 50 18.98 -61.50 24.21
N PRO L 51 19.60 -60.55 24.93
CA PRO L 51 18.94 -59.98 26.10
C PRO L 51 17.58 -59.36 25.83
N ASN L 52 17.36 -58.79 24.64
CA ASN L 52 16.03 -58.28 24.31
C ASN L 52 15.05 -59.39 23.87
N GLY L 53 15.57 -60.39 23.15
CA GLY L 53 14.73 -61.49 22.68
C GLY L 53 14.32 -62.42 23.81
N VAL L 54 15.20 -62.67 24.78
CA VAL L 54 14.82 -63.57 25.87
C VAL L 54 13.72 -63.03 26.79
N LYS L 55 13.54 -61.71 26.83
CA LYS L 55 12.42 -61.12 27.57
C LYS L 55 11.13 -61.79 27.11
N VAL L 56 10.97 -61.95 25.78
CA VAL L 56 9.70 -62.44 25.22
C VAL L 56 9.58 -63.97 25.29
N SER L 57 10.65 -64.69 24.97
CA SER L 57 10.60 -66.14 25.12
C SER L 57 10.40 -66.56 26.59
N ILE L 58 11.11 -65.92 27.52
CA ILE L 58 10.84 -66.19 28.95
C ILE L 58 9.36 -65.90 29.32
N MET L 59 8.82 -64.78 28.86
CA MET L 59 7.42 -64.48 29.14
C MET L 59 6.48 -65.55 28.60
N LEU L 60 6.70 -65.96 27.37
CA LEU L 60 5.86 -66.98 26.78
C LEU L 60 6.00 -68.30 27.56
N GLU L 61 7.21 -68.62 27.98
CA GLU L 61 7.43 -69.80 28.81
C GLU L 61 6.75 -69.65 30.16
N GLU L 62 6.84 -68.48 30.79
CA GLU L 62 6.26 -68.32 32.15
C GLU L 62 4.73 -68.47 32.08
N THR L 63 4.15 -67.96 31.00
CA THR L 63 2.70 -68.01 30.82
C THR L 63 2.21 -69.39 30.37
N GLY L 64 3.07 -70.17 29.75
CA GLY L 64 2.67 -71.47 29.19
C GLY L 64 1.92 -71.38 27.87
N LEU L 65 1.87 -70.19 27.28
CA LEU L 65 1.15 -70.00 26.01
C LEU L 65 1.79 -70.80 24.87
N PRO L 66 0.97 -71.51 24.08
CA PRO L 66 1.55 -72.12 22.90
C PRO L 66 2.22 -71.06 22.02
N TYR L 67 3.44 -71.34 21.56
CA TYR L 67 4.07 -70.49 20.53
C TYR L 67 5.05 -71.26 19.64
N GLU L 68 5.30 -70.69 18.47
CA GLU L 68 6.16 -71.27 17.47
C GLU L 68 7.33 -70.30 17.21
N PRO L 69 8.54 -70.64 17.68
CA PRO L 69 9.68 -69.72 17.56
C PRO L 69 10.45 -69.85 16.24
N HIS L 70 10.87 -68.73 15.70
CA HIS L 70 11.68 -68.71 14.50
C HIS L 70 12.89 -67.83 14.73
N ALA L 71 14.05 -68.40 14.47
CA ALA L 71 15.31 -67.67 14.53
C ALA L 71 15.45 -66.73 13.30
N ILE L 72 15.93 -65.52 13.55
CA ILE L 72 16.18 -64.57 12.48
C ILE L 72 17.68 -64.47 12.26
N ASP L 73 18.15 -64.88 11.09
CA ASP L 73 19.57 -64.92 10.74
C ASP L 73 20.13 -63.56 10.24
N PHE L 74 20.74 -62.85 11.18
CA PHE L 74 21.39 -61.58 10.93
C PHE L 74 22.61 -61.71 10.03
N GLY L 75 23.27 -62.86 10.08
CA GLY L 75 24.39 -63.14 9.20
C GLY L 75 23.98 -63.33 7.75
N LYS L 76 22.69 -63.24 7.46
CA LYS L 76 22.20 -63.16 6.08
C LYS L 76 21.37 -61.89 5.85
N ASP L 77 21.45 -60.95 6.80
CA ASP L 77 20.65 -59.71 6.74
C ASP L 77 19.13 -59.94 6.61
N HIS L 78 18.65 -61.01 7.24
CA HIS L 78 17.25 -61.36 7.14
C HIS L 78 16.35 -60.34 7.82
N GLN L 79 16.87 -59.69 8.88
CA GLN L 79 16.18 -58.58 9.54
C GLN L 79 15.96 -57.35 8.63
N LYS L 80 16.61 -57.30 7.46
CA LYS L 80 16.46 -56.17 6.53
C LYS L 80 15.68 -56.53 5.28
N THR L 81 15.05 -57.69 5.27
CA THR L 81 14.27 -58.10 4.10
C THR L 81 12.90 -57.40 4.11
N PRO L 82 12.28 -57.21 2.93
CA PRO L 82 10.95 -56.59 2.99
C PRO L 82 9.96 -57.36 3.89
N GLU L 83 10.10 -58.68 3.91
CA GLU L 83 9.25 -59.54 4.69
C GLU L 83 9.39 -59.25 6.19
N PHE L 84 10.60 -59.29 6.70
CA PHE L 84 10.77 -58.95 8.13
C PHE L 84 10.35 -57.50 8.48
N LEU L 85 10.81 -56.53 7.69
CA LEU L 85 10.50 -55.13 7.95
C LEU L 85 9.02 -54.83 7.92
N SER L 86 8.25 -55.65 7.19
CA SER L 86 6.80 -55.53 7.14
C SER L 86 6.18 -55.79 8.51
N LEU L 87 6.90 -56.45 9.40
CA LEU L 87 6.42 -56.63 10.78
C LEU L 87 7.09 -55.64 11.68
N ASN L 88 8.42 -55.56 11.63
CA ASN L 88 9.13 -54.55 12.40
C ASN L 88 9.93 -53.66 11.49
N PRO L 89 9.43 -52.42 11.24
CA PRO L 89 10.16 -51.51 10.35
C PRO L 89 11.47 -50.98 10.95
N ASN L 90 11.64 -51.15 12.26
CA ASN L 90 12.91 -50.86 12.92
C ASN L 90 13.97 -51.96 12.70
N GLY L 91 13.59 -53.08 12.10
CA GLY L 91 14.55 -54.16 11.76
C GLY L 91 15.24 -54.82 12.95
N LYS L 92 14.54 -54.96 14.07
CA LYS L 92 15.10 -55.58 15.26
C LYS L 92 14.21 -56.68 15.79
N ILE L 93 14.81 -57.61 16.53
CA ILE L 93 14.06 -58.67 17.27
C ILE L 93 13.91 -58.20 18.71
N PRO L 94 12.90 -58.70 19.43
CA PRO L 94 11.88 -59.67 19.05
C PRO L 94 10.66 -59.02 18.46
N ALA L 95 9.92 -59.77 17.64
CA ALA L 95 8.57 -59.38 17.23
C ALA L 95 7.67 -60.60 17.31
N ILE L 96 6.36 -60.40 17.46
CA ILE L 96 5.41 -61.49 17.44
C ILE L 96 4.25 -61.21 16.51
N ILE L 97 3.58 -62.28 16.14
CA ILE L 97 2.24 -62.21 15.65
C ILE L 97 1.41 -63.15 16.49
N ASP L 98 0.35 -62.63 17.11
CA ASP L 98 -0.58 -63.47 17.85
C ASP L 98 -1.76 -63.67 16.93
N PRO L 99 -1.94 -64.90 16.42
CA PRO L 99 -3.11 -65.06 15.52
C PRO L 99 -4.45 -64.84 16.23
N ASN L 100 -4.47 -64.89 17.56
CA ASN L 100 -5.69 -64.77 18.36
C ASN L 100 -5.67 -63.51 19.17
N GLY L 101 -5.49 -62.40 18.47
CA GLY L 101 -5.33 -61.10 19.09
C GLY L 101 -6.67 -60.55 19.55
N PRO L 102 -6.69 -59.26 19.91
CA PRO L 102 -7.93 -58.59 20.32
C PRO L 102 -8.98 -58.75 19.24
N GLY L 103 -10.18 -59.19 19.63
CA GLY L 103 -11.27 -59.42 18.69
C GLY L 103 -11.13 -60.72 17.90
N ASP L 104 -10.43 -61.70 18.49
CA ASP L 104 -9.94 -62.89 17.74
C ASP L 104 -9.56 -62.54 16.29
N LYS L 105 -8.68 -61.54 16.15
CA LYS L 105 -8.06 -61.19 14.88
C LYS L 105 -6.56 -61.17 15.11
N PRO L 106 -5.75 -61.50 14.07
CA PRO L 106 -4.30 -61.50 14.24
C PRO L 106 -3.74 -60.12 14.55
N LEU L 107 -2.76 -60.06 15.44
CA LEU L 107 -2.14 -58.80 15.81
C LEU L 107 -0.63 -58.95 15.79
N GLY L 108 0.04 -58.05 15.08
CA GLY L 108 1.48 -58.05 15.01
C GLY L 108 2.01 -56.97 15.91
N LEU L 109 3.08 -57.29 16.62
CA LEU L 109 3.69 -56.36 17.56
C LEU L 109 5.20 -56.44 17.56
N PHE L 110 5.88 -55.30 17.60
CA PHE L 110 7.30 -55.29 17.89
C PHE L 110 7.52 -54.50 19.17
N GLU L 111 8.77 -54.45 19.63
CA GLU L 111 9.16 -53.83 20.91
C GLU L 111 8.91 -54.77 22.06
N SER L 112 9.99 -55.19 22.69
CA SER L 112 9.90 -56.17 23.76
C SER L 112 8.98 -55.66 24.86
N GLY L 113 9.04 -54.35 25.13
CA GLY L 113 8.21 -53.72 26.17
C GLY L 113 6.72 -53.77 25.90
N ALA L 114 6.32 -53.43 24.69
CA ALA L 114 4.93 -53.56 24.29
C ALA L 114 4.47 -55.01 24.35
N ILE L 115 5.33 -55.93 23.91
CA ILE L 115 4.98 -57.35 23.87
C ILE L 115 4.79 -57.91 25.32
N LEU L 116 5.67 -57.56 26.25
CA LEU L 116 5.49 -57.98 27.61
C LEU L 116 4.16 -57.44 28.19
N GLN L 117 3.85 -56.16 27.99
CA GLN L 117 2.59 -55.60 28.48
C GLN L 117 1.39 -56.28 27.84
N TYR L 118 1.50 -56.56 26.54
CA TYR L 118 0.43 -57.24 25.82
C TYR L 118 0.18 -58.64 26.37
N LEU L 119 1.25 -59.41 26.50
CA LEU L 119 1.14 -60.76 27.05
C LEU L 119 0.64 -60.77 28.50
N ALA L 120 0.97 -59.74 29.29
CA ALA L 120 0.48 -59.69 30.67
C ALA L 120 -1.05 -59.47 30.67
N GLU L 121 -1.56 -58.62 29.78
CA GLU L 121 -3.00 -58.45 29.60
C GLU L 121 -3.67 -59.74 29.08
N LYS L 122 -3.04 -60.42 28.13
CA LYS L 122 -3.65 -61.62 27.52
C LYS L 122 -3.82 -62.77 28.52
N THR L 123 -2.87 -62.90 29.44
CA THR L 123 -2.84 -64.01 30.37
C THR L 123 -3.28 -63.68 31.79
N GLY L 124 -3.42 -62.39 32.09
CA GLY L 124 -3.84 -61.93 33.43
C GLY L 124 -2.80 -62.22 34.50
N GLN L 125 -1.54 -62.29 34.08
CA GLN L 125 -0.44 -62.67 34.96
C GLN L 125 0.76 -61.77 34.82
N PHE L 126 1.61 -61.73 35.84
CA PHE L 126 2.91 -61.08 35.80
C PHE L 126 2.84 -59.56 35.88
N LEU L 127 1.67 -59.08 36.35
CA LEU L 127 1.44 -57.73 36.88
C LEU L 127 0.66 -57.88 38.16
N PRO L 128 0.88 -56.98 39.12
CA PRO L 128 0.11 -57.10 40.35
C PRO L 128 -1.37 -56.81 40.16
N ALA L 129 -2.18 -57.41 41.03
CA ALA L 129 -3.62 -57.13 41.09
C ALA L 129 -3.89 -55.66 41.39
N ASP L 130 -3.25 -55.13 42.43
CA ASP L 130 -3.52 -53.77 42.87
C ASP L 130 -3.19 -52.71 41.76
N PRO L 131 -4.16 -51.82 41.42
CA PRO L 131 -3.90 -50.84 40.34
C PRO L 131 -2.66 -49.94 40.52
N ALA L 132 -2.45 -49.38 41.72
CA ALA L 132 -1.24 -48.60 42.00
C ALA L 132 0.02 -49.40 41.77
N ARG L 133 0.04 -50.63 42.27
CA ARG L 133 1.23 -51.49 42.10
C ARG L 133 1.45 -51.90 40.66
N ARG L 134 0.38 -52.00 39.90
CA ARG L 134 0.48 -52.21 38.46
C ARG L 134 1.19 -51.01 37.77
N TRP L 135 0.81 -49.78 38.12
CA TRP L 135 1.53 -48.62 37.56
C TRP L 135 2.97 -48.60 38.05
N GLN L 136 3.19 -48.91 39.32
CA GLN L 136 4.56 -48.98 39.82
C GLN L 136 5.43 -49.95 39.06
N THR L 137 4.88 -51.10 38.70
CA THR L 137 5.58 -52.09 37.89
C THR L 137 6.01 -51.51 36.54
N LEU L 138 5.18 -50.67 35.94
CA LEU L 138 5.50 -50.12 34.63
C LEU L 138 6.64 -49.13 34.72
N GLN L 139 6.77 -48.46 35.87
CA GLN L 139 7.94 -47.62 36.10
C GLN L 139 9.21 -48.42 35.92
N TRP L 140 9.27 -49.58 36.58
CA TRP L 140 10.49 -50.39 36.57
C TRP L 140 10.73 -51.06 35.22
N LEU L 141 9.66 -51.38 34.52
CA LEU L 141 9.79 -51.85 33.16
C LEU L 141 10.44 -50.76 32.28
N HIS L 142 9.93 -49.53 32.40
CA HIS L 142 10.44 -48.41 31.64
C HIS L 142 11.87 -48.06 32.07
N PHE L 143 12.19 -48.21 33.36
CA PHE L 143 13.58 -48.07 33.81
C PHE L 143 14.50 -49.03 33.09
N GLN L 144 14.09 -50.29 32.97
CA GLN L 144 14.82 -51.22 32.13
C GLN L 144 14.94 -50.84 30.67
N MET L 145 13.80 -50.54 30.04
CA MET L 145 13.73 -50.30 28.59
C MET L 145 14.58 -49.09 28.15
N GLY L 146 14.59 -48.06 28.99
CA GLY L 146 15.31 -46.83 28.68
C GLY L 146 16.66 -46.66 29.35
N GLY L 147 16.96 -47.46 30.35
CA GLY L 147 18.22 -47.34 31.11
C GLY L 147 19.13 -48.54 30.97
N ILE L 148 18.71 -49.65 31.56
CA ILE L 148 19.46 -50.89 31.57
C ILE L 148 19.80 -51.38 30.17
N GLY L 149 18.79 -51.60 29.34
CA GLY L 149 19.05 -52.15 28.01
C GLY L 149 20.01 -51.30 27.18
N PRO L 150 19.66 -50.04 26.93
CA PRO L 150 20.54 -49.18 26.12
C PRO L 150 21.93 -49.04 26.72
N MET L 151 22.05 -48.84 28.04
CA MET L 151 23.37 -48.59 28.62
C MET L 151 24.25 -49.85 28.69
N PHE L 152 23.68 -50.96 29.14
CA PHE L 152 24.40 -52.22 29.14
C PHE L 152 24.81 -52.55 27.69
N GLY L 153 23.91 -52.33 26.73
CA GLY L 153 24.23 -52.57 25.32
C GLY L 153 25.37 -51.70 24.79
N GLN L 154 25.47 -50.44 25.23
CA GLN L 154 26.62 -49.63 24.79
C GLN L 154 27.91 -50.12 25.45
N LEU L 155 27.82 -50.53 26.72
CA LEU L 155 29.00 -51.12 27.37
C LEU L 155 29.43 -52.33 26.56
N GLY L 156 28.45 -53.12 26.11
CA GLY L 156 28.71 -54.24 25.23
C GLY L 156 29.48 -53.87 23.98
N PHE L 157 29.04 -52.80 23.33
CA PHE L 157 29.71 -52.40 22.10
C PHE L 157 31.18 -52.11 22.36
N PHE L 158 31.47 -51.43 23.47
CA PHE L 158 32.84 -50.95 23.71
C PHE L 158 33.75 -51.93 24.47
N HIS L 159 33.20 -53.04 24.96
CA HIS L 159 33.99 -54.04 25.70
C HIS L 159 34.03 -55.40 24.99
N LYS L 160 32.93 -55.74 24.31
CA LYS L 160 32.75 -57.06 23.73
C LYS L 160 32.76 -57.04 22.20
N PHE L 161 32.10 -56.06 21.57
CA PHE L 161 32.04 -56.02 20.09
C PHE L 161 33.06 -55.05 19.48
N ALA L 162 32.76 -54.46 18.32
CA ALA L 162 33.79 -53.81 17.50
C ALA L 162 34.43 -52.62 18.19
N GLY L 163 33.68 -52.00 19.09
CA GLY L 163 34.14 -50.83 19.83
C GLY L 163 35.28 -51.15 20.78
N ARG L 164 35.48 -52.43 21.07
CA ARG L 164 36.58 -52.85 21.95
C ARG L 164 37.95 -52.64 21.28
N GLU L 165 37.98 -52.60 19.95
CA GLU L 165 39.23 -52.32 19.22
C GLU L 165 39.71 -50.87 19.37
N TYR L 166 38.81 -49.96 19.78
CA TYR L 166 39.14 -48.53 19.89
C TYR L 166 40.10 -48.38 21.07
N GLU L 167 41.25 -47.77 20.81
CA GLU L 167 42.33 -47.65 21.81
C GLU L 167 41.97 -46.73 22.99
N ASP L 168 41.28 -45.63 22.72
CA ASP L 168 40.94 -44.73 23.80
C ASP L 168 39.71 -45.28 24.50
N LYS L 169 39.80 -45.42 25.81
CA LYS L 169 38.78 -46.13 26.60
C LYS L 169 37.80 -45.23 27.34
N ARG L 170 37.79 -43.94 27.04
CA ARG L 170 36.85 -43.02 27.67
C ARG L 170 35.40 -43.37 27.36
N PRO L 171 35.11 -43.81 26.12
CA PRO L 171 33.73 -44.21 25.90
C PRO L 171 33.34 -45.42 26.75
N LEU L 172 34.22 -46.42 26.77
CA LEU L 172 34.01 -47.58 27.59
C LEU L 172 33.76 -47.15 29.03
N GLN L 173 34.61 -46.28 29.57
CA GLN L 173 34.53 -45.85 30.96
C GLN L 173 33.22 -45.14 31.30
N ARG L 174 32.73 -44.34 30.35
CA ARG L 174 31.39 -43.72 30.44
C ARG L 174 30.28 -44.77 30.65
N TYR L 175 30.25 -45.84 29.84
CA TYR L 175 29.21 -46.86 29.97
C TYR L 175 29.41 -47.85 31.14
N VAL L 176 30.65 -48.00 31.59
CA VAL L 176 30.90 -48.74 32.81
C VAL L 176 30.31 -47.94 33.97
N ALA L 177 30.66 -46.67 34.07
CA ALA L 177 30.16 -45.83 35.17
C ALA L 177 28.65 -45.81 35.19
N GLU L 178 28.03 -45.73 34.01
CA GLU L 178 26.57 -45.69 33.96
C GLU L 178 25.94 -47.04 34.29
N SER L 179 26.57 -48.13 33.85
CA SER L 179 26.03 -49.44 34.11
C SER L 179 26.15 -49.73 35.61
N LYS L 180 27.25 -49.33 36.24
CA LYS L 180 27.37 -49.45 37.70
C LYS L 180 26.33 -48.62 38.48
N ARG L 181 26.14 -47.39 38.04
CA ARG L 181 25.12 -46.53 38.63
C ARG L 181 23.74 -47.18 38.53
N LEU L 182 23.43 -47.79 37.37
CA LEU L 182 22.15 -48.42 37.17
C LEU L 182 22.00 -49.61 38.11
N LEU L 183 23.06 -50.41 38.19
CA LEU L 183 23.07 -51.56 39.09
C LEU L 183 22.94 -51.11 40.56
N GLY L 184 23.42 -49.90 40.87
CA GLY L 184 23.31 -49.36 42.23
C GLY L 184 21.85 -49.06 42.54
N VAL L 185 21.09 -48.65 41.52
CA VAL L 185 19.67 -48.37 41.69
C VAL L 185 18.92 -49.69 41.98
N LEU L 186 19.19 -50.74 41.20
CA LEU L 186 18.65 -52.07 41.49
C LEU L 186 19.07 -52.64 42.84
N GLU L 187 20.33 -52.49 43.19
CA GLU L 187 20.82 -52.97 44.48
C GLU L 187 20.03 -52.37 45.68
N ALA L 188 19.77 -51.06 45.65
CA ALA L 188 18.98 -50.43 46.69
C ALA L 188 17.52 -50.90 46.62
N ARG L 189 16.99 -51.09 45.41
CA ARG L 189 15.61 -51.58 45.26
C ARG L 189 15.37 -53.00 45.80
N LEU L 190 16.31 -53.90 45.50
CA LEU L 190 16.20 -55.32 45.85
C LEU L 190 16.71 -55.59 47.26
N ASP L 191 17.20 -54.56 47.92
CA ASP L 191 17.55 -54.71 49.36
C ASP L 191 16.28 -54.96 50.20
N GLY L 192 16.11 -56.19 50.67
CA GLY L 192 14.91 -56.60 51.42
C GLY L 192 13.69 -56.94 50.57
N ARG L 193 13.88 -57.19 49.28
CA ARG L 193 12.78 -57.59 48.41
C ARG L 193 13.17 -58.84 47.66
N GLN L 194 12.20 -59.72 47.43
CA GLN L 194 12.46 -60.94 46.69
C GLN L 194 12.55 -60.59 45.22
N TRP L 195 11.55 -59.88 44.73
CA TRP L 195 11.55 -59.42 43.34
C TRP L 195 11.45 -57.88 43.31
N ILE L 196 11.57 -57.33 42.11
CA ILE L 196 11.50 -55.88 41.92
C ILE L 196 10.22 -55.33 42.57
N MET L 197 9.11 -56.05 42.41
CA MET L 197 7.85 -55.73 43.08
C MET L 197 7.58 -56.60 44.31
N ASP L 198 8.57 -56.74 45.17
CA ASP L 198 8.43 -57.46 46.45
C ASP L 198 8.12 -58.94 46.25
N ALA L 199 6.94 -59.39 46.67
CA ALA L 199 6.59 -60.81 46.59
C ALA L 199 6.05 -61.19 45.19
N ASP L 200 5.77 -60.19 44.36
CA ASP L 200 5.24 -60.42 43.00
C ASP L 200 6.35 -60.42 41.96
N TYR L 201 6.49 -61.54 41.26
CA TYR L 201 7.40 -61.72 40.14
C TYR L 201 6.65 -61.20 38.94
N THR L 202 7.22 -60.22 38.23
CA THR L 202 6.44 -59.51 37.23
C THR L 202 7.23 -59.33 35.97
N ILE L 203 6.61 -58.77 34.95
CA ILE L 203 7.32 -58.47 33.71
C ILE L 203 8.55 -57.58 33.93
N ALA L 204 8.57 -56.82 35.02
CA ALA L 204 9.80 -56.06 35.36
C ALA L 204 11.02 -56.97 35.61
N ASP L 205 10.85 -58.04 36.37
CA ASP L 205 11.94 -59.03 36.54
C ASP L 205 12.21 -59.71 35.20
N ILE L 206 11.15 -60.10 34.50
CA ILE L 206 11.32 -60.78 33.21
C ILE L 206 12.15 -59.93 32.23
N ALA L 207 11.88 -58.62 32.20
CA ALA L 207 12.60 -57.72 31.29
C ALA L 207 14.08 -57.52 31.63
N THR L 208 14.44 -57.67 32.90
CA THR L 208 15.72 -57.21 33.41
C THR L 208 16.72 -58.38 33.61
N LEU L 209 16.23 -59.57 33.96
CA LEU L 209 17.11 -60.70 34.28
C LEU L 209 18.10 -61.01 33.16
N GLY L 210 17.59 -61.14 31.93
CA GLY L 210 18.45 -61.46 30.80
C GLY L 210 19.61 -60.49 30.57
N TRP L 211 19.36 -59.21 30.75
CA TRP L 211 20.37 -58.18 30.61
C TRP L 211 21.43 -58.29 31.71
N VAL L 212 21.01 -58.48 32.95
CA VAL L 212 22.02 -58.60 34.02
C VAL L 212 22.88 -59.85 33.77
N ARG L 213 22.25 -60.97 33.44
CA ARG L 213 23.01 -62.22 33.18
C ARG L 213 24.00 -61.99 32.05
N ASN L 214 23.53 -61.39 30.97
CA ASN L 214 24.37 -61.21 29.81
C ASN L 214 25.57 -60.29 30.10
N LEU L 215 25.35 -59.25 30.89
CA LEU L 215 26.41 -58.32 31.30
C LEU L 215 27.58 -59.06 31.97
N ILE L 216 27.25 -60.01 32.84
CA ILE L 216 28.25 -60.75 33.62
C ILE L 216 28.70 -62.07 32.99
N GLY L 217 28.02 -62.48 31.90
CA GLY L 217 28.31 -63.74 31.22
C GLY L 217 28.88 -63.43 29.85
N PHE L 218 28.05 -63.52 28.81
CA PHE L 218 28.52 -63.32 27.43
C PHE L 218 29.34 -62.01 27.22
N TYR L 219 28.93 -60.88 27.79
CA TYR L 219 29.70 -59.61 27.66
C TYR L 219 31.03 -59.61 28.43
N GLY L 220 31.20 -60.52 29.38
CA GLY L 220 32.47 -60.64 30.09
C GLY L 220 32.77 -59.45 30.98
N ALA L 221 31.75 -58.79 31.50
CA ALA L 221 31.97 -57.54 32.22
C ALA L 221 31.84 -57.69 33.75
N ARG L 222 31.90 -58.92 34.26
CA ARG L 222 31.59 -59.15 35.67
C ARG L 222 32.54 -58.35 36.57
N GLU L 223 33.83 -58.45 36.31
CA GLU L 223 34.83 -57.72 37.10
C GLU L 223 34.75 -56.22 36.79
N LEU L 224 34.57 -55.90 35.53
CA LEU L 224 34.51 -54.50 35.07
C LEU L 224 33.46 -53.67 35.82
N VAL L 225 32.28 -54.25 36.07
CA VAL L 225 31.26 -53.54 36.83
C VAL L 225 31.27 -53.88 38.35
N ALA L 226 32.29 -54.61 38.83
CA ALA L 226 32.43 -54.95 40.26
C ALA L 226 31.21 -55.65 40.85
N PHE L 227 30.65 -56.56 40.06
CA PHE L 227 29.39 -57.22 40.37
C PHE L 227 29.41 -58.04 41.68
N ASP L 228 30.49 -58.76 41.93
CA ASP L 228 30.57 -59.61 43.13
C ASP L 228 30.82 -58.82 44.41
N GLU L 229 30.89 -57.50 44.30
CA GLU L 229 30.82 -56.62 45.48
C GLU L 229 29.37 -56.27 45.85
N LEU L 230 28.44 -56.58 44.96
CA LEU L 230 27.02 -56.41 45.26
C LEU L 230 26.52 -57.62 46.01
N THR L 231 25.35 -57.48 46.63
CA THR L 231 24.69 -58.55 47.39
C THR L 231 23.27 -58.85 46.90
N HIS L 232 22.47 -57.81 46.73
CA HIS L 232 21.06 -58.00 46.49
C HIS L 232 20.75 -58.30 45.03
N VAL L 233 21.47 -57.68 44.11
CA VAL L 233 21.26 -58.00 42.68
C VAL L 233 21.74 -59.43 42.38
N PRO L 234 22.92 -59.83 42.90
CA PRO L 234 23.29 -61.24 42.64
C PRO L 234 22.30 -62.27 43.22
N ALA L 235 21.81 -62.04 44.44
CA ALA L 235 20.79 -62.87 45.05
C ALA L 235 19.49 -62.96 44.21
N TRP L 236 19.03 -61.80 43.76
CA TRP L 236 17.86 -61.72 42.92
C TRP L 236 18.07 -62.47 41.60
N LEU L 237 19.24 -62.30 40.99
CA LEU L 237 19.55 -62.96 39.71
C LEU L 237 19.53 -64.48 39.88
N GLU L 238 20.12 -64.97 40.97
CA GLU L 238 20.07 -66.40 41.28
C GLU L 238 18.64 -66.91 41.47
N ARG L 239 17.80 -66.13 42.13
CA ARG L 239 16.39 -66.50 42.30
C ARG L 239 15.73 -66.60 40.93
N GLY L 240 16.02 -65.65 40.04
CA GLY L 240 15.40 -65.63 38.72
C GLY L 240 15.84 -66.78 37.85
N LEU L 241 17.15 -67.07 37.89
CA LEU L 241 17.74 -68.15 37.11
C LEU L 241 17.33 -69.53 37.59
N ALA L 242 16.89 -69.65 38.84
CA ALA L 242 16.37 -70.91 39.38
C ALA L 242 14.99 -71.29 38.79
N ARG L 243 14.32 -70.38 38.11
CA ARG L 243 12.99 -70.67 37.57
C ARG L 243 13.09 -71.42 36.24
N PRO L 244 12.43 -72.58 36.12
CA PRO L 244 12.49 -73.37 34.90
C PRO L 244 12.11 -72.61 33.66
N ALA L 245 11.07 -71.80 33.71
CA ALA L 245 10.70 -71.02 32.51
C ALA L 245 11.82 -70.09 32.07
N VAL L 246 12.59 -69.56 33.03
CA VAL L 246 13.68 -68.65 32.71
C VAL L 246 14.76 -69.46 32.02
N GLN L 247 15.11 -70.62 32.56
CA GLN L 247 16.14 -71.43 31.92
C GLN L 247 15.71 -71.87 30.51
N ARG L 248 14.42 -72.12 30.29
CA ARG L 248 13.96 -72.54 28.95
C ARG L 248 14.06 -71.37 27.97
N GLY L 249 13.58 -70.21 28.41
CA GLY L 249 13.45 -69.05 27.54
C GLY L 249 14.76 -68.45 27.12
N LEU L 250 15.76 -68.57 27.98
CA LEU L 250 17.09 -68.10 27.70
C LEU L 250 17.76 -68.73 26.47
N GLU L 251 17.26 -69.88 26.00
CA GLU L 251 17.89 -70.57 24.86
C GLU L 251 16.94 -70.81 23.68
N ILE L 252 15.91 -69.98 23.60
CA ILE L 252 14.89 -70.04 22.54
C ILE L 252 14.78 -68.65 21.87
N PRO L 253 14.81 -68.62 20.52
CA PRO L 253 15.03 -69.80 19.68
C PRO L 253 16.51 -70.22 19.63
N LYS L 254 16.76 -71.40 19.08
CA LYS L 254 18.13 -71.86 18.90
C LYS L 254 18.79 -71.00 17.84
N ARG L 255 20.07 -70.72 18.03
CA ARG L 255 20.80 -69.81 17.15
C ARG L 255 20.95 -70.47 15.79
N PRO L 256 20.74 -69.71 14.71
CA PRO L 256 20.88 -70.31 13.39
C PRO L 256 22.34 -70.34 12.94
N LEU M 26 -13.77 45.61 -3.72
CA LEU M 26 -12.49 45.33 -4.43
C LEU M 26 -11.24 45.38 -3.55
N SER M 27 -11.35 45.70 -2.26
CA SER M 27 -10.16 45.76 -1.37
C SER M 27 -9.43 44.41 -1.22
N SER M 28 -10.11 43.30 -1.54
CA SER M 28 -9.43 42.01 -1.57
C SER M 28 -8.63 41.80 -2.85
N PHE M 29 -8.57 42.81 -3.73
CA PHE M 29 -7.67 42.77 -4.89
C PHE M 29 -6.52 43.73 -4.62
N PRO M 30 -5.32 43.21 -4.35
CA PRO M 30 -4.26 44.12 -3.90
C PRO M 30 -3.86 45.18 -4.93
N ILE M 31 -4.19 45.00 -6.20
CA ILE M 31 -3.83 46.00 -7.18
C ILE M 31 -4.48 47.35 -6.92
N THR M 32 -5.65 47.32 -6.31
CA THR M 32 -6.36 48.55 -5.97
C THR M 32 -5.66 49.35 -4.85
N LYS M 33 -4.68 48.78 -4.17
CA LYS M 33 -3.92 49.57 -3.19
C LYS M 33 -3.02 50.58 -3.90
N ARG M 34 -2.60 50.29 -5.12
CA ARG M 34 -1.70 51.18 -5.84
C ARG M 34 -2.47 52.03 -6.87
N TRP M 35 -3.48 51.43 -7.50
CA TRP M 35 -4.38 52.15 -8.42
C TRP M 35 -5.78 52.09 -7.90
N PRO M 36 -6.11 52.94 -6.90
CA PRO M 36 -7.45 52.88 -6.33
C PRO M 36 -8.57 53.16 -7.35
N ALA M 37 -9.73 52.57 -7.12
CA ALA M 37 -10.88 52.72 -7.98
C ALA M 37 -11.81 53.84 -7.48
N GLN M 38 -12.04 54.83 -8.32
CA GLN M 38 -13.03 55.90 -8.05
C GLN M 38 -14.45 55.40 -8.26
N HIS M 39 -14.60 54.47 -9.20
CA HIS M 39 -15.89 53.91 -9.57
C HIS M 39 -15.82 52.38 -9.39
N SER M 40 -16.11 51.90 -8.19
CA SER M 40 -15.97 50.46 -7.91
C SER M 40 -17.06 49.59 -8.54
N ASP M 41 -18.03 50.22 -9.21
CA ASP M 41 -19.07 49.52 -9.95
C ASP M 41 -18.79 49.41 -11.44
N ARG M 42 -17.59 49.83 -11.85
CA ARG M 42 -17.20 49.77 -13.25
C ARG M 42 -15.96 48.91 -13.41
N ILE M 43 -15.86 48.28 -14.58
CA ILE M 43 -14.65 47.56 -15.01
C ILE M 43 -13.43 48.46 -14.81
N GLN M 44 -12.40 47.89 -14.20
CA GLN M 44 -11.15 48.56 -14.01
C GLN M 44 -10.19 48.03 -15.02
N LEU M 45 -9.64 48.93 -15.84
CA LEU M 45 -8.67 48.57 -16.86
C LEU M 45 -7.29 49.05 -16.43
N TYR M 46 -6.33 48.13 -16.41
CA TYR M 46 -4.95 48.44 -16.09
C TYR M 46 -4.11 48.21 -17.33
N SER M 47 -3.63 49.29 -17.94
CA SER M 47 -3.12 49.22 -19.29
C SER M 47 -2.27 50.42 -19.68
N LEU M 48 -1.85 50.38 -20.93
CA LEU M 48 -1.20 51.46 -21.63
C LEU M 48 -1.65 51.35 -23.11
N PRO M 49 -1.56 52.43 -23.87
CA PRO M 49 -2.04 52.36 -25.27
C PRO M 49 -0.99 51.73 -26.20
N THR M 50 -0.56 50.52 -25.87
CA THR M 50 0.37 49.74 -26.66
C THR M 50 -0.48 48.78 -27.53
N PRO M 51 0.13 48.09 -28.50
CA PRO M 51 -0.74 47.30 -29.38
C PRO M 51 -1.49 46.17 -28.69
N ASN M 52 -1.00 45.68 -27.55
CA ASN M 52 -1.79 44.72 -26.78
C ASN M 52 -2.84 45.39 -25.89
N GLY M 53 -2.47 46.49 -25.24
CA GLY M 53 -3.40 47.24 -24.39
C GLY M 53 -4.59 47.77 -25.19
N VAL M 54 -4.34 48.22 -26.42
CA VAL M 54 -5.40 48.86 -27.18
C VAL M 54 -6.47 47.87 -27.59
N LYS M 55 -6.15 46.58 -27.63
CA LYS M 55 -7.18 45.58 -27.93
C LYS M 55 -8.37 45.70 -26.97
N VAL M 56 -8.05 45.87 -25.67
CA VAL M 56 -9.04 45.84 -24.62
C VAL M 56 -9.76 47.20 -24.52
N SER M 57 -9.01 48.31 -24.58
CA SER M 57 -9.64 49.61 -24.58
C SER M 57 -10.55 49.76 -25.82
N ILE M 58 -10.13 49.28 -26.97
CA ILE M 58 -11.03 49.34 -28.14
C ILE M 58 -12.30 48.53 -27.92
N MET M 59 -12.13 47.32 -27.40
CA MET M 59 -13.27 46.44 -27.13
C MET M 59 -14.25 47.09 -26.18
N LEU M 60 -13.74 47.65 -25.09
CA LEU M 60 -14.56 48.35 -24.13
C LEU M 60 -15.30 49.53 -24.76
N GLU M 61 -14.61 50.28 -25.61
CA GLU M 61 -15.22 51.43 -26.30
C GLU M 61 -16.24 50.95 -27.33
N GLU M 62 -15.96 49.83 -27.98
CA GLU M 62 -16.87 49.33 -29.00
C GLU M 62 -18.14 48.76 -28.35
N THR M 63 -18.01 48.08 -27.21
CA THR M 63 -19.16 47.53 -26.51
C THR M 63 -20.03 48.54 -25.75
N GLY M 64 -19.49 49.71 -25.41
CA GLY M 64 -20.21 50.70 -24.59
C GLY M 64 -20.22 50.40 -23.09
N LEU M 65 -19.50 49.38 -22.66
CA LEU M 65 -19.36 49.09 -21.22
C LEU M 65 -18.68 50.25 -20.46
N PRO M 66 -19.28 50.70 -19.36
CA PRO M 66 -18.56 51.66 -18.52
C PRO M 66 -17.25 51.07 -18.05
N TYR M 67 -16.20 51.88 -18.02
CA TYR M 67 -14.96 51.45 -17.42
C TYR M 67 -14.10 52.58 -16.92
N GLU M 68 -13.16 52.23 -16.03
CA GLU M 68 -12.27 53.18 -15.42
C GLU M 68 -10.84 52.76 -15.77
N PRO M 69 -10.18 53.49 -16.68
CA PRO M 69 -8.80 53.16 -17.09
C PRO M 69 -7.72 53.70 -16.15
N HIS M 70 -6.67 52.90 -15.94
CA HIS M 70 -5.50 53.33 -15.17
C HIS M 70 -4.25 53.04 -15.97
N ALA M 71 -3.46 54.08 -16.24
CA ALA M 71 -2.17 53.92 -16.90
C ALA M 71 -1.18 53.28 -15.94
N ILE M 72 -0.49 52.24 -16.42
CA ILE M 72 0.57 51.60 -15.63
C ILE M 72 1.92 52.15 -16.10
N ASP M 73 2.67 52.77 -15.18
CA ASP M 73 3.93 53.45 -15.52
C ASP M 73 5.12 52.51 -15.58
N PHE M 74 5.40 52.03 -16.79
CA PHE M 74 6.55 51.17 -17.08
C PHE M 74 7.86 51.85 -16.75
N GLY M 75 7.93 53.15 -16.98
CA GLY M 75 9.10 53.92 -16.62
C GLY M 75 9.50 53.82 -15.16
N LYS M 76 8.56 53.46 -14.29
CA LYS M 76 8.85 53.26 -12.85
C LYS M 76 8.78 51.77 -12.46
N ASP M 77 8.74 50.88 -13.45
CA ASP M 77 8.64 49.43 -13.25
C ASP M 77 7.43 49.07 -12.40
N HIS M 78 6.36 49.84 -12.57
CA HIS M 78 5.15 49.66 -11.76
C HIS M 78 4.44 48.33 -12.04
N GLN M 79 4.69 47.78 -13.23
CA GLN M 79 4.16 46.47 -13.62
C GLN M 79 4.91 45.33 -12.94
N LYS M 80 5.99 45.66 -12.23
CA LYS M 80 6.72 44.67 -11.47
C LYS M 80 6.50 44.85 -9.98
N THR M 81 5.56 45.72 -9.60
CA THR M 81 5.18 45.87 -8.21
C THR M 81 4.35 44.68 -7.74
N PRO M 82 4.42 44.37 -6.45
CA PRO M 82 3.64 43.26 -5.93
C PRO M 82 2.14 43.49 -6.08
N GLU M 83 1.75 44.76 -6.06
CA GLU M 83 0.35 45.12 -6.25
C GLU M 83 -0.10 44.73 -7.67
N PHE M 84 0.65 45.15 -8.68
CA PHE M 84 0.31 44.76 -10.06
C PHE M 84 0.43 43.25 -10.29
N LEU M 85 1.47 42.64 -9.72
CA LEU M 85 1.70 41.22 -9.88
C LEU M 85 0.57 40.38 -9.29
N SER M 86 -0.09 40.87 -8.24
CA SER M 86 -1.24 40.17 -7.66
C SER M 86 -2.39 39.92 -8.65
N LEU M 87 -2.49 40.74 -9.68
CA LEU M 87 -3.55 40.57 -10.69
C LEU M 87 -3.03 39.86 -11.93
N ASN M 88 -1.89 40.30 -12.45
CA ASN M 88 -1.20 39.53 -13.49
C ASN M 88 0.20 39.12 -13.08
N PRO M 89 0.39 37.84 -12.75
CA PRO M 89 1.72 37.42 -12.29
C PRO M 89 2.78 37.41 -13.39
N ASN M 90 2.33 37.53 -14.65
CA ASN M 90 3.23 37.63 -15.79
C ASN M 90 3.82 39.03 -15.92
N GLY M 91 3.27 40.02 -15.20
CA GLY M 91 3.84 41.37 -15.19
C GLY M 91 3.65 42.18 -16.46
N LYS M 92 2.51 42.02 -17.13
CA LYS M 92 2.24 42.71 -18.40
C LYS M 92 0.83 43.30 -18.42
N ILE M 93 0.63 44.28 -19.30
CA ILE M 93 -0.69 44.83 -19.53
C ILE M 93 -1.18 44.24 -20.83
N PRO M 94 -2.50 44.25 -21.06
CA PRO M 94 -3.59 44.68 -20.21
C PRO M 94 -4.08 43.64 -19.20
N ALA M 95 -4.76 44.14 -18.18
CA ALA M 95 -5.44 43.32 -17.21
C ALA M 95 -6.70 44.07 -16.83
N ILE M 96 -7.74 43.33 -16.45
CA ILE M 96 -8.94 43.97 -15.90
C ILE M 96 -9.42 43.33 -14.64
N ILE M 97 -10.21 44.09 -13.91
CA ILE M 97 -11.14 43.53 -12.95
C ILE M 97 -12.56 43.94 -13.34
N ASP M 98 -13.44 42.97 -13.51
CA ASP M 98 -14.86 43.21 -13.68
C ASP M 98 -15.55 42.99 -12.35
N PRO M 99 -16.07 44.07 -11.73
CA PRO M 99 -16.75 43.88 -10.43
C PRO M 99 -18.06 43.14 -10.59
N ASN M 100 -18.64 43.20 -11.79
CA ASN M 100 -19.88 42.49 -12.10
C ASN M 100 -19.57 41.22 -12.89
N GLY M 101 -18.73 40.38 -12.30
CA GLY M 101 -18.34 39.13 -12.94
C GLY M 101 -19.43 38.07 -12.82
N PRO M 102 -19.14 36.85 -13.27
CA PRO M 102 -20.13 35.75 -13.15
C PRO M 102 -20.48 35.51 -11.70
N GLY M 103 -21.77 35.28 -11.44
CA GLY M 103 -22.28 35.18 -10.08
C GLY M 103 -22.37 36.53 -9.39
N ASP M 104 -22.33 37.63 -10.15
CA ASP M 104 -22.16 38.98 -9.57
C ASP M 104 -21.07 39.03 -8.49
N LYS M 105 -19.92 38.47 -8.83
CA LYS M 105 -18.71 38.57 -8.03
C LYS M 105 -17.64 39.22 -8.91
N PRO M 106 -16.69 39.96 -8.30
CA PRO M 106 -15.59 40.49 -9.08
C PRO M 106 -14.72 39.37 -9.69
N LEU M 107 -14.28 39.57 -10.93
CA LEU M 107 -13.41 38.63 -11.62
C LEU M 107 -12.21 39.40 -12.14
N GLY M 108 -11.02 38.94 -11.78
CA GLY M 108 -9.79 39.46 -12.37
C GLY M 108 -9.34 38.60 -13.55
N LEU M 109 -8.87 39.25 -14.61
CA LEU M 109 -8.37 38.55 -15.79
C LEU M 109 -7.18 39.27 -16.39
N PHE M 110 -6.22 38.50 -16.88
CA PHE M 110 -5.15 39.05 -17.70
C PHE M 110 -5.12 38.28 -19.01
N GLU M 111 -4.23 38.67 -19.92
CA GLU M 111 -4.18 38.17 -21.31
C GLU M 111 -5.27 38.76 -22.17
N SER M 112 -4.86 39.54 -23.13
CA SER M 112 -5.77 40.29 -23.97
C SER M 112 -6.75 39.33 -24.65
N GLY M 113 -6.28 38.16 -25.06
CA GLY M 113 -7.12 37.13 -25.70
C GLY M 113 -8.30 36.67 -24.86
N ALA M 114 -8.02 36.26 -23.62
CA ALA M 114 -9.03 35.85 -22.67
C ALA M 114 -10.00 37.00 -22.36
N ILE M 115 -9.48 38.23 -22.28
CA ILE M 115 -10.30 39.41 -21.98
C ILE M 115 -11.27 39.72 -23.15
N LEU M 116 -10.78 39.72 -24.35
CA LEU M 116 -11.63 39.92 -25.52
C LEU M 116 -12.71 38.89 -25.58
N GLN M 117 -12.40 37.61 -25.36
CA GLN M 117 -13.47 36.63 -25.44
CA GLN M 117 -13.40 36.55 -25.41
C GLN M 117 -14.44 36.82 -24.30
N TYR M 118 -13.93 37.13 -23.10
CA TYR M 118 -14.76 37.40 -21.95
C TYR M 118 -15.73 38.54 -22.19
N LEU M 119 -15.23 39.65 -22.73
CA LEU M 119 -16.10 40.80 -22.98
C LEU M 119 -17.07 40.51 -24.10
N ALA M 120 -16.67 39.68 -25.07
CA ALA M 120 -17.61 39.37 -26.16
C ALA M 120 -18.80 38.51 -25.67
N GLU M 121 -18.53 37.57 -24.79
CA GLU M 121 -19.59 36.72 -24.24
C GLU M 121 -20.43 37.49 -23.25
N LYS M 122 -19.80 38.33 -22.45
CA LYS M 122 -20.52 39.15 -21.51
C LYS M 122 -21.56 40.04 -22.18
N THR M 123 -21.23 40.60 -23.33
CA THR M 123 -22.07 41.63 -23.95
C THR M 123 -22.90 41.05 -25.08
N GLY M 124 -22.56 39.85 -25.54
CA GLY M 124 -23.22 39.27 -26.72
C GLY M 124 -22.85 40.03 -27.99
N GLN M 125 -21.72 40.73 -28.00
CA GLN M 125 -21.29 41.50 -29.19
C GLN M 125 -19.88 41.08 -29.66
N PHE M 126 -19.69 41.17 -30.97
CA PHE M 126 -18.40 41.04 -31.64
C PHE M 126 -17.88 39.62 -31.76
N LEU M 127 -18.80 38.68 -31.63
CA LEU M 127 -18.56 37.28 -31.94
C LEU M 127 -19.78 36.76 -32.65
N PRO M 128 -19.63 36.19 -33.86
CA PRO M 128 -20.80 35.76 -34.62
C PRO M 128 -21.77 34.89 -33.82
N ALA M 129 -23.03 34.92 -34.25
CA ALA M 129 -24.08 34.10 -33.66
C ALA M 129 -23.78 32.62 -33.94
N ASP M 130 -23.70 32.28 -35.22
CA ASP M 130 -23.50 30.93 -35.71
C ASP M 130 -22.35 30.20 -35.01
N PRO M 131 -22.64 29.06 -34.36
CA PRO M 131 -21.59 28.32 -33.67
C PRO M 131 -20.33 28.07 -34.52
N ALA M 132 -20.48 27.69 -35.78
CA ALA M 132 -19.30 27.38 -36.63
C ALA M 132 -18.49 28.64 -36.90
N ARG M 133 -19.18 29.75 -37.12
CA ARG M 133 -18.48 31.01 -37.38
C ARG M 133 -17.84 31.54 -36.10
N ARG M 134 -18.42 31.23 -34.95
CA ARG M 134 -17.81 31.62 -33.69
C ARG M 134 -16.48 30.89 -33.59
N TRP M 135 -16.46 29.58 -33.85
CA TRP M 135 -15.21 28.85 -33.73
C TRP M 135 -14.14 29.38 -34.69
N GLN M 136 -14.54 29.65 -35.93
CA GLN M 136 -13.67 30.24 -36.94
C GLN M 136 -13.09 31.56 -36.46
N THR M 137 -13.92 32.35 -35.78
CA THR M 137 -13.48 33.63 -35.29
C THR M 137 -12.37 33.47 -34.27
N LEU M 138 -12.54 32.50 -33.38
CA LEU M 138 -11.52 32.23 -32.36
C LEU M 138 -10.24 31.72 -33.00
N GLN M 139 -10.36 31.04 -34.11
CA GLN M 139 -9.19 30.57 -34.85
C GLN M 139 -8.35 31.78 -35.33
N TRP M 140 -9.02 32.81 -35.85
CA TRP M 140 -8.31 34.01 -36.28
C TRP M 140 -7.79 34.82 -35.08
N LEU M 141 -8.51 34.76 -33.97
CA LEU M 141 -8.04 35.42 -32.74
C LEU M 141 -6.73 34.79 -32.29
N HIS M 142 -6.67 33.46 -32.24
CA HIS M 142 -5.44 32.76 -31.86
C HIS M 142 -4.30 32.98 -32.83
N PHE M 143 -4.62 33.07 -34.12
CA PHE M 143 -3.64 33.43 -35.08
C PHE M 143 -2.97 34.75 -34.74
N GLN M 144 -3.75 35.73 -34.29
CA GLN M 144 -3.14 37.01 -33.90
C GLN M 144 -2.29 36.83 -32.64
N MET M 145 -2.83 36.14 -31.67
CA MET M 145 -2.18 36.01 -30.35
C MET M 145 -0.92 35.18 -30.38
N GLY M 146 -0.90 34.17 -31.24
CA GLY M 146 0.26 33.25 -31.30
C GLY M 146 1.25 33.65 -32.39
N GLY M 147 0.79 34.43 -33.37
CA GLY M 147 1.60 34.78 -34.55
C GLY M 147 1.91 36.25 -34.73
N ILE M 148 0.88 37.06 -34.99
CA ILE M 148 1.05 38.49 -35.24
C ILE M 148 1.74 39.19 -34.07
N GLY M 149 1.15 39.14 -32.90
CA GLY M 149 1.68 39.89 -31.76
C GLY M 149 3.15 39.56 -31.51
N PRO M 150 3.45 38.29 -31.26
CA PRO M 150 4.81 37.90 -30.91
C PRO M 150 5.84 38.16 -32.00
N MET M 151 5.50 37.94 -33.27
CA MET M 151 6.44 38.12 -34.34
C MET M 151 6.63 39.61 -34.67
N PHE M 152 5.55 40.39 -34.78
CA PHE M 152 5.71 41.86 -34.94
C PHE M 152 6.53 42.43 -33.78
N GLY M 153 6.28 41.95 -32.58
CA GLY M 153 7.07 42.36 -31.40
C GLY M 153 8.55 42.06 -31.50
N GLN M 154 8.93 40.89 -32.03
CA GLN M 154 10.38 40.58 -32.17
C GLN M 154 11.02 41.46 -33.22
N LEU M 155 10.31 41.71 -34.31
CA LEU M 155 10.78 42.63 -35.32
C LEU M 155 11.12 43.94 -34.65
N GLY M 156 10.19 44.45 -33.87
CA GLY M 156 10.38 45.68 -33.12
C GLY M 156 11.62 45.67 -32.25
N PHE M 157 11.86 44.57 -31.55
CA PHE M 157 13.06 44.51 -30.72
C PHE M 157 14.33 44.67 -31.55
N PHE M 158 14.35 44.02 -32.71
CA PHE M 158 15.56 44.01 -33.56
C PHE M 158 15.70 45.19 -34.54
N HIS M 159 14.60 45.92 -34.74
CA HIS M 159 14.59 47.09 -35.61
C HIS M 159 14.56 48.42 -34.84
N LYS M 160 13.78 48.49 -33.78
CA LYS M 160 13.45 49.74 -33.08
C LYS M 160 14.14 49.86 -31.72
N PHE M 161 14.15 48.77 -30.97
CA PHE M 161 14.61 48.78 -29.57
C PHE M 161 16.04 48.24 -29.45
N ALA M 162 16.40 47.65 -28.32
CA ALA M 162 17.84 47.42 -28.03
C ALA M 162 18.48 46.46 -29.03
N GLY M 163 17.69 45.56 -29.59
CA GLY M 163 18.17 44.62 -30.60
C GLY M 163 18.73 45.29 -31.85
N ARG M 164 18.36 46.55 -32.09
CA ARG M 164 18.91 47.24 -33.27
C ARG M 164 20.40 47.47 -33.18
N GLU M 165 20.97 47.48 -31.96
CA GLU M 165 22.42 47.63 -31.76
C GLU M 165 23.23 46.38 -32.15
N TYR M 166 22.58 45.24 -32.29
CA TYR M 166 23.32 44.03 -32.58
C TYR M 166 23.77 44.08 -34.05
N GLU M 167 25.04 43.79 -34.30
CA GLU M 167 25.59 43.93 -35.63
C GLU M 167 25.08 42.83 -36.54
N ASP M 168 24.80 41.64 -35.98
CA ASP M 168 24.37 40.50 -36.81
C ASP M 168 22.92 40.68 -37.19
N LYS M 169 22.64 40.91 -38.47
CA LYS M 169 21.26 41.23 -38.89
C LYS M 169 20.41 40.02 -39.32
N ARG M 170 20.92 38.81 -39.18
CA ARG M 170 20.09 37.65 -39.43
C ARG M 170 18.82 37.53 -38.55
N PRO M 171 18.92 37.82 -37.23
CA PRO M 171 17.68 37.86 -36.47
C PRO M 171 16.69 38.86 -37.03
N LEU M 172 17.14 40.09 -37.33
CA LEU M 172 16.23 41.07 -37.90
C LEU M 172 15.60 40.53 -39.21
N GLN M 173 16.41 39.99 -40.11
CA GLN M 173 15.87 39.43 -41.37
C GLN M 173 14.80 38.32 -41.13
N ARG M 174 15.03 37.50 -40.12
CA ARG M 174 14.09 36.44 -39.79
C ARG M 174 12.70 36.96 -39.40
N TYR M 175 12.67 37.93 -38.49
CA TYR M 175 11.39 38.52 -38.07
C TYR M 175 10.74 39.45 -39.11
N VAL M 176 11.54 40.06 -39.98
CA VAL M 176 11.02 40.78 -41.13
C VAL M 176 10.35 39.81 -42.10
N ALA M 177 11.02 38.70 -42.41
CA ALA M 177 10.42 37.75 -43.36
C ALA M 177 9.17 37.12 -42.76
N GLU M 178 9.17 36.88 -41.45
CA GLU M 178 8.00 36.22 -40.82
C GLU M 178 6.85 37.23 -40.71
N SER M 179 7.15 38.48 -40.37
CA SER M 179 6.12 39.53 -40.37
C SER M 179 5.52 39.72 -41.79
N LYS M 180 6.34 39.66 -42.82
CA LYS M 180 5.82 39.73 -44.19
C LYS M 180 4.97 38.52 -44.53
N ARG M 181 5.36 37.35 -44.03
CA ARG M 181 4.62 36.12 -44.34
C ARG M 181 3.26 36.22 -43.67
N LEU M 182 3.23 36.70 -42.42
CA LEU M 182 1.97 36.86 -41.68
C LEU M 182 1.02 37.84 -42.34
N LEU M 183 1.58 38.95 -42.80
CA LEU M 183 0.81 39.93 -43.55
C LEU M 183 0.23 39.30 -44.83
N GLY M 184 0.98 38.38 -45.44
CA GLY M 184 0.54 37.66 -46.65
C GLY M 184 -0.68 36.79 -46.37
N VAL M 185 -0.75 36.22 -45.17
CA VAL M 185 -1.89 35.37 -44.78
C VAL M 185 -3.14 36.25 -44.62
N LEU M 186 -2.98 37.39 -43.95
CA LEU M 186 -4.04 38.39 -43.86
C LEU M 186 -4.48 38.93 -45.22
N GLU M 187 -3.54 39.10 -46.12
CA GLU M 187 -3.81 39.76 -47.37
C GLU M 187 -4.71 38.84 -48.20
N ALA M 188 -4.39 37.54 -48.23
CA ALA M 188 -5.23 36.55 -48.93
C ALA M 188 -6.60 36.42 -48.23
N ARG M 189 -6.63 36.50 -46.92
CA ARG M 189 -7.90 36.42 -46.18
C ARG M 189 -8.82 37.63 -46.45
N LEU M 190 -8.25 38.84 -46.55
CA LEU M 190 -9.05 40.06 -46.66
C LEU M 190 -9.40 40.43 -48.12
N ASP M 191 -8.86 39.66 -49.05
CA ASP M 191 -9.25 39.78 -50.47
C ASP M 191 -10.74 39.43 -50.63
N GLY M 192 -11.57 40.44 -50.89
CA GLY M 192 -13.03 40.25 -51.03
C GLY M 192 -13.82 40.19 -49.73
N ARG M 193 -13.19 40.53 -48.60
CA ARG M 193 -13.87 40.55 -47.31
C ARG M 193 -13.72 41.94 -46.71
N GLN M 194 -14.78 42.41 -46.06
CA GLN M 194 -14.76 43.68 -45.37
C GLN M 194 -13.91 43.53 -44.10
N TRP M 195 -14.16 42.47 -43.36
CA TRP M 195 -13.44 42.19 -42.08
C TRP M 195 -12.92 40.77 -42.16
N ILE M 196 -12.14 40.37 -41.17
CA ILE M 196 -11.57 39.02 -41.16
C ILE M 196 -12.68 37.97 -41.29
N MET M 197 -13.82 38.19 -40.64
CA MET M 197 -15.00 37.29 -40.74
C MET M 197 -16.08 37.88 -41.67
N ASP M 198 -15.63 38.34 -42.83
CA ASP M 198 -16.53 38.81 -43.92
C ASP M 198 -17.30 40.07 -43.47
N ALA M 199 -18.64 40.03 -43.48
CA ALA M 199 -19.44 41.20 -43.06
C ALA M 199 -19.47 41.48 -41.55
N ASP M 200 -19.01 40.55 -40.72
CA ASP M 200 -19.09 40.74 -39.27
C ASP M 200 -17.78 41.24 -38.73
N TYR M 201 -17.84 42.37 -38.04
CA TYR M 201 -16.67 42.92 -37.40
C TYR M 201 -16.59 42.23 -36.07
N THR M 202 -15.42 41.69 -35.72
CA THR M 202 -15.34 40.83 -34.54
C THR M 202 -14.13 41.12 -33.70
N ILE M 203 -13.99 40.35 -32.63
CA ILE M 203 -12.80 40.46 -31.76
C ILE M 203 -11.50 40.11 -32.50
N ALA M 204 -11.61 39.41 -33.63
CA ALA M 204 -10.42 39.14 -34.46
C ALA M 204 -9.85 40.42 -35.09
N ASP M 205 -10.71 41.29 -35.60
CA ASP M 205 -10.25 42.59 -36.10
C ASP M 205 -9.73 43.46 -34.95
N ILE M 206 -10.45 43.47 -33.85
CA ILE M 206 -10.07 44.31 -32.71
C ILE M 206 -8.72 43.90 -32.18
N ALA M 207 -8.41 42.59 -32.18
CA ALA M 207 -7.10 42.11 -31.72
C ALA M 207 -5.94 42.49 -32.65
N THR M 208 -6.24 42.61 -33.95
CA THR M 208 -5.24 42.73 -34.98
C THR M 208 -4.91 44.17 -35.47
N LEU M 209 -5.90 45.07 -35.50
CA LEU M 209 -5.71 46.43 -36.04
C LEU M 209 -4.57 47.21 -35.37
N GLY M 210 -4.56 47.24 -34.04
CA GLY M 210 -3.51 47.95 -33.36
C GLY M 210 -2.10 47.48 -33.71
N TRP M 211 -1.93 46.17 -33.87
CA TRP M 211 -0.60 45.64 -34.17
C TRP M 211 -0.15 46.06 -35.54
N VAL M 212 -1.08 46.07 -36.49
CA VAL M 212 -0.72 46.47 -37.85
C VAL M 212 -0.41 47.94 -37.91
N ARG M 213 -1.28 48.77 -37.32
CA ARG M 213 -1.03 50.19 -37.21
C ARG M 213 0.34 50.46 -36.56
N ASN M 214 0.65 49.73 -35.47
CA ASN M 214 1.90 49.93 -34.72
C ASN M 214 3.15 49.54 -35.51
N LEU M 215 3.08 48.44 -36.25
CA LEU M 215 4.18 48.00 -37.11
C LEU M 215 4.59 49.09 -38.11
N ILE M 216 3.62 49.70 -38.78
CA ILE M 216 3.87 50.70 -39.80
C ILE M 216 3.99 52.11 -39.26
N GLY M 217 3.68 52.31 -37.98
CA GLY M 217 3.71 53.64 -37.36
C GLY M 217 4.86 53.77 -36.39
N PHE M 218 4.58 53.62 -35.11
CA PHE M 218 5.62 53.63 -34.04
C PHE M 218 6.90 52.81 -34.33
N TYR M 219 6.72 51.60 -34.85
CA TYR M 219 7.87 50.71 -35.15
C TYR M 219 8.71 51.15 -36.36
N GLY M 220 8.13 51.95 -37.25
CA GLY M 220 8.87 52.49 -38.36
C GLY M 220 9.21 51.43 -39.39
N ALA M 221 8.36 50.43 -39.55
CA ALA M 221 8.70 49.30 -40.41
C ALA M 221 7.88 49.23 -41.69
N ARG M 222 7.21 50.32 -42.04
CA ARG M 222 6.31 50.32 -43.19
C ARG M 222 7.02 49.83 -44.45
N GLU M 223 8.13 50.48 -44.80
CA GLU M 223 8.95 50.12 -45.96
C GLU M 223 9.65 48.78 -45.77
N LEU M 224 10.18 48.58 -44.57
CA LEU M 224 10.81 47.34 -44.17
C LEU M 224 9.97 46.09 -44.47
N VAL M 225 8.65 46.17 -44.26
CA VAL M 225 7.77 45.01 -44.60
C VAL M 225 7.03 45.13 -45.95
N ALA M 226 7.38 46.15 -46.73
CA ALA M 226 6.78 46.37 -48.06
C ALA M 226 5.25 46.54 -48.01
N PHE M 227 4.79 47.21 -46.95
CA PHE M 227 3.36 47.34 -46.67
C PHE M 227 2.54 47.97 -47.81
N ASP M 228 3.07 48.99 -48.47
CA ASP M 228 2.32 49.65 -49.55
C ASP M 228 2.31 48.87 -50.87
N GLU M 229 2.96 47.70 -50.90
CA GLU M 229 2.78 46.77 -52.02
C GLU M 229 1.53 45.93 -51.83
N LEU M 230 0.95 45.96 -50.63
CA LEU M 230 -0.31 45.26 -50.36
C LEU M 230 -1.50 46.15 -50.71
N THR M 231 -2.66 45.53 -50.86
CA THR M 231 -3.91 46.22 -51.17
C THR M 231 -4.99 46.01 -50.11
N HIS M 232 -5.20 44.75 -49.71
CA HIS M 232 -6.34 44.39 -48.91
C HIS M 232 -6.13 44.65 -47.40
N VAL M 233 -4.93 44.43 -46.89
CA VAL M 233 -4.66 44.77 -45.49
C VAL M 233 -4.74 46.31 -45.30
N PRO M 234 -4.09 47.11 -46.18
CA PRO M 234 -4.23 48.58 -46.03
C PRO M 234 -5.69 49.08 -46.06
N ALA M 235 -6.49 48.59 -47.01
CA ALA M 235 -7.91 48.93 -47.06
C ALA M 235 -8.68 48.53 -45.79
N TRP M 236 -8.41 47.34 -45.26
CA TRP M 236 -9.00 46.89 -44.02
C TRP M 236 -8.58 47.79 -42.86
N LEU M 237 -7.30 48.12 -42.78
CA LEU M 237 -6.79 48.96 -41.69
C LEU M 237 -7.46 50.33 -41.72
N GLU M 238 -7.65 50.89 -42.91
CA GLU M 238 -8.41 52.13 -43.08
C GLU M 238 -9.84 52.03 -42.58
N ARG M 239 -10.52 50.93 -42.87
CA ARG M 239 -11.90 50.71 -42.41
C ARG M 239 -11.91 50.62 -40.87
N GLY M 240 -10.96 49.92 -40.31
CA GLY M 240 -10.86 49.81 -38.85
C GLY M 240 -10.66 51.17 -38.20
N LEU M 241 -9.68 51.90 -38.70
CA LEU M 241 -9.30 53.22 -38.15
C LEU M 241 -10.41 54.27 -38.34
N ALA M 242 -11.35 54.06 -39.25
CA ALA M 242 -12.46 54.99 -39.43
C ALA M 242 -13.55 54.84 -38.34
N ARG M 243 -13.42 53.86 -37.47
CA ARG M 243 -14.44 53.57 -36.45
C ARG M 243 -14.16 54.41 -35.22
N PRO M 244 -15.16 55.19 -34.77
CA PRO M 244 -14.93 56.09 -33.65
C PRO M 244 -14.39 55.41 -32.42
N ALA M 245 -14.91 54.22 -32.14
CA ALA M 245 -14.47 53.48 -30.95
C ALA M 245 -12.97 53.07 -31.03
N VAL M 246 -12.53 52.75 -32.23
CA VAL M 246 -11.12 52.47 -32.49
C VAL M 246 -10.28 53.72 -32.23
N GLN M 247 -10.73 54.86 -32.78
CA GLN M 247 -10.05 56.15 -32.57
C GLN M 247 -9.94 56.46 -31.04
N ARG M 248 -10.99 56.18 -30.29
CA ARG M 248 -11.00 56.47 -28.85
C ARG M 248 -10.10 55.50 -28.11
N GLY M 249 -10.28 54.21 -28.37
CA GLY M 249 -9.52 53.18 -27.69
C GLY M 249 -8.02 53.26 -27.96
N LEU M 250 -7.63 53.71 -29.15
CA LEU M 250 -6.21 53.84 -29.46
C LEU M 250 -5.42 54.73 -28.52
N GLU M 251 -6.09 55.64 -27.83
CA GLU M 251 -5.42 56.61 -26.96
C GLU M 251 -5.78 56.51 -25.47
N ILE M 252 -6.28 55.35 -25.06
CA ILE M 252 -6.69 55.14 -23.67
C ILE M 252 -5.92 53.95 -23.06
N PRO M 253 -5.38 54.10 -21.83
CA PRO M 253 -5.36 55.31 -21.06
C PRO M 253 -4.31 56.25 -21.61
N LYS M 254 -4.35 57.49 -21.17
CA LYS M 254 -3.37 58.48 -21.55
C LYS M 254 -2.03 58.07 -20.96
N ARG M 255 -0.96 58.35 -21.69
CA ARG M 255 0.37 57.87 -21.32
C ARG M 255 0.84 58.62 -20.08
N PRO M 256 1.43 57.92 -19.10
CA PRO M 256 2.01 58.66 -18.00
C PRO M 256 3.38 59.24 -18.38
N ASP N 25 -19.07 13.35 -47.41
CA ASP N 25 -19.21 14.74 -46.89
C ASP N 25 -17.89 15.52 -46.96
N LEU N 26 -16.77 14.84 -46.73
CA LEU N 26 -15.44 15.47 -46.70
C LEU N 26 -14.80 15.72 -48.04
N SER N 27 -15.38 15.21 -49.13
CA SER N 27 -14.84 15.41 -50.46
C SER N 27 -14.73 16.88 -50.87
N SER N 28 -15.56 17.71 -50.26
CA SER N 28 -15.53 19.16 -50.50
C SER N 28 -14.33 19.85 -49.81
N PHE N 29 -13.64 19.18 -48.90
CA PHE N 29 -12.40 19.72 -48.35
C PHE N 29 -11.20 19.25 -49.17
N PRO N 30 -10.47 20.18 -49.85
CA PRO N 30 -9.40 19.69 -50.74
C PRO N 30 -8.20 18.99 -50.08
N ILE N 31 -7.92 19.27 -48.80
CA ILE N 31 -6.84 18.55 -48.10
C ILE N 31 -6.99 17.02 -48.24
N THR N 32 -8.23 16.54 -48.28
CA THR N 32 -8.51 15.11 -48.40
C THR N 32 -8.07 14.49 -49.76
N LYS N 33 -7.75 15.32 -50.76
CA LYS N 33 -7.18 14.79 -52.01
C LYS N 33 -5.72 14.34 -51.84
N ARG N 34 -5.03 14.92 -50.86
CA ARG N 34 -3.63 14.57 -50.58
C ARG N 34 -3.51 13.69 -49.34
N TRP N 35 -4.41 13.87 -48.37
CA TRP N 35 -4.52 12.96 -47.22
C TRP N 35 -5.89 12.34 -47.09
N PRO N 36 -6.19 11.31 -47.92
CA PRO N 36 -7.54 10.75 -47.92
C PRO N 36 -7.93 10.19 -46.55
N ALA N 37 -9.21 10.33 -46.21
CA ALA N 37 -9.78 9.78 -45.00
C ALA N 37 -10.15 8.31 -45.23
N GLN N 38 -9.63 7.43 -44.40
CA GLN N 38 -10.12 6.04 -44.37
C GLN N 38 -11.40 5.91 -43.55
N HIS N 39 -11.64 6.88 -42.66
CA HIS N 39 -12.76 6.88 -41.71
C HIS N 39 -13.39 8.25 -41.72
N SER N 40 -14.28 8.49 -42.68
CA SER N 40 -14.82 9.83 -42.89
C SER N 40 -15.83 10.21 -41.81
N ASP N 41 -16.15 9.27 -40.92
CA ASP N 41 -17.01 9.53 -39.79
C ASP N 41 -16.18 9.93 -38.54
N ARG N 42 -14.86 10.00 -38.65
CA ARG N 42 -14.01 10.38 -37.51
C ARG N 42 -13.29 11.67 -37.76
N ILE N 43 -12.93 12.35 -36.67
CA ILE N 43 -12.09 13.55 -36.73
C ILE N 43 -10.79 13.24 -37.46
N GLN N 44 -10.43 14.09 -38.40
CA GLN N 44 -9.18 13.96 -39.16
C GLN N 44 -8.23 14.92 -38.53
N LEU N 45 -7.07 14.43 -38.11
CA LEU N 45 -6.04 15.28 -37.52
C LEU N 45 -4.88 15.38 -38.48
N TYR N 46 -4.48 16.61 -38.79
CA TYR N 46 -3.34 16.83 -39.69
C TYR N 46 -2.22 17.47 -38.84
N SER N 47 -1.18 16.71 -38.56
CA SER N 47 -0.25 17.14 -37.52
C SER N 47 1.11 16.45 -37.64
N LEU N 48 1.95 16.75 -36.64
CA LEU N 48 3.23 16.12 -36.39
C LEU N 48 3.39 16.19 -34.87
N PRO N 49 4.16 15.27 -34.27
CA PRO N 49 4.31 15.26 -32.82
C PRO N 49 5.27 16.35 -32.30
N THR N 50 4.99 17.58 -32.70
CA THR N 50 5.71 18.75 -32.23
C THR N 50 4.99 19.29 -31.02
N PRO N 51 5.60 20.22 -30.29
CA PRO N 51 4.92 20.76 -29.13
C PRO N 51 3.58 21.42 -29.43
N ASN N 52 3.38 21.96 -30.63
CA ASN N 52 2.04 22.46 -30.97
C ASN N 52 1.09 21.33 -31.39
N GLY N 53 1.63 20.34 -32.11
CA GLY N 53 0.84 19.20 -32.58
C GLY N 53 0.36 18.33 -31.44
N VAL N 54 1.19 18.16 -30.41
CA VAL N 54 0.82 17.23 -29.35
C VAL N 54 -0.30 17.75 -28.49
N LYS N 55 -0.49 19.06 -28.46
CA LYS N 55 -1.62 19.57 -27.69
C LYS N 55 -2.94 18.93 -28.15
N VAL N 56 -3.15 18.87 -29.46
CA VAL N 56 -4.40 18.33 -30.00
C VAL N 56 -4.46 16.80 -29.93
N SER N 57 -3.39 16.11 -30.24
CA SER N 57 -3.41 14.67 -30.08
C SER N 57 -3.56 14.26 -28.61
N ILE N 58 -2.94 14.99 -27.69
CA ILE N 58 -3.17 14.69 -26.27
C ILE N 58 -4.61 14.94 -25.91
N MET N 59 -5.17 16.04 -26.37
CA MET N 59 -6.58 16.32 -26.09
C MET N 59 -7.47 15.22 -26.63
N LEU N 60 -7.23 14.77 -27.87
CA LEU N 60 -8.06 13.74 -28.43
C LEU N 60 -7.94 12.41 -27.64
N GLU N 61 -6.72 12.05 -27.26
CA GLU N 61 -6.46 10.86 -26.42
C GLU N 61 -7.10 10.99 -25.04
N GLU N 62 -7.07 12.19 -24.44
CA GLU N 62 -7.69 12.39 -23.12
C GLU N 62 -9.24 12.26 -23.17
N THR N 63 -9.81 12.77 -24.24
CA THR N 63 -11.25 12.75 -24.40
C THR N 63 -11.78 11.41 -24.86
N GLY N 64 -10.94 10.60 -25.48
CA GLY N 64 -11.38 9.31 -25.99
C GLY N 64 -12.11 9.44 -27.34
N LEU N 65 -12.09 10.60 -27.98
CA LEU N 65 -12.81 10.75 -29.27
C LEU N 65 -12.15 9.95 -30.41
N PRO N 66 -12.96 9.25 -31.25
CA PRO N 66 -12.35 8.57 -32.39
C PRO N 66 -11.70 9.61 -33.30
N TYR N 67 -10.51 9.32 -33.78
CA TYR N 67 -9.88 10.17 -34.79
C TYR N 67 -8.86 9.43 -35.63
N GLU N 68 -8.49 10.08 -36.73
CA GLU N 68 -7.65 9.50 -37.77
C GLU N 68 -6.48 10.46 -38.00
N PRO N 69 -5.28 10.13 -37.48
CA PRO N 69 -4.21 11.12 -37.62
C PRO N 69 -3.46 10.94 -38.94
N HIS N 70 -2.96 12.05 -39.47
CA HIS N 70 -2.16 12.07 -40.67
C HIS N 70 -0.92 12.90 -40.42
N ALA N 71 0.25 12.31 -40.61
CA ALA N 71 1.50 13.05 -40.51
C ALA N 71 1.66 13.96 -41.73
N ILE N 72 1.99 15.23 -41.49
CA ILE N 72 2.28 16.17 -42.59
C ILE N 72 3.79 16.30 -42.76
N ASP N 73 4.33 15.85 -43.90
CA ASP N 73 5.78 15.84 -44.13
C ASP N 73 6.35 17.19 -44.57
N PHE N 74 6.97 17.89 -43.62
CA PHE N 74 7.58 19.20 -43.84
C PHE N 74 8.86 19.14 -44.67
N GLY N 75 9.60 18.04 -44.55
CA GLY N 75 10.75 17.82 -45.42
C GLY N 75 10.39 17.93 -46.89
N LYS N 76 9.18 17.51 -47.23
CA LYS N 76 8.69 17.53 -48.61
C LYS N 76 7.87 18.80 -48.92
N ASP N 77 7.85 19.74 -47.97
CA ASP N 77 7.10 20.99 -48.09
C ASP N 77 5.57 20.81 -48.30
N HIS N 78 4.99 19.77 -47.69
CA HIS N 78 3.58 19.44 -47.93
C HIS N 78 2.62 20.45 -47.24
N GLN N 79 3.12 21.10 -46.20
CA GLN N 79 2.34 22.13 -45.51
C GLN N 79 2.19 23.42 -46.35
N LYS N 80 2.84 23.45 -47.51
CA LYS N 80 2.70 24.60 -48.41
CA LYS N 80 2.79 24.57 -48.46
C LYS N 80 1.99 24.21 -49.70
N THR N 81 1.41 23.02 -49.74
CA THR N 81 0.62 22.62 -50.91
C THR N 81 -0.70 23.35 -50.90
N PRO N 82 -1.33 23.53 -52.08
CA PRO N 82 -2.65 24.13 -52.06
C PRO N 82 -3.66 23.30 -51.25
N GLU N 83 -3.50 21.98 -51.24
CA GLU N 83 -4.42 21.09 -50.54
C GLU N 83 -4.35 21.37 -49.03
N PHE N 84 -3.16 21.47 -48.48
CA PHE N 84 -3.03 21.78 -47.03
C PHE N 84 -3.46 23.20 -46.70
N LEU N 85 -3.04 24.15 -47.53
CA LEU N 85 -3.37 25.57 -47.37
C LEU N 85 -4.87 25.85 -47.46
N SER N 86 -5.60 25.03 -48.23
CA SER N 86 -7.07 25.09 -48.23
C SER N 86 -7.68 24.85 -46.85
N LEU N 87 -6.97 24.18 -45.94
CA LEU N 87 -7.49 24.00 -44.59
C LEU N 87 -6.88 25.01 -43.61
N ASN N 88 -5.54 25.11 -43.57
CA ASN N 88 -4.88 26.21 -42.84
C ASN N 88 -4.04 27.07 -43.77
N PRO N 89 -4.55 28.25 -44.12
CA PRO N 89 -3.77 29.11 -45.03
C PRO N 89 -2.52 29.73 -44.39
N ASN N 90 -2.35 29.56 -43.08
CA ASN N 90 -1.10 29.90 -42.43
C ASN N 90 -0.01 28.81 -42.67
N GLY N 91 -0.40 27.63 -43.12
CA GLY N 91 0.56 26.58 -43.48
C GLY N 91 1.29 25.97 -42.30
N LYS N 92 0.57 25.75 -41.20
CA LYS N 92 1.12 25.14 -40.00
CA LYS N 92 1.13 25.13 -40.00
C LYS N 92 0.22 24.05 -39.47
N ILE N 93 0.79 23.19 -38.62
CA ILE N 93 0.05 22.15 -37.93
C ILE N 93 -0.05 22.56 -36.47
N PRO N 94 -1.04 22.04 -35.73
CA PRO N 94 -2.11 21.11 -36.15
C PRO N 94 -3.31 21.77 -36.78
N ALA N 95 -4.03 20.98 -37.57
CA ALA N 95 -5.33 21.33 -38.10
C ALA N 95 -6.23 20.09 -38.02
N ILE N 96 -7.54 20.27 -37.90
CA ILE N 96 -8.46 19.13 -37.89
C ILE N 96 -9.68 19.41 -38.78
N ILE N 97 -10.32 18.34 -39.20
CA ILE N 97 -11.70 18.45 -39.72
C ILE N 97 -12.54 17.52 -38.87
N ASP N 98 -13.54 18.06 -38.20
CA ASP N 98 -14.53 17.25 -37.51
C ASP N 98 -15.69 17.08 -38.48
N PRO N 99 -15.93 15.84 -38.94
CA PRO N 99 -17.07 15.66 -39.85
C PRO N 99 -18.42 15.84 -39.15
N ASN N 100 -18.43 15.76 -37.82
CA ASN N 100 -19.66 15.88 -37.04
C ASN N 100 -19.58 17.16 -36.25
N GLY N 101 -19.40 18.27 -36.96
CA GLY N 101 -19.33 19.58 -36.32
C GLY N 101 -20.70 20.15 -36.01
N PRO N 102 -20.74 21.42 -35.55
CA PRO N 102 -22.01 22.11 -35.30
C PRO N 102 -23.01 21.96 -36.45
N GLY N 103 -24.28 21.74 -36.13
CA GLY N 103 -25.31 21.61 -37.17
C GLY N 103 -25.20 20.25 -37.87
N ASP N 104 -24.54 19.30 -37.22
CA ASP N 104 -24.09 18.04 -37.86
C ASP N 104 -23.56 18.28 -39.29
N LYS N 105 -22.66 19.26 -39.40
CA LYS N 105 -21.97 19.59 -40.64
C LYS N 105 -20.48 19.56 -40.35
N PRO N 106 -19.67 19.23 -41.37
CA PRO N 106 -18.24 19.20 -41.08
C PRO N 106 -17.68 20.59 -40.80
N LEU N 107 -16.72 20.67 -39.90
CA LEU N 107 -16.08 21.91 -39.59
C LEU N 107 -14.56 21.73 -39.67
N GLY N 108 -13.86 22.57 -40.44
CA GLY N 108 -12.40 22.64 -40.37
C GLY N 108 -11.93 23.72 -39.42
N LEU N 109 -10.83 23.45 -38.73
CA LEU N 109 -10.25 24.41 -37.79
C LEU N 109 -8.74 24.28 -37.76
N PHE N 110 -8.07 25.42 -37.65
CA PHE N 110 -6.65 25.43 -37.39
C PHE N 110 -6.45 26.26 -36.12
N GLU N 111 -5.21 26.34 -35.70
CA GLU N 111 -4.79 26.92 -34.41
C GLU N 111 -5.09 25.98 -33.25
N SER N 112 -4.02 25.46 -32.66
CA SER N 112 -4.11 24.57 -31.53
C SER N 112 -5.00 25.14 -30.42
N GLY N 113 -4.97 26.44 -30.19
CA GLY N 113 -5.83 27.06 -29.18
C GLY N 113 -7.32 26.97 -29.43
N ALA N 114 -7.73 27.27 -30.64
CA ALA N 114 -9.12 27.21 -31.02
C ALA N 114 -9.56 25.74 -31.01
N ILE N 115 -8.69 24.85 -31.44
CA ILE N 115 -9.02 23.43 -31.44
C ILE N 115 -9.25 22.91 -30.01
N LEU N 116 -8.41 23.29 -29.07
CA LEU N 116 -8.61 22.89 -27.71
C LEU N 116 -9.94 23.37 -27.15
N GLN N 117 -10.25 24.64 -27.39
CA GLN N 117 -11.54 25.18 -26.90
C GLN N 117 -12.72 24.47 -27.57
N TYR N 118 -12.58 24.18 -28.85
CA TYR N 118 -13.64 23.46 -29.58
C TYR N 118 -13.86 22.07 -29.02
N LEU N 119 -12.78 21.30 -28.87
CA LEU N 119 -12.84 19.93 -28.31
C LEU N 119 -13.34 19.91 -26.86
N ALA N 120 -13.06 20.96 -26.09
CA ALA N 120 -13.56 21.05 -24.70
C ALA N 120 -15.08 21.20 -24.73
N GLU N 121 -15.57 22.03 -25.64
CA GLU N 121 -16.99 22.19 -25.81
C GLU N 121 -17.62 20.90 -26.29
N LYS N 122 -17.05 20.29 -27.31
CA LYS N 122 -17.64 19.09 -27.91
C LYS N 122 -17.79 17.98 -26.87
N THR N 123 -16.83 17.89 -25.94
CA THR N 123 -16.77 16.79 -25.00
C THR N 123 -17.25 17.16 -23.60
N GLY N 124 -17.46 18.44 -23.35
CA GLY N 124 -17.87 18.91 -22.05
C GLY N 124 -16.83 18.65 -20.95
N GLN N 125 -15.57 18.66 -21.31
CA GLN N 125 -14.49 18.23 -20.40
C GLN N 125 -13.24 19.06 -20.52
N PHE N 126 -12.41 19.03 -19.47
CA PHE N 126 -11.09 19.66 -19.47
C PHE N 126 -11.20 21.18 -19.45
N LEU N 127 -12.36 21.64 -18.97
CA LEU N 127 -12.61 23.05 -18.62
C LEU N 127 -13.47 23.05 -17.35
N PRO N 128 -13.14 23.89 -16.36
CA PRO N 128 -13.87 23.73 -15.10
C PRO N 128 -15.36 24.02 -15.28
N ALA N 129 -16.19 23.54 -14.36
CA ALA N 129 -17.63 23.77 -14.44
C ALA N 129 -17.94 25.26 -14.17
N ASP N 130 -17.29 25.79 -13.14
CA ASP N 130 -17.54 27.14 -12.71
C ASP N 130 -17.14 28.19 -13.80
N PRO N 131 -18.06 29.10 -14.16
CA PRO N 131 -17.83 30.20 -15.11
C PRO N 131 -16.56 31.06 -14.86
N ALA N 132 -16.41 31.67 -13.68
CA ALA N 132 -15.19 32.38 -13.36
C ALA N 132 -13.93 31.53 -13.61
N ARG N 133 -13.92 30.29 -13.14
CA ARG N 133 -12.76 29.43 -13.33
C ARG N 133 -12.56 29.00 -14.80
N ARG N 134 -13.64 28.97 -15.58
CA ARG N 134 -13.47 28.70 -17.01
CA ARG N 134 -13.50 28.72 -17.01
C ARG N 134 -12.68 29.84 -17.66
N TRP N 135 -13.05 31.08 -17.33
CA TRP N 135 -12.33 32.27 -17.83
C TRP N 135 -10.91 32.33 -17.33
N GLN N 136 -10.68 31.99 -16.05
CA GLN N 136 -9.29 31.88 -15.55
C GLN N 136 -8.50 30.80 -16.32
N THR N 137 -9.10 29.68 -16.66
CA THR N 137 -8.43 28.68 -17.47
C THR N 137 -8.01 29.23 -18.85
N LEU N 138 -8.88 29.98 -19.51
CA LEU N 138 -8.53 30.60 -20.82
C LEU N 138 -7.39 31.62 -20.74
N GLN N 139 -7.27 32.27 -19.61
CA GLN N 139 -6.18 33.17 -19.37
C GLN N 139 -4.86 32.39 -19.44
N TRP N 140 -4.81 31.23 -18.77
CA TRP N 140 -3.58 30.42 -18.77
C TRP N 140 -3.33 29.76 -20.13
N LEU N 141 -4.40 29.45 -20.85
CA LEU N 141 -4.26 28.98 -22.22
C LEU N 141 -3.57 30.02 -23.11
N HIS N 142 -4.02 31.26 -23.02
CA HIS N 142 -3.50 32.41 -23.79
C HIS N 142 -2.09 32.77 -23.39
N PHE N 143 -1.76 32.56 -22.12
CA PHE N 143 -0.41 32.78 -21.65
C PHE N 143 0.54 31.82 -22.34
N GLN N 144 0.16 30.55 -22.39
CA GLN N 144 0.89 29.58 -23.15
C GLN N 144 0.98 29.96 -24.63
N MET N 145 -0.15 30.36 -25.20
CA MET N 145 -0.22 30.59 -26.65
C MET N 145 0.57 31.81 -27.11
N GLY N 146 0.51 32.88 -26.32
CA GLY N 146 1.18 34.12 -26.67
C GLY N 146 2.55 34.27 -26.04
N GLY N 147 2.86 33.44 -25.05
CA GLY N 147 4.13 33.54 -24.33
C GLY N 147 5.00 32.31 -24.47
N ILE N 148 4.59 31.22 -23.84
CA ILE N 148 5.37 29.96 -23.81
C ILE N 148 5.75 29.42 -25.21
N GLY N 149 4.76 29.24 -26.07
CA GLY N 149 5.02 28.68 -27.38
C GLY N 149 5.96 29.51 -28.19
N PRO N 150 5.63 30.79 -28.40
CA PRO N 150 6.51 31.61 -29.25
C PRO N 150 7.91 31.78 -28.68
N MET N 151 8.02 32.02 -27.38
CA MET N 151 9.35 32.25 -26.84
C MET N 151 10.23 31.00 -26.73
N PHE N 152 9.69 29.90 -26.22
CA PHE N 152 10.41 28.60 -26.24
C PHE N 152 10.82 28.22 -27.68
N GLY N 153 9.92 28.47 -28.64
CA GLY N 153 10.23 28.26 -30.04
C GLY N 153 11.40 29.07 -30.55
N GLN N 154 11.50 30.33 -30.12
CA GLN N 154 12.61 31.17 -30.53
C GLN N 154 13.89 30.64 -29.90
N LEU N 155 13.80 30.22 -28.64
CA LEU N 155 14.98 29.61 -28.00
C LEU N 155 15.38 28.40 -28.83
N GLY N 156 14.40 27.60 -29.26
CA GLY N 156 14.66 26.48 -30.14
C GLY N 156 15.46 26.87 -31.38
N PHE N 157 15.02 27.92 -32.06
CA PHE N 157 15.66 28.32 -33.29
C PHE N 157 17.12 28.64 -33.05
N PHE N 158 17.42 29.31 -31.94
CA PHE N 158 18.77 29.79 -31.72
C PHE N 158 19.67 28.81 -30.99
N HIS N 159 19.08 27.76 -30.43
CA HIS N 159 19.85 26.75 -29.71
C HIS N 159 19.90 25.40 -30.43
N LYS N 160 18.78 24.99 -31.00
CA LYS N 160 18.65 23.69 -31.62
C LYS N 160 18.73 23.73 -33.14
N PHE N 161 18.09 24.72 -33.74
CA PHE N 161 18.01 24.79 -35.20
C PHE N 161 19.02 25.75 -35.83
N ALA N 162 18.69 26.27 -37.00
CA ALA N 162 19.64 26.94 -37.85
C ALA N 162 20.32 28.11 -37.16
N GLY N 163 19.60 28.82 -36.30
CA GLY N 163 20.17 29.99 -35.62
C GLY N 163 21.27 29.65 -34.64
N ARG N 164 21.40 28.37 -34.30
CA ARG N 164 22.52 27.90 -33.46
C ARG N 164 23.86 28.14 -34.13
N GLU N 165 23.89 28.24 -35.46
CA GLU N 165 25.13 28.48 -36.20
C GLU N 165 25.62 29.94 -36.10
N TYR N 166 24.76 30.87 -35.66
CA TYR N 166 25.14 32.28 -35.55
C TYR N 166 26.11 32.40 -34.37
N GLU N 167 27.28 32.96 -34.62
CA GLU N 167 28.33 33.10 -33.59
C GLU N 167 27.92 33.96 -32.42
N ASP N 168 27.29 35.10 -32.70
CA ASP N 168 26.86 36.00 -31.63
C ASP N 168 25.59 35.49 -30.96
N LYS N 169 25.70 35.34 -29.64
CA LYS N 169 24.72 34.62 -28.83
C LYS N 169 23.75 35.55 -28.07
N ARG N 170 23.76 36.84 -28.39
CA ARG N 170 22.81 37.77 -27.73
C ARG N 170 21.34 37.45 -28.01
N PRO N 171 20.98 37.11 -29.26
CA PRO N 171 19.63 36.65 -29.51
C PRO N 171 19.26 35.38 -28.71
N LEU N 172 20.13 34.38 -28.71
CA LEU N 172 19.89 33.21 -27.86
C LEU N 172 19.74 33.64 -26.39
N GLN N 173 20.61 34.51 -25.89
CA GLN N 173 20.56 34.89 -24.47
C GLN N 173 19.25 35.63 -24.12
N ARG N 174 18.73 36.38 -25.09
CA ARG N 174 17.43 37.00 -24.94
C ARG N 174 16.33 35.96 -24.72
N TYR N 175 16.26 34.92 -25.57
CA TYR N 175 15.22 33.92 -25.43
C TYR N 175 15.44 32.96 -24.26
N VAL N 176 16.67 32.73 -23.85
CA VAL N 176 16.94 32.03 -22.60
C VAL N 176 16.33 32.81 -21.41
N ALA N 177 16.66 34.09 -21.31
CA ALA N 177 16.14 34.91 -20.20
C ALA N 177 14.61 34.97 -20.21
N GLU N 178 14.00 35.10 -21.38
CA GLU N 178 12.55 35.21 -21.43
C GLU N 178 11.93 33.84 -21.11
N SER N 179 12.57 32.77 -21.55
CA SER N 179 12.06 31.44 -21.23
C SER N 179 12.18 31.17 -19.75
N LYS N 180 13.28 31.58 -19.14
CA LYS N 180 13.41 31.43 -17.69
C LYS N 180 12.35 32.23 -16.95
N ARG N 181 12.11 33.45 -17.39
CA ARG N 181 11.09 34.30 -16.77
C ARG N 181 9.72 33.64 -16.87
N LEU N 182 9.32 33.15 -18.06
CA LEU N 182 8.07 32.40 -18.18
C LEU N 182 8.00 31.18 -17.27
N LEU N 183 9.08 30.42 -17.21
CA LEU N 183 9.15 29.28 -16.28
C LEU N 183 8.98 29.73 -14.80
N GLY N 184 9.45 30.93 -14.48
CA GLY N 184 9.31 31.47 -13.10
C GLY N 184 7.86 31.81 -12.83
N VAL N 185 7.12 32.18 -13.86
CA VAL N 185 5.69 32.46 -13.70
C VAL N 185 4.97 31.16 -13.39
N LEU N 186 5.27 30.12 -14.17
CA LEU N 186 4.70 28.80 -13.95
C LEU N 186 5.10 28.20 -12.60
N GLU N 187 6.33 28.44 -12.21
CA GLU N 187 6.83 27.98 -10.92
C GLU N 187 6.07 28.56 -9.74
N ALA N 188 5.80 29.87 -9.76
CA ALA N 188 4.99 30.52 -8.70
C ALA N 188 3.51 30.06 -8.75
N ARG N 189 2.93 29.94 -9.94
CA ARG N 189 1.56 29.41 -10.06
C ARG N 189 1.39 27.94 -9.55
N LEU N 190 2.38 27.07 -9.76
CA LEU N 190 2.26 25.65 -9.43
C LEU N 190 2.76 25.35 -8.03
N ASP N 191 3.29 26.35 -7.36
CA ASP N 191 3.63 26.19 -5.90
C ASP N 191 2.36 25.88 -5.12
N GLY N 192 2.17 24.62 -4.73
CA GLY N 192 0.97 24.18 -4.02
C GLY N 192 -0.28 23.88 -4.85
N ARG N 193 -0.13 23.66 -6.15
CA ARG N 193 -1.24 23.26 -7.00
C ARG N 193 -0.88 21.99 -7.71
N GLN N 194 -1.82 21.08 -7.81
CA GLN N 194 -1.60 19.86 -8.58
C GLN N 194 -1.53 20.22 -10.08
N TRP N 195 -2.51 20.98 -10.57
CA TRP N 195 -2.53 21.43 -11.97
C TRP N 195 -2.58 22.94 -12.01
N ILE N 196 -2.53 23.49 -13.23
CA ILE N 196 -2.54 24.93 -13.37
C ILE N 196 -3.79 25.47 -12.72
N MET N 197 -4.91 24.74 -12.84
CA MET N 197 -6.17 25.13 -12.20
C MET N 197 -6.46 24.27 -10.99
N ASP N 198 -5.46 24.13 -10.11
CA ASP N 198 -5.62 23.47 -8.82
C ASP N 198 -5.87 21.97 -9.02
N ALA N 199 -7.02 21.47 -8.54
CA ALA N 199 -7.43 20.08 -8.66
C ALA N 199 -7.99 19.73 -10.07
N ASP N 200 -8.26 20.73 -10.89
CA ASP N 200 -8.77 20.49 -12.27
C ASP N 200 -7.64 20.48 -13.31
N TYR N 201 -7.49 19.34 -13.96
CA TYR N 201 -6.62 19.17 -15.08
C TYR N 201 -7.40 19.65 -16.29
N THR N 202 -6.81 20.58 -17.03
CA THR N 202 -7.50 21.30 -18.09
C THR N 202 -6.68 21.41 -19.33
N ILE N 203 -7.31 21.94 -20.38
CA ILE N 203 -6.65 22.36 -21.59
C ILE N 203 -5.47 23.34 -21.38
N ALA N 204 -5.39 23.99 -20.24
CA ALA N 204 -4.20 24.79 -19.95
C ALA N 204 -2.99 23.88 -19.68
N ASP N 205 -3.17 22.75 -19.00
CA ASP N 205 -2.07 21.80 -18.82
C ASP N 205 -1.77 21.11 -20.14
N ILE N 206 -2.82 20.78 -20.88
CA ILE N 206 -2.65 20.03 -22.14
C ILE N 206 -1.83 20.87 -23.10
N ALA N 207 -2.14 22.16 -23.17
CA ALA N 207 -1.38 23.11 -23.99
C ALA N 207 0.13 23.26 -23.65
N THR N 208 0.46 23.12 -22.37
CA THR N 208 1.75 23.56 -21.85
C THR N 208 2.75 22.42 -21.66
N LEU N 209 2.28 21.23 -21.33
CA LEU N 209 3.16 20.11 -20.99
C LEU N 209 4.15 19.77 -22.09
N GLY N 210 3.66 19.67 -23.33
CA GLY N 210 4.54 19.31 -24.42
C GLY N 210 5.63 20.33 -24.69
N TRP N 211 5.33 21.61 -24.51
CA TRP N 211 6.33 22.66 -24.68
C TRP N 211 7.40 22.55 -23.59
N VAL N 212 6.99 22.28 -22.36
CA VAL N 212 8.03 22.16 -21.31
C VAL N 212 8.92 20.88 -21.51
N ARG N 213 8.29 19.75 -21.79
CA ARG N 213 9.02 18.53 -22.12
C ARG N 213 10.01 18.70 -23.28
N ASN N 214 9.55 19.33 -24.34
CA ASN N 214 10.39 19.58 -25.50
C ASN N 214 11.59 20.47 -25.18
N LEU N 215 11.36 21.50 -24.39
CA LEU N 215 12.41 22.39 -24.00
C LEU N 215 13.56 21.61 -23.35
N ILE N 216 13.22 20.68 -22.49
CA ILE N 216 14.24 20.02 -21.69
C ILE N 216 14.72 18.74 -22.34
N GLY N 217 13.98 18.28 -23.34
CA GLY N 217 14.31 17.04 -24.02
C GLY N 217 14.90 17.41 -25.35
N PHE N 218 14.05 17.40 -26.38
CA PHE N 218 14.49 17.55 -27.75
C PHE N 218 15.34 18.79 -28.00
N TYR N 219 14.93 19.95 -27.46
CA TYR N 219 15.69 21.19 -27.63
C TYR N 219 17.05 21.19 -26.88
N GLY N 220 17.27 20.27 -25.93
CA GLY N 220 18.55 20.21 -25.23
C GLY N 220 18.79 21.44 -24.37
N ALA N 221 17.73 22.03 -23.82
CA ALA N 221 17.87 23.30 -23.13
C ALA N 221 17.71 23.19 -21.60
N ARG N 222 17.74 21.97 -21.07
CA ARG N 222 17.47 21.73 -19.65
C ARG N 222 18.45 22.49 -18.73
N GLU N 223 19.74 22.44 -19.04
CA GLU N 223 20.75 23.15 -18.23
C GLU N 223 20.74 24.64 -18.58
N LEU N 224 20.46 24.95 -19.84
CA LEU N 224 20.43 26.33 -20.31
C LEU N 224 19.46 27.19 -19.50
N VAL N 225 18.27 26.66 -19.21
CA VAL N 225 17.24 27.37 -18.46
C VAL N 225 17.24 27.02 -16.96
N ALA N 226 18.22 26.27 -16.48
CA ALA N 226 18.33 25.91 -15.04
C ALA N 226 17.08 25.19 -14.52
N PHE N 227 16.53 24.31 -15.35
CA PHE N 227 15.30 23.59 -15.03
C PHE N 227 15.33 22.82 -13.71
N ASP N 228 16.43 22.10 -13.48
CA ASP N 228 16.57 21.29 -12.27
C ASP N 228 16.75 22.14 -11.00
N GLU N 229 16.80 23.46 -11.11
CA GLU N 229 16.79 24.32 -9.91
C GLU N 229 15.37 24.66 -9.49
N LEU N 230 14.41 24.39 -10.36
CA LEU N 230 13.00 24.53 -10.02
C LEU N 230 12.49 23.33 -9.26
N THR N 231 11.39 23.53 -8.54
CA THR N 231 10.69 22.47 -7.85
C THR N 231 9.31 22.12 -8.43
N HIS N 232 8.50 23.15 -8.60
CA HIS N 232 7.07 22.98 -8.82
C HIS N 232 6.76 22.67 -10.29
N VAL N 233 7.51 23.24 -11.21
CA VAL N 233 7.31 22.88 -12.63
C VAL N 233 7.74 21.43 -12.93
N PRO N 234 8.92 21.00 -12.41
CA PRO N 234 9.31 19.61 -12.66
C PRO N 234 8.32 18.59 -12.10
N ALA N 235 7.78 18.88 -10.93
CA ALA N 235 6.79 18.03 -10.29
C ALA N 235 5.49 17.93 -11.09
N TRP N 236 5.03 19.06 -11.58
CA TRP N 236 3.83 19.14 -12.41
C TRP N 236 4.07 18.38 -13.71
N LEU N 237 5.24 18.54 -14.31
CA LEU N 237 5.55 17.88 -15.56
C LEU N 237 5.53 16.39 -15.33
N GLU N 238 6.09 15.93 -14.20
CA GLU N 238 6.05 14.51 -13.91
C GLU N 238 4.62 14.01 -13.79
N ARG N 239 3.75 14.77 -13.13
CA ARG N 239 2.35 14.36 -12.96
C ARG N 239 1.65 14.26 -14.32
N GLY N 240 1.90 15.20 -15.20
CA GLY N 240 1.32 15.14 -16.54
C GLY N 240 1.84 13.97 -17.35
N LEU N 241 3.14 13.72 -17.28
CA LEU N 241 3.76 12.62 -18.05
C LEU N 241 3.39 11.23 -17.53
N ALA N 242 2.86 11.17 -16.31
CA ALA N 242 2.26 9.95 -15.73
C ALA N 242 0.87 9.61 -16.31
N ARG N 243 0.23 10.50 -17.05
CA ARG N 243 -1.09 10.21 -17.59
C ARG N 243 -0.93 9.43 -18.87
N PRO N 244 -1.61 8.26 -18.99
CA PRO N 244 -1.55 7.44 -20.22
C PRO N 244 -1.88 8.18 -21.52
N ALA N 245 -2.89 9.04 -21.50
CA ALA N 245 -3.29 9.83 -22.69
C ALA N 245 -2.21 10.79 -23.13
N VAL N 246 -1.46 11.31 -22.16
CA VAL N 246 -0.35 12.18 -22.47
C VAL N 246 0.77 11.35 -23.14
N GLN N 247 1.11 10.21 -22.56
CA GLN N 247 2.16 9.40 -23.17
CA GLN N 247 2.12 9.31 -23.11
C GLN N 247 1.74 8.93 -24.57
N ARG N 248 0.49 8.57 -24.77
CA ARG N 248 0.00 8.24 -26.14
C ARG N 248 0.09 9.42 -27.10
N GLY N 249 -0.47 10.57 -26.71
CA GLY N 249 -0.56 11.76 -27.58
C GLY N 249 0.77 12.35 -28.01
N LEU N 250 1.74 12.34 -27.10
CA LEU N 250 3.08 12.79 -27.43
C LEU N 250 3.73 12.12 -28.65
N GLU N 251 3.26 10.95 -29.07
CA GLU N 251 3.88 10.26 -30.18
C GLU N 251 2.94 10.07 -31.38
N ILE N 252 1.88 10.88 -31.45
CA ILE N 252 0.91 10.75 -32.56
C ILE N 252 0.84 12.05 -33.33
N PRO N 253 0.81 11.99 -34.68
CA PRO N 253 1.06 10.80 -35.50
C PRO N 253 2.54 10.46 -35.48
N LYS N 254 2.88 9.28 -35.96
CA LYS N 254 4.28 8.89 -36.08
C LYS N 254 4.92 9.79 -37.14
N ARG N 255 6.19 10.14 -36.93
CA ARG N 255 6.88 11.07 -37.81
C ARG N 255 7.05 10.44 -39.19
N PRO N 256 6.97 11.24 -40.25
CA PRO N 256 7.04 10.64 -41.58
C PRO N 256 8.48 10.46 -42.05
N LEU O 26 -0.58 20.30 5.08
CA LEU O 26 -1.75 19.69 5.77
C LEU O 26 -2.92 19.37 4.85
N SER O 27 -2.87 19.77 3.59
CA SER O 27 -3.96 19.48 2.64
C SER O 27 -4.10 17.98 2.41
N SER O 28 -3.02 17.24 2.69
CA SER O 28 -3.03 15.77 2.67
C SER O 28 -3.83 15.15 3.83
N PHE O 29 -4.29 15.96 4.80
CA PHE O 29 -5.15 15.47 5.87
C PHE O 29 -6.61 15.85 5.54
N PRO O 30 -7.48 14.86 5.25
CA PRO O 30 -8.81 15.28 4.78
C PRO O 30 -9.67 16.07 5.79
N ILE O 31 -9.33 16.03 7.08
CA ILE O 31 -10.07 16.80 8.04
C ILE O 31 -10.02 18.33 7.78
N THR O 32 -8.90 18.80 7.26
CA THR O 32 -8.75 20.20 6.89
C THR O 32 -9.72 20.64 5.80
N LYS O 33 -10.40 19.71 5.14
CA LYS O 33 -11.37 20.08 4.08
C LYS O 33 -12.64 20.66 4.69
N ARG O 34 -12.97 20.22 5.91
CA ARG O 34 -14.17 20.67 6.61
C ARG O 34 -13.82 21.65 7.76
N TRP O 35 -12.64 21.52 8.36
CA TRP O 35 -12.14 22.52 9.31
C TRP O 35 -10.80 23.10 8.85
N PRO O 36 -10.84 24.06 7.93
CA PRO O 36 -9.56 24.49 7.33
C PRO O 36 -8.68 25.22 8.32
N ALA O 37 -7.37 25.11 8.15
CA ALA O 37 -6.41 25.75 9.04
C ALA O 37 -6.12 27.17 8.58
N GLN O 38 -6.31 28.14 9.48
CA GLN O 38 -5.87 29.53 9.27
C GLN O 38 -4.36 29.69 9.46
N HIS O 39 -3.81 28.93 10.40
CA HIS O 39 -2.39 29.00 10.75
C HIS O 39 -1.81 27.62 10.60
N SER O 40 -1.41 27.26 9.38
CA SER O 40 -0.93 25.91 9.12
C SER O 40 0.43 25.59 9.76
N ASP O 41 1.12 26.59 10.30
CA ASP O 41 2.31 26.41 11.14
C ASP O 41 2.02 26.10 12.62
N ARG O 42 0.75 26.03 12.99
CA ARG O 42 0.37 25.74 14.38
C ARG O 42 -0.34 24.41 14.53
N ILE O 43 -0.16 23.77 15.68
CA ILE O 43 -0.94 22.60 16.03
C ILE O 43 -2.43 22.87 15.87
N GLN O 44 -3.11 21.92 15.22
CA GLN O 44 -4.55 22.00 15.01
C GLN O 44 -5.18 21.10 16.04
N LEU O 45 -6.08 21.67 16.85
CA LEU O 45 -6.86 20.92 17.85
C LEU O 45 -8.30 20.81 17.35
N TYR O 46 -8.81 19.58 17.33
CA TYR O 46 -10.18 19.33 16.94
C TYR O 46 -10.85 18.75 18.17
N SER O 47 -11.72 19.52 18.82
CA SER O 47 -12.16 19.17 20.17
C SER O 47 -13.47 19.89 20.59
N LEU O 48 -13.89 19.62 21.82
CA LEU O 48 -14.91 20.36 22.55
C LEU O 48 -14.41 20.37 24.01
N PRO O 49 -14.91 21.29 24.85
CA PRO O 49 -14.43 21.35 26.24
C PRO O 49 -15.16 20.34 27.13
N THR O 50 -15.08 19.06 26.75
CA THR O 50 -15.51 17.94 27.58
C THR O 50 -14.34 17.45 28.44
N PRO O 51 -14.61 16.56 29.40
CA PRO O 51 -13.54 16.11 30.29
C PRO O 51 -12.37 15.44 29.60
N ASN O 52 -12.58 14.88 28.41
CA ASN O 52 -11.46 14.33 27.63
C ASN O 52 -10.78 15.41 26.77
N GLY O 53 -11.56 16.30 26.21
CA GLY O 53 -11.03 17.38 25.38
C GLY O 53 -10.19 18.39 26.16
N VAL O 54 -10.62 18.72 27.38
CA VAL O 54 -9.92 19.74 28.16
C VAL O 54 -8.54 19.25 28.57
N LYS O 55 -8.34 17.93 28.60
CA LYS O 55 -7.00 17.43 28.91
C LYS O 55 -5.99 18.02 27.97
N VAL O 56 -6.34 18.04 26.67
CA VAL O 56 -5.43 18.46 25.64
C VAL O 56 -5.35 20.01 25.54
N SER O 57 -6.47 20.71 25.67
CA SER O 57 -6.43 22.18 25.59
C SER O 57 -5.67 22.70 26.82
N ILE O 58 -5.87 22.06 27.96
CA ILE O 58 -5.08 22.43 29.15
C ILE O 58 -3.61 22.23 28.92
N MET O 59 -3.24 21.07 28.37
CA MET O 59 -1.84 20.78 28.10
C MET O 59 -1.23 21.81 27.15
N LEU O 60 -1.94 22.12 26.07
CA LEU O 60 -1.48 23.10 25.12
C LEU O 60 -1.30 24.49 25.79
N GLU O 61 -2.26 24.89 26.63
CA GLU O 61 -2.15 26.11 27.42
C GLU O 61 -0.99 26.08 28.41
N GLU O 62 -0.81 24.98 29.12
CA GLU O 62 0.28 24.91 30.12
C GLU O 62 1.64 24.96 29.44
N THR O 63 1.78 24.32 28.28
CA THR O 63 3.07 24.27 27.58
C THR O 63 3.40 25.58 26.86
N GLY O 64 2.40 26.36 26.49
CA GLY O 64 2.62 27.62 25.74
C GLY O 64 2.79 27.38 24.25
N LEU O 65 2.49 26.17 23.77
CA LEU O 65 2.57 25.83 22.36
C LEU O 65 1.52 26.59 21.53
N PRO O 66 1.95 27.21 20.43
CA PRO O 66 0.90 27.86 19.62
C PRO O 66 -0.07 26.81 19.09
N TYR O 67 -1.37 27.10 19.14
CA TYR O 67 -2.35 26.21 18.55
C TYR O 67 -3.61 26.89 18.04
N GLU O 68 -4.31 26.18 17.17
CA GLU O 68 -5.52 26.64 16.52
C GLU O 68 -6.68 25.67 16.83
N PRO O 69 -7.62 26.07 17.71
CA PRO O 69 -8.66 25.12 18.07
C PRO O 69 -9.85 25.19 17.14
N HIS O 70 -10.47 24.05 16.88
CA HIS O 70 -11.74 24.00 16.18
C HIS O 70 -12.73 23.21 17.01
N ALA O 71 -13.91 23.77 17.19
CA ALA O 71 -14.98 23.06 17.84
C ALA O 71 -15.56 22.04 16.86
N ILE O 72 -15.77 20.81 17.32
CA ILE O 72 -16.45 19.79 16.52
C ILE O 72 -17.89 19.65 17.02
N ASP O 73 -18.84 20.01 16.15
CA ASP O 73 -20.26 20.09 16.51
C ASP O 73 -20.93 18.73 16.42
N PHE O 74 -21.00 18.08 17.58
CA PHE O 74 -21.70 16.82 17.80
C PHE O 74 -23.20 16.90 17.61
N GLY O 75 -23.78 18.07 17.90
CA GLY O 75 -25.18 18.33 17.61
C GLY O 75 -25.51 18.14 16.14
N LYS O 76 -24.50 18.28 15.27
CA LYS O 76 -24.65 18.08 13.83
C LYS O 76 -23.96 16.79 13.34
N ASP O 77 -23.55 15.92 14.27
CA ASP O 77 -22.91 14.66 13.90
C ASP O 77 -21.68 14.90 13.01
N HIS O 78 -20.90 15.92 13.34
CA HIS O 78 -19.71 16.27 12.55
C HIS O 78 -18.52 15.33 12.86
N GLN O 79 -18.59 14.71 14.02
CA GLN O 79 -17.63 13.69 14.38
C GLN O 79 -17.88 12.39 13.66
N LYS O 80 -19.00 12.28 12.96
CA LYS O 80 -19.34 11.10 12.17
C LYS O 80 -18.88 11.24 10.72
N THR O 81 -18.42 12.42 10.33
CA THR O 81 -18.19 12.71 8.93
C THR O 81 -16.92 12.01 8.45
N PRO O 82 -16.86 11.69 7.15
CA PRO O 82 -15.66 11.06 6.61
C PRO O 82 -14.41 11.89 6.91
N GLU O 83 -14.56 13.22 6.86
CA GLU O 83 -13.43 14.11 7.08
C GLU O 83 -12.94 13.97 8.52
N PHE O 84 -13.86 13.93 9.49
CA PHE O 84 -13.37 13.78 10.88
C PHE O 84 -12.81 12.39 11.10
N LEU O 85 -13.52 11.38 10.62
CA LEU O 85 -13.08 10.00 10.76
C LEU O 85 -11.73 9.76 10.13
N SER O 86 -11.38 10.55 9.12
CA SER O 86 -10.07 10.38 8.49
C SER O 86 -8.91 10.69 9.46
N LEU O 87 -9.17 11.44 10.52
CA LEU O 87 -8.15 11.68 11.51
C LEU O 87 -8.33 10.75 12.71
N ASN O 88 -9.55 10.66 13.25
CA ASN O 88 -9.82 9.65 14.30
C ASN O 88 -10.90 8.70 13.85
N PRO O 89 -10.52 7.46 13.48
CA PRO O 89 -11.55 6.54 12.97
C PRO O 89 -12.51 6.03 14.07
N ASN O 90 -12.19 6.26 15.34
CA ASN O 90 -13.08 5.98 16.46
C ASN O 90 -14.18 7.07 16.66
N GLY O 91 -14.05 8.23 16.02
CA GLY O 91 -15.15 9.22 16.00
C GLY O 91 -15.28 10.04 17.27
N LYS O 92 -14.16 10.28 17.94
CA LYS O 92 -14.16 10.97 19.23
C LYS O 92 -13.16 12.11 19.27
N ILE O 93 -13.48 13.14 20.03
CA ILE O 93 -12.53 14.20 20.36
C ILE O 93 -11.81 13.82 21.67
N PRO O 94 -10.62 14.40 21.95
CA PRO O 94 -9.82 15.28 21.09
C PRO O 94 -8.90 14.56 20.08
N ALA O 95 -8.55 15.28 19.02
CA ALA O 95 -7.56 14.83 18.04
C ALA O 95 -6.73 16.08 17.67
N ILE O 96 -5.46 15.86 17.30
CA ILE O 96 -4.62 16.95 16.85
C ILE O 96 -3.89 16.60 15.59
N ILE O 97 -3.45 17.62 14.87
CA ILE O 97 -2.40 17.47 13.90
C ILE O 97 -1.30 18.43 14.25
N ASP O 98 -0.07 17.91 14.42
CA ASP O 98 1.10 18.74 14.65
C ASP O 98 1.82 18.88 13.33
N PRO O 99 1.83 20.08 12.75
CA PRO O 99 2.56 20.27 11.48
C PRO O 99 4.06 20.07 11.67
N ASN O 100 4.58 20.32 12.89
CA ASN O 100 6.01 20.15 13.18
C ASN O 100 6.27 18.92 14.02
N GLY O 101 5.86 17.78 13.49
CA GLY O 101 6.07 16.52 14.15
C GLY O 101 7.44 15.98 13.91
N PRO O 102 7.66 14.72 14.25
CA PRO O 102 8.98 14.11 14.11
C PRO O 102 9.42 14.08 12.65
N GLY O 103 10.69 14.36 12.41
CA GLY O 103 11.19 14.48 11.06
C GLY O 103 10.72 15.78 10.45
N ASP O 104 10.18 16.65 11.28
CA ASP O 104 9.59 17.89 10.79
C ASP O 104 8.59 17.60 9.69
N LYS O 105 7.75 16.59 9.91
CA LYS O 105 6.65 16.27 9.04
C LYS O 105 5.41 16.31 9.90
N PRO O 106 4.27 16.57 9.29
CA PRO O 106 3.03 16.64 10.06
C PRO O 106 2.66 15.27 10.66
N LEU O 107 2.12 15.28 11.86
CA LEU O 107 1.66 14.06 12.50
C LEU O 107 0.24 14.25 13.02
N GLY O 108 -0.65 13.34 12.64
CA GLY O 108 -2.00 13.27 13.22
C GLY O 108 -2.04 12.32 14.41
N LEU O 109 -2.73 12.70 15.48
CA LEU O 109 -2.90 11.84 16.63
C LEU O 109 -4.30 11.96 17.22
N PHE O 110 -4.89 10.82 17.57
CA PHE O 110 -6.06 10.81 18.46
C PHE O 110 -5.71 10.11 19.81
N GLU O 111 -6.68 10.05 20.73
CA GLU O 111 -6.53 9.57 22.12
C GLU O 111 -5.81 10.59 22.98
N SER O 112 -6.53 11.16 23.93
CA SER O 112 -6.01 12.20 24.80
C SER O 112 -4.74 11.70 25.48
N GLY O 113 -4.68 10.40 25.79
CA GLY O 113 -3.52 9.80 26.45
C GLY O 113 -2.25 9.81 25.62
N ALA O 114 -2.36 9.40 24.36
CA ALA O 114 -1.24 9.42 23.46
C ALA O 114 -0.83 10.86 23.21
N ILE O 115 -1.83 11.74 23.06
CA ILE O 115 -1.60 13.17 22.81
C ILE O 115 -0.85 13.82 23.99
N LEU O 116 -1.24 13.52 25.21
CA LEU O 116 -0.52 14.04 26.38
C LEU O 116 0.92 13.60 26.43
N GLN O 117 1.19 12.31 26.26
CA GLN O 117 2.55 11.77 26.27
CA GLN O 117 2.58 11.85 26.32
C GLN O 117 3.39 12.47 25.18
N TYR O 118 2.84 12.52 23.97
CA TYR O 118 3.48 13.18 22.85
C TYR O 118 3.85 14.66 23.12
N LEU O 119 2.90 15.45 23.60
CA LEU O 119 3.19 16.88 23.90
C LEU O 119 4.20 17.05 25.05
N ALA O 120 4.15 16.16 26.05
CA ALA O 120 5.10 16.24 27.17
C ALA O 120 6.52 15.98 26.65
N GLU O 121 6.68 14.98 25.80
CA GLU O 121 7.99 14.68 25.20
C GLU O 121 8.44 15.72 24.19
N LYS O 122 7.50 16.24 23.39
CA LYS O 122 7.83 17.34 22.48
C LYS O 122 8.42 18.55 23.20
N THR O 123 7.82 18.92 24.33
CA THR O 123 8.19 20.14 25.03
C THR O 123 9.20 19.90 26.14
N GLY O 124 9.35 18.66 26.59
CA GLY O 124 10.18 18.35 27.77
C GLY O 124 9.56 18.88 29.06
N GLN O 125 8.24 19.05 29.06
CA GLN O 125 7.53 19.61 30.21
C GLN O 125 6.44 18.65 30.72
N PHE O 126 6.21 18.67 32.04
CA PHE O 126 5.06 18.00 32.69
C PHE O 126 5.19 16.47 32.70
N LEU O 127 6.44 16.02 32.62
CA LEU O 127 6.85 14.65 32.92
C LEU O 127 8.16 14.78 33.65
N PRO O 128 8.31 14.13 34.82
CA PRO O 128 9.58 14.24 35.55
C PRO O 128 10.78 13.75 34.72
N ALA O 129 11.96 14.23 35.09
CA ALA O 129 13.20 13.93 34.37
C ALA O 129 13.67 12.53 34.71
N ASP O 130 13.75 12.24 36.01
CA ASP O 130 14.08 10.92 36.52
C ASP O 130 13.30 9.79 35.79
N PRO O 131 14.02 8.83 35.18
CA PRO O 131 13.31 7.79 34.42
C PRO O 131 12.30 6.95 35.23
N ALA O 132 12.64 6.59 36.46
CA ALA O 132 11.70 5.85 37.33
C ALA O 132 10.41 6.62 37.61
N ARG O 133 10.53 7.91 37.86
CA ARG O 133 9.39 8.74 38.16
C ARG O 133 8.59 9.07 36.91
N ARG O 134 9.26 9.05 35.78
CA ARG O 134 8.54 9.15 34.51
C ARG O 134 7.62 7.95 34.33
N TRP O 135 8.14 6.73 34.52
CA TRP O 135 7.31 5.53 34.41
C TRP O 135 6.16 5.56 35.40
N GLN O 136 6.45 5.94 36.65
CA GLN O 136 5.42 6.08 37.68
C GLN O 136 4.32 7.04 37.24
N THR O 137 4.72 8.15 36.62
CA THR O 137 3.78 9.12 36.14
C THR O 137 2.84 8.53 35.11
N LEU O 138 3.39 7.73 34.19
CA LEU O 138 2.56 7.09 33.14
C LEU O 138 1.63 6.05 33.75
N GLN O 139 2.02 5.51 34.90
CA GLN O 139 1.17 4.63 35.66
C GLN O 139 -0.13 5.36 36.02
N TRP O 140 0.01 6.54 36.63
CA TRP O 140 -1.14 7.28 37.06
C TRP O 140 -1.94 7.81 35.87
N LEU O 141 -1.24 8.08 34.78
CA LEU O 141 -1.91 8.50 33.55
C LEU O 141 -2.84 7.39 33.08
N HIS O 142 -2.31 6.16 33.03
CA HIS O 142 -3.11 5.02 32.61
C HIS O 142 -4.29 4.74 33.54
N PHE O 143 -4.07 4.98 34.84
CA PHE O 143 -5.11 4.84 35.83
C PHE O 143 -6.27 5.72 35.51
N GLN O 144 -5.98 6.96 35.12
CA GLN O 144 -7.04 7.87 34.72
C GLN O 144 -7.72 7.39 33.45
N MET O 145 -6.93 6.96 32.49
CA MET O 145 -7.46 6.58 31.16
C MET O 145 -8.30 5.32 31.16
N GLY O 146 -7.92 4.34 31.96
CA GLY O 146 -8.65 3.08 32.01
C GLY O 146 -9.72 3.01 33.09
N GLY O 147 -9.63 3.89 34.09
CA GLY O 147 -10.44 3.80 35.29
C GLY O 147 -11.32 5.02 35.46
N ILE O 148 -10.70 6.16 35.66
CA ILE O 148 -11.46 7.39 36.00
C ILE O 148 -12.39 7.78 34.89
N GLY O 149 -11.84 8.03 33.72
CA GLY O 149 -12.66 8.47 32.59
C GLY O 149 -13.85 7.55 32.32
N PRO O 150 -13.59 6.24 32.04
CA PRO O 150 -14.66 5.31 31.71
C PRO O 150 -15.69 5.11 32.82
N MET O 151 -15.24 4.99 34.08
CA MET O 151 -16.18 4.79 35.15
C MET O 151 -17.03 6.05 35.50
N PHE O 152 -16.41 7.22 35.58
CA PHE O 152 -17.14 8.45 35.81
C PHE O 152 -18.14 8.63 34.66
N GLY O 153 -17.74 8.23 33.45
CA GLY O 153 -18.60 8.37 32.26
C GLY O 153 -19.84 7.52 32.39
N GLN O 154 -19.70 6.30 32.90
CA GLN O 154 -20.88 5.42 33.06
C GLN O 154 -21.84 5.93 34.13
N LEU O 155 -21.28 6.43 35.25
CA LEU O 155 -22.05 7.12 36.26
C LEU O 155 -22.90 8.21 35.61
N GLY O 156 -22.28 9.00 34.75
CA GLY O 156 -22.97 10.10 34.08
C GLY O 156 -24.08 9.53 33.22
N PHE O 157 -23.82 8.41 32.54
CA PHE O 157 -24.87 7.84 31.68
C PHE O 157 -26.13 7.47 32.51
N PHE O 158 -25.91 6.79 33.63
CA PHE O 158 -27.01 6.28 34.49
C PHE O 158 -27.59 7.32 35.46
N HIS O 159 -26.89 8.42 35.69
CA HIS O 159 -27.35 9.47 36.58
C HIS O 159 -27.90 10.71 35.86
N LYS O 160 -27.22 11.15 34.81
CA LYS O 160 -27.57 12.39 34.14
C LYS O 160 -28.24 12.17 32.76
N PHE O 161 -27.77 11.18 32.01
CA PHE O 161 -28.19 11.02 30.60
C PHE O 161 -29.26 9.98 30.46
N ALA O 162 -29.35 9.31 29.31
CA ALA O 162 -30.53 8.50 28.97
C ALA O 162 -30.77 7.40 29.99
N GLY O 163 -29.67 6.81 30.50
CA GLY O 163 -29.71 5.74 31.50
C GLY O 163 -30.46 6.08 32.79
N ARG O 164 -30.62 7.37 33.08
CA ARG O 164 -31.37 7.80 34.26
C ARG O 164 -32.83 7.38 34.20
N GLU O 165 -33.38 7.19 33.00
CA GLU O 165 -34.77 6.76 32.83
C GLU O 165 -34.99 5.28 33.16
N TYR O 166 -33.91 4.51 33.34
CA TYR O 166 -34.04 3.09 33.58
C TYR O 166 -34.47 2.90 35.05
N GLU O 167 -35.48 2.07 35.26
CA GLU O 167 -36.04 1.84 36.59
C GLU O 167 -35.10 1.04 37.50
N ASP O 168 -34.36 0.09 36.93
CA ASP O 168 -33.47 -0.75 37.72
C ASP O 168 -32.25 0.08 38.07
N LYS O 169 -32.06 0.41 39.35
CA LYS O 169 -30.98 1.31 39.72
C LYS O 169 -29.68 0.59 40.10
N ARG O 170 -29.62 -0.72 39.89
CA ARG O 170 -28.37 -1.42 40.18
C ARG O 170 -27.23 -1.00 39.27
N PRO O 171 -27.49 -0.78 37.96
CA PRO O 171 -26.33 -0.22 37.21
C PRO O 171 -25.81 1.09 37.81
N LEU O 172 -26.70 2.03 38.12
CA LEU O 172 -26.27 3.26 38.75
C LEU O 172 -25.47 2.99 40.07
N GLN O 173 -26.00 2.17 40.95
CA GLN O 173 -25.31 1.80 42.19
C GLN O 173 -23.89 1.27 41.93
N ARG O 174 -23.74 0.48 40.88
CA ARG O 174 -22.43 -0.05 40.52
C ARG O 174 -21.42 1.06 40.19
N TYR O 175 -21.78 2.01 39.35
CA TYR O 175 -20.83 3.05 38.93
C TYR O 175 -20.62 4.12 40.01
N VAL O 176 -21.63 4.31 40.86
CA VAL O 176 -21.45 5.13 42.05
C VAL O 176 -20.39 4.51 42.96
N ALA O 177 -20.56 3.24 43.27
CA ALA O 177 -19.59 2.55 44.12
C ALA O 177 -18.18 2.55 43.48
N GLU O 178 -18.08 2.35 42.17
CA GLU O 178 -16.74 2.31 41.55
C GLU O 178 -16.09 3.71 41.51
N SER O 179 -16.89 4.72 41.25
CA SER O 179 -16.38 6.09 41.19
C SER O 179 -15.88 6.53 42.57
N LYS O 180 -16.63 6.19 43.62
CA LYS O 180 -16.22 6.46 45.00
C LYS O 180 -14.96 5.73 45.31
N ARG O 181 -14.81 4.52 44.76
CA ARG O 181 -13.64 3.68 45.08
C ARG O 181 -12.42 4.29 44.42
N LEU O 182 -12.59 4.74 43.17
CA LEU O 182 -11.52 5.47 42.46
C LEU O 182 -11.14 6.76 43.14
N LEU O 183 -12.12 7.54 43.57
CA LEU O 183 -11.84 8.73 44.35
C LEU O 183 -11.03 8.40 45.65
N GLY O 184 -11.31 7.24 46.26
CA GLY O 184 -10.54 6.80 47.45
C GLY O 184 -9.08 6.43 47.19
N VAL O 185 -8.79 5.94 46.01
CA VAL O 185 -7.41 5.70 45.62
C VAL O 185 -6.70 7.08 45.47
N LEU O 186 -7.36 8.02 44.81
CA LEU O 186 -6.81 9.37 44.67
C LEU O 186 -6.65 10.06 45.99
N GLU O 187 -7.59 9.84 46.92
CA GLU O 187 -7.57 10.48 48.22
C GLU O 187 -6.35 10.00 49.02
N ALA O 188 -6.11 8.69 49.00
CA ALA O 188 -4.95 8.10 49.70
C ALA O 188 -3.63 8.53 49.08
N ARG O 189 -3.56 8.57 47.76
CA ARG O 189 -2.39 9.08 47.04
C ARG O 189 -2.09 10.57 47.34
N LEU O 190 -3.11 11.42 47.44
CA LEU O 190 -2.90 12.85 47.54
C LEU O 190 -2.67 13.27 48.98
N ASP O 191 -2.85 12.34 49.90
CA ASP O 191 -2.63 12.59 51.31
C ASP O 191 -1.16 12.94 51.47
N GLY O 192 -0.87 14.21 51.74
CA GLY O 192 0.51 14.69 51.93
C GLY O 192 1.26 15.05 50.65
N ARG O 193 0.56 15.09 49.52
CA ARG O 193 1.17 15.52 48.26
C ARG O 193 0.44 16.71 47.66
N GLN O 194 1.20 17.57 46.99
CA GLN O 194 0.65 18.69 46.29
C GLN O 194 -0.07 18.21 44.99
N TRP O 195 0.59 17.36 44.23
CA TRP O 195 0.06 16.85 42.96
C TRP O 195 0.23 15.33 43.02
N ILE O 196 -0.22 14.66 41.96
CA ILE O 196 -0.20 13.21 41.97
C ILE O 196 1.25 12.68 42.12
N MET O 197 2.20 13.34 41.45
CA MET O 197 3.63 13.08 41.58
C MET O 197 4.35 14.07 42.49
N ASP O 198 3.75 14.29 43.67
CA ASP O 198 4.38 15.06 44.77
C ASP O 198 4.55 16.54 44.40
N ALA O 199 5.78 17.01 44.26
CA ALA O 199 6.02 18.42 43.90
C ALA O 199 5.89 18.72 42.41
N ASP O 200 5.87 17.67 41.59
CA ASP O 200 5.85 17.82 40.15
C ASP O 200 4.41 17.77 39.66
N TYR O 201 3.95 18.88 39.13
CA TYR O 201 2.69 18.92 38.40
C TYR O 201 2.94 18.28 37.04
N THR O 202 2.17 17.27 36.70
CA THR O 202 2.46 16.47 35.51
C THR O 202 1.20 16.23 34.68
N ILE O 203 1.40 15.54 33.56
CA ILE O 203 0.29 15.10 32.72
C ILE O 203 -0.70 14.16 33.42
N ALA O 204 -0.34 13.59 34.58
CA ALA O 204 -1.31 12.86 35.38
C ALA O 204 -2.38 13.79 35.97
N ASP O 205 -1.96 14.93 36.54
CA ASP O 205 -2.92 15.90 37.05
C ASP O 205 -3.77 16.44 35.89
N ILE O 206 -3.12 16.77 34.80
CA ILE O 206 -3.81 17.41 33.65
C ILE O 206 -4.90 16.50 33.11
N ALA O 207 -4.63 15.20 33.04
CA ALA O 207 -5.60 14.20 32.57
C ALA O 207 -6.78 14.01 33.53
N THR O 208 -6.57 14.26 34.82
CA THR O 208 -7.54 13.88 35.83
C THR O 208 -8.42 15.03 36.36
N LEU O 209 -7.89 16.25 36.38
CA LEU O 209 -8.60 17.39 36.99
C LEU O 209 -9.96 17.61 36.39
N GLY O 210 -10.02 17.56 35.06
CA GLY O 210 -11.25 17.84 34.35
C GLY O 210 -12.37 16.87 34.65
N TRP O 211 -12.03 15.60 34.82
CA TRP O 211 -13.03 14.56 35.09
C TRP O 211 -13.61 14.73 36.48
N VAL O 212 -12.78 15.07 37.46
CA VAL O 212 -13.28 15.24 38.82
C VAL O 212 -14.17 16.48 38.90
N ARG O 213 -13.73 17.59 38.31
CA ARG O 213 -14.56 18.80 38.20
C ARG O 213 -15.92 18.49 37.53
N ASN O 214 -15.89 17.72 36.47
CA ASN O 214 -17.10 17.42 35.73
C ASN O 214 -18.05 16.52 36.54
N LEU O 215 -17.48 15.60 37.29
CA LEU O 215 -18.26 14.70 38.11
C LEU O 215 -19.11 15.46 39.13
N ILE O 216 -18.49 16.46 39.76
CA ILE O 216 -19.12 17.21 40.83
C ILE O 216 -19.80 18.48 40.34
N GLY O 217 -19.57 18.84 39.08
CA GLY O 217 -20.25 20.00 38.48
C GLY O 217 -21.33 19.55 37.51
N PHE O 218 -20.97 19.46 36.24
CA PHE O 218 -21.94 19.17 35.17
C PHE O 218 -22.75 17.90 35.43
N TYR O 219 -22.09 16.85 35.87
CA TYR O 219 -22.80 15.59 36.16
C TYR O 219 -23.75 15.67 37.38
N GLY O 220 -23.57 16.65 38.26
CA GLY O 220 -24.45 16.81 39.41
C GLY O 220 -24.31 15.70 40.45
N ALA O 221 -23.09 15.19 40.62
CA ALA O 221 -22.90 14.00 41.43
C ALA O 221 -22.08 14.23 42.72
N ARG O 222 -21.88 15.47 43.10
CA ARG O 222 -21.05 15.77 44.28
C ARG O 222 -21.54 15.00 45.53
N GLU O 223 -22.85 15.03 45.78
CA GLU O 223 -23.46 14.37 46.95
C GLU O 223 -23.54 12.85 46.74
N LEU O 224 -23.91 12.46 45.52
CA LEU O 224 -23.95 11.07 45.14
C LEU O 224 -22.66 10.30 45.50
N VAL O 225 -21.49 10.89 45.23
CA VAL O 225 -20.22 10.23 45.56
C VAL O 225 -19.58 10.70 46.90
N ALA O 226 -20.32 11.47 47.70
CA ALA O 226 -19.86 11.95 49.03
C ALA O 226 -18.55 12.76 48.99
N PHE O 227 -18.40 13.59 47.96
CA PHE O 227 -17.17 14.34 47.69
C PHE O 227 -16.70 15.22 48.85
N ASP O 228 -17.63 15.88 49.52
CA ASP O 228 -17.27 16.81 50.59
C ASP O 228 -16.87 16.10 51.90
N GLU O 229 -16.97 14.77 51.91
CA GLU O 229 -16.42 13.97 53.00
C GLU O 229 -14.92 13.77 52.80
N LEU O 230 -14.44 14.05 51.59
CA LEU O 230 -13.00 13.92 51.27
C LEU O 230 -12.28 15.21 51.65
N THR O 231 -10.95 15.11 51.83
CA THR O 231 -10.11 16.26 52.11
C THR O 231 -9.02 16.54 51.07
N HIS O 232 -8.32 15.50 50.65
CA HIS O 232 -7.12 15.64 49.88
C HIS O 232 -7.46 15.83 48.39
N VAL O 233 -8.45 15.11 47.89
CA VAL O 233 -8.86 15.33 46.47
C VAL O 233 -9.50 16.72 46.28
N PRO O 234 -10.41 17.14 47.19
CA PRO O 234 -10.91 18.52 47.06
C PRO O 234 -9.83 19.62 47.10
N ALA O 235 -8.82 19.49 47.95
CA ALA O 235 -7.72 20.48 47.99
C ALA O 235 -6.89 20.46 46.70
N TRP O 236 -6.59 19.28 46.23
CA TRP O 236 -5.85 19.09 44.98
C TRP O 236 -6.63 19.75 43.86
N LEU O 237 -7.94 19.55 43.83
CA LEU O 237 -8.74 20.09 42.74
C LEU O 237 -8.67 21.62 42.76
N GLU O 238 -8.73 22.20 43.97
CA GLU O 238 -8.65 23.65 44.11
C GLU O 238 -7.29 24.21 43.68
N ARG O 239 -6.19 23.52 44.01
CA ARG O 239 -4.85 23.88 43.51
C ARG O 239 -4.80 23.84 41.97
N GLY O 240 -5.36 22.79 41.40
CA GLY O 240 -5.34 22.66 39.94
C GLY O 240 -6.13 23.78 39.28
N LEU O 241 -7.31 24.05 39.82
CA LEU O 241 -8.20 25.05 39.26
C LEU O 241 -7.70 26.47 39.44
N ALA O 242 -6.75 26.67 40.36
CA ALA O 242 -6.15 27.96 40.59
C ALA O 242 -5.15 28.35 39.46
N ARG O 243 -4.72 27.36 38.69
CA ARG O 243 -3.70 27.56 37.66
C ARG O 243 -4.35 28.22 36.45
N PRO O 244 -3.78 29.35 36.00
CA PRO O 244 -4.39 30.06 34.87
C PRO O 244 -4.54 29.23 33.60
N ALA O 245 -3.59 28.35 33.34
CA ALA O 245 -3.66 27.55 32.10
C ALA O 245 -4.86 26.59 32.14
N VAL O 246 -5.13 26.07 33.34
CA VAL O 246 -6.33 25.24 33.58
C VAL O 246 -7.60 26.07 33.32
N GLN O 247 -7.67 27.26 33.89
CA GLN O 247 -8.82 28.13 33.73
C GLN O 247 -9.06 28.37 32.24
N ARG O 248 -7.99 28.58 31.46
CA ARG O 248 -8.13 28.85 30.03
C ARG O 248 -8.61 27.64 29.26
N GLY O 249 -7.95 26.52 29.54
CA GLY O 249 -8.12 25.30 28.79
C GLY O 249 -9.48 24.68 28.98
N LEU O 250 -10.07 24.88 30.15
CA LEU O 250 -11.42 24.38 30.43
C LEU O 250 -12.49 24.92 29.49
N GLU O 251 -12.23 26.06 28.84
CA GLU O 251 -13.25 26.69 27.99
C GLU O 251 -12.85 26.76 26.52
N ILE O 252 -11.94 25.88 26.12
CA ILE O 252 -11.42 25.89 24.78
C ILE O 252 -11.56 24.50 24.17
N PRO O 253 -12.11 24.41 22.95
CA PRO O 253 -12.68 25.51 22.19
C PRO O 253 -13.99 25.99 22.81
N LYS O 254 -14.46 27.15 22.37
CA LYS O 254 -15.80 27.63 22.74
C LYS O 254 -16.86 26.75 22.07
N ARG O 255 -17.97 26.54 22.78
CA ARG O 255 -18.99 25.57 22.34
C ARG O 255 -19.74 26.08 21.10
N PRO O 256 -20.01 25.19 20.13
CA PRO O 256 -20.75 25.59 18.92
C PRO O 256 -22.25 25.66 19.17
N ASP P 25 17.37 -5.15 48.78
CA ASP P 25 16.62 -4.09 48.04
C ASP P 25 15.21 -4.54 47.69
N LEU P 26 15.03 -5.81 47.34
CA LEU P 26 13.70 -6.32 46.99
C LEU P 26 12.80 -6.44 48.24
N SER P 27 13.43 -6.62 49.40
CA SER P 27 12.72 -6.69 50.68
C SER P 27 12.14 -5.36 51.17
N SER P 28 12.55 -4.25 50.58
CA SER P 28 11.88 -2.98 50.87
C SER P 28 10.45 -2.94 50.27
N PHE P 29 10.12 -3.87 49.38
CA PHE P 29 8.76 -3.96 48.82
C PHE P 29 7.88 -4.92 49.63
N PRO P 30 6.89 -4.39 50.37
CA PRO P 30 6.12 -5.25 51.27
C PRO P 30 5.34 -6.38 50.60
N ILE P 31 5.04 -6.25 49.32
CA ILE P 31 4.34 -7.34 48.65
C ILE P 31 5.14 -8.65 48.72
N THR P 32 6.47 -8.54 48.75
CA THR P 32 7.33 -9.74 48.86
C THR P 32 7.20 -10.46 50.21
N LYS P 33 6.53 -9.85 51.18
CA LYS P 33 6.23 -10.54 52.44
C LYS P 33 5.20 -11.65 52.22
N ARG P 34 4.29 -11.47 51.27
CA ARG P 34 3.20 -12.41 51.04
C ARG P 34 3.43 -13.28 49.81
N TRP P 35 4.08 -12.75 48.78
CA TRP P 35 4.56 -13.54 47.64
C TRP P 35 6.08 -13.42 47.51
N PRO P 36 6.83 -14.17 48.35
CA PRO P 36 8.28 -14.11 48.29
C PRO P 36 8.81 -14.44 46.91
N ALA P 37 9.96 -13.86 46.60
CA ALA P 37 10.67 -14.11 45.34
C ALA P 37 11.66 -15.24 45.54
N GLN P 38 11.47 -16.33 44.81
CA GLN P 38 12.50 -17.39 44.73
C GLN P 38 13.70 -16.89 43.95
N HIS P 39 13.48 -16.01 42.99
CA HIS P 39 14.53 -15.48 42.10
C HIS P 39 14.47 -13.96 42.14
N SER P 40 15.15 -13.36 43.11
CA SER P 40 15.13 -11.91 43.27
C SER P 40 15.94 -11.17 42.19
N ASP P 41 16.55 -11.90 41.28
CA ASP P 41 17.26 -11.30 40.15
C ASP P 41 16.37 -11.20 38.90
N ARG P 42 15.13 -11.68 38.99
CA ARG P 42 14.21 -11.66 37.84
C ARG P 42 12.98 -10.82 38.15
N ILE P 43 12.32 -10.35 37.10
CA ILE P 43 11.07 -9.58 37.22
C ILE P 43 9.98 -10.38 37.92
N GLN P 44 9.37 -9.78 38.95
CA GLN P 44 8.26 -10.39 39.66
C GLN P 44 6.96 -9.94 39.01
N LEU P 45 6.12 -10.90 38.66
CA LEU P 45 4.82 -10.65 38.07
C LEU P 45 3.73 -11.09 39.02
N TYR P 46 2.86 -10.14 39.36
CA TYR P 46 1.74 -10.42 40.27
C TYR P 46 0.50 -10.30 39.40
N SER P 47 -0.10 -11.44 39.07
CA SER P 47 -1.13 -11.44 38.06
C SER P 47 -2.07 -12.64 38.15
N LEU P 48 -2.96 -12.71 37.16
CA LEU P 48 -3.85 -13.82 36.90
C LEU P 48 -4.06 -13.77 35.41
N PRO P 49 -4.40 -14.89 34.78
CA PRO P 49 -4.50 -14.95 33.33
C PRO P 49 -5.84 -14.43 32.86
N THR P 50 -6.14 -13.18 33.24
CA THR P 50 -7.33 -12.47 32.79
C THR P 50 -6.92 -11.60 31.61
N PRO P 51 -7.89 -10.99 30.91
CA PRO P 51 -7.55 -10.14 29.76
C PRO P 51 -6.56 -9.02 30.06
N ASN P 52 -6.56 -8.45 31.27
CA ASN P 52 -5.51 -7.46 31.58
C ASN P 52 -4.19 -8.12 32.00
N GLY P 53 -4.28 -9.21 32.74
CA GLY P 53 -3.09 -9.91 33.16
C GLY P 53 -2.30 -10.52 32.01
N VAL P 54 -2.98 -11.08 31.00
CA VAL P 54 -2.23 -11.75 29.91
C VAL P 54 -1.46 -10.78 29.01
N LYS P 55 -1.84 -9.51 29.00
CA LYS P 55 -1.07 -8.53 28.26
C LYS P 55 0.38 -8.63 28.70
N VAL P 56 0.60 -8.68 30.00
CA VAL P 56 1.96 -8.58 30.53
C VAL P 56 2.72 -9.89 30.46
N SER P 57 2.07 -11.00 30.80
CA SER P 57 2.70 -12.31 30.62
C SER P 57 3.00 -12.55 29.12
N ILE P 58 2.09 -12.20 28.22
CA ILE P 58 2.43 -12.33 26.79
C ILE P 58 3.64 -11.45 26.44
N MET P 59 3.63 -10.20 26.90
CA MET P 59 4.77 -9.33 26.63
C MET P 59 6.07 -9.93 27.17
N LEU P 60 6.04 -10.47 28.38
CA LEU P 60 7.26 -11.03 28.96
C LEU P 60 7.68 -12.29 28.19
N GLU P 61 6.71 -13.05 27.71
CA GLU P 61 7.02 -14.20 26.88
C GLU P 61 7.59 -13.79 25.51
N GLU P 62 7.05 -12.73 24.91
CA GLU P 62 7.52 -12.31 23.57
C GLU P 62 8.96 -11.81 23.64
N THR P 63 9.27 -11.12 24.74
CA THR P 63 10.60 -10.56 24.93
C THR P 63 11.63 -11.59 25.35
N GLY P 64 11.20 -12.66 26.00
CA GLY P 64 12.15 -13.63 26.52
C GLY P 64 12.77 -13.22 27.87
N LEU P 65 12.27 -12.15 28.48
CA LEU P 65 12.83 -11.72 29.77
C LEU P 65 12.60 -12.74 30.90
N PRO P 66 13.66 -13.10 31.65
CA PRO P 66 13.41 -13.95 32.80
C PRO P 66 12.38 -13.33 33.74
N TYR P 67 11.40 -14.12 34.20
CA TYR P 67 10.47 -13.63 35.21
C TYR P 67 9.90 -14.73 36.07
N GLU P 68 9.31 -14.33 37.20
CA GLU P 68 8.77 -15.24 38.19
C GLU P 68 7.31 -14.88 38.43
N PRO P 69 6.36 -15.69 37.89
CA PRO P 69 4.94 -15.36 38.04
C PRO P 69 4.36 -15.82 39.38
N HIS P 70 3.45 -15.02 39.91
CA HIS P 70 2.77 -15.30 41.15
C HIS P 70 1.30 -15.06 40.92
N ALA P 71 0.49 -16.09 41.18
CA ALA P 71 -0.94 -15.98 41.15
C ALA P 71 -1.46 -15.21 42.39
N ILE P 72 -2.34 -14.25 42.13
CA ILE P 72 -2.98 -13.51 43.19
C ILE P 72 -4.41 -14.06 43.33
N ASP P 73 -4.69 -14.68 44.48
CA ASP P 73 -5.99 -15.32 44.76
C ASP P 73 -7.07 -14.29 45.19
N PHE P 74 -7.91 -13.93 44.23
CA PHE P 74 -9.02 -13.02 44.48
C PHE P 74 -10.12 -13.70 45.27
N GLY P 75 -10.21 -15.02 45.14
CA GLY P 75 -11.10 -15.83 45.95
C GLY P 75 -10.92 -15.56 47.42
N LYS P 76 -9.65 -15.38 47.83
CA LYS P 76 -9.30 -15.04 49.22
C LYS P 76 -9.18 -13.53 49.45
N ASP P 77 -9.60 -12.72 48.48
CA ASP P 77 -9.40 -11.27 48.56
C ASP P 77 -7.92 -10.83 48.77
N HIS P 78 -6.94 -11.51 48.15
CA HIS P 78 -5.55 -11.17 48.45
C HIS P 78 -5.13 -9.83 47.81
N GLN P 79 -5.83 -9.44 46.76
CA GLN P 79 -5.61 -8.13 46.12
C GLN P 79 -5.96 -6.95 47.03
N LYS P 80 -6.68 -7.20 48.11
CA LYS P 80 -7.02 -6.15 49.07
C LYS P 80 -6.17 -6.20 50.35
N THR P 81 -5.14 -7.05 50.36
CA THR P 81 -4.24 -7.13 51.53
C THR P 81 -3.33 -5.89 51.53
N PRO P 82 -2.86 -5.45 52.72
CA PRO P 82 -1.87 -4.36 52.77
C PRO P 82 -0.64 -4.61 51.88
N GLU P 83 -0.22 -5.87 51.82
CA GLU P 83 0.95 -6.26 51.07
C GLU P 83 0.74 -5.98 49.58
N PHE P 84 -0.36 -6.46 49.03
CA PHE P 84 -0.61 -6.19 47.61
C PHE P 84 -0.80 -4.70 47.32
N LEU P 85 -1.54 -4.02 48.19
CA LEU P 85 -1.89 -2.63 47.95
C LEU P 85 -0.67 -1.72 48.00
N SER P 86 0.40 -2.19 48.67
CA SER P 86 1.63 -1.44 48.75
C SER P 86 2.29 -1.36 47.39
N LEU P 87 1.88 -2.23 46.46
CA LEU P 87 2.39 -2.18 45.10
C LEU P 87 1.40 -1.57 44.14
N ASN P 88 0.17 -2.07 44.16
CA ASN P 88 -0.91 -1.41 43.44
C ASN P 88 -2.01 -0.95 44.41
N PRO P 89 -2.07 0.35 44.69
CA PRO P 89 -3.10 0.79 45.64
C PRO P 89 -4.49 0.85 45.01
N ASN P 90 -4.56 0.60 43.70
CA ASN P 90 -5.83 0.37 43.06
C ASN P 90 -6.35 -1.05 43.27
N GLY P 91 -5.52 -1.95 43.81
CA GLY P 91 -5.95 -3.31 44.16
C GLY P 91 -6.30 -4.19 42.96
N LYS P 92 -5.58 -4.03 41.86
CA LYS P 92 -5.86 -4.81 40.64
C LYS P 92 -4.58 -5.41 40.09
N ILE P 93 -4.73 -6.49 39.33
CA ILE P 93 -3.60 -7.09 38.57
C ILE P 93 -3.68 -6.59 37.14
N PRO P 94 -2.58 -6.64 36.39
CA PRO P 94 -1.23 -7.04 36.78
C PRO P 94 -0.39 -5.94 37.39
N ALA P 95 0.60 -6.35 38.16
CA ALA P 95 1.63 -5.47 38.63
C ALA P 95 2.95 -6.21 38.55
N ILE P 96 4.05 -5.49 38.35
CA ILE P 96 5.38 -6.06 38.37
C ILE P 96 6.33 -5.30 39.29
N ILE P 97 7.39 -5.98 39.68
CA ILE P 97 8.58 -5.32 40.18
C ILE P 97 9.77 -5.78 39.35
N ASP P 98 10.49 -4.82 38.77
CA ASP P 98 11.70 -5.16 38.02
C ASP P 98 12.86 -4.88 38.97
N PRO P 99 13.57 -5.92 39.42
CA PRO P 99 14.67 -5.68 40.35
C PRO P 99 15.80 -4.88 39.68
N ASN P 100 15.88 -5.00 38.35
CA ASN P 100 16.92 -4.33 37.56
C ASN P 100 16.32 -3.21 36.75
N GLY P 101 15.70 -2.25 37.44
CA GLY P 101 15.06 -1.11 36.78
C GLY P 101 16.05 0.00 36.44
N PRO P 102 15.54 1.20 36.21
CA PRO P 102 16.42 2.32 35.89
C PRO P 102 17.40 2.56 37.02
N GLY P 103 18.66 2.78 36.67
CA GLY P 103 19.70 3.00 37.65
C GLY P 103 20.10 1.73 38.37
N ASP P 104 19.68 0.60 37.82
CA ASP P 104 19.87 -0.69 38.49
C ASP P 104 19.37 -0.64 39.92
N LYS P 105 18.17 -0.10 40.07
CA LYS P 105 17.45 -0.07 41.32
C LYS P 105 16.11 -0.69 40.99
N PRO P 106 15.50 -1.37 41.95
CA PRO P 106 14.17 -1.94 41.70
C PRO P 106 13.07 -0.89 41.36
N LEU P 107 12.20 -1.24 40.42
CA LEU P 107 11.10 -0.37 40.09
C LEU P 107 9.80 -1.12 40.20
N GLY P 108 8.85 -0.60 40.98
CA GLY P 108 7.51 -1.17 41.04
C GLY P 108 6.59 -0.45 40.05
N LEU P 109 5.75 -1.19 39.36
CA LEU P 109 4.79 -0.63 38.39
C LEU P 109 3.46 -1.36 38.39
N PHE P 110 2.34 -0.62 38.36
CA PHE P 110 1.03 -1.19 38.12
C PHE P 110 0.51 -0.55 36.84
N GLU P 111 -0.69 -0.92 36.44
CA GLU P 111 -1.27 -0.59 35.12
C GLU P 111 -0.60 -1.30 33.98
N SER P 112 -1.39 -2.05 33.23
CA SER P 112 -0.88 -2.89 32.17
C SER P 112 -0.26 -2.07 31.03
N GLY P 113 -0.83 -0.92 30.78
CA GLY P 113 -0.33 0.01 29.75
C GLY P 113 1.04 0.60 30.03
N ALA P 114 1.24 1.04 31.26
CA ALA P 114 2.51 1.53 31.72
C ALA P 114 3.53 0.42 31.67
N ILE P 115 3.13 -0.77 32.08
CA ILE P 115 4.03 -1.93 32.07
C ILE P 115 4.45 -2.35 30.63
N LEU P 116 3.52 -2.36 29.70
CA LEU P 116 3.87 -2.67 28.34
C LEU P 116 4.84 -1.63 27.79
N GLN P 117 4.57 -0.34 28.06
CA GLN P 117 5.49 0.70 27.57
C GLN P 117 6.87 0.55 28.23
N TYR P 118 6.88 0.26 29.52
CA TYR P 118 8.13 0.08 30.24
C TYR P 118 8.92 -1.04 29.62
N LEU P 119 8.28 -2.20 29.47
CA LEU P 119 8.94 -3.37 28.90
C LEU P 119 9.44 -3.16 27.45
N ALA P 120 8.71 -2.35 26.68
CA ALA P 120 9.12 -2.06 25.31
C ALA P 120 10.43 -1.25 25.29
N GLU P 121 10.55 -0.31 26.22
CA GLU P 121 11.79 0.46 26.41
C GLU P 121 12.91 -0.46 26.86
N LYS P 122 12.63 -1.31 27.82
CA LYS P 122 13.64 -2.17 28.44
C LYS P 122 14.28 -3.07 27.40
N THR P 123 13.50 -3.53 26.44
CA THR P 123 13.95 -4.55 25.51
C THR P 123 14.17 -4.03 24.09
N GLY P 124 13.82 -2.77 23.87
CA GLY P 124 13.92 -2.18 22.54
C GLY P 124 13.09 -2.87 21.48
N GLN P 125 11.96 -3.47 21.86
CA GLN P 125 11.12 -4.27 20.95
C GLN P 125 9.63 -3.99 21.10
N PHE P 126 8.87 -4.32 20.05
CA PHE P 126 7.42 -4.26 20.03
C PHE P 126 6.84 -2.85 20.01
N LEU P 127 7.67 -1.92 19.53
CA LEU P 127 7.29 -0.57 19.09
C LEU P 127 8.08 -0.29 17.81
N PRO P 128 7.44 0.35 16.82
CA PRO P 128 8.17 0.59 15.58
C PRO P 128 9.45 1.41 15.76
N ALA P 129 10.39 1.29 14.81
CA ALA P 129 11.62 2.10 14.85
C ALA P 129 11.29 3.59 14.67
N ASP P 130 10.46 3.86 13.67
CA ASP P 130 10.13 5.23 13.28
C ASP P 130 9.39 6.00 14.39
N PRO P 131 9.90 7.20 14.78
CA PRO P 131 9.27 7.97 15.86
C PRO P 131 7.77 8.29 15.67
N ALA P 132 7.37 8.80 14.51
CA ALA P 132 5.95 8.96 14.18
C ALA P 132 5.13 7.68 14.38
N ARG P 133 5.64 6.56 13.90
CA ARG P 133 4.97 5.28 14.08
C ARG P 133 4.88 4.83 15.54
N ARG P 134 5.89 5.15 16.34
CA ARG P 134 5.83 4.83 17.76
CA ARG P 134 5.85 4.86 17.78
C ARG P 134 4.66 5.60 18.41
N TRP P 135 4.53 6.91 18.13
CA TRP P 135 3.37 7.67 18.64
C TRP P 135 2.04 7.11 18.14
N GLN P 136 1.98 6.72 16.87
CA GLN P 136 0.78 6.10 16.34
C GLN P 136 0.44 4.81 17.07
N THR P 137 1.46 4.02 17.39
CA THR P 137 1.26 2.81 18.17
C THR P 137 0.63 3.13 19.52
N LEU P 138 1.09 4.18 20.18
CA LEU P 138 0.51 4.58 21.46
C LEU P 138 -0.96 5.01 21.36
N GLN P 139 -1.39 5.59 20.24
CA GLN P 139 -2.82 5.86 20.03
C GLN P 139 -3.62 4.59 20.20
N TRP P 140 -3.18 3.53 19.52
CA TRP P 140 -3.93 2.26 19.49
C TRP P 140 -3.84 1.53 20.82
N LEU P 141 -2.71 1.65 21.49
CA LEU P 141 -2.65 1.15 22.85
C LEU P 141 -3.70 1.84 23.75
N HIS P 142 -3.81 3.16 23.65
CA HIS P 142 -4.74 3.93 24.49
C HIS P 142 -6.18 3.66 24.13
N PHE P 143 -6.44 3.45 22.84
CA PHE P 143 -7.73 3.03 22.38
C PHE P 143 -8.17 1.74 23.04
N GLN P 144 -7.27 0.76 23.11
CA GLN P 144 -7.53 -0.46 23.87
C GLN P 144 -7.75 -0.19 25.36
N MET P 145 -6.84 0.56 25.96
CA MET P 145 -6.90 0.85 27.40
C MET P 145 -8.15 1.63 27.88
N GLY P 146 -8.57 2.62 27.11
CA GLY P 146 -9.70 3.45 27.49
C GLY P 146 -11.01 3.00 26.85
N GLY P 147 -10.95 2.21 25.79
CA GLY P 147 -12.16 1.81 25.05
C GLY P 147 -12.49 0.34 25.17
N ILE P 148 -11.66 -0.51 24.57
CA ILE P 148 -11.87 -1.95 24.51
C ILE P 148 -11.96 -2.62 25.90
N GLY P 149 -10.94 -2.46 26.72
CA GLY P 149 -10.96 -3.10 28.03
C GLY P 149 -12.18 -2.72 28.85
N PRO P 150 -12.40 -1.42 29.05
CA PRO P 150 -13.53 -1.04 29.91
C PRO P 150 -14.89 -1.44 29.36
N MET P 151 -15.10 -1.31 28.04
CA MET P 151 -16.41 -1.63 27.48
C MET P 151 -16.65 -3.15 27.43
N PHE P 152 -15.67 -3.90 26.92
CA PHE P 152 -15.77 -5.36 26.88
C PHE P 152 -16.00 -5.88 28.32
N GLY P 153 -15.29 -5.30 29.30
CA GLY P 153 -15.47 -5.72 30.70
C GLY P 153 -16.87 -5.44 31.25
N GLN P 154 -17.48 -4.31 30.87
CA GLN P 154 -18.84 -4.03 31.32
C GLN P 154 -19.80 -4.99 30.62
N LEU P 155 -19.51 -5.34 29.37
CA LEU P 155 -20.34 -6.34 28.68
C LEU P 155 -20.22 -7.65 29.46
N GLY P 156 -19.02 -7.97 29.90
CA GLY P 156 -18.80 -9.16 30.72
C GLY P 156 -19.67 -9.19 31.98
N PHE P 157 -19.71 -8.07 32.68
CA PHE P 157 -20.46 -8.01 33.92
C PHE P 157 -21.93 -8.29 33.68
N PHE P 158 -22.52 -7.67 32.65
CA PHE P 158 -23.93 -7.90 32.37
C PHE P 158 -24.30 -9.19 31.62
N HIS P 159 -23.33 -9.94 31.14
CA HIS P 159 -23.60 -11.16 30.34
C HIS P 159 -23.07 -12.44 30.97
N LYS P 160 -21.91 -12.34 31.62
CA LYS P 160 -21.22 -13.49 32.20
C LYS P 160 -21.24 -13.45 33.74
N PHE P 161 -21.02 -12.29 34.35
CA PHE P 161 -20.96 -12.19 35.82
C PHE P 161 -22.29 -11.77 36.45
N ALA P 162 -22.26 -11.19 37.64
CA ALA P 162 -23.50 -11.02 38.44
C ALA P 162 -24.62 -10.21 37.76
N GLY P 163 -24.25 -9.24 36.91
CA GLY P 163 -25.25 -8.39 36.25
C GLY P 163 -26.12 -9.14 35.26
N ARG P 164 -25.70 -10.37 34.93
CA ARG P 164 -26.50 -11.24 34.07
C ARG P 164 -27.81 -11.65 34.74
N GLU P 165 -27.83 -11.62 36.07
CA GLU P 165 -29.07 -11.94 36.83
C GLU P 165 -30.14 -10.83 36.74
N TYR P 166 -29.76 -9.63 36.29
CA TYR P 166 -30.68 -8.51 36.14
C TYR P 166 -31.64 -8.78 35.00
N GLU P 167 -32.94 -8.72 35.26
CA GLU P 167 -33.94 -8.99 34.22
C GLU P 167 -33.94 -7.99 33.08
N ASP P 168 -33.78 -6.71 33.39
CA ASP P 168 -33.84 -5.70 32.34
C ASP P 168 -32.50 -5.64 31.63
N LYS P 169 -32.53 -5.80 30.31
CA LYS P 169 -31.33 -6.02 29.49
C LYS P 169 -30.86 -4.76 28.76
N ARG P 170 -31.44 -3.61 29.10
CA ARG P 170 -30.96 -2.37 28.50
C ARG P 170 -29.50 -2.06 28.79
N PRO P 171 -29.04 -2.24 30.05
CA PRO P 171 -27.62 -2.04 30.27
C PRO P 171 -26.75 -2.96 29.40
N LEU P 172 -27.10 -4.24 29.33
CA LEU P 172 -26.39 -5.19 28.50
C LEU P 172 -26.38 -4.72 27.04
N GLN P 173 -27.53 -4.29 26.55
CA GLN P 173 -27.63 -3.87 25.13
C GLN P 173 -26.74 -2.66 24.83
N ARG P 174 -26.59 -1.75 25.80
CA ARG P 174 -25.68 -0.62 25.67
C ARG P 174 -24.25 -1.09 25.43
N TYR P 175 -23.78 -2.05 26.24
CA TYR P 175 -22.39 -2.49 26.10
C TYR P 175 -22.18 -3.46 24.94
N VAL P 176 -23.22 -4.16 24.53
CA VAL P 176 -23.17 -4.91 23.30
C VAL P 176 -22.95 -3.91 22.14
N ALA P 177 -23.79 -2.88 22.05
CA ALA P 177 -23.67 -1.88 20.96
C ALA P 177 -22.31 -1.20 20.94
N GLU P 178 -21.79 -0.86 22.12
CA GLU P 178 -20.49 -0.22 22.18
C GLU P 178 -19.36 -1.18 21.82
N SER P 179 -19.50 -2.45 22.24
CA SER P 179 -18.47 -3.44 21.93
C SER P 179 -18.48 -3.75 20.42
N LYS P 180 -19.66 -3.82 19.81
CA LYS P 180 -19.71 -3.95 18.36
C LYS P 180 -19.10 -2.73 17.65
N ARG P 181 -19.45 -1.53 18.09
CA ARG P 181 -18.89 -0.32 17.47
C ARG P 181 -17.36 -0.35 17.55
N LEU P 182 -16.82 -0.74 18.70
CA LEU P 182 -15.37 -0.83 18.87
C LEU P 182 -14.74 -1.89 17.94
N LEU P 183 -15.41 -3.03 17.82
CA LEU P 183 -14.93 -4.08 16.94
C LEU P 183 -14.96 -3.60 15.49
N GLY P 184 -15.89 -2.69 15.19
CA GLY P 184 -16.02 -2.12 13.84
C GLY P 184 -14.84 -1.21 13.52
N VAL P 185 -14.32 -0.53 14.55
CA VAL P 185 -13.15 0.33 14.38
C VAL P 185 -11.91 -0.55 14.08
N LEU P 186 -11.71 -1.63 14.86
CA LEU P 186 -10.62 -2.59 14.58
C LEU P 186 -10.80 -3.27 13.21
N GLU P 187 -12.04 -3.57 12.85
CA GLU P 187 -12.32 -4.18 11.55
C GLU P 187 -11.84 -3.31 10.40
N ALA P 188 -12.17 -2.01 10.45
CA ALA P 188 -11.70 -1.07 9.44
C ALA P 188 -10.17 -0.88 9.51
N ARG P 189 -9.60 -0.86 10.71
CA ARG P 189 -8.16 -0.72 10.84
C ARG P 189 -7.41 -1.90 10.21
N LEU P 190 -7.94 -3.10 10.38
CA LEU P 190 -7.22 -4.31 10.04
C LEU P 190 -7.52 -4.78 8.62
N ASP P 191 -8.31 -4.02 7.89
CA ASP P 191 -8.63 -4.39 6.53
C ASP P 191 -7.38 -4.08 5.70
N GLY P 192 -6.71 -5.12 5.26
CA GLY P 192 -5.42 -4.98 4.59
C GLY P 192 -4.15 -4.85 5.43
N ARG P 193 -4.24 -5.08 6.73
CA ARG P 193 -3.07 -5.00 7.60
C ARG P 193 -2.82 -6.33 8.31
N GLN P 194 -1.56 -6.72 8.44
CA GLN P 194 -1.26 -7.95 9.18
C GLN P 194 -1.53 -7.70 10.68
N TRP P 195 -0.98 -6.60 11.17
CA TRP P 195 -1.17 -6.18 12.56
C TRP P 195 -1.73 -4.77 12.61
N ILE P 196 -1.92 -4.26 13.83
CA ILE P 196 -2.56 -2.97 14.02
C ILE P 196 -1.64 -1.92 13.37
N MET P 197 -0.32 -2.11 13.51
CA MET P 197 0.68 -1.26 12.86
C MET P 197 1.29 -1.94 11.63
N ASP P 198 0.42 -2.51 10.80
CA ASP P 198 0.84 -3.12 9.53
C ASP P 198 1.74 -4.35 9.71
N ALA P 199 3.00 -4.30 9.26
CA ALA P 199 3.94 -5.44 9.39
C ALA P 199 4.64 -5.47 10.75
N ASP P 200 4.41 -4.48 11.59
CA ASP P 200 5.01 -4.43 12.94
C ASP P 200 4.00 -4.97 13.96
N TYR P 201 4.35 -6.10 14.57
CA TYR P 201 3.62 -6.66 15.70
C TYR P 201 4.08 -5.85 16.92
N THR P 202 3.16 -5.20 17.63
CA THR P 202 3.52 -4.24 18.66
C THR P 202 2.77 -4.45 19.94
N ILE P 203 3.12 -3.68 20.96
CA ILE P 203 2.35 -3.72 22.19
C ILE P 203 0.85 -3.44 21.97
N ALA P 204 0.48 -2.77 20.88
CA ALA P 204 -0.93 -2.57 20.58
C ALA P 204 -1.64 -3.91 20.34
N ASP P 205 -1.00 -4.82 19.61
CA ASP P 205 -1.59 -6.16 19.41
C ASP P 205 -1.62 -6.96 20.70
N ILE P 206 -0.52 -6.89 21.45
CA ILE P 206 -0.41 -7.61 22.73
C ILE P 206 -1.49 -7.17 23.70
N ALA P 207 -1.77 -5.88 23.73
CA ALA P 207 -2.79 -5.36 24.64
C ALA P 207 -4.21 -5.80 24.28
N THR P 208 -4.42 -6.09 23.00
CA THR P 208 -5.77 -6.20 22.46
C THR P 208 -6.19 -7.64 22.18
N LEU P 209 -5.24 -8.50 21.77
CA LEU P 209 -5.57 -9.92 21.49
C LEU P 209 -6.34 -10.64 22.61
N GLY P 210 -5.83 -10.59 23.84
CA GLY P 210 -6.50 -11.26 24.96
C GLY P 210 -7.96 -10.87 25.23
N TRP P 211 -8.26 -9.59 25.10
CA TRP P 211 -9.61 -9.11 25.31
C TRP P 211 -10.58 -9.60 24.24
N VAL P 212 -10.12 -9.64 23.00
CA VAL P 212 -10.97 -10.17 21.92
C VAL P 212 -11.21 -11.67 22.08
N ARG P 213 -10.16 -12.41 22.41
CA ARG P 213 -10.32 -13.84 22.64
C ARG P 213 -11.32 -14.08 23.76
N ASN P 214 -11.14 -13.33 24.84
CA ASN P 214 -11.90 -13.53 26.04
C ASN P 214 -13.36 -13.23 25.77
N LEU P 215 -13.61 -12.18 25.00
CA LEU P 215 -14.96 -11.79 24.58
C LEU P 215 -15.69 -12.92 23.89
N ILE P 216 -15.00 -13.59 22.98
CA ILE P 216 -15.65 -14.62 22.18
C ILE P 216 -15.55 -16.01 22.81
N GLY P 217 -14.74 -16.16 23.86
CA GLY P 217 -14.57 -17.48 24.50
C GLY P 217 -15.20 -17.44 25.88
N PHE P 218 -14.39 -17.15 26.89
CA PHE P 218 -14.85 -17.21 28.25
C PHE P 218 -16.14 -16.38 28.48
N TYR P 219 -16.22 -15.17 27.97
CA TYR P 219 -17.43 -14.34 28.14
C TYR P 219 -18.66 -14.91 27.41
N GLY P 220 -18.45 -15.74 26.39
CA GLY P 220 -19.57 -16.35 25.71
C GLY P 220 -20.36 -15.35 24.89
N ALA P 221 -19.70 -14.30 24.39
CA ALA P 221 -20.40 -13.25 23.64
C ALA P 221 -20.20 -13.30 22.11
N ARG P 222 -19.73 -14.42 21.60
CA ARG P 222 -19.37 -14.51 20.18
C ARG P 222 -20.59 -14.20 19.28
N GLU P 223 -21.72 -14.87 19.52
CA GLU P 223 -22.94 -14.56 18.76
C GLU P 223 -23.50 -13.19 19.11
N LEU P 224 -23.40 -12.83 20.39
CA LEU P 224 -23.99 -11.59 20.88
C LEU P 224 -23.44 -10.35 20.15
N VAL P 225 -22.15 -10.36 19.84
CA VAL P 225 -21.53 -9.28 19.07
C VAL P 225 -21.40 -9.58 17.55
N ALA P 226 -22.08 -10.61 17.05
CA ALA P 226 -22.05 -11.00 15.63
C ALA P 226 -20.61 -11.07 15.09
N PHE P 227 -19.73 -11.71 15.86
CA PHE P 227 -18.31 -11.78 15.57
C PHE P 227 -17.98 -12.50 14.26
N ASP P 228 -18.67 -13.59 13.97
CA ASP P 228 -18.43 -14.34 12.75
C ASP P 228 -18.91 -13.64 11.48
N GLU P 229 -19.56 -12.48 11.61
CA GLU P 229 -19.88 -11.65 10.43
C GLU P 229 -18.72 -10.74 10.01
N LEU P 230 -17.71 -10.62 10.89
CA LEU P 230 -16.47 -9.91 10.62
C LEU P 230 -15.51 -10.81 9.83
N THR P 231 -14.49 -10.18 9.23
CA THR P 231 -13.41 -10.88 8.51
C THR P 231 -12.02 -10.57 9.03
N HIS P 232 -11.73 -9.29 9.23
CA HIS P 232 -10.37 -8.87 9.44
C HIS P 232 -9.95 -9.04 10.90
N VAL P 233 -10.88 -8.81 11.82
CA VAL P 233 -10.55 -9.02 13.24
C VAL P 233 -10.33 -10.52 13.50
N PRO P 234 -11.23 -11.39 12.98
CA PRO P 234 -10.96 -12.83 13.17
C PRO P 234 -9.63 -13.32 12.59
N ALA P 235 -9.25 -12.83 11.42
CA ALA P 235 -8.00 -13.23 10.77
C ALA P 235 -6.79 -12.78 11.59
N TRP P 236 -6.84 -11.53 12.01
CA TRP P 236 -5.83 -10.97 12.88
C TRP P 236 -5.73 -11.77 14.18
N LEU P 237 -6.89 -12.10 14.77
CA LEU P 237 -6.92 -12.85 16.02
C LEU P 237 -6.24 -14.20 15.84
N GLU P 238 -6.55 -14.89 14.75
CA GLU P 238 -5.92 -16.17 14.44
C GLU P 238 -4.41 -16.04 14.30
N ARG P 239 -3.95 -14.92 13.70
CA ARG P 239 -2.52 -14.70 13.51
C ARG P 239 -1.82 -14.52 14.85
N GLY P 240 -2.46 -13.78 15.76
CA GLY P 240 -1.90 -13.53 17.09
C GLY P 240 -1.88 -14.81 17.91
N LEU P 241 -2.97 -15.58 17.84
CA LEU P 241 -3.04 -16.84 18.58
C LEU P 241 -2.10 -17.93 18.05
N ALA P 242 -1.62 -17.80 16.82
CA ALA P 242 -0.62 -18.73 16.27
C ALA P 242 0.82 -18.46 16.77
N ARG P 243 1.03 -17.41 17.55
CA ARG P 243 2.39 -17.11 18.05
C ARG P 243 2.60 -17.86 19.35
N PRO P 244 3.69 -18.65 19.45
CA PRO P 244 3.94 -19.41 20.68
C PRO P 244 3.93 -18.56 21.94
N ALA P 245 4.53 -17.37 21.92
CA ALA P 245 4.56 -16.54 23.14
C ALA P 245 3.15 -16.16 23.58
N VAL P 246 2.24 -15.98 22.63
CA VAL P 246 0.86 -15.67 22.95
C VAL P 246 0.21 -16.90 23.64
N GLN P 247 0.36 -18.08 23.04
CA GLN P 247 -0.19 -19.28 23.65
CA GLN P 247 -0.11 -19.35 23.60
C GLN P 247 0.43 -19.53 25.03
N ARG P 248 1.69 -19.20 25.24
CA ARG P 248 2.25 -19.39 26.59
C ARG P 248 1.66 -18.41 27.61
N GLY P 249 1.62 -17.13 27.23
CA GLY P 249 1.30 -16.09 28.16
C GLY P 249 -0.14 -16.13 28.57
N LEU P 250 -0.99 -16.62 27.67
CA LEU P 250 -2.42 -16.77 27.95
C LEU P 250 -2.72 -17.62 29.19
N GLU P 251 -1.80 -18.51 29.58
CA GLU P 251 -2.06 -19.41 30.70
C GLU P 251 -1.10 -19.20 31.90
N ILE P 252 -0.48 -18.03 31.97
CA ILE P 252 0.43 -17.69 33.06
C ILE P 252 -0.12 -16.43 33.76
N PRO P 253 -0.13 -16.43 35.11
CA PRO P 253 0.17 -17.59 35.95
C PRO P 253 -0.97 -18.60 35.96
N LYS P 254 -0.68 -19.80 36.47
CA LYS P 254 -1.72 -20.81 36.59
C LYS P 254 -2.70 -20.34 37.67
N ARG P 255 -3.98 -20.67 37.49
CA ARG P 255 -5.03 -20.16 38.38
C ARG P 255 -4.90 -20.81 39.74
N PRO P 256 -5.01 -20.02 40.83
CA PRO P 256 -4.78 -20.58 42.17
C PRO P 256 -6.01 -21.35 42.68
#